data_5TVG
#
_entry.id   5TVG
#
_cell.length_a   96.170
_cell.length_b   103.020
_cell.length_c   218.470
_cell.angle_alpha   90.000
_cell.angle_beta   96.420
_cell.angle_gamma   90.000
#
_symmetry.space_group_name_H-M   'P 1 21 1'
#
loop_
_entity.id
_entity.type
_entity.pdbx_description
1 polymer 'Alpha,alpha-trehalose-phosphate synthase (UDP-forming)'
2 non-polymer "URIDINE-5'-DIPHOSPHATE"
3 non-polymer GLYCEROL
4 non-polymer 'MAGNESIUM ION'
5 water water
#
_entity_poly.entity_id   1
_entity_poly.type   'polypeptide(L)'
_entity_poly.pdbx_seq_one_letter_code
;MAHHHHHHMSRLIVVSNRVAAGEDTRPSAGGLAVGVMDALKQTGGVWFGWNGEIVGTPDAAPAVRRDGNVTYATLGLTRR
DYDQYYRGFSNATLWPVFHYRSDLARFDRQEYAGYLRVNAMLARQLAALLRPDDLIWVHDYHLLPFAHCLRELGVKNPIG
FFLHIPFPSPDMLRVVPPHDELVKFMCAYDIAGFQTDADKRAFSDYIERRGIGTASDDGMLHAHGRVVKVAAYPIGVYPD
AIAEAAVQYGGRKPVKMLRDALGGRKLVMSVDRLDYSKGLVERFQSFERMLAGAPDWQGRVSFVQIAPPTRSDVQTYQRI
RETLEREAGRINGRFAQLDWTPIQYLNRKYERNLLMAFFRMSQVGYVTPLRDGMNLVAKEYVASQDPADPGVLVLSEFAG
AAAELGGALLVNPYDHAQMADALARALAMPLAERQARHEENLAQLRNNDLSVWRDTFVADLRSVAAAASVTQRAGRRTAH
V
;
_entity_poly.pdbx_strand_id   A,B,C,D,E,F,G,H
#
# COMPACT_ATOMS: atom_id res chain seq x y z
N HIS A 4 -85.79 -56.20 26.88
CA HIS A 4 -85.28 -54.84 26.96
C HIS A 4 -83.78 -54.85 27.28
N HIS A 5 -83.27 -56.02 27.65
CA HIS A 5 -81.83 -56.22 27.78
C HIS A 5 -81.10 -56.08 26.45
N HIS A 6 -81.84 -55.94 25.34
CA HIS A 6 -81.28 -56.07 24.01
C HIS A 6 -81.43 -54.77 23.26
N HIS A 7 -80.43 -54.44 22.46
CA HIS A 7 -80.46 -53.23 21.67
C HIS A 7 -80.87 -53.56 20.24
N HIS A 8 -81.76 -52.76 19.67
CA HIS A 8 -82.34 -53.07 18.36
C HIS A 8 -81.40 -52.73 17.20
N MET A 9 -80.78 -51.56 17.22
CA MET A 9 -79.89 -51.17 16.13
C MET A 9 -78.42 -51.16 16.53
N SER A 10 -77.56 -51.58 15.61
CA SER A 10 -76.15 -51.52 15.91
C SER A 10 -75.74 -50.05 16.00
N ARG A 11 -74.90 -49.73 16.99
CA ARG A 11 -74.44 -48.36 17.16
C ARG A 11 -73.47 -47.98 16.04
N LEU A 12 -73.59 -46.75 15.59
CA LEU A 12 -72.57 -46.17 14.72
C LEU A 12 -71.55 -45.48 15.61
N ILE A 13 -70.28 -45.86 15.46
CA ILE A 13 -69.17 -45.20 16.15
C ILE A 13 -68.43 -44.35 15.11
N VAL A 14 -68.51 -43.04 15.22
CA VAL A 14 -67.76 -42.14 14.35
C VAL A 14 -66.45 -41.81 15.05
N VAL A 15 -65.35 -41.99 14.33
CA VAL A 15 -64.00 -41.72 14.83
C VAL A 15 -63.40 -40.67 13.90
N SER A 16 -62.98 -39.53 14.48
CA SER A 16 -62.40 -38.47 13.66
C SER A 16 -61.41 -37.66 14.51
N ASN A 17 -60.63 -36.81 13.84
CA ASN A 17 -59.59 -36.09 14.55
C ASN A 17 -60.17 -35.11 15.56
N ARG A 18 -61.14 -34.30 15.17
CA ARG A 18 -61.76 -33.31 16.04
CA ARG A 18 -61.74 -33.38 16.11
C ARG A 18 -63.23 -33.68 16.25
N VAL A 19 -63.67 -33.75 17.50
CA VAL A 19 -65.05 -34.05 17.83
C VAL A 19 -65.78 -32.74 18.12
N ALA A 20 -66.87 -32.47 17.40
CA ALA A 20 -67.60 -31.22 17.59
C ALA A 20 -68.14 -31.10 19.02
N ALA A 21 -68.17 -29.88 19.52
CA ALA A 21 -68.69 -29.61 20.86
C ALA A 21 -69.35 -28.25 20.87
N GLY A 22 -70.42 -28.13 21.68
CA GLY A 22 -71.06 -26.83 21.88
C GLY A 22 -71.73 -26.32 20.62
N GLU A 23 -71.39 -25.07 20.25
CA GLU A 23 -72.00 -24.43 19.09
C GLU A 23 -71.83 -25.27 17.82
N ASP A 24 -70.76 -26.06 17.73
CA ASP A 24 -70.45 -26.79 16.50
C ASP A 24 -71.26 -28.07 16.30
N THR A 25 -72.10 -28.45 17.27
CA THR A 25 -73.06 -29.52 17.06
C THR A 25 -74.28 -29.05 16.25
N ARG A 26 -74.51 -27.74 16.21
CA ARG A 26 -75.66 -27.19 15.49
C ARG A 26 -75.59 -27.54 14.01
N PRO A 27 -76.73 -27.83 13.37
CA PRO A 27 -76.69 -28.08 11.91
C PRO A 27 -76.24 -26.87 11.09
N SER A 28 -76.41 -25.64 11.59
CA SER A 28 -76.08 -24.48 10.76
C SER A 28 -74.58 -24.31 10.61
N ALA A 29 -73.80 -24.66 11.64
CA ALA A 29 -72.40 -24.97 11.42
C ALA A 29 -72.32 -26.16 10.47
N GLY A 30 -71.18 -26.37 9.85
CA GLY A 30 -71.21 -27.52 8.96
C GLY A 30 -70.45 -28.70 9.52
N GLY A 31 -69.45 -29.11 8.76
CA GLY A 31 -68.48 -30.06 9.24
C GLY A 31 -68.99 -31.49 9.25
N LEU A 32 -68.19 -32.36 9.83
CA LEU A 32 -68.50 -33.76 9.90
C LEU A 32 -69.82 -33.97 10.64
N ALA A 33 -70.15 -33.07 11.58
CA ALA A 33 -71.34 -33.22 12.41
C ALA A 33 -72.60 -33.31 11.56
N VAL A 34 -72.76 -32.39 10.61
CA VAL A 34 -74.01 -32.44 9.87
C VAL A 34 -74.03 -33.68 8.98
N GLY A 35 -72.87 -34.21 8.62
CA GLY A 35 -72.83 -35.42 7.84
C GLY A 35 -73.29 -36.65 8.59
N VAL A 36 -72.96 -36.75 9.89
CA VAL A 36 -73.12 -38.01 10.63
C VAL A 36 -74.19 -37.99 11.72
N MET A 37 -74.70 -36.82 12.12
CA MET A 37 -75.50 -36.74 13.33
C MET A 37 -76.76 -37.60 13.25
N ASP A 38 -77.46 -37.56 12.09
CA ASP A 38 -78.71 -38.31 11.98
C ASP A 38 -78.47 -39.81 12.17
N ALA A 39 -77.36 -40.33 11.67
CA ALA A 39 -77.04 -41.72 11.93
C ALA A 39 -76.68 -41.95 13.39
N LEU A 40 -75.94 -41.01 14.02
CA LEU A 40 -75.65 -41.17 15.45
C LEU A 40 -76.93 -41.16 16.28
N LYS A 41 -77.85 -40.23 16.00
CA LYS A 41 -79.11 -40.21 16.73
C LYS A 41 -79.93 -41.44 16.45
N GLN A 42 -79.96 -41.89 15.20
CA GLN A 42 -80.81 -43.03 14.85
C GLN A 42 -80.35 -44.27 15.59
N THR A 43 -79.03 -44.48 15.71
CA THR A 43 -78.47 -45.73 16.23
C THR A 43 -78.03 -45.63 17.69
N GLY A 44 -78.24 -44.50 18.36
CA GLY A 44 -77.70 -44.25 19.69
C GLY A 44 -76.19 -44.42 19.77
N GLY A 45 -75.47 -43.85 18.80
CA GLY A 45 -74.05 -44.10 18.60
C GLY A 45 -73.11 -43.22 19.43
N VAL A 46 -71.82 -43.34 19.12
CA VAL A 46 -70.76 -42.66 19.84
C VAL A 46 -69.87 -41.93 18.84
N TRP A 47 -69.45 -40.72 19.20
CA TRP A 47 -68.45 -39.99 18.43
C TRP A 47 -67.18 -39.91 19.27
N PHE A 48 -66.10 -40.54 18.80
CA PHE A 48 -64.84 -40.68 19.52
C PHE A 48 -63.74 -39.93 18.78
N GLY A 49 -62.85 -39.29 19.54
CA GLY A 49 -61.68 -38.66 18.96
C GLY A 49 -61.09 -37.61 19.89
N TRP A 50 -60.24 -36.77 19.31
CA TRP A 50 -59.51 -35.75 20.07
C TRP A 50 -60.41 -34.53 20.29
N ASN A 51 -60.34 -33.95 21.48
CA ASN A 51 -61.15 -32.79 21.83
C ASN A 51 -60.49 -31.46 21.45
N GLY A 52 -59.39 -31.52 20.72
CA GLY A 52 -58.67 -30.32 20.35
C GLY A 52 -57.75 -29.76 21.42
N GLU A 53 -57.76 -30.33 22.64
CA GLU A 53 -56.97 -29.75 23.73
C GLU A 53 -55.59 -30.40 23.85
N ILE A 54 -54.65 -29.63 24.43
CA ILE A 54 -53.32 -30.12 24.80
C ILE A 54 -53.30 -30.31 26.31
N VAL A 55 -52.90 -31.50 26.76
CA VAL A 55 -52.88 -31.83 28.18
C VAL A 55 -51.42 -31.97 28.59
N GLY A 56 -51.13 -31.62 29.84
CA GLY A 56 -49.75 -31.69 30.31
C GLY A 56 -49.28 -33.10 30.62
N THR A 57 -50.20 -34.06 30.67
CA THR A 57 -49.96 -35.46 31.00
C THR A 57 -51.03 -36.25 30.26
N PRO A 58 -50.74 -37.45 29.80
CA PRO A 58 -51.74 -38.17 29.00
C PRO A 58 -53.00 -38.47 29.82
N ASP A 59 -54.15 -38.40 29.16
CA ASP A 59 -55.41 -38.72 29.82
C ASP A 59 -55.52 -40.22 30.09
N ALA A 60 -55.99 -40.57 31.29
CA ALA A 60 -56.14 -41.98 31.66
C ALA A 60 -57.28 -42.61 30.88
N ALA A 61 -58.43 -41.94 30.85
CA ALA A 61 -59.61 -42.40 30.15
C ALA A 61 -60.24 -41.22 29.42
N PRO A 62 -61.11 -41.50 28.44
CA PRO A 62 -61.83 -40.41 27.76
C PRO A 62 -62.92 -39.79 28.62
N ALA A 63 -63.19 -38.52 28.36
CA ALA A 63 -64.34 -37.85 28.95
C ALA A 63 -65.60 -38.20 28.16
N VAL A 64 -66.64 -38.65 28.85
CA VAL A 64 -67.84 -39.19 28.22
C VAL A 64 -68.99 -38.23 28.52
N ARG A 65 -69.49 -37.54 27.50
CA ARG A 65 -70.61 -36.62 27.58
C ARG A 65 -71.75 -37.12 26.71
N ARG A 66 -72.98 -37.09 27.24
CA ARG A 66 -74.19 -37.57 26.57
C ARG A 66 -75.08 -36.39 26.19
N ASP A 67 -75.42 -36.27 24.91
CA ASP A 67 -76.35 -35.27 24.40
C ASP A 67 -77.58 -36.02 23.91
N GLY A 68 -78.53 -36.23 24.81
CA GLY A 68 -79.69 -37.01 24.45
C GLY A 68 -79.31 -38.45 24.17
N ASN A 69 -79.40 -38.83 22.91
CA ASN A 69 -79.16 -40.21 22.50
C ASN A 69 -77.71 -40.49 22.13
N VAL A 70 -76.96 -39.46 21.87
CA VAL A 70 -75.60 -39.55 21.34
C VAL A 70 -74.58 -39.40 22.45
N THR A 71 -73.52 -40.20 22.38
CA THR A 71 -72.40 -40.09 23.31
C THR A 71 -71.16 -39.52 22.62
N TYR A 72 -70.49 -38.59 23.30
CA TYR A 72 -69.23 -38.02 22.82
C TYR A 72 -68.13 -38.47 23.77
N ALA A 73 -67.16 -39.22 23.26
CA ALA A 73 -66.07 -39.75 24.07
C ALA A 73 -64.78 -39.13 23.56
N THR A 74 -64.18 -38.22 24.34
CA THR A 74 -63.03 -37.45 23.86
C THR A 74 -61.81 -37.55 24.77
N LEU A 75 -60.66 -37.25 24.17
CA LEU A 75 -59.36 -37.34 24.81
C LEU A 75 -58.52 -36.15 24.39
N GLY A 76 -57.64 -35.71 25.31
CA GLY A 76 -56.68 -34.68 24.98
C GLY A 76 -55.41 -35.32 24.46
N LEU A 77 -54.52 -34.48 23.90
CA LEU A 77 -53.21 -34.96 23.45
C LEU A 77 -52.11 -34.16 24.12
N THR A 78 -50.97 -34.82 24.33
CA THR A 78 -49.83 -34.08 24.84
C THR A 78 -49.23 -33.26 23.70
N ARG A 79 -48.41 -32.29 24.09
CA ARG A 79 -47.69 -31.45 23.14
C ARG A 79 -46.85 -32.29 22.19
N ARG A 80 -46.16 -33.31 22.73
CA ARG A 80 -45.36 -34.19 21.88
C ARG A 80 -46.25 -34.97 20.91
N ASP A 81 -47.39 -35.48 21.40
CA ASP A 81 -48.33 -36.16 20.52
C ASP A 81 -48.81 -35.23 19.41
N TYR A 82 -49.31 -34.05 19.81
CA TYR A 82 -49.79 -33.04 18.86
C TYR A 82 -48.72 -32.74 17.82
N ASP A 83 -47.50 -32.48 18.27
CA ASP A 83 -46.44 -32.08 17.34
C ASP A 83 -46.12 -33.20 16.36
N GLN A 84 -46.16 -34.45 16.81
CA GLN A 84 -45.71 -35.50 15.91
C GLN A 84 -46.84 -36.10 15.08
N TYR A 85 -48.03 -36.19 15.65
CA TYR A 85 -49.17 -36.80 14.99
C TYR A 85 -49.88 -35.80 14.08
N TYR A 86 -50.26 -34.65 14.62
CA TYR A 86 -51.08 -33.69 13.91
C TYR A 86 -50.26 -32.71 13.09
N ARG A 87 -49.39 -31.90 13.75
CA ARG A 87 -48.55 -30.92 13.07
C ARG A 87 -47.54 -31.59 12.16
N GLY A 88 -46.95 -32.69 12.62
CA GLY A 88 -45.88 -33.31 11.89
C GLY A 88 -46.40 -34.18 10.74
N PHE A 89 -46.55 -35.47 11.00
CA PHE A 89 -46.80 -36.38 9.89
C PHE A 89 -48.08 -36.03 9.15
N SER A 90 -49.19 -35.79 9.86
CA SER A 90 -50.44 -35.52 9.16
C SER A 90 -50.33 -34.29 8.29
N ASN A 91 -49.94 -33.16 8.88
CA ASN A 91 -50.02 -31.89 8.17
C ASN A 91 -48.73 -31.48 7.47
N ALA A 92 -47.59 -32.11 7.75
CA ALA A 92 -46.41 -31.78 6.99
C ALA A 92 -45.98 -32.87 6.02
N THR A 93 -46.56 -34.07 6.10
CA THR A 93 -46.23 -35.12 5.13
C THR A 93 -47.42 -35.48 4.25
N LEU A 94 -48.51 -36.01 4.85
CA LEU A 94 -49.66 -36.52 4.10
C LEU A 94 -50.38 -35.41 3.36
N TRP A 95 -50.70 -34.32 4.05
CA TRP A 95 -51.49 -33.26 3.42
C TRP A 95 -50.81 -32.70 2.17
N PRO A 96 -49.54 -32.29 2.19
CA PRO A 96 -48.95 -31.80 0.93
C PRO A 96 -48.87 -32.88 -0.14
N VAL A 97 -48.49 -34.10 0.20
CA VAL A 97 -48.33 -35.13 -0.84
C VAL A 97 -49.68 -35.48 -1.45
N PHE A 98 -50.70 -35.70 -0.62
CA PHE A 98 -52.02 -36.05 -1.13
C PHE A 98 -52.60 -34.93 -1.98
N HIS A 99 -52.05 -33.72 -1.87
CA HIS A 99 -52.46 -32.62 -2.72
C HIS A 99 -51.47 -32.35 -3.86
N TYR A 100 -50.62 -33.32 -4.18
CA TYR A 100 -49.67 -33.25 -5.30
C TYR A 100 -48.71 -32.09 -5.14
N ARG A 101 -48.23 -31.88 -3.91
CA ARG A 101 -47.23 -30.87 -3.63
C ARG A 101 -46.02 -31.57 -2.99
N SER A 102 -45.35 -32.41 -3.79
CA SER A 102 -44.15 -33.08 -3.31
C SER A 102 -43.08 -32.07 -2.93
N ASP A 103 -43.16 -30.85 -3.47
CA ASP A 103 -42.21 -29.80 -3.11
C ASP A 103 -42.36 -29.30 -1.67
N LEU A 104 -43.52 -29.45 -1.05
CA LEU A 104 -43.72 -28.96 0.31
C LEU A 104 -43.62 -30.06 1.35
N ALA A 105 -43.46 -31.32 0.94
CA ALA A 105 -43.50 -32.44 1.88
C ALA A 105 -42.22 -32.56 2.69
N ARG A 106 -42.37 -32.89 3.98
CA ARG A 106 -41.22 -33.07 4.87
C ARG A 106 -41.45 -34.30 5.74
N PHE A 107 -40.73 -35.39 5.45
CA PHE A 107 -40.82 -36.57 6.28
C PHE A 107 -39.80 -36.53 7.43
N ASP A 108 -40.23 -36.99 8.60
CA ASP A 108 -39.34 -37.19 9.74
C ASP A 108 -39.74 -38.46 10.48
N ARG A 109 -38.76 -39.32 10.75
CA ARG A 109 -39.05 -40.64 11.32
C ARG A 109 -39.72 -40.56 12.68
N GLN A 110 -39.28 -39.64 13.55
CA GLN A 110 -39.87 -39.63 14.87
CA GLN A 110 -39.84 -39.55 14.89
C GLN A 110 -41.30 -39.11 14.84
N GLU A 111 -41.60 -38.14 13.98
CA GLU A 111 -42.99 -37.71 13.76
C GLU A 111 -43.86 -38.87 13.28
N TYR A 112 -43.35 -39.66 12.34
CA TYR A 112 -44.15 -40.79 11.86
C TYR A 112 -44.37 -41.79 12.98
N ALA A 113 -43.36 -42.06 13.79
CA ALA A 113 -43.54 -42.96 14.93
C ALA A 113 -44.59 -42.44 15.90
N GLY A 114 -44.60 -41.12 16.17
CA GLY A 114 -45.64 -40.57 17.04
C GLY A 114 -47.02 -40.65 16.41
N TYR A 115 -47.10 -40.47 15.10
CA TYR A 115 -48.34 -40.70 14.37
C TYR A 115 -48.83 -42.12 14.58
N LEU A 116 -47.94 -43.11 14.44
CA LEU A 116 -48.35 -44.48 14.74
C LEU A 116 -48.70 -44.63 16.21
N ARG A 117 -47.87 -44.07 17.11
CA ARG A 117 -48.12 -44.21 18.54
C ARG A 117 -49.47 -43.61 18.93
N VAL A 118 -49.79 -42.43 18.38
CA VAL A 118 -51.06 -41.79 18.76
C VAL A 118 -52.24 -42.61 18.23
N ASN A 119 -52.16 -43.09 16.99
CA ASN A 119 -53.22 -43.95 16.46
C ASN A 119 -53.42 -45.17 17.36
N ALA A 120 -52.32 -45.80 17.80
CA ALA A 120 -52.45 -46.98 18.67
C ALA A 120 -53.02 -46.60 20.03
N MET A 121 -52.63 -45.46 20.58
CA MET A 121 -53.18 -45.03 21.86
C MET A 121 -54.67 -44.76 21.75
N LEU A 122 -55.09 -44.08 20.68
CA LEU A 122 -56.51 -43.81 20.46
C LEU A 122 -57.31 -45.09 20.27
N ALA A 123 -56.75 -46.07 19.54
CA ALA A 123 -57.46 -47.32 19.29
C ALA A 123 -57.62 -48.12 20.58
N ARG A 124 -56.59 -48.11 21.43
CA ARG A 124 -56.69 -48.80 22.71
C ARG A 124 -57.79 -48.20 23.57
N GLN A 125 -57.90 -46.87 23.57
CA GLN A 125 -58.96 -46.22 24.35
C GLN A 125 -60.33 -46.53 23.78
N LEU A 126 -60.48 -46.56 22.44
CA LEU A 126 -61.79 -46.87 21.88
C LEU A 126 -62.16 -48.33 22.10
N ALA A 127 -61.19 -49.24 22.00
CA ALA A 127 -61.51 -50.66 22.09
C ALA A 127 -62.27 -50.98 23.38
N ALA A 128 -61.91 -50.32 24.49
CA ALA A 128 -62.57 -50.58 25.76
C ALA A 128 -64.03 -50.14 25.77
N LEU A 129 -64.47 -49.35 24.82
CA LEU A 129 -65.85 -48.88 24.77
C LEU A 129 -66.73 -49.66 23.79
N LEU A 130 -66.13 -50.51 22.96
CA LEU A 130 -66.89 -51.08 21.86
C LEU A 130 -67.72 -52.26 22.32
N ARG A 131 -68.78 -52.52 21.56
CA ARG A 131 -69.60 -53.72 21.63
CA ARG A 131 -69.53 -53.74 21.66
C ARG A 131 -69.36 -54.57 20.38
N PRO A 132 -69.62 -55.86 20.43
CA PRO A 132 -69.27 -56.73 19.27
C PRO A 132 -69.87 -56.32 17.93
N ASP A 133 -71.04 -55.70 17.89
CA ASP A 133 -71.69 -55.39 16.63
C ASP A 133 -71.59 -53.92 16.22
N ASP A 134 -70.83 -53.09 16.97
CA ASP A 134 -70.69 -51.67 16.61
C ASP A 134 -70.21 -51.52 15.17
N LEU A 135 -70.72 -50.50 14.49
CA LEU A 135 -70.22 -50.11 13.18
C LEU A 135 -69.27 -48.93 13.35
N ILE A 136 -68.02 -49.10 12.94
CA ILE A 136 -67.00 -48.10 13.20
C ILE A 136 -66.69 -47.38 11.89
N TRP A 137 -66.89 -46.06 11.89
CA TRP A 137 -66.70 -45.24 10.69
C TRP A 137 -65.57 -44.27 10.99
N VAL A 138 -64.39 -44.52 10.41
CA VAL A 138 -63.18 -43.73 10.68
C VAL A 138 -63.01 -42.73 9.55
N HIS A 139 -62.63 -41.49 9.89
CA HIS A 139 -62.62 -40.37 8.94
C HIS A 139 -61.24 -39.76 8.82
N ASP A 140 -60.71 -39.77 7.59
CA ASP A 140 -59.69 -38.87 7.08
C ASP A 140 -58.26 -39.28 7.45
N TYR A 141 -57.32 -38.58 6.81
CA TYR A 141 -55.92 -38.98 6.68
C TYR A 141 -55.16 -39.02 8.01
N HIS A 142 -55.62 -38.31 9.04
CA HIS A 142 -55.01 -38.46 10.36
C HIS A 142 -55.05 -39.91 10.86
N LEU A 143 -56.00 -40.72 10.37
CA LEU A 143 -56.32 -42.00 10.99
C LEU A 143 -56.15 -43.17 10.00
N LEU A 144 -55.32 -43.02 8.97
CA LEU A 144 -55.02 -44.17 8.11
C LEU A 144 -54.68 -45.44 8.89
N PRO A 145 -53.90 -45.39 9.98
CA PRO A 145 -53.56 -46.64 10.69
C PRO A 145 -54.63 -47.17 11.64
N PHE A 146 -55.78 -46.52 11.78
CA PHE A 146 -56.64 -46.80 12.93
C PHE A 146 -57.20 -48.22 12.90
N ALA A 147 -57.70 -48.66 11.74
CA ALA A 147 -58.24 -50.02 11.65
C ALA A 147 -57.18 -51.06 11.97
N HIS A 148 -55.97 -50.84 11.47
CA HIS A 148 -54.89 -51.80 11.72
C HIS A 148 -54.66 -51.95 13.21
N CYS A 149 -54.62 -50.83 13.93
CA CYS A 149 -54.40 -50.87 15.38
C CYS A 149 -55.55 -51.59 16.09
N LEU A 150 -56.78 -51.37 15.62
CA LEU A 150 -57.91 -52.07 16.21
C LEU A 150 -57.84 -53.57 15.93
N ARG A 151 -57.44 -53.97 14.72
CA ARG A 151 -57.34 -55.40 14.45
C ARG A 151 -56.33 -56.08 15.38
N GLU A 152 -55.22 -55.38 15.68
CA GLU A 152 -54.21 -55.96 16.56
C GLU A 152 -54.70 -56.11 17.99
N LEU A 153 -55.73 -55.38 18.37
CA LEU A 153 -56.39 -55.54 19.66
C LEU A 153 -57.50 -56.59 19.62
N GLY A 154 -57.69 -57.27 18.49
CA GLY A 154 -58.71 -58.30 18.35
C GLY A 154 -60.08 -57.80 17.90
N VAL A 155 -60.18 -56.58 17.42
CA VAL A 155 -61.48 -56.04 17.02
C VAL A 155 -61.91 -56.66 15.69
N LYS A 156 -63.09 -57.28 15.68
CA LYS A 156 -63.65 -57.96 14.51
C LYS A 156 -64.78 -57.18 13.85
N ASN A 157 -65.22 -56.08 14.46
CA ASN A 157 -66.28 -55.21 13.97
C ASN A 157 -66.13 -54.79 12.51
N PRO A 158 -67.22 -54.42 11.85
CA PRO A 158 -67.10 -53.70 10.59
C PRO A 158 -66.41 -52.38 10.84
N ILE A 159 -65.35 -52.10 10.08
CA ILE A 159 -64.67 -50.81 10.15
C ILE A 159 -64.56 -50.25 8.73
N GLY A 160 -65.14 -49.07 8.51
CA GLY A 160 -65.04 -48.37 7.24
C GLY A 160 -64.22 -47.09 7.35
N PHE A 161 -63.52 -46.76 6.27
CA PHE A 161 -62.71 -45.56 6.18
C PHE A 161 -63.23 -44.68 5.06
N PHE A 162 -63.30 -43.37 5.30
CA PHE A 162 -63.58 -42.40 4.24
C PHE A 162 -62.53 -41.29 4.25
N LEU A 163 -61.87 -41.13 3.11
CA LEU A 163 -60.86 -40.08 2.93
C LEU A 163 -61.53 -38.85 2.35
N HIS A 164 -61.46 -37.70 3.05
CA HIS A 164 -62.09 -36.48 2.56
C HIS A 164 -61.23 -35.72 1.56
N ILE A 165 -59.95 -36.03 1.48
CA ILE A 165 -59.00 -35.27 0.66
C ILE A 165 -58.65 -36.19 -0.50
N PRO A 166 -57.90 -35.77 -1.52
CA PRO A 166 -57.61 -36.68 -2.64
C PRO A 166 -56.71 -37.83 -2.20
N PHE A 167 -56.80 -38.94 -2.93
CA PHE A 167 -55.78 -39.98 -2.79
C PHE A 167 -54.90 -39.91 -4.02
N PRO A 168 -53.61 -39.65 -3.87
CA PRO A 168 -52.77 -39.37 -5.05
C PRO A 168 -52.39 -40.64 -5.77
N SER A 169 -52.11 -40.51 -7.06
CA SER A 169 -51.66 -41.63 -7.86
C SER A 169 -50.31 -42.15 -7.38
N PRO A 170 -49.93 -43.37 -7.78
CA PRO A 170 -48.77 -44.03 -7.14
C PRO A 170 -47.46 -43.27 -7.24
N ASP A 171 -47.21 -42.67 -8.41
CA ASP A 171 -46.01 -41.87 -8.65
C ASP A 171 -45.93 -40.70 -7.69
N MET A 172 -47.07 -40.23 -7.20
CA MET A 172 -47.05 -39.17 -6.20
C MET A 172 -47.11 -39.74 -4.78
N LEU A 173 -47.91 -40.79 -4.55
CA LEU A 173 -47.99 -41.37 -3.20
C LEU A 173 -46.62 -41.78 -2.68
N ARG A 174 -45.78 -42.33 -3.54
CA ARG A 174 -44.45 -42.81 -3.16
C ARG A 174 -43.58 -41.73 -2.52
N VAL A 175 -43.92 -40.45 -2.66
CA VAL A 175 -43.14 -39.40 -2.03
C VAL A 175 -43.19 -39.56 -0.52
N VAL A 176 -44.28 -40.07 0.01
CA VAL A 176 -44.40 -40.45 1.43
C VAL A 176 -43.56 -41.70 1.69
N PRO A 177 -42.51 -41.64 2.49
CA PRO A 177 -41.63 -42.81 2.61
C PRO A 177 -42.34 -44.06 3.09
N PRO A 178 -43.24 -44.00 4.11
CA PRO A 178 -43.91 -45.25 4.49
C PRO A 178 -45.16 -45.61 3.67
N HIS A 179 -45.15 -45.31 2.36
CA HIS A 179 -46.36 -45.50 1.56
C HIS A 179 -46.84 -46.95 1.60
N ASP A 180 -45.94 -47.92 1.51
CA ASP A 180 -46.32 -49.32 1.46
C ASP A 180 -47.00 -49.75 2.76
N GLU A 181 -46.43 -49.35 3.91
CA GLU A 181 -47.02 -49.68 5.19
C GLU A 181 -48.40 -49.08 5.33
N LEU A 182 -48.55 -47.82 4.90
CA LEU A 182 -49.83 -47.12 5.02
C LEU A 182 -50.90 -47.79 4.14
N VAL A 183 -50.54 -48.20 2.92
CA VAL A 183 -51.52 -48.91 2.11
C VAL A 183 -51.87 -50.26 2.75
N LYS A 184 -50.87 -50.95 3.31
CA LYS A 184 -51.15 -52.17 4.06
C LYS A 184 -52.15 -51.90 5.19
N PHE A 185 -51.93 -50.83 5.94
CA PHE A 185 -52.87 -50.45 7.01
C PHE A 185 -54.27 -50.23 6.47
N MET A 186 -54.37 -49.59 5.31
CA MET A 186 -55.68 -49.26 4.76
C MET A 186 -56.46 -50.50 4.41
N CYS A 187 -55.76 -51.60 4.10
CA CYS A 187 -56.45 -52.83 3.81
C CYS A 187 -57.01 -53.49 5.04
N ALA A 188 -56.71 -52.97 6.24
CA ALA A 188 -57.35 -53.49 7.45
C ALA A 188 -58.80 -53.07 7.53
N TYR A 189 -59.20 -52.05 6.77
CA TYR A 189 -60.61 -51.66 6.72
C TYR A 189 -61.41 -52.62 5.85
N ASP A 190 -62.65 -52.90 6.28
CA ASP A 190 -63.59 -53.62 5.42
C ASP A 190 -64.02 -52.75 4.24
N ILE A 191 -64.04 -51.43 4.42
CA ILE A 191 -64.41 -50.48 3.37
C ILE A 191 -63.37 -49.37 3.31
N ALA A 192 -62.86 -49.07 2.11
CA ALA A 192 -62.01 -47.89 1.91
C ALA A 192 -62.77 -46.97 0.97
N GLY A 193 -63.35 -45.92 1.52
CA GLY A 193 -64.18 -45.01 0.75
C GLY A 193 -63.43 -43.74 0.37
N PHE A 194 -63.69 -43.24 -0.84
CA PHE A 194 -62.99 -42.07 -1.36
C PHE A 194 -64.02 -41.08 -1.91
N GLN A 195 -63.56 -39.85 -2.17
CA GLN A 195 -64.46 -38.82 -2.69
C GLN A 195 -64.89 -39.11 -4.14
N THR A 196 -63.94 -39.48 -5.01
CA THR A 196 -64.22 -39.59 -6.44
C THR A 196 -63.69 -40.89 -6.97
N ASP A 197 -64.12 -41.22 -8.20
CA ASP A 197 -63.61 -42.39 -8.92
C ASP A 197 -62.12 -42.28 -9.15
N ALA A 198 -61.63 -41.09 -9.51
CA ALA A 198 -60.19 -40.93 -9.68
C ALA A 198 -59.45 -41.29 -8.40
N ASP A 199 -59.97 -40.90 -7.24
CA ASP A 199 -59.32 -41.24 -5.97
C ASP A 199 -59.27 -42.75 -5.74
N LYS A 200 -60.40 -43.44 -5.93
CA LYS A 200 -60.38 -44.88 -5.65
C LYS A 200 -59.52 -45.63 -6.65
N ARG A 201 -59.50 -45.16 -7.89
CA ARG A 201 -58.62 -45.74 -8.89
C ARG A 201 -57.15 -45.56 -8.56
N ALA A 202 -56.76 -44.39 -8.01
CA ALA A 202 -55.37 -44.22 -7.62
C ALA A 202 -54.98 -45.27 -6.59
N PHE A 203 -55.87 -45.52 -5.62
CA PHE A 203 -55.61 -46.55 -4.61
C PHE A 203 -55.49 -47.93 -5.26
N SER A 204 -56.44 -48.27 -6.14
CA SER A 204 -56.39 -49.57 -6.81
C SER A 204 -55.15 -49.67 -7.69
N ASP A 205 -54.81 -48.57 -8.37
CA ASP A 205 -53.62 -48.57 -9.23
C ASP A 205 -52.38 -48.93 -8.43
N TYR A 206 -52.24 -48.36 -7.23
CA TYR A 206 -51.10 -48.71 -6.39
C TYR A 206 -51.05 -50.20 -6.12
N ILE A 207 -52.17 -50.76 -5.69
CA ILE A 207 -52.20 -52.18 -5.32
C ILE A 207 -51.99 -53.07 -6.54
N GLU A 208 -52.61 -52.75 -7.66
CA GLU A 208 -52.50 -53.63 -8.81
C GLU A 208 -51.12 -53.52 -9.43
N ARG A 209 -50.66 -52.31 -9.70
CA ARG A 209 -49.42 -52.14 -10.44
C ARG A 209 -48.19 -52.47 -9.60
N ARG A 210 -48.29 -52.49 -8.27
CA ARG A 210 -47.17 -52.93 -7.45
C ARG A 210 -47.27 -54.39 -7.07
N GLY A 211 -48.21 -55.13 -7.68
CA GLY A 211 -48.31 -56.56 -7.42
C GLY A 211 -48.70 -56.92 -6.02
N ILE A 212 -49.37 -56.02 -5.31
CA ILE A 212 -49.77 -56.29 -3.93
C ILE A 212 -51.05 -57.10 -3.89
N GLY A 213 -51.96 -56.87 -4.83
CA GLY A 213 -53.19 -57.63 -4.85
C GLY A 213 -53.90 -57.43 -6.16
N THR A 214 -55.09 -58.00 -6.24
CA THR A 214 -55.88 -57.99 -7.45
C THR A 214 -57.28 -57.47 -7.12
N ALA A 215 -57.94 -56.93 -8.15
CA ALA A 215 -59.37 -56.66 -8.10
C ALA A 215 -60.14 -57.76 -8.80
N SER A 216 -61.32 -58.06 -8.29
CA SER A 216 -62.18 -59.08 -8.87
C SER A 216 -63.64 -58.77 -8.56
N ASP A 217 -64.42 -59.84 -8.27
CA ASP A 217 -65.81 -59.83 -7.79
C ASP A 217 -66.44 -58.46 -7.58
N ASP A 218 -66.38 -57.60 -8.61
CA ASP A 218 -66.99 -56.27 -8.62
C ASP A 218 -66.57 -55.40 -7.45
N GLY A 219 -65.47 -54.65 -7.60
CA GLY A 219 -65.11 -53.60 -6.68
C GLY A 219 -64.42 -54.02 -5.39
N MET A 220 -64.18 -55.33 -5.21
CA MET A 220 -63.47 -55.82 -4.03
C MET A 220 -62.01 -56.01 -4.37
N LEU A 221 -61.14 -55.54 -3.49
CA LEU A 221 -59.70 -55.72 -3.66
C LEU A 221 -59.24 -56.80 -2.69
N HIS A 222 -58.42 -57.73 -3.18
CA HIS A 222 -57.84 -58.81 -2.39
C HIS A 222 -56.37 -58.48 -2.23
N ALA A 223 -55.98 -58.11 -1.01
CA ALA A 223 -54.61 -57.66 -0.75
C ALA A 223 -54.32 -57.88 0.72
N HIS A 224 -53.04 -58.15 1.03
CA HIS A 224 -52.60 -58.30 2.42
C HIS A 224 -53.48 -59.26 3.21
N GLY A 225 -53.89 -60.35 2.55
CA GLY A 225 -54.69 -61.37 3.18
C GLY A 225 -56.09 -60.94 3.55
N ARG A 226 -56.56 -59.80 3.06
CA ARG A 226 -57.90 -59.32 3.37
C ARG A 226 -58.65 -58.97 2.08
N VAL A 227 -59.95 -58.76 2.22
CA VAL A 227 -60.83 -58.35 1.15
C VAL A 227 -61.46 -57.01 1.53
N VAL A 228 -61.32 -56.04 0.65
CA VAL A 228 -61.66 -54.66 0.91
C VAL A 228 -62.62 -54.16 -0.16
N LYS A 229 -63.73 -53.58 0.27
CA LYS A 229 -64.58 -52.86 -0.67
C LYS A 229 -63.98 -51.47 -0.91
N VAL A 230 -63.70 -51.16 -2.17
CA VAL A 230 -63.14 -49.87 -2.58
C VAL A 230 -64.22 -49.16 -3.38
N ALA A 231 -64.64 -47.98 -2.90
CA ALA A 231 -65.80 -47.34 -3.53
C ALA A 231 -65.67 -45.84 -3.33
N ALA A 232 -66.47 -45.10 -4.11
CA ALA A 232 -66.53 -43.64 -4.01
C ALA A 232 -67.87 -43.21 -3.41
N TYR A 233 -67.82 -42.26 -2.50
CA TYR A 233 -69.00 -41.67 -1.87
C TYR A 233 -68.78 -40.17 -1.86
N PRO A 234 -69.02 -39.47 -2.97
CA PRO A 234 -68.73 -38.02 -2.99
C PRO A 234 -69.65 -37.29 -2.02
N ILE A 235 -69.06 -36.44 -1.18
CA ILE A 235 -69.85 -35.74 -0.17
C ILE A 235 -70.62 -34.59 -0.80
N GLY A 236 -71.89 -34.47 -0.41
CA GLY A 236 -72.75 -33.38 -0.85
C GLY A 236 -73.23 -32.45 0.27
N VAL A 237 -74.30 -31.71 0.01
CA VAL A 237 -74.82 -30.70 0.93
C VAL A 237 -76.34 -30.84 1.00
N TYR A 238 -76.96 -29.98 1.81
CA TYR A 238 -78.41 -29.87 1.86
C TYR A 238 -78.79 -28.60 1.13
N PRO A 239 -78.98 -28.66 -0.21
CA PRO A 239 -79.10 -27.42 -0.99
C PRO A 239 -80.31 -26.59 -0.62
N ASP A 240 -81.43 -27.21 -0.25
CA ASP A 240 -82.62 -26.47 0.13
C ASP A 240 -82.51 -25.86 1.53
N ALA A 241 -81.81 -26.51 2.46
CA ALA A 241 -81.51 -25.87 3.74
C ALA A 241 -80.53 -24.70 3.54
N ILE A 242 -79.54 -24.85 2.66
CA ILE A 242 -78.64 -23.74 2.35
C ILE A 242 -79.43 -22.56 1.79
N ALA A 243 -80.41 -22.84 0.92
CA ALA A 243 -81.20 -21.77 0.33
C ALA A 243 -81.95 -20.98 1.39
N GLU A 244 -82.59 -21.70 2.31
CA GLU A 244 -83.34 -21.03 3.37
C GLU A 244 -82.43 -20.21 4.27
N ALA A 245 -81.27 -20.74 4.61
CA ALA A 245 -80.34 -19.99 5.44
C ALA A 245 -79.91 -18.72 4.72
N ALA A 246 -79.67 -18.80 3.41
CA ALA A 246 -79.20 -17.64 2.67
C ALA A 246 -80.25 -16.54 2.65
N VAL A 247 -81.52 -16.91 2.53
CA VAL A 247 -82.59 -15.92 2.53
C VAL A 247 -82.83 -15.40 3.95
N GLN A 248 -82.84 -16.31 4.92
CA GLN A 248 -83.14 -15.95 6.30
C GLN A 248 -82.14 -14.95 6.83
N TYR A 249 -80.89 -15.06 6.43
CA TYR A 249 -79.85 -14.16 6.93
C TYR A 249 -79.59 -12.99 5.98
N GLY A 250 -80.44 -12.81 4.96
CA GLY A 250 -80.21 -11.75 3.99
C GLY A 250 -80.25 -10.35 4.57
N GLY A 251 -80.77 -10.19 5.79
CA GLY A 251 -80.85 -8.86 6.36
C GLY A 251 -79.93 -8.60 7.54
N ARG A 252 -79.05 -9.55 7.85
CA ARG A 252 -78.12 -9.36 8.96
CA ARG A 252 -78.12 -9.36 8.96
C ARG A 252 -77.14 -8.23 8.66
N LYS A 253 -76.60 -7.63 9.72
CA LYS A 253 -75.77 -6.42 9.59
C LYS A 253 -74.56 -6.61 8.67
N PRO A 254 -73.76 -7.68 8.78
CA PRO A 254 -72.63 -7.80 7.83
C PRO A 254 -73.08 -7.84 6.38
N VAL A 255 -74.25 -8.40 6.12
CA VAL A 255 -74.73 -8.51 4.75
C VAL A 255 -75.13 -7.13 4.24
N LYS A 256 -75.82 -6.36 5.07
CA LYS A 256 -76.18 -5.00 4.68
C LYS A 256 -74.93 -4.14 4.49
N MET A 257 -73.92 -4.32 5.35
CA MET A 257 -72.68 -3.57 5.21
C MET A 257 -72.07 -3.80 3.85
N LEU A 258 -72.02 -5.06 3.42
CA LEU A 258 -71.41 -5.40 2.14
C LEU A 258 -72.25 -4.84 0.99
N ARG A 259 -73.56 -5.09 1.02
CA ARG A 259 -74.48 -4.53 0.02
C ARG A 259 -74.30 -3.02 -0.13
N ASP A 260 -74.28 -2.30 1.00
CA ASP A 260 -74.19 -0.83 0.91
C ASP A 260 -72.83 -0.37 0.40
N ALA A 261 -71.75 -1.03 0.80
CA ALA A 261 -70.42 -0.64 0.35
C ALA A 261 -70.25 -0.89 -1.14
N LEU A 262 -70.83 -1.99 -1.66
CA LEU A 262 -70.69 -2.27 -3.08
C LEU A 262 -71.39 -1.21 -3.92
N GLY A 263 -72.58 -0.78 -3.48
CA GLY A 263 -73.34 0.25 -4.14
C GLY A 263 -73.52 0.04 -5.63
N GLY A 264 -73.96 -1.14 -6.04
CA GLY A 264 -74.19 -1.42 -7.44
C GLY A 264 -73.04 -2.11 -8.16
N ARG A 265 -71.83 -2.06 -7.60
CA ARG A 265 -70.73 -2.82 -8.19
C ARG A 265 -71.03 -4.32 -8.15
N LYS A 266 -70.51 -5.03 -9.14
CA LYS A 266 -70.62 -6.49 -9.15
C LYS A 266 -69.67 -7.09 -8.11
N LEU A 267 -70.04 -8.27 -7.62
CA LEU A 267 -69.33 -8.90 -6.50
C LEU A 267 -68.84 -10.27 -6.93
N VAL A 268 -67.54 -10.46 -6.83
CA VAL A 268 -66.92 -11.77 -6.97
C VAL A 268 -66.56 -12.22 -5.56
N MET A 269 -67.04 -13.40 -5.18
CA MET A 269 -66.97 -13.89 -3.82
C MET A 269 -66.12 -15.17 -3.74
N SER A 270 -65.23 -15.23 -2.76
CA SER A 270 -64.45 -16.42 -2.45
C SER A 270 -64.45 -16.63 -0.95
N VAL A 271 -64.54 -17.90 -0.52
CA VAL A 271 -64.37 -18.30 0.88
C VAL A 271 -63.47 -19.52 0.90
N ASP A 272 -62.33 -19.42 1.59
CA ASP A 272 -61.33 -20.49 1.64
C ASP A 272 -60.56 -20.42 2.94
N ARG A 273 -60.25 -21.58 3.55
CA ARG A 273 -59.14 -21.59 4.51
C ARG A 273 -57.87 -21.12 3.79
N LEU A 274 -56.97 -20.48 4.52
CA LEU A 274 -55.74 -19.98 3.91
C LEU A 274 -54.74 -21.13 3.77
N ASP A 275 -55.07 -22.05 2.87
CA ASP A 275 -54.28 -23.24 2.59
C ASP A 275 -53.61 -23.10 1.24
N TYR A 276 -52.40 -23.67 1.08
CA TYR A 276 -51.81 -23.62 -0.26
C TYR A 276 -52.56 -24.51 -1.27
N SER A 277 -53.45 -25.39 -0.80
CA SER A 277 -54.23 -26.17 -1.76
C SER A 277 -55.26 -25.30 -2.48
N LYS A 278 -55.58 -24.13 -1.96
CA LYS A 278 -56.72 -23.35 -2.43
C LYS A 278 -56.37 -22.41 -3.59
N GLY A 279 -55.10 -22.34 -3.97
CA GLY A 279 -54.72 -21.52 -5.12
C GLY A 279 -55.01 -20.02 -4.98
N LEU A 280 -54.85 -19.46 -3.79
CA LEU A 280 -55.26 -18.08 -3.59
C LEU A 280 -54.36 -17.08 -4.36
N VAL A 281 -53.06 -17.36 -4.47
CA VAL A 281 -52.17 -16.42 -5.19
C VAL A 281 -52.54 -16.39 -6.67
N GLU A 282 -52.64 -17.57 -7.29
CA GLU A 282 -53.06 -17.64 -8.69
C GLU A 282 -54.40 -16.97 -8.87
N ARG A 283 -55.28 -17.15 -7.90
CA ARG A 283 -56.60 -16.54 -7.95
C ARG A 283 -56.51 -15.02 -7.93
N PHE A 284 -55.71 -14.45 -7.00
CA PHE A 284 -55.56 -13.00 -6.95
C PHE A 284 -54.92 -12.47 -8.24
N GLN A 285 -53.84 -13.10 -8.68
CA GLN A 285 -53.15 -12.60 -9.87
C GLN A 285 -54.03 -12.66 -11.11
N SER A 286 -54.97 -13.64 -11.19
CA SER A 286 -55.84 -13.73 -12.36
C SER A 286 -56.90 -12.66 -12.36
N PHE A 287 -57.40 -12.29 -11.17
CA PHE A 287 -58.29 -11.14 -11.07
C PHE A 287 -57.55 -9.86 -11.47
N GLU A 288 -56.29 -9.74 -11.04
CA GLU A 288 -55.47 -8.63 -11.50
C GLU A 288 -55.36 -8.65 -13.04
N ARG A 289 -55.07 -9.83 -13.60
CA ARG A 289 -54.97 -9.92 -15.05
C ARG A 289 -56.28 -9.52 -15.72
N MET A 290 -57.42 -9.90 -15.14
CA MET A 290 -58.68 -9.46 -15.74
C MET A 290 -58.81 -7.94 -15.69
N LEU A 291 -58.47 -7.32 -14.54
CA LEU A 291 -58.55 -5.87 -14.45
C LEU A 291 -57.57 -5.20 -15.41
N ALA A 292 -56.36 -5.76 -15.57
CA ALA A 292 -55.42 -5.16 -16.52
C ALA A 292 -55.92 -5.31 -17.94
N GLY A 293 -56.53 -6.47 -18.27
CA GLY A 293 -56.96 -6.66 -19.65
C GLY A 293 -58.27 -6.00 -19.96
N ALA A 294 -59.10 -5.72 -18.95
CA ALA A 294 -60.43 -5.13 -19.17
C ALA A 294 -60.63 -3.93 -18.26
N PRO A 295 -59.96 -2.82 -18.56
CA PRO A 295 -59.95 -1.67 -17.63
C PRO A 295 -61.32 -1.09 -17.36
N ASP A 296 -62.28 -1.30 -18.25
CA ASP A 296 -63.62 -0.82 -17.98
C ASP A 296 -64.23 -1.48 -16.75
N TRP A 297 -63.71 -2.65 -16.31
CA TRP A 297 -64.21 -3.24 -15.07
C TRP A 297 -63.68 -2.55 -13.81
N GLN A 298 -62.58 -1.81 -13.91
CA GLN A 298 -62.02 -1.18 -12.72
C GLN A 298 -63.03 -0.22 -12.14
N GLY A 299 -63.25 -0.33 -10.83
CA GLY A 299 -64.26 0.47 -10.19
C GLY A 299 -65.67 -0.05 -10.31
N ARG A 300 -65.90 -1.10 -11.10
CA ARG A 300 -67.25 -1.60 -11.27
C ARG A 300 -67.48 -3.02 -10.73
N VAL A 301 -66.43 -3.70 -10.26
CA VAL A 301 -66.52 -5.02 -9.66
C VAL A 301 -65.56 -5.08 -8.47
N SER A 302 -65.94 -5.84 -7.44
CA SER A 302 -65.11 -6.05 -6.26
C SER A 302 -64.95 -7.52 -5.97
N PHE A 303 -63.73 -7.91 -5.63
CA PHE A 303 -63.38 -9.27 -5.28
C PHE A 303 -63.22 -9.32 -3.75
N VAL A 304 -64.14 -10.04 -3.09
CA VAL A 304 -64.09 -10.26 -1.64
C VAL A 304 -63.51 -11.65 -1.40
N GLN A 305 -62.41 -11.72 -0.68
CA GLN A 305 -61.82 -13.00 -0.30
C GLN A 305 -61.82 -13.10 1.22
N ILE A 306 -62.70 -13.94 1.75
CA ILE A 306 -62.68 -14.33 3.15
C ILE A 306 -61.78 -15.54 3.25
N ALA A 307 -60.73 -15.41 4.06
CA ALA A 307 -59.67 -16.42 4.14
C ALA A 307 -59.17 -16.51 5.59
N PRO A 308 -59.88 -17.23 6.45
CA PRO A 308 -59.42 -17.39 7.83
C PRO A 308 -58.16 -18.21 7.90
N PRO A 309 -57.25 -17.87 8.83
CA PRO A 309 -56.00 -18.63 8.97
C PRO A 309 -56.25 -20.04 9.44
N THR A 310 -55.30 -20.91 9.12
CA THR A 310 -55.42 -22.34 9.32
C THR A 310 -54.01 -22.88 9.56
N ARG A 311 -53.87 -23.81 10.50
CA ARG A 311 -52.60 -24.50 10.73
C ARG A 311 -51.41 -23.53 10.77
N SER A 312 -51.57 -22.45 11.54
CA SER A 312 -50.56 -21.38 11.61
C SER A 312 -49.22 -21.85 12.16
N ASP A 313 -49.18 -22.96 12.90
CA ASP A 313 -47.94 -23.42 13.49
C ASP A 313 -47.16 -24.37 12.57
N VAL A 314 -47.62 -24.53 11.32
CA VAL A 314 -46.90 -25.23 10.27
C VAL A 314 -46.24 -24.19 9.36
N GLN A 315 -44.92 -24.32 9.14
CA GLN A 315 -44.19 -23.27 8.41
C GLN A 315 -44.70 -23.06 6.98
N THR A 316 -45.09 -24.15 6.29
CA THR A 316 -45.54 -23.97 4.91
C THR A 316 -46.75 -23.06 4.87
N TYR A 317 -47.58 -23.11 5.91
CA TYR A 317 -48.75 -22.25 5.94
C TYR A 317 -48.37 -20.80 6.20
N GLN A 318 -47.28 -20.57 6.94
CA GLN A 318 -46.85 -19.21 7.20
C GLN A 318 -46.33 -18.55 5.93
N ARG A 319 -45.58 -19.31 5.12
CA ARG A 319 -45.04 -18.78 3.87
C ARG A 319 -46.14 -18.45 2.86
N ILE A 320 -47.12 -19.34 2.66
CA ILE A 320 -48.16 -19.04 1.65
C ILE A 320 -48.96 -17.82 2.07
N ARG A 321 -49.17 -17.66 3.38
CA ARG A 321 -49.88 -16.48 3.88
C ARG A 321 -49.09 -15.21 3.59
N GLU A 322 -47.77 -15.23 3.86
CA GLU A 322 -46.95 -14.06 3.57
C GLU A 322 -46.98 -13.71 2.10
N THR A 323 -46.86 -14.71 1.23
CA THR A 323 -46.90 -14.45 -0.21
C THR A 323 -48.24 -13.83 -0.62
N LEU A 324 -49.34 -14.32 -0.06
CA LEU A 324 -50.66 -13.79 -0.42
C LEU A 324 -50.83 -12.36 0.08
N GLU A 325 -50.35 -12.06 1.29
CA GLU A 325 -50.44 -10.70 1.80
C GLU A 325 -49.72 -9.74 0.89
N ARG A 326 -48.54 -10.13 0.43
CA ARG A 326 -47.79 -9.28 -0.49
C ARG A 326 -48.58 -9.05 -1.78
N GLU A 327 -49.21 -10.12 -2.30
CA GLU A 327 -49.98 -9.96 -3.52
C GLU A 327 -51.20 -9.07 -3.33
N ALA A 328 -51.92 -9.22 -2.21
CA ALA A 328 -53.05 -8.32 -1.96
C ALA A 328 -52.58 -6.86 -1.94
N GLY A 329 -51.50 -6.59 -1.22
CA GLY A 329 -51.02 -5.22 -1.16
C GLY A 329 -50.60 -4.70 -2.51
N ARG A 330 -49.85 -5.51 -3.27
CA ARG A 330 -49.35 -5.06 -4.57
C ARG A 330 -50.50 -4.82 -5.55
N ILE A 331 -51.46 -5.77 -5.62
CA ILE A 331 -52.53 -5.64 -6.60
C ILE A 331 -53.42 -4.44 -6.26
N ASN A 332 -53.78 -4.28 -4.99
CA ASN A 332 -54.56 -3.12 -4.56
C ASN A 332 -53.80 -1.81 -4.79
N GLY A 333 -52.50 -1.77 -4.48
CA GLY A 333 -51.77 -0.54 -4.78
C GLY A 333 -51.80 -0.21 -6.25
N ARG A 334 -51.79 -1.25 -7.09
CA ARG A 334 -51.76 -0.98 -8.53
C ARG A 334 -53.08 -0.39 -9.02
N PHE A 335 -54.21 -0.93 -8.57
CA PHE A 335 -55.48 -0.58 -9.22
C PHE A 335 -56.43 0.21 -8.33
N ALA A 336 -56.15 0.35 -7.04
CA ALA A 336 -57.12 0.97 -6.15
C ALA A 336 -57.40 2.40 -6.58
N GLN A 337 -58.62 2.83 -6.32
CA GLN A 337 -59.04 4.23 -6.43
C GLN A 337 -59.49 4.68 -5.04
N LEU A 338 -59.70 5.99 -4.90
CA LEU A 338 -59.99 6.57 -3.59
C LEU A 338 -61.28 6.05 -2.98
N ASP A 339 -62.14 5.41 -3.78
CA ASP A 339 -63.36 4.82 -3.23
C ASP A 339 -63.51 3.36 -3.64
N TRP A 340 -62.41 2.70 -3.98
CA TRP A 340 -62.50 1.34 -4.50
C TRP A 340 -61.26 0.55 -4.12
N THR A 341 -61.45 -0.48 -3.29
CA THR A 341 -60.43 -1.47 -2.99
C THR A 341 -60.68 -2.67 -3.90
N PRO A 342 -59.79 -2.98 -4.85
CA PRO A 342 -60.07 -4.08 -5.79
C PRO A 342 -60.30 -5.42 -5.11
N ILE A 343 -59.40 -5.82 -4.22
CA ILE A 343 -59.47 -7.09 -3.49
C ILE A 343 -59.66 -6.78 -2.02
N GLN A 344 -60.85 -7.06 -1.50
CA GLN A 344 -61.14 -6.93 -0.06
C GLN A 344 -60.75 -8.26 0.56
N TYR A 345 -59.60 -8.26 1.24
CA TYR A 345 -59.01 -9.46 1.78
C TYR A 345 -59.24 -9.49 3.30
N LEU A 346 -59.97 -10.49 3.78
CA LEU A 346 -60.37 -10.56 5.18
C LEU A 346 -59.97 -11.90 5.78
N ASN A 347 -59.20 -11.84 6.86
CA ASN A 347 -58.84 -13.02 7.61
C ASN A 347 -59.84 -13.37 8.70
N ARG A 348 -60.93 -12.63 8.86
CA ARG A 348 -61.84 -13.02 9.93
C ARG A 348 -62.73 -14.18 9.48
N LYS A 349 -63.24 -14.91 10.46
CA LYS A 349 -64.17 -16.00 10.25
C LYS A 349 -65.60 -15.49 10.38
N TYR A 350 -66.50 -16.01 9.56
CA TYR A 350 -67.91 -15.63 9.63
C TYR A 350 -68.77 -16.86 9.88
N GLU A 351 -69.89 -16.61 10.55
CA GLU A 351 -70.92 -17.62 10.73
C GLU A 351 -71.34 -18.18 9.37
N ARG A 352 -71.43 -19.51 9.28
CA ARG A 352 -71.65 -20.18 7.99
C ARG A 352 -72.93 -19.68 7.30
N ASN A 353 -73.98 -19.39 8.07
CA ASN A 353 -75.18 -18.87 7.44
C ASN A 353 -74.96 -17.48 6.83
N LEU A 354 -74.11 -16.65 7.44
CA LEU A 354 -73.75 -15.38 6.80
C LEU A 354 -73.08 -15.63 5.46
N LEU A 355 -72.20 -16.62 5.40
CA LEU A 355 -71.53 -16.94 4.15
C LEU A 355 -72.53 -17.22 3.02
N MET A 356 -73.63 -17.92 3.35
CA MET A 356 -74.65 -18.21 2.33
C MET A 356 -75.31 -16.94 1.82
N ALA A 357 -75.61 -15.99 2.69
CA ALA A 357 -76.16 -14.73 2.21
C ALA A 357 -75.16 -13.96 1.35
N PHE A 358 -73.84 -14.06 1.62
CA PHE A 358 -72.82 -13.43 0.76
C PHE A 358 -72.81 -14.07 -0.63
N PHE A 359 -72.81 -15.42 -0.69
CA PHE A 359 -72.84 -16.14 -1.97
C PHE A 359 -74.04 -15.71 -2.81
N ARG A 360 -75.22 -15.65 -2.21
CA ARG A 360 -76.43 -15.25 -2.95
C ARG A 360 -76.30 -13.85 -3.53
N MET A 361 -75.78 -12.91 -2.75
CA MET A 361 -75.66 -11.53 -3.20
C MET A 361 -74.72 -11.42 -4.39
N SER A 362 -73.69 -12.28 -4.45
CA SER A 362 -72.65 -12.17 -5.46
C SER A 362 -73.13 -12.59 -6.84
N GLN A 363 -72.36 -12.14 -7.85
CA GLN A 363 -72.56 -12.55 -9.24
C GLN A 363 -71.68 -13.73 -9.62
N VAL A 364 -70.55 -13.92 -8.94
CA VAL A 364 -69.60 -14.96 -9.31
C VAL A 364 -69.10 -15.65 -8.05
N GLY A 365 -69.04 -17.00 -8.10
CA GLY A 365 -68.31 -17.77 -7.11
C GLY A 365 -66.99 -18.22 -7.72
N TYR A 366 -65.92 -17.92 -7.01
CA TYR A 366 -64.57 -18.00 -7.56
C TYR A 366 -63.87 -19.03 -6.70
N VAL A 367 -63.85 -20.27 -7.17
CA VAL A 367 -63.44 -21.42 -6.37
C VAL A 367 -62.42 -22.18 -7.21
N THR A 368 -61.15 -21.89 -7.00
CA THR A 368 -60.09 -22.37 -7.89
C THR A 368 -58.95 -23.07 -7.16
N PRO A 369 -59.23 -24.11 -6.35
CA PRO A 369 -58.13 -24.79 -5.65
C PRO A 369 -57.17 -25.44 -6.63
N LEU A 370 -55.89 -25.47 -6.24
CA LEU A 370 -54.94 -26.25 -7.02
C LEU A 370 -55.20 -27.73 -6.88
N ARG A 371 -55.77 -28.15 -5.74
CA ARG A 371 -56.21 -29.53 -5.55
C ARG A 371 -57.17 -29.56 -4.38
N ASP A 372 -58.30 -30.27 -4.53
CA ASP A 372 -59.27 -30.37 -3.45
C ASP A 372 -60.02 -31.69 -3.52
N GLY A 373 -60.14 -32.36 -2.36
CA GLY A 373 -60.86 -33.63 -2.31
C GLY A 373 -62.23 -33.53 -2.92
N MET A 374 -62.99 -32.49 -2.55
CA MET A 374 -64.31 -32.21 -3.11
C MET A 374 -64.53 -30.71 -3.31
N ASN A 375 -64.44 -29.93 -2.21
CA ASN A 375 -64.76 -28.51 -2.08
C ASN A 375 -66.27 -28.29 -1.98
N LEU A 376 -66.77 -28.13 -0.75
CA LEU A 376 -68.20 -27.94 -0.48
C LEU A 376 -68.64 -26.49 -0.68
N VAL A 377 -67.72 -25.54 -0.50
CA VAL A 377 -68.01 -24.14 -0.83
C VAL A 377 -68.58 -24.04 -2.24
N ALA A 378 -68.00 -24.77 -3.19
CA ALA A 378 -68.52 -24.74 -4.56
C ALA A 378 -69.98 -25.16 -4.61
N LYS A 379 -70.32 -26.24 -3.88
CA LYS A 379 -71.71 -26.71 -3.86
C LYS A 379 -72.58 -25.74 -3.09
N GLU A 380 -72.06 -25.22 -1.96
CA GLU A 380 -72.78 -24.25 -1.14
C GLU A 380 -73.06 -22.99 -1.93
N TYR A 381 -72.09 -22.60 -2.76
CA TYR A 381 -72.30 -21.40 -3.57
C TYR A 381 -73.49 -21.59 -4.49
N VAL A 382 -73.55 -22.72 -5.20
CA VAL A 382 -74.68 -22.96 -6.11
C VAL A 382 -75.99 -22.92 -5.32
N ALA A 383 -76.03 -23.60 -4.16
CA ALA A 383 -77.28 -23.72 -3.41
C ALA A 383 -77.79 -22.41 -2.86
N SER A 384 -76.90 -21.42 -2.68
CA SER A 384 -77.33 -20.16 -2.10
C SER A 384 -78.05 -19.28 -3.09
N GLN A 385 -77.94 -19.59 -4.39
CA GLN A 385 -78.35 -18.62 -5.39
C GLN A 385 -79.86 -18.52 -5.48
N ASP A 386 -80.33 -17.35 -5.84
CA ASP A 386 -81.71 -17.17 -6.23
C ASP A 386 -81.92 -17.66 -7.66
N PRO A 387 -82.78 -18.65 -7.88
CA PRO A 387 -82.99 -19.17 -9.25
C PRO A 387 -83.55 -18.15 -10.21
N ALA A 388 -84.15 -17.08 -9.73
CA ALA A 388 -84.62 -16.03 -10.63
C ALA A 388 -83.47 -15.16 -11.14
N ASP A 389 -82.33 -15.16 -10.45
CA ASP A 389 -81.16 -14.36 -10.84
C ASP A 389 -79.90 -14.99 -10.26
N PRO A 390 -79.44 -16.11 -10.79
CA PRO A 390 -78.35 -16.85 -10.16
C PRO A 390 -76.97 -16.44 -10.64
N GLY A 391 -76.02 -16.50 -9.70
CA GLY A 391 -74.64 -16.22 -10.01
C GLY A 391 -73.99 -17.39 -10.72
N VAL A 392 -72.74 -17.17 -11.15
CA VAL A 392 -72.00 -18.13 -11.95
C VAL A 392 -70.87 -18.71 -11.12
N LEU A 393 -70.71 -20.02 -11.21
CA LEU A 393 -69.62 -20.70 -10.49
C LEU A 393 -68.44 -20.85 -11.43
N VAL A 394 -67.30 -20.26 -11.05
CA VAL A 394 -66.03 -20.46 -11.73
C VAL A 394 -65.21 -21.40 -10.88
N LEU A 395 -64.89 -22.57 -11.45
CA LEU A 395 -64.45 -23.70 -10.63
C LEU A 395 -63.23 -24.36 -11.25
N SER A 396 -62.24 -24.64 -10.41
CA SER A 396 -61.06 -25.38 -10.81
C SER A 396 -61.37 -26.83 -11.15
N GLU A 397 -60.78 -27.30 -12.27
CA GLU A 397 -60.91 -28.70 -12.67
C GLU A 397 -60.18 -29.65 -11.73
N PHE A 398 -59.42 -29.14 -10.76
CA PHE A 398 -58.71 -30.00 -9.85
C PHE A 398 -59.47 -30.18 -8.53
N ALA A 399 -60.65 -29.60 -8.37
CA ALA A 399 -61.55 -29.89 -7.26
C ALA A 399 -62.38 -31.10 -7.59
N GLY A 400 -62.61 -31.97 -6.59
CA GLY A 400 -63.44 -33.14 -6.81
C GLY A 400 -64.85 -32.80 -7.28
N ALA A 401 -65.37 -31.65 -6.84
CA ALA A 401 -66.71 -31.25 -7.25
C ALA A 401 -66.81 -30.99 -8.76
N ALA A 402 -65.67 -30.81 -9.44
CA ALA A 402 -65.74 -30.52 -10.87
C ALA A 402 -66.36 -31.68 -11.63
N ALA A 403 -66.25 -32.90 -11.10
CA ALA A 403 -66.84 -34.04 -11.78
C ALA A 403 -68.36 -34.01 -11.76
N GLU A 404 -68.97 -33.24 -10.85
CA GLU A 404 -70.43 -33.19 -10.72
C GLU A 404 -71.06 -31.89 -11.20
N LEU A 405 -70.37 -30.76 -11.06
CA LEU A 405 -71.00 -29.46 -11.31
C LEU A 405 -70.80 -29.03 -12.78
N GLY A 406 -71.55 -29.69 -13.66
CA GLY A 406 -71.43 -29.46 -15.11
C GLY A 406 -71.85 -28.08 -15.59
N GLY A 407 -72.67 -27.37 -14.81
CA GLY A 407 -72.99 -25.99 -15.11
C GLY A 407 -71.91 -24.99 -14.75
N ALA A 408 -70.86 -25.43 -14.06
CA ALA A 408 -69.78 -24.51 -13.74
C ALA A 408 -68.95 -24.15 -14.98
N LEU A 409 -68.30 -23.00 -14.90
CA LEU A 409 -67.21 -22.64 -15.81
C LEU A 409 -65.93 -23.26 -15.25
N LEU A 410 -65.44 -24.31 -15.90
CA LEU A 410 -64.25 -25.01 -15.41
C LEU A 410 -62.98 -24.34 -15.90
N VAL A 411 -62.00 -24.19 -15.00
CA VAL A 411 -60.74 -23.54 -15.36
C VAL A 411 -59.56 -24.34 -14.81
N ASN A 412 -58.43 -24.18 -15.48
CA ASN A 412 -57.16 -24.66 -14.99
C ASN A 412 -56.48 -23.50 -14.27
N PRO A 413 -56.30 -23.53 -12.94
CA PRO A 413 -55.75 -22.36 -12.24
C PRO A 413 -54.29 -22.08 -12.57
N TYR A 414 -53.59 -23.01 -13.22
CA TYR A 414 -52.25 -22.70 -13.69
C TYR A 414 -52.28 -21.86 -14.97
N ASP A 415 -53.46 -21.53 -15.51
CA ASP A 415 -53.63 -20.71 -16.71
C ASP A 415 -54.39 -19.43 -16.33
N HIS A 416 -53.64 -18.41 -15.93
CA HIS A 416 -54.21 -17.15 -15.45
C HIS A 416 -55.05 -16.46 -16.51
N ALA A 417 -54.61 -16.52 -17.77
CA ALA A 417 -55.39 -15.89 -18.83
C ALA A 417 -56.75 -16.57 -18.96
N GLN A 418 -56.79 -17.90 -18.88
CA GLN A 418 -58.10 -18.55 -18.93
C GLN A 418 -58.97 -18.14 -17.74
N MET A 419 -58.37 -18.05 -16.54
CA MET A 419 -59.17 -17.67 -15.37
C MET A 419 -59.71 -16.25 -15.49
N ALA A 420 -58.87 -15.32 -15.99
CA ALA A 420 -59.30 -13.95 -16.19
C ALA A 420 -60.41 -13.89 -17.23
N ASP A 421 -60.26 -14.62 -18.34
CA ASP A 421 -61.32 -14.69 -19.34
C ASP A 421 -62.62 -15.27 -18.74
N ALA A 422 -62.48 -16.31 -17.90
CA ALA A 422 -63.67 -16.93 -17.27
C ALA A 422 -64.37 -15.96 -16.35
N LEU A 423 -63.60 -15.15 -15.60
CA LEU A 423 -64.19 -14.11 -14.75
C LEU A 423 -65.02 -13.13 -15.59
N ALA A 424 -64.43 -12.63 -16.68
CA ALA A 424 -65.16 -11.70 -17.55
C ALA A 424 -66.39 -12.37 -18.17
N ARG A 425 -66.23 -13.60 -18.63
CA ARG A 425 -67.36 -14.34 -19.18
C ARG A 425 -68.45 -14.54 -18.11
N ALA A 426 -68.04 -14.83 -16.88
CA ALA A 426 -69.03 -15.00 -15.80
C ALA A 426 -69.76 -13.68 -15.54
N LEU A 427 -69.03 -12.56 -15.56
CA LEU A 427 -69.60 -11.25 -15.29
C LEU A 427 -70.53 -10.77 -16.40
N ALA A 428 -70.40 -11.27 -17.63
CA ALA A 428 -71.24 -10.85 -18.75
C ALA A 428 -72.32 -11.87 -19.12
N MET A 429 -72.46 -12.94 -18.36
CA MET A 429 -73.31 -14.03 -18.83
C MET A 429 -74.79 -13.65 -18.77
N PRO A 430 -75.54 -13.80 -19.87
CA PRO A 430 -76.98 -13.50 -19.84
C PRO A 430 -77.75 -14.41 -18.89
N LEU A 431 -78.90 -13.91 -18.45
CA LEU A 431 -79.73 -14.57 -17.45
C LEU A 431 -80.10 -16.00 -17.86
N ALA A 432 -80.52 -16.21 -19.10
CA ALA A 432 -81.01 -17.53 -19.50
C ALA A 432 -79.92 -18.58 -19.37
N GLU A 433 -78.70 -18.27 -19.84
CA GLU A 433 -77.63 -19.26 -19.68
C GLU A 433 -77.23 -19.44 -18.20
N ARG A 434 -77.24 -18.35 -17.42
CA ARG A 434 -76.96 -18.49 -15.99
C ARG A 434 -77.98 -19.41 -15.33
N GLN A 435 -79.25 -19.30 -15.74
CA GLN A 435 -80.28 -20.18 -15.16
C GLN A 435 -80.11 -21.62 -15.63
N ALA A 436 -79.77 -21.84 -16.91
CA ALA A 436 -79.59 -23.21 -17.40
C ALA A 436 -78.47 -23.91 -16.65
N ARG A 437 -77.35 -23.21 -16.48
CA ARG A 437 -76.21 -23.75 -15.74
C ARG A 437 -76.56 -23.96 -14.28
N HIS A 438 -77.28 -23.02 -13.69
CA HIS A 438 -77.60 -23.14 -12.28
C HIS A 438 -78.53 -24.33 -12.00
N GLU A 439 -79.57 -24.50 -12.82
CA GLU A 439 -80.53 -25.60 -12.63
C GLU A 439 -79.86 -26.94 -12.86
N GLU A 440 -78.93 -27.04 -13.82
CA GLU A 440 -78.19 -28.28 -13.99
C GLU A 440 -77.38 -28.60 -12.75
N ASN A 441 -76.66 -27.61 -12.22
CA ASN A 441 -75.90 -27.87 -10.99
C ASN A 441 -76.84 -28.15 -9.81
N LEU A 442 -77.93 -27.39 -9.70
CA LEU A 442 -78.84 -27.58 -8.56
C LEU A 442 -79.45 -28.98 -8.54
N ALA A 443 -79.88 -29.48 -9.72
CA ALA A 443 -80.40 -30.84 -9.82
C ALA A 443 -79.33 -31.85 -9.43
N GLN A 444 -78.07 -31.58 -9.77
CA GLN A 444 -77.02 -32.49 -9.29
C GLN A 444 -76.96 -32.48 -7.77
N LEU A 445 -77.03 -31.29 -7.17
CA LEU A 445 -76.94 -31.22 -5.71
C LEU A 445 -78.10 -31.96 -5.06
N ARG A 446 -79.31 -31.85 -5.63
CA ARG A 446 -80.47 -32.50 -5.05
C ARG A 446 -80.45 -34.01 -5.25
N ASN A 447 -79.82 -34.48 -6.32
CA ASN A 447 -79.73 -35.90 -6.66
CA ASN A 447 -79.83 -35.90 -6.54
C ASN A 447 -78.64 -36.61 -5.91
N ASN A 448 -77.67 -35.88 -5.34
CA ASN A 448 -76.61 -36.44 -4.50
C ASN A 448 -76.44 -35.56 -3.26
N ASP A 449 -77.50 -35.41 -2.48
CA ASP A 449 -77.38 -34.54 -1.33
C ASP A 449 -76.64 -35.30 -0.22
N LEU A 450 -76.40 -34.63 0.91
CA LEU A 450 -75.58 -35.20 1.97
C LEU A 450 -76.15 -36.52 2.52
N SER A 451 -77.48 -36.72 2.42
CA SER A 451 -78.10 -37.97 2.89
C SER A 451 -77.58 -39.19 2.16
N VAL A 452 -77.32 -39.06 0.85
CA VAL A 452 -76.85 -40.18 0.04
C VAL A 452 -75.48 -40.64 0.54
N TRP A 453 -74.60 -39.69 0.83
CA TRP A 453 -73.30 -40.05 1.38
C TRP A 453 -73.45 -40.84 2.68
N ARG A 454 -74.26 -40.32 3.60
CA ARG A 454 -74.40 -40.98 4.89
C ARG A 454 -75.13 -42.31 4.78
N ASP A 455 -76.30 -42.33 4.10
CA ASP A 455 -77.11 -43.54 4.07
C ASP A 455 -76.37 -44.65 3.32
N THR A 456 -75.67 -44.27 2.24
CA THR A 456 -74.92 -45.25 1.45
C THR A 456 -73.73 -45.79 2.24
N PHE A 457 -72.97 -44.93 2.92
CA PHE A 457 -71.86 -45.47 3.69
C PHE A 457 -72.36 -46.33 4.86
N VAL A 458 -73.39 -45.87 5.55
CA VAL A 458 -73.91 -46.66 6.66
C VAL A 458 -74.44 -48.01 6.17
N ALA A 459 -75.13 -48.01 5.01
CA ALA A 459 -75.66 -49.25 4.44
C ALA A 459 -74.54 -50.25 4.15
N ASP A 460 -73.43 -49.77 3.59
CA ASP A 460 -72.28 -50.63 3.37
C ASP A 460 -71.70 -51.14 4.69
N LEU A 461 -71.72 -50.31 5.74
CA LEU A 461 -71.19 -50.72 7.03
C LEU A 461 -72.07 -51.83 7.65
N ARG A 462 -73.39 -51.71 7.49
CA ARG A 462 -74.35 -52.72 7.94
C ARG A 462 -74.31 -54.03 7.17
N SER A 463 -73.59 -54.12 6.05
CA SER A 463 -73.72 -55.32 5.23
C SER A 463 -72.44 -55.85 4.59
N VAL A 464 -71.40 -55.05 4.41
CA VAL A 464 -70.25 -55.52 3.63
C VAL A 464 -69.53 -56.63 4.38
N ALA A 465 -69.08 -56.35 5.60
CA ALA A 465 -68.35 -57.36 6.33
C ALA A 465 -69.16 -58.66 6.39
N ALA A 466 -70.47 -58.57 6.65
CA ALA A 466 -71.23 -59.81 6.75
C ALA A 466 -71.42 -60.48 5.38
N ALA A 467 -71.81 -59.70 4.36
CA ALA A 467 -71.98 -60.31 3.04
C ALA A 467 -70.70 -60.95 2.54
N ALA A 468 -69.55 -60.32 2.82
CA ALA A 468 -68.24 -60.87 2.45
C ALA A 468 -67.95 -62.18 3.17
N SER A 469 -68.51 -62.39 4.36
CA SER A 469 -68.25 -63.65 5.06
C SER A 469 -68.92 -64.86 4.43
N VAL A 470 -69.75 -64.67 3.40
CA VAL A 470 -70.44 -65.79 2.77
C VAL A 470 -69.44 -66.55 1.89
N THR A 471 -69.43 -67.87 2.02
CA THR A 471 -68.58 -68.72 1.18
C THR A 471 -69.34 -69.13 -0.09
N HIS B 8 -29.62 -50.75 -50.41
CA HIS B 8 -30.57 -49.65 -50.61
C HIS B 8 -31.03 -49.08 -49.28
N MET B 9 -30.14 -48.37 -48.59
CA MET B 9 -30.30 -48.07 -47.17
C MET B 9 -30.68 -46.61 -46.94
N SER B 10 -31.79 -46.41 -46.23
CA SER B 10 -32.35 -45.08 -46.01
C SER B 10 -31.53 -44.27 -45.02
N ARG B 11 -31.45 -42.97 -45.26
CA ARG B 11 -30.75 -42.09 -44.35
C ARG B 11 -31.47 -42.02 -43.02
N LEU B 12 -30.71 -41.91 -41.94
CA LEU B 12 -31.25 -41.53 -40.64
C LEU B 12 -31.12 -40.02 -40.50
N ILE B 13 -32.22 -39.35 -40.17
CA ILE B 13 -32.23 -37.91 -39.88
C ILE B 13 -32.40 -37.74 -38.37
N VAL B 14 -31.38 -37.22 -37.71
CA VAL B 14 -31.44 -36.91 -36.28
C VAL B 14 -31.77 -35.42 -36.13
N VAL B 15 -32.79 -35.13 -35.33
CA VAL B 15 -33.21 -33.76 -35.04
C VAL B 15 -33.05 -33.55 -33.54
N SER B 16 -32.21 -32.59 -33.14
CA SER B 16 -31.93 -32.32 -31.73
C SER B 16 -31.62 -30.84 -31.57
N ASN B 17 -31.49 -30.42 -30.30
CA ASN B 17 -31.30 -29.00 -29.97
C ASN B 17 -30.02 -28.44 -30.58
N ARG B 18 -28.93 -29.18 -30.46
CA ARG B 18 -27.65 -28.66 -30.87
C ARG B 18 -26.87 -29.77 -31.56
N VAL B 19 -26.21 -29.41 -32.64
CA VAL B 19 -25.46 -30.35 -33.48
C VAL B 19 -23.97 -30.16 -33.19
N ALA B 20 -23.32 -31.24 -32.77
CA ALA B 20 -21.94 -31.17 -32.31
C ALA B 20 -20.96 -30.80 -33.43
N GLY B 30 -19.09 -38.10 -24.04
CA GLY B 30 -20.46 -38.58 -24.05
C GLY B 30 -21.42 -37.69 -24.83
N GLY B 31 -22.67 -37.65 -24.39
CA GLY B 31 -23.68 -36.81 -25.01
C GLY B 31 -24.52 -37.57 -26.01
N LEU B 32 -25.31 -36.80 -26.77
CA LEU B 32 -26.16 -37.43 -27.78
C LEU B 32 -25.33 -37.96 -28.95
N ALA B 33 -24.17 -37.35 -29.21
CA ALA B 33 -23.33 -37.76 -30.33
C ALA B 33 -22.94 -39.23 -30.22
N VAL B 34 -22.50 -39.66 -29.03
CA VAL B 34 -22.04 -41.03 -28.91
C VAL B 34 -23.21 -42.01 -29.12
N GLY B 35 -24.43 -41.60 -28.78
CA GLY B 35 -25.56 -42.49 -28.96
C GLY B 35 -25.99 -42.70 -30.40
N VAL B 36 -25.87 -41.66 -31.24
CA VAL B 36 -26.48 -41.71 -32.57
C VAL B 36 -25.47 -41.81 -33.70
N MET B 37 -24.18 -41.58 -33.43
CA MET B 37 -23.22 -41.36 -34.52
C MET B 37 -23.07 -42.59 -35.41
N ASP B 38 -22.96 -43.78 -34.80
CA ASP B 38 -22.76 -45.00 -35.60
C ASP B 38 -23.91 -45.24 -36.56
N ALA B 39 -25.13 -44.91 -36.15
CA ALA B 39 -26.26 -45.02 -37.06
C ALA B 39 -26.18 -43.98 -38.16
N LEU B 40 -25.77 -42.75 -37.84
CA LEU B 40 -25.58 -41.75 -38.90
C LEU B 40 -24.49 -42.19 -39.87
N LYS B 41 -23.38 -42.73 -39.37
CA LYS B 41 -22.35 -43.23 -40.27
C LYS B 41 -22.87 -44.41 -41.10
N GLN B 42 -23.64 -45.31 -40.47
CA GLN B 42 -24.10 -46.48 -41.19
C GLN B 42 -25.01 -46.11 -42.35
N THR B 43 -25.89 -45.12 -42.15
CA THR B 43 -26.89 -44.76 -43.14
C THR B 43 -26.50 -43.58 -44.02
N GLY B 44 -25.33 -42.99 -43.80
CA GLY B 44 -24.99 -41.73 -44.47
C GLY B 44 -26.00 -40.63 -44.19
N GLY B 45 -26.38 -40.50 -42.91
CA GLY B 45 -27.50 -39.68 -42.50
C GLY B 45 -27.17 -38.22 -42.29
N VAL B 46 -28.15 -37.50 -41.71
CA VAL B 46 -28.07 -36.07 -41.46
C VAL B 46 -28.42 -35.80 -40.00
N TRP B 47 -27.68 -34.91 -39.37
CA TRP B 47 -27.98 -34.39 -38.03
C TRP B 47 -28.40 -32.93 -38.19
N PHE B 48 -29.62 -32.61 -37.78
CA PHE B 48 -30.23 -31.30 -37.99
C PHE B 48 -30.51 -30.65 -36.63
N GLY B 49 -30.24 -29.34 -36.52
CA GLY B 49 -30.49 -28.58 -35.29
C GLY B 49 -29.72 -27.25 -35.28
N TRP B 50 -29.60 -26.68 -34.07
CA TRP B 50 -29.00 -25.34 -33.92
C TRP B 50 -27.47 -25.42 -33.84
N ASN B 51 -26.79 -24.46 -34.49
CA ASN B 51 -25.34 -24.48 -34.52
C ASN B 51 -24.67 -23.75 -33.35
N GLY B 52 -25.45 -23.32 -32.34
CA GLY B 52 -24.86 -22.60 -31.22
C GLY B 52 -24.58 -21.12 -31.42
N GLU B 53 -24.72 -20.59 -32.63
CA GLU B 53 -24.52 -19.17 -32.89
C GLU B 53 -25.85 -18.43 -32.95
N ILE B 54 -25.83 -17.12 -32.61
CA ILE B 54 -26.99 -16.23 -32.74
C ILE B 54 -26.81 -15.37 -33.99
N VAL B 55 -27.94 -15.03 -34.63
CA VAL B 55 -27.93 -14.23 -35.86
C VAL B 55 -28.76 -12.96 -35.67
N GLY B 56 -28.34 -11.88 -36.36
CA GLY B 56 -29.09 -10.64 -36.29
C GLY B 56 -30.40 -10.70 -37.05
N THR B 57 -30.45 -11.53 -38.08
CA THR B 57 -31.58 -11.69 -38.98
C THR B 57 -31.66 -13.16 -39.33
N PRO B 58 -32.88 -13.70 -39.55
CA PRO B 58 -33.02 -15.14 -39.74
C PRO B 58 -32.23 -15.68 -40.91
N ASP B 59 -31.65 -16.86 -40.72
CA ASP B 59 -30.91 -17.52 -41.79
C ASP B 59 -31.90 -18.03 -42.84
N ALA B 60 -31.54 -17.85 -44.12
CA ALA B 60 -32.43 -18.28 -45.19
C ALA B 60 -32.57 -19.80 -45.23
N ALA B 61 -31.45 -20.50 -45.21
CA ALA B 61 -31.39 -21.96 -45.29
C ALA B 61 -30.36 -22.44 -44.27
N PRO B 62 -30.36 -23.73 -43.93
CA PRO B 62 -29.32 -24.23 -43.02
C PRO B 62 -27.97 -24.39 -43.71
N ALA B 63 -26.92 -24.22 -42.91
CA ALA B 63 -25.56 -24.45 -43.38
C ALA B 63 -25.28 -25.95 -43.39
N VAL B 64 -24.84 -26.45 -44.55
CA VAL B 64 -24.69 -27.88 -44.78
C VAL B 64 -23.23 -28.20 -45.00
N ARG B 65 -22.62 -28.90 -44.05
CA ARG B 65 -21.26 -29.41 -44.20
C ARG B 65 -21.28 -30.93 -44.13
N ARG B 66 -20.50 -31.55 -45.02
CA ARG B 66 -20.42 -33.00 -45.14
C ARG B 66 -19.09 -33.44 -44.54
N ASP B 67 -19.16 -34.26 -43.50
CA ASP B 67 -17.99 -34.80 -42.82
C ASP B 67 -17.96 -36.31 -43.09
N GLY B 68 -17.31 -36.69 -44.19
CA GLY B 68 -17.30 -38.06 -44.62
C GLY B 68 -18.68 -38.49 -45.05
N ASN B 69 -19.27 -39.42 -44.29
CA ASN B 69 -20.58 -39.93 -44.64
C ASN B 69 -21.72 -39.19 -43.96
N VAL B 70 -21.43 -38.44 -42.89
CA VAL B 70 -22.45 -37.74 -42.12
C VAL B 70 -22.49 -36.28 -42.55
N THR B 71 -23.71 -35.77 -42.72
CA THR B 71 -23.94 -34.38 -43.07
C THR B 71 -24.48 -33.66 -41.84
N TYR B 72 -23.95 -32.47 -41.56
CA TYR B 72 -24.42 -31.65 -40.46
C TYR B 72 -25.15 -30.46 -41.07
N ALA B 73 -26.44 -30.36 -40.78
CA ALA B 73 -27.27 -29.29 -41.32
C ALA B 73 -27.70 -28.47 -40.12
N THR B 74 -27.09 -27.29 -40.01
CA THR B 74 -27.26 -26.45 -38.83
C THR B 74 -27.83 -25.11 -39.22
N LEU B 75 -28.38 -24.45 -38.22
CA LEU B 75 -29.10 -23.21 -38.43
C LEU B 75 -28.80 -22.27 -37.28
N GLY B 76 -28.77 -20.98 -37.59
CA GLY B 76 -28.67 -20.00 -36.53
C GLY B 76 -30.03 -19.65 -36.04
N LEU B 77 -30.08 -19.01 -34.88
CA LEU B 77 -31.34 -18.53 -34.34
C LEU B 77 -31.23 -17.04 -34.08
N THR B 78 -32.35 -16.34 -34.21
CA THR B 78 -32.36 -14.94 -33.79
C THR B 78 -32.59 -14.90 -32.28
N ARG B 79 -32.35 -13.73 -31.68
CA ARG B 79 -32.60 -13.57 -30.25
C ARG B 79 -34.03 -13.95 -29.90
N ARG B 80 -35.00 -13.51 -30.70
CA ARG B 80 -36.38 -13.90 -30.43
C ARG B 80 -36.58 -15.40 -30.56
N ASP B 81 -35.97 -16.02 -31.58
CA ASP B 81 -36.05 -17.48 -31.72
C ASP B 81 -35.44 -18.18 -30.52
N TYR B 82 -34.17 -17.87 -30.22
CA TYR B 82 -33.50 -18.47 -29.07
C TYR B 82 -34.37 -18.34 -27.82
N ASP B 83 -34.95 -17.17 -27.57
CA ASP B 83 -35.65 -16.94 -26.32
C ASP B 83 -36.87 -17.84 -26.18
N GLN B 84 -37.64 -18.03 -27.23
CA GLN B 84 -38.87 -18.78 -27.02
C GLN B 84 -38.68 -20.28 -27.26
N TYR B 85 -37.49 -20.71 -27.70
CA TYR B 85 -37.18 -22.13 -27.77
C TYR B 85 -36.68 -22.62 -26.40
N TYR B 86 -35.60 -22.02 -25.90
CA TYR B 86 -34.98 -22.49 -24.66
C TYR B 86 -35.64 -21.88 -23.42
N ARG B 87 -35.59 -20.56 -23.30
CA ARG B 87 -36.03 -19.86 -22.11
C ARG B 87 -37.54 -19.99 -21.83
N GLY B 88 -38.37 -20.04 -22.88
CA GLY B 88 -39.80 -19.95 -22.64
C GLY B 88 -40.57 -21.17 -22.19
N PHE B 89 -41.48 -21.66 -23.05
CA PHE B 89 -42.43 -22.71 -22.68
C PHE B 89 -41.71 -24.00 -22.29
N SER B 90 -40.72 -24.40 -23.09
CA SER B 90 -40.00 -25.64 -22.84
C SER B 90 -39.47 -25.65 -21.41
N ASN B 91 -38.73 -24.62 -21.04
CA ASN B 91 -38.03 -24.64 -19.77
C ASN B 91 -38.81 -24.00 -18.62
N ALA B 92 -39.87 -23.23 -18.90
CA ALA B 92 -40.60 -22.64 -17.79
C ALA B 92 -41.90 -23.37 -17.45
N THR B 93 -42.38 -24.25 -18.33
CA THR B 93 -43.60 -25.03 -18.13
C THR B 93 -43.30 -26.53 -18.19
N LEU B 94 -42.81 -27.02 -19.34
CA LEU B 94 -42.59 -28.46 -19.52
C LEU B 94 -41.57 -29.00 -18.50
N TRP B 95 -40.38 -28.38 -18.42
CA TRP B 95 -39.34 -28.94 -17.55
C TRP B 95 -39.78 -29.07 -16.10
N PRO B 96 -40.30 -28.02 -15.44
CA PRO B 96 -40.72 -28.22 -14.03
C PRO B 96 -41.86 -29.21 -13.87
N VAL B 97 -42.88 -29.16 -14.74
CA VAL B 97 -44.01 -30.07 -14.59
C VAL B 97 -43.58 -31.52 -14.79
N PHE B 98 -42.79 -31.78 -15.86
CA PHE B 98 -42.39 -33.18 -16.11
C PHE B 98 -41.51 -33.69 -14.98
N HIS B 99 -40.94 -32.80 -14.17
CA HIS B 99 -40.19 -33.18 -12.98
C HIS B 99 -41.01 -33.02 -11.69
N TYR B 100 -42.35 -32.98 -11.79
CA TYR B 100 -43.23 -32.96 -10.62
C TYR B 100 -43.02 -31.73 -9.73
N ARG B 101 -42.81 -30.58 -10.35
CA ARG B 101 -42.65 -29.32 -9.64
C ARG B 101 -43.71 -28.36 -10.15
N SER B 102 -44.98 -28.61 -9.78
CA SER B 102 -46.07 -27.75 -10.21
C SER B 102 -45.91 -26.35 -9.67
N ASP B 103 -45.18 -26.19 -8.56
CA ASP B 103 -44.95 -24.87 -7.99
C ASP B 103 -44.02 -24.02 -8.83
N LEU B 104 -43.18 -24.62 -9.67
CA LEU B 104 -42.24 -23.86 -10.47
C LEU B 104 -42.74 -23.58 -11.88
N ALA B 105 -43.90 -24.13 -12.25
CA ALA B 105 -44.40 -23.96 -13.61
C ALA B 105 -44.90 -22.53 -13.79
N ARG B 106 -44.58 -21.93 -14.93
CA ARG B 106 -45.09 -20.59 -15.22
C ARG B 106 -45.55 -20.65 -16.68
N PHE B 107 -46.83 -20.93 -16.87
CA PHE B 107 -47.37 -21.01 -18.21
C PHE B 107 -47.66 -19.60 -18.71
N ASP B 108 -47.31 -19.35 -19.97
CA ASP B 108 -47.60 -18.08 -20.63
C ASP B 108 -48.03 -18.34 -22.07
N ARG B 109 -49.15 -17.75 -22.48
CA ARG B 109 -49.72 -18.09 -23.80
C ARG B 109 -48.77 -17.71 -24.95
N GLN B 110 -48.25 -16.48 -24.91
CA GLN B 110 -47.32 -16.06 -25.96
C GLN B 110 -46.08 -16.96 -26.01
N GLU B 111 -45.53 -17.32 -24.85
CA GLU B 111 -44.40 -18.26 -24.88
C GLU B 111 -44.77 -19.56 -25.58
N TYR B 112 -45.96 -20.10 -25.27
CA TYR B 112 -46.38 -21.35 -25.88
C TYR B 112 -46.53 -21.19 -27.38
N ALA B 113 -47.13 -20.09 -27.82
CA ALA B 113 -47.22 -19.82 -29.25
C ALA B 113 -45.83 -19.73 -29.89
N GLY B 114 -44.88 -19.10 -29.19
CA GLY B 114 -43.51 -19.03 -29.70
C GLY B 114 -42.85 -20.40 -29.78
N TYR B 115 -43.18 -21.29 -28.83
CA TYR B 115 -42.71 -22.68 -28.89
C TYR B 115 -43.20 -23.39 -30.14
N LEU B 116 -44.50 -23.25 -30.46
CA LEU B 116 -45.02 -23.85 -31.69
C LEU B 116 -44.41 -23.19 -32.92
N ARG B 117 -44.28 -21.86 -32.92
CA ARG B 117 -43.75 -21.15 -34.07
C ARG B 117 -42.33 -21.59 -34.39
N VAL B 118 -41.48 -21.73 -33.37
CA VAL B 118 -40.10 -22.12 -33.60
C VAL B 118 -40.01 -23.55 -34.11
N ASN B 119 -40.80 -24.48 -33.53
CA ASN B 119 -40.84 -25.83 -34.06
C ASN B 119 -41.24 -25.82 -35.52
N ALA B 120 -42.24 -25.01 -35.90
CA ALA B 120 -42.70 -24.96 -37.29
C ALA B 120 -41.62 -24.43 -38.21
N MET B 121 -40.88 -23.42 -37.74
CA MET B 121 -39.79 -22.87 -38.54
C MET B 121 -38.68 -23.90 -38.76
N LEU B 122 -38.30 -24.61 -37.70
CA LEU B 122 -37.27 -25.64 -37.86
C LEU B 122 -37.76 -26.75 -38.79
N ALA B 123 -39.05 -27.08 -38.70
CA ALA B 123 -39.60 -28.16 -39.50
C ALA B 123 -39.62 -27.77 -40.98
N ARG B 124 -40.02 -26.54 -41.29
CA ARG B 124 -40.00 -26.09 -42.69
C ARG B 124 -38.58 -26.10 -43.25
N GLN B 125 -37.59 -25.74 -42.42
CA GLN B 125 -36.21 -25.79 -42.88
C GLN B 125 -35.76 -27.23 -43.11
N LEU B 126 -36.17 -28.16 -42.24
CA LEU B 126 -35.74 -29.55 -42.43
C LEU B 126 -36.45 -30.20 -43.62
N ALA B 127 -37.73 -29.92 -43.81
CA ALA B 127 -38.50 -30.58 -44.86
C ALA B 127 -37.83 -30.43 -46.21
N ALA B 128 -37.25 -29.28 -46.50
CA ALA B 128 -36.61 -29.05 -47.79
C ALA B 128 -35.37 -29.90 -48.03
N LEU B 129 -34.83 -30.53 -46.99
CA LEU B 129 -33.67 -31.41 -47.16
C LEU B 129 -34.05 -32.88 -47.24
N LEU B 130 -35.30 -33.21 -46.98
CA LEU B 130 -35.67 -34.61 -46.80
C LEU B 130 -35.84 -35.33 -48.14
N ARG B 131 -35.49 -36.61 -48.13
CA ARG B 131 -35.83 -37.55 -49.18
C ARG B 131 -37.00 -38.42 -48.73
N PRO B 132 -37.83 -38.86 -49.68
CA PRO B 132 -39.10 -39.53 -49.29
C PRO B 132 -38.92 -40.71 -48.37
N ASP B 133 -37.77 -41.39 -48.39
CA ASP B 133 -37.55 -42.57 -47.56
C ASP B 133 -36.69 -42.30 -46.32
N ASP B 134 -36.35 -41.05 -46.02
CA ASP B 134 -35.54 -40.77 -44.82
C ASP B 134 -36.27 -41.27 -43.56
N LEU B 135 -35.49 -41.78 -42.60
CA LEU B 135 -35.99 -42.13 -41.28
C LEU B 135 -35.65 -40.99 -40.31
N ILE B 136 -36.66 -40.41 -39.65
CA ILE B 136 -36.51 -39.18 -38.88
C ILE B 136 -36.62 -39.48 -37.39
N TRP B 137 -35.60 -39.09 -36.62
CA TRP B 137 -35.51 -39.37 -35.18
C TRP B 137 -35.39 -38.06 -34.40
N VAL B 138 -36.47 -37.68 -33.69
CA VAL B 138 -36.57 -36.41 -33.01
C VAL B 138 -36.33 -36.61 -31.51
N HIS B 139 -35.56 -35.71 -30.89
CA HIS B 139 -35.12 -35.91 -29.51
C HIS B 139 -35.59 -34.79 -28.59
N ASP B 140 -36.39 -35.17 -27.60
CA ASP B 140 -36.61 -34.43 -26.34
C ASP B 140 -37.62 -33.29 -26.38
N TYR B 141 -37.92 -32.76 -25.19
CA TYR B 141 -39.15 -32.00 -24.93
C TYR B 141 -39.19 -30.66 -25.66
N HIS B 142 -38.04 -30.09 -26.05
CA HIS B 142 -38.07 -28.88 -26.88
C HIS B 142 -38.80 -29.13 -28.20
N LEU B 143 -38.94 -30.38 -28.62
CA LEU B 143 -39.38 -30.70 -29.97
C LEU B 143 -40.62 -31.59 -29.99
N LEU B 144 -41.43 -31.59 -28.91
CA LEU B 144 -42.70 -32.31 -28.96
C LEU B 144 -43.55 -31.98 -30.17
N PRO B 145 -43.68 -30.72 -30.61
CA PRO B 145 -44.56 -30.45 -31.77
C PRO B 145 -43.94 -30.77 -33.12
N PHE B 146 -42.71 -31.28 -33.18
CA PHE B 146 -41.96 -31.28 -34.43
C PHE B 146 -42.62 -32.18 -35.49
N ALA B 147 -43.00 -33.40 -35.10
CA ALA B 147 -43.67 -34.31 -36.02
C ALA B 147 -44.95 -33.71 -36.57
N HIS B 148 -45.73 -33.09 -35.69
CA HIS B 148 -46.97 -32.45 -36.11
C HIS B 148 -46.70 -31.41 -37.18
N CYS B 149 -45.67 -30.58 -36.96
CA CYS B 149 -45.33 -29.56 -37.94
C CYS B 149 -44.93 -30.19 -39.28
N LEU B 150 -44.22 -31.32 -39.23
CA LEU B 150 -43.84 -32.00 -40.47
C LEU B 150 -45.05 -32.56 -41.19
N ARG B 151 -45.98 -33.21 -40.46
CA ARG B 151 -47.16 -33.79 -41.14
C ARG B 151 -47.94 -32.70 -41.86
N GLU B 152 -48.03 -31.52 -41.26
CA GLU B 152 -48.78 -30.44 -41.88
C GLU B 152 -48.07 -29.89 -43.12
N LEU B 153 -46.77 -30.14 -43.27
CA LEU B 153 -46.03 -29.85 -44.48
C LEU B 153 -46.12 -30.99 -45.47
N GLY B 154 -46.88 -32.04 -45.15
CA GLY B 154 -47.07 -33.17 -46.03
C GLY B 154 -46.06 -34.28 -45.90
N VAL B 155 -45.22 -34.27 -44.86
CA VAL B 155 -44.17 -35.28 -44.69
C VAL B 155 -44.80 -36.59 -44.22
N LYS B 156 -44.55 -37.66 -44.98
CA LYS B 156 -45.09 -38.99 -44.69
C LYS B 156 -44.07 -39.96 -44.14
N ASN B 157 -42.78 -39.56 -44.08
CA ASN B 157 -41.66 -40.38 -43.60
C ASN B 157 -41.93 -41.00 -42.23
N PRO B 158 -41.26 -42.09 -41.88
CA PRO B 158 -41.25 -42.54 -40.48
C PRO B 158 -40.62 -41.45 -39.61
N ILE B 159 -41.32 -41.10 -38.53
CA ILE B 159 -40.83 -40.15 -37.55
C ILE B 159 -40.96 -40.77 -36.18
N GLY B 160 -39.84 -40.90 -35.47
CA GLY B 160 -39.82 -41.37 -34.08
C GLY B 160 -39.39 -40.26 -33.13
N PHE B 161 -39.92 -40.31 -31.93
CA PHE B 161 -39.63 -39.36 -30.87
C PHE B 161 -39.07 -40.10 -29.67
N PHE B 162 -38.04 -39.53 -29.04
CA PHE B 162 -37.56 -40.07 -27.77
C PHE B 162 -37.47 -38.97 -26.73
N LEU B 163 -38.15 -39.18 -25.60
CA LEU B 163 -38.16 -38.25 -24.48
C LEU B 163 -37.10 -38.69 -23.48
N HIS B 164 -36.13 -37.82 -23.23
CA HIS B 164 -35.02 -38.13 -22.33
C HIS B 164 -35.37 -37.90 -20.86
N ILE B 165 -36.43 -37.13 -20.59
CA ILE B 165 -36.80 -36.75 -19.22
C ILE B 165 -38.07 -37.52 -18.85
N PRO B 166 -38.54 -37.48 -17.59
CA PRO B 166 -39.74 -38.27 -17.25
C PRO B 166 -40.98 -37.77 -17.97
N PHE B 167 -41.96 -38.68 -18.13
CA PHE B 167 -43.29 -38.25 -18.57
C PHE B 167 -44.25 -38.38 -17.42
N PRO B 168 -44.85 -37.27 -16.97
CA PRO B 168 -45.65 -37.31 -15.75
C PRO B 168 -47.00 -37.96 -15.97
N SER B 169 -47.55 -38.51 -14.88
CA SER B 169 -48.87 -39.12 -14.91
C SER B 169 -49.92 -38.04 -15.17
N PRO B 170 -51.13 -38.43 -15.61
CA PRO B 170 -52.09 -37.43 -16.08
C PRO B 170 -52.39 -36.34 -15.07
N ASP B 171 -52.44 -36.66 -13.77
CA ASP B 171 -52.70 -35.61 -12.79
C ASP B 171 -51.58 -34.59 -12.70
N MET B 172 -50.36 -34.99 -13.02
CA MET B 172 -49.32 -33.97 -13.04
C MET B 172 -49.25 -33.30 -14.41
N LEU B 173 -49.44 -34.07 -15.49
CA LEU B 173 -49.37 -33.50 -16.84
C LEU B 173 -50.35 -32.34 -17.01
N ARG B 174 -51.54 -32.48 -16.44
CA ARG B 174 -52.61 -31.48 -16.57
C ARG B 174 -52.24 -30.12 -16.02
N VAL B 175 -51.19 -30.02 -15.21
CA VAL B 175 -50.71 -28.71 -14.77
C VAL B 175 -50.31 -27.87 -15.99
N VAL B 176 -49.84 -28.50 -17.06
CA VAL B 176 -49.55 -27.85 -18.33
C VAL B 176 -50.87 -27.56 -19.02
N PRO B 177 -51.27 -26.29 -19.17
CA PRO B 177 -52.61 -26.02 -19.68
C PRO B 177 -52.87 -26.62 -21.06
N PRO B 178 -51.92 -26.58 -22.03
CA PRO B 178 -52.22 -27.24 -23.33
C PRO B 178 -51.93 -28.73 -23.35
N HIS B 179 -52.10 -29.43 -22.22
CA HIS B 179 -51.73 -30.84 -22.18
C HIS B 179 -52.40 -31.62 -23.30
N ASP B 180 -53.68 -31.33 -23.59
CA ASP B 180 -54.40 -32.10 -24.63
C ASP B 180 -53.81 -31.88 -26.02
N GLU B 181 -53.55 -30.63 -26.39
CA GLU B 181 -52.91 -30.38 -27.68
C GLU B 181 -51.54 -31.04 -27.75
N LEU B 182 -50.78 -31.03 -26.65
CA LEU B 182 -49.43 -31.59 -26.69
C LEU B 182 -49.47 -33.09 -26.93
N VAL B 183 -50.42 -33.79 -26.31
CA VAL B 183 -50.52 -35.24 -26.52
C VAL B 183 -50.95 -35.55 -27.96
N LYS B 184 -51.89 -34.77 -28.49
CA LYS B 184 -52.22 -34.89 -29.93
C LYS B 184 -50.97 -34.70 -30.79
N PHE B 185 -50.12 -33.72 -30.46
CA PHE B 185 -48.86 -33.59 -31.20
C PHE B 185 -48.00 -34.84 -31.09
N MET B 186 -47.94 -35.46 -29.90
CA MET B 186 -47.11 -36.66 -29.77
C MET B 186 -47.64 -37.80 -30.63
N CYS B 187 -48.95 -37.82 -30.90
CA CYS B 187 -49.48 -38.90 -31.72
C CYS B 187 -49.18 -38.73 -33.18
N ALA B 188 -48.57 -37.60 -33.58
CA ALA B 188 -48.12 -37.47 -34.97
C ALA B 188 -46.91 -38.34 -35.25
N TYR B 189 -46.19 -38.76 -34.20
CA TYR B 189 -45.06 -39.65 -34.37
C TYR B 189 -45.54 -41.09 -34.60
N ASP B 190 -44.84 -41.81 -35.47
CA ASP B 190 -45.10 -43.24 -35.59
C ASP B 190 -44.61 -43.97 -34.35
N ILE B 191 -43.62 -43.42 -33.67
CA ILE B 191 -43.06 -44.02 -32.46
C ILE B 191 -42.93 -42.94 -31.40
N ALA B 192 -43.47 -43.21 -30.21
CA ALA B 192 -43.31 -42.36 -29.04
C ALA B 192 -42.47 -43.16 -28.05
N GLY B 193 -41.19 -42.81 -27.95
CA GLY B 193 -40.27 -43.56 -27.11
C GLY B 193 -40.01 -42.82 -25.81
N PHE B 194 -39.89 -43.59 -24.72
CA PHE B 194 -39.67 -43.04 -23.38
C PHE B 194 -38.51 -43.79 -22.73
N GLN B 195 -38.01 -43.25 -21.62
CA GLN B 195 -36.89 -43.87 -20.92
C GLN B 195 -37.30 -45.18 -20.24
N THR B 196 -38.44 -45.21 -19.56
CA THR B 196 -38.86 -46.34 -18.72
C THR B 196 -40.30 -46.72 -18.99
N ASP B 197 -40.67 -47.91 -18.49
CA ASP B 197 -42.04 -48.39 -18.62
C ASP B 197 -43.06 -47.46 -17.96
N ALA B 198 -42.74 -46.95 -16.77
CA ALA B 198 -43.63 -46.05 -16.06
C ALA B 198 -43.94 -44.78 -16.88
N ASP B 199 -42.92 -44.24 -17.57
CA ASP B 199 -43.15 -43.09 -18.47
C ASP B 199 -44.12 -43.46 -19.59
N LYS B 200 -43.91 -44.60 -20.24
CA LYS B 200 -44.81 -44.93 -21.36
C LYS B 200 -46.22 -45.25 -20.88
N ARG B 201 -46.36 -45.90 -19.71
CA ARG B 201 -47.71 -46.15 -19.16
C ARG B 201 -48.40 -44.84 -18.77
N ALA B 202 -47.65 -43.85 -18.28
CA ALA B 202 -48.26 -42.55 -17.98
C ALA B 202 -48.83 -41.92 -19.24
N PHE B 203 -48.08 -42.01 -20.35
CA PHE B 203 -48.62 -41.55 -21.63
C PHE B 203 -49.83 -42.39 -22.07
N SER B 204 -49.76 -43.71 -21.92
CA SER B 204 -50.91 -44.57 -22.28
C SER B 204 -52.13 -44.28 -21.40
N ASP B 205 -51.89 -44.07 -20.11
CA ASP B 205 -52.98 -43.82 -19.17
C ASP B 205 -53.76 -42.56 -19.54
N TYR B 206 -53.03 -41.49 -19.92
CA TYR B 206 -53.70 -40.26 -20.37
C TYR B 206 -54.62 -40.55 -21.55
N ILE B 207 -54.10 -41.22 -22.56
CA ILE B 207 -54.89 -41.46 -23.76
C ILE B 207 -56.04 -42.42 -23.46
N GLU B 208 -55.78 -43.48 -22.70
CA GLU B 208 -56.84 -44.47 -22.45
C GLU B 208 -57.92 -43.94 -21.54
N ARG B 209 -57.54 -43.39 -20.39
CA ARG B 209 -58.50 -43.03 -19.36
C ARG B 209 -59.26 -41.75 -19.67
N ARG B 210 -58.74 -40.90 -20.57
CA ARG B 210 -59.46 -39.70 -20.95
C ARG B 210 -60.32 -39.88 -22.19
N GLY B 211 -60.47 -41.13 -22.65
CA GLY B 211 -61.33 -41.46 -23.78
C GLY B 211 -60.79 -40.97 -25.10
N ILE B 212 -59.48 -40.73 -25.20
CA ILE B 212 -58.92 -40.25 -26.45
C ILE B 212 -58.64 -41.39 -27.42
N GLY B 213 -58.24 -42.55 -26.92
CA GLY B 213 -57.93 -43.64 -27.83
C GLY B 213 -57.87 -44.95 -27.08
N THR B 214 -57.51 -46.00 -27.81
CA THR B 214 -57.51 -47.37 -27.31
C THR B 214 -56.15 -48.02 -27.59
N ALA B 215 -55.80 -49.02 -26.79
CA ALA B 215 -54.65 -49.86 -27.05
C ALA B 215 -55.05 -51.10 -27.86
N SER B 216 -54.03 -51.82 -28.36
CA SER B 216 -54.24 -53.02 -29.18
C SER B 216 -52.96 -53.83 -29.35
N GLY B 219 -48.94 -53.36 -28.12
CA GLY B 219 -48.62 -52.08 -27.52
C GLY B 219 -48.80 -50.88 -28.44
N MET B 220 -49.69 -51.03 -29.44
CA MET B 220 -49.99 -49.96 -30.37
C MET B 220 -51.18 -49.14 -29.86
N LEU B 221 -51.08 -47.83 -29.99
CA LEU B 221 -52.11 -46.91 -29.54
C LEU B 221 -52.82 -46.34 -30.75
N HIS B 222 -54.14 -46.34 -30.72
CA HIS B 222 -54.97 -45.78 -31.79
C HIS B 222 -55.59 -44.52 -31.22
N ALA B 223 -55.15 -43.36 -31.72
CA ALA B 223 -55.58 -42.08 -31.16
C ALA B 223 -55.37 -41.00 -32.20
N HIS B 224 -56.26 -40.01 -32.17
CA HIS B 224 -56.22 -38.87 -33.09
C HIS B 224 -56.10 -39.35 -34.54
N GLY B 225 -56.82 -40.43 -34.85
CA GLY B 225 -56.86 -40.97 -36.21
C GLY B 225 -55.56 -41.55 -36.71
N ARG B 226 -54.60 -41.78 -35.82
CA ARG B 226 -53.30 -42.32 -36.19
C ARG B 226 -53.00 -43.54 -35.34
N VAL B 227 -51.95 -44.27 -35.71
CA VAL B 227 -51.47 -45.40 -34.95
C VAL B 227 -50.05 -45.11 -34.51
N VAL B 228 -49.80 -45.23 -33.21
CA VAL B 228 -48.54 -44.84 -32.60
C VAL B 228 -47.99 -46.03 -31.84
N LYS B 229 -46.72 -46.36 -32.09
CA LYS B 229 -46.02 -47.36 -31.29
C LYS B 229 -45.49 -46.66 -30.04
N VAL B 230 -45.86 -47.17 -28.86
CA VAL B 230 -45.46 -46.61 -27.57
C VAL B 230 -44.51 -47.60 -26.90
N ALA B 231 -43.30 -47.17 -26.58
CA ALA B 231 -42.31 -48.10 -26.07
C ALA B 231 -41.29 -47.40 -25.18
N ALA B 232 -40.53 -48.19 -24.44
CA ALA B 232 -39.46 -47.70 -23.59
C ALA B 232 -38.13 -48.13 -24.16
N TYR B 233 -37.17 -47.20 -24.19
CA TYR B 233 -35.80 -47.47 -24.65
C TYR B 233 -34.84 -46.83 -23.63
N PRO B 234 -34.57 -47.51 -22.52
CA PRO B 234 -33.70 -46.90 -21.50
C PRO B 234 -32.28 -46.70 -22.04
N ILE B 235 -31.79 -45.47 -21.93
CA ILE B 235 -30.47 -45.16 -22.45
C ILE B 235 -29.41 -45.75 -21.55
N GLY B 236 -28.41 -46.39 -22.15
CA GLY B 236 -27.30 -46.98 -21.44
C GLY B 236 -25.99 -46.27 -21.68
N VAL B 237 -24.89 -46.98 -21.42
CA VAL B 237 -23.54 -46.46 -21.57
C VAL B 237 -22.69 -47.55 -22.23
N TYR B 238 -21.43 -47.24 -22.43
CA TYR B 238 -20.45 -48.22 -22.87
C TYR B 238 -19.55 -48.58 -21.68
N PRO B 239 -19.99 -49.49 -20.81
CA PRO B 239 -19.30 -49.63 -19.52
C PRO B 239 -17.84 -49.99 -19.64
N ASP B 240 -17.48 -50.81 -20.63
CA ASP B 240 -16.09 -51.22 -20.80
C ASP B 240 -15.23 -50.06 -21.28
N ALA B 241 -15.78 -49.17 -22.11
CA ALA B 241 -15.05 -47.99 -22.53
C ALA B 241 -14.86 -47.03 -21.36
N ILE B 242 -15.89 -46.86 -20.53
CA ILE B 242 -15.78 -45.97 -19.38
C ILE B 242 -14.70 -46.46 -18.41
N ALA B 243 -14.67 -47.77 -18.16
CA ALA B 243 -13.67 -48.30 -17.24
C ALA B 243 -12.26 -48.08 -17.77
N GLU B 244 -12.04 -48.32 -19.06
CA GLU B 244 -10.70 -48.10 -19.62
C GLU B 244 -10.30 -46.64 -19.52
N ALA B 245 -11.24 -45.73 -19.78
CA ALA B 245 -10.95 -44.30 -19.68
C ALA B 245 -10.61 -43.90 -18.25
N ALA B 246 -11.27 -44.52 -17.27
CA ALA B 246 -10.97 -44.21 -15.88
C ALA B 246 -9.56 -44.60 -15.51
N VAL B 247 -9.09 -45.73 -16.04
CA VAL B 247 -7.72 -46.13 -15.77
C VAL B 247 -6.74 -45.26 -16.55
N GLN B 248 -7.05 -44.95 -17.81
CA GLN B 248 -6.13 -44.17 -18.62
C GLN B 248 -5.90 -42.79 -18.04
N TYR B 249 -6.91 -42.23 -17.36
CA TYR B 249 -6.81 -40.90 -16.77
C TYR B 249 -6.48 -40.95 -15.27
N GLY B 250 -6.22 -42.14 -14.71
CA GLY B 250 -6.00 -42.26 -13.28
C GLY B 250 -4.77 -41.54 -12.76
N GLY B 251 -3.88 -41.11 -13.64
CA GLY B 251 -2.68 -40.42 -13.23
C GLY B 251 -2.61 -38.96 -13.59
N ARG B 252 -3.72 -38.36 -14.03
CA ARG B 252 -3.69 -36.94 -14.34
C ARG B 252 -3.51 -36.13 -13.05
N LYS B 253 -3.07 -34.88 -13.23
CA LYS B 253 -2.82 -34.01 -12.08
C LYS B 253 -4.06 -33.78 -11.22
N PRO B 254 -5.24 -33.50 -11.77
CA PRO B 254 -6.42 -33.33 -10.89
C PRO B 254 -6.74 -34.58 -10.07
N VAL B 255 -6.46 -35.77 -10.58
CA VAL B 255 -6.73 -36.99 -9.84
C VAL B 255 -5.75 -37.14 -8.68
N LYS B 256 -4.48 -36.86 -8.93
CA LYS B 256 -3.46 -36.88 -7.89
C LYS B 256 -3.69 -35.77 -6.87
N MET B 257 -4.19 -34.62 -7.31
CA MET B 257 -4.53 -33.56 -6.35
C MET B 257 -5.55 -34.07 -5.34
N LEU B 258 -6.63 -34.67 -5.85
CA LEU B 258 -7.68 -35.17 -4.97
C LEU B 258 -7.17 -36.32 -4.10
N ARG B 259 -6.42 -37.24 -4.70
CA ARG B 259 -5.90 -38.37 -3.93
C ARG B 259 -5.05 -37.88 -2.76
N ASP B 260 -4.06 -37.00 -3.04
CA ASP B 260 -3.18 -36.51 -2.00
C ASP B 260 -3.93 -35.75 -0.92
N ALA B 261 -4.94 -34.95 -1.32
CA ALA B 261 -5.67 -34.14 -0.35
C ALA B 261 -6.50 -35.01 0.59
N LEU B 262 -7.03 -36.12 0.08
CA LEU B 262 -7.83 -37.01 0.91
C LEU B 262 -6.98 -37.62 2.03
N GLY B 263 -5.75 -38.01 1.70
CA GLY B 263 -4.83 -38.56 2.68
C GLY B 263 -5.44 -39.66 3.52
N GLY B 264 -6.02 -40.68 2.87
CA GLY B 264 -6.60 -41.80 3.56
C GLY B 264 -8.06 -41.67 3.88
N ARG B 265 -8.60 -40.45 3.88
CA ARG B 265 -10.04 -40.28 4.07
C ARG B 265 -10.81 -40.97 2.97
N LYS B 266 -12.00 -41.46 3.32
CA LYS B 266 -12.92 -42.00 2.35
C LYS B 266 -13.56 -40.88 1.53
N LEU B 267 -14.00 -41.23 0.32
CA LEU B 267 -14.47 -40.26 -0.64
C LEU B 267 -15.88 -40.61 -1.10
N VAL B 268 -16.80 -39.68 -0.94
CA VAL B 268 -18.15 -39.77 -1.51
C VAL B 268 -18.23 -38.78 -2.67
N MET B 269 -18.61 -39.28 -3.85
CA MET B 269 -18.57 -38.51 -5.09
C MET B 269 -19.97 -38.25 -5.62
N SER B 270 -20.19 -37.00 -6.08
CA SER B 270 -21.41 -36.57 -6.77
C SER B 270 -21.04 -35.65 -7.92
N VAL B 271 -21.71 -35.82 -9.06
CA VAL B 271 -21.63 -34.93 -10.21
C VAL B 271 -23.07 -34.66 -10.69
N ASP B 272 -23.47 -33.38 -10.69
CA ASP B 272 -24.83 -32.99 -11.06
C ASP B 272 -24.82 -31.58 -11.64
N ARG B 273 -25.64 -31.34 -12.66
CA ARG B 273 -26.03 -29.96 -12.93
C ARG B 273 -26.73 -29.39 -11.71
N LEU B 274 -26.57 -28.09 -11.50
CA LEU B 274 -27.23 -27.44 -10.36
C LEU B 274 -28.70 -27.23 -10.70
N ASP B 275 -29.42 -28.34 -10.75
CA ASP B 275 -30.83 -28.37 -11.09
C ASP B 275 -31.66 -28.67 -9.84
N TYR B 276 -32.85 -28.09 -9.74
CA TYR B 276 -33.69 -28.46 -8.62
C TYR B 276 -34.18 -29.91 -8.70
N SER B 277 -34.10 -30.56 -9.86
CA SER B 277 -34.50 -31.97 -9.91
C SER B 277 -33.50 -32.89 -9.23
N LYS B 278 -32.29 -32.41 -8.95
CA LYS B 278 -31.22 -33.30 -8.53
C LYS B 278 -31.20 -33.55 -7.01
N GLY B 279 -32.08 -32.90 -6.27
CA GLY B 279 -32.15 -33.16 -4.82
C GLY B 279 -30.86 -32.87 -4.07
N LEU B 280 -30.15 -31.80 -4.45
CA LEU B 280 -28.84 -31.51 -3.84
C LEU B 280 -28.97 -31.04 -2.40
N VAL B 281 -30.00 -30.25 -2.08
CA VAL B 281 -30.19 -29.80 -0.70
C VAL B 281 -30.44 -31.00 0.22
N GLU B 282 -31.40 -31.86 -0.14
CA GLU B 282 -31.66 -33.07 0.65
C GLU B 282 -30.40 -33.91 0.77
N ARG B 283 -29.61 -33.96 -0.31
CA ARG B 283 -28.37 -34.73 -0.30
C ARG B 283 -27.39 -34.20 0.75
N PHE B 284 -27.19 -32.87 0.78
CA PHE B 284 -26.24 -32.28 1.72
C PHE B 284 -26.68 -32.53 3.15
N GLN B 285 -27.97 -32.30 3.43
CA GLN B 285 -28.50 -32.47 4.77
C GLN B 285 -28.42 -33.92 5.25
N SER B 286 -28.50 -34.88 4.33
CA SER B 286 -28.41 -36.29 4.73
C SER B 286 -27.00 -36.66 5.14
N PHE B 287 -26.01 -36.13 4.42
CA PHE B 287 -24.60 -36.28 4.82
C PHE B 287 -24.35 -35.56 6.14
N GLU B 288 -24.91 -34.37 6.32
CA GLU B 288 -24.84 -33.70 7.62
C GLU B 288 -25.42 -34.59 8.71
N ARG B 289 -26.61 -35.15 8.48
CA ARG B 289 -27.23 -36.05 9.44
C ARG B 289 -26.38 -37.29 9.68
N MET B 290 -25.70 -37.79 8.65
CA MET B 290 -24.85 -38.96 8.87
C MET B 290 -23.68 -38.61 9.79
N LEU B 291 -23.02 -37.48 9.55
CA LEU B 291 -21.90 -37.06 10.40
C LEU B 291 -22.35 -36.83 11.84
N ALA B 292 -23.56 -36.28 12.01
CA ALA B 292 -24.10 -36.02 13.34
C ALA B 292 -24.40 -37.31 14.09
N GLY B 293 -24.97 -38.31 13.41
CA GLY B 293 -25.36 -39.53 14.09
C GLY B 293 -24.22 -40.50 14.30
N ALA B 294 -23.14 -40.37 13.53
CA ALA B 294 -21.96 -41.23 13.62
C ALA B 294 -20.74 -40.34 13.70
N PRO B 295 -20.51 -39.70 14.85
CA PRO B 295 -19.44 -38.69 14.92
C PRO B 295 -18.05 -39.21 14.56
N ASP B 296 -17.79 -40.52 14.67
CA ASP B 296 -16.47 -41.03 14.30
C ASP B 296 -16.17 -40.82 12.82
N TRP B 297 -17.21 -40.59 11.99
CA TRP B 297 -16.94 -40.34 10.57
C TRP B 297 -16.36 -38.95 10.34
N GLN B 298 -16.52 -38.03 11.28
CA GLN B 298 -15.98 -36.69 11.11
C GLN B 298 -14.48 -36.73 10.95
N GLY B 299 -13.98 -36.09 9.89
CA GLY B 299 -12.57 -36.11 9.60
C GLY B 299 -12.08 -37.34 8.89
N ARG B 300 -12.93 -38.35 8.69
CA ARG B 300 -12.53 -39.60 8.05
C ARG B 300 -13.17 -39.82 6.69
N VAL B 301 -14.11 -38.96 6.28
CA VAL B 301 -14.75 -39.05 4.98
C VAL B 301 -14.92 -37.63 4.44
N SER B 302 -14.85 -37.51 3.11
CA SER B 302 -15.06 -36.24 2.42
C SER B 302 -16.09 -36.42 1.31
N PHE B 303 -17.03 -35.49 1.23
CA PHE B 303 -18.08 -35.47 0.23
C PHE B 303 -17.68 -34.43 -0.81
N VAL B 304 -17.38 -34.88 -2.04
CA VAL B 304 -17.09 -33.98 -3.14
C VAL B 304 -18.33 -33.87 -4.02
N GLN B 305 -18.83 -32.65 -4.17
CA GLN B 305 -19.99 -32.38 -5.03
C GLN B 305 -19.51 -31.47 -6.15
N ILE B 306 -19.40 -32.02 -7.36
CA ILE B 306 -19.15 -31.23 -8.55
C ILE B 306 -20.50 -30.86 -9.13
N ALA B 307 -20.77 -29.56 -9.26
CA ALA B 307 -22.10 -29.08 -9.61
C ALA B 307 -21.94 -27.85 -10.48
N PRO B 308 -21.72 -28.04 -11.77
CA PRO B 308 -21.59 -26.89 -12.68
C PRO B 308 -22.92 -26.17 -12.80
N PRO B 309 -22.90 -24.84 -12.87
CA PRO B 309 -24.16 -24.09 -12.95
C PRO B 309 -24.89 -24.38 -14.25
N THR B 310 -26.22 -24.18 -14.21
CA THR B 310 -27.08 -24.46 -15.34
C THR B 310 -28.25 -23.48 -15.33
N ARG B 311 -28.61 -22.98 -16.52
CA ARG B 311 -29.73 -22.05 -16.68
C ARG B 311 -29.67 -20.91 -15.65
N SER B 312 -28.47 -20.32 -15.52
CA SER B 312 -28.22 -19.34 -14.46
C SER B 312 -29.07 -18.09 -14.58
N ASP B 313 -29.61 -17.78 -15.76
CA ASP B 313 -30.42 -16.58 -15.92
C ASP B 313 -31.89 -16.81 -15.60
N VAL B 314 -32.23 -17.99 -15.10
CA VAL B 314 -33.60 -18.33 -14.74
C VAL B 314 -33.76 -18.17 -13.24
N GLN B 315 -34.76 -17.39 -12.83
CA GLN B 315 -34.91 -17.09 -11.41
C GLN B 315 -35.08 -18.36 -10.57
N THR B 316 -35.79 -19.38 -11.10
CA THR B 316 -36.00 -20.59 -10.31
C THR B 316 -34.70 -21.32 -10.02
N TYR B 317 -33.75 -21.28 -10.94
CA TYR B 317 -32.47 -21.94 -10.72
C TYR B 317 -31.57 -21.13 -9.80
N GLN B 318 -31.72 -19.81 -9.78
CA GLN B 318 -30.94 -19.00 -8.86
C GLN B 318 -31.36 -19.30 -7.42
N ARG B 319 -32.66 -19.51 -7.20
CA ARG B 319 -33.14 -19.78 -5.86
C ARG B 319 -32.56 -21.07 -5.29
N ILE B 320 -32.57 -22.16 -6.08
CA ILE B 320 -32.01 -23.41 -5.56
C ILE B 320 -30.50 -23.28 -5.35
N ARG B 321 -29.82 -22.53 -6.23
CA ARG B 321 -28.38 -22.37 -6.09
C ARG B 321 -28.03 -21.62 -4.80
N GLU B 322 -28.75 -20.52 -4.50
CA GLU B 322 -28.53 -19.79 -3.26
C GLU B 322 -28.79 -20.66 -2.04
N THR B 323 -29.89 -21.44 -2.06
CA THR B 323 -30.23 -22.34 -0.96
C THR B 323 -29.14 -23.37 -0.74
N LEU B 324 -28.60 -23.93 -1.83
CA LEU B 324 -27.55 -24.94 -1.72
C LEU B 324 -26.26 -24.36 -1.14
N GLU B 325 -25.87 -23.14 -1.57
CA GLU B 325 -24.64 -22.51 -1.08
C GLU B 325 -24.73 -22.27 0.43
N ARG B 326 -25.88 -21.80 0.89
CA ARG B 326 -26.09 -21.58 2.30
C ARG B 326 -25.96 -22.89 3.08
N GLU B 327 -26.53 -23.98 2.55
CA GLU B 327 -26.42 -25.28 3.21
C GLU B 327 -24.97 -25.77 3.23
N ALA B 328 -24.23 -25.56 2.14
CA ALA B 328 -22.81 -25.89 2.16
C ALA B 328 -22.08 -25.11 3.25
N GLY B 329 -22.33 -23.81 3.31
CA GLY B 329 -21.66 -22.99 4.32
C GLY B 329 -22.06 -23.38 5.73
N ARG B 330 -23.36 -23.63 5.94
CA ARG B 330 -23.83 -23.98 7.28
C ARG B 330 -23.24 -25.31 7.71
N ILE B 331 -23.25 -26.30 6.84
CA ILE B 331 -22.80 -27.64 7.22
C ILE B 331 -21.29 -27.66 7.46
N ASN B 332 -20.52 -27.05 6.57
CA ASN B 332 -19.07 -26.97 6.77
C ASN B 332 -18.73 -26.18 8.02
N GLY B 333 -19.42 -25.07 8.26
CA GLY B 333 -19.21 -24.34 9.49
C GLY B 333 -19.48 -25.18 10.72
N ARG B 334 -20.48 -26.07 10.65
CA ARG B 334 -20.82 -26.89 11.81
C ARG B 334 -19.74 -27.94 12.08
N PHE B 335 -19.22 -28.59 11.04
CA PHE B 335 -18.38 -29.77 11.24
C PHE B 335 -16.93 -29.62 10.84
N ALA B 336 -16.55 -28.58 10.10
CA ALA B 336 -15.17 -28.51 9.63
C ALA B 336 -14.20 -28.45 10.80
N GLN B 337 -13.02 -29.02 10.57
CA GLN B 337 -11.86 -28.90 11.41
C GLN B 337 -10.79 -28.19 10.60
N LEU B 338 -9.72 -27.80 11.28
CA LEU B 338 -8.71 -26.95 10.66
C LEU B 338 -8.05 -27.61 9.45
N ASP B 339 -8.20 -28.93 9.28
CA ASP B 339 -7.63 -29.62 8.12
C ASP B 339 -8.67 -30.46 7.39
N TRP B 340 -9.95 -30.15 7.53
CA TRP B 340 -11.02 -31.01 6.99
C TRP B 340 -12.20 -30.14 6.59
N THR B 341 -12.47 -30.08 5.28
CA THR B 341 -13.69 -29.48 4.76
C THR B 341 -14.68 -30.61 4.52
N PRO B 342 -15.80 -30.66 5.25
CA PRO B 342 -16.74 -31.81 5.09
C PRO B 342 -17.30 -31.95 3.68
N ILE B 343 -17.86 -30.87 3.13
CA ILE B 343 -18.45 -30.89 1.79
C ILE B 343 -17.59 -29.99 0.91
N GLN B 344 -16.86 -30.60 -0.03
CA GLN B 344 -16.09 -29.85 -1.01
C GLN B 344 -17.02 -29.62 -2.20
N TYR B 345 -17.53 -28.39 -2.28
CA TYR B 345 -18.55 -28.02 -3.23
C TYR B 345 -17.86 -27.21 -4.33
N LEU B 346 -17.90 -27.71 -5.57
CA LEU B 346 -17.14 -27.12 -6.66
C LEU B 346 -18.08 -26.83 -7.83
N ASN B 347 -18.10 -25.57 -8.27
CA ASN B 347 -18.89 -25.19 -9.44
C ASN B 347 -18.14 -25.37 -10.75
N ARG B 348 -16.96 -25.98 -10.72
CA ARG B 348 -16.18 -26.19 -11.93
C ARG B 348 -16.73 -27.37 -12.74
N LYS B 349 -16.52 -27.32 -14.05
CA LYS B 349 -16.79 -28.45 -14.92
C LYS B 349 -15.49 -29.22 -15.14
N TYR B 350 -15.57 -30.55 -15.17
CA TYR B 350 -14.37 -31.33 -15.43
C TYR B 350 -14.57 -32.17 -16.70
N GLU B 351 -13.46 -32.40 -17.40
CA GLU B 351 -13.50 -33.29 -18.56
C GLU B 351 -14.05 -34.65 -18.14
N ARG B 352 -14.94 -35.20 -18.98
CA ARG B 352 -15.67 -36.39 -18.61
C ARG B 352 -14.73 -37.53 -18.21
N ASN B 353 -13.59 -37.64 -18.88
CA ASN B 353 -12.66 -38.72 -18.54
C ASN B 353 -12.05 -38.53 -17.16
N LEU B 354 -11.85 -37.28 -16.73
CA LEU B 354 -11.40 -37.07 -15.35
C LEU B 354 -12.45 -37.57 -14.37
N LEU B 355 -13.74 -37.35 -14.65
CA LEU B 355 -14.77 -37.75 -13.72
C LEU B 355 -14.74 -39.25 -13.46
N MET B 356 -14.58 -40.06 -14.53
CA MET B 356 -14.53 -41.51 -14.37
C MET B 356 -13.38 -41.91 -13.44
N ALA B 357 -12.24 -41.24 -13.56
CA ALA B 357 -11.14 -41.48 -12.64
C ALA B 357 -11.51 -41.07 -11.21
N PHE B 358 -12.25 -39.97 -11.04
CA PHE B 358 -12.71 -39.58 -9.71
C PHE B 358 -13.67 -40.63 -9.15
N PHE B 359 -14.63 -41.06 -9.97
CA PHE B 359 -15.58 -42.08 -9.55
C PHE B 359 -14.84 -43.33 -9.10
N ARG B 360 -13.90 -43.79 -9.92
CA ARG B 360 -13.16 -45.01 -9.63
C ARG B 360 -12.42 -44.90 -8.29
N MET B 361 -11.83 -43.73 -8.02
CA MET B 361 -11.11 -43.52 -6.78
C MET B 361 -12.03 -43.57 -5.57
N SER B 362 -13.29 -43.16 -5.73
CA SER B 362 -14.21 -42.98 -4.62
C SER B 362 -14.73 -44.33 -4.09
N GLN B 363 -15.22 -44.30 -2.85
CA GLN B 363 -15.87 -45.44 -2.22
C GLN B 363 -17.39 -45.39 -2.35
N VAL B 364 -17.99 -44.22 -2.53
CA VAL B 364 -19.45 -44.10 -2.63
C VAL B 364 -19.81 -43.16 -3.77
N GLY B 365 -20.78 -43.58 -4.58
CA GLY B 365 -21.43 -42.69 -5.53
C GLY B 365 -22.78 -42.30 -4.97
N TYR B 366 -23.07 -41.00 -5.03
CA TYR B 366 -24.17 -40.39 -4.29
C TYR B 366 -25.07 -39.68 -5.31
N VAL B 367 -26.16 -40.33 -5.71
CA VAL B 367 -26.97 -39.88 -6.85
C VAL B 367 -28.43 -39.90 -6.39
N THR B 368 -28.97 -38.73 -5.98
CA THR B 368 -30.27 -38.71 -5.29
C THR B 368 -31.27 -37.72 -5.89
N PRO B 369 -31.54 -37.77 -7.21
CA PRO B 369 -32.53 -36.85 -7.79
C PRO B 369 -33.93 -37.08 -7.26
N LEU B 370 -34.69 -36.00 -7.15
CA LEU B 370 -36.09 -36.12 -6.78
C LEU B 370 -36.93 -36.67 -7.95
N ARG B 371 -36.54 -36.37 -9.19
CA ARG B 371 -37.03 -36.99 -10.41
C ARG B 371 -35.92 -36.91 -11.43
N ASP B 372 -35.73 -38.00 -12.18
CA ASP B 372 -34.74 -38.00 -13.26
C ASP B 372 -35.19 -38.98 -14.34
N GLY B 373 -35.13 -38.54 -15.60
CA GLY B 373 -35.50 -39.43 -16.70
C GLY B 373 -34.75 -40.74 -16.66
N MET B 374 -33.43 -40.67 -16.49
CA MET B 374 -32.61 -41.86 -16.37
C MET B 374 -31.51 -41.66 -15.32
N ASN B 375 -30.68 -40.64 -15.55
CA ASN B 375 -29.46 -40.30 -14.80
C ASN B 375 -28.31 -41.20 -15.22
N LEU B 376 -27.50 -40.72 -16.15
CA LEU B 376 -26.36 -41.48 -16.63
C LEU B 376 -25.17 -41.43 -15.69
N VAL B 377 -25.08 -40.39 -14.86
CA VAL B 377 -24.03 -40.39 -13.86
C VAL B 377 -24.08 -41.66 -13.02
N ALA B 378 -25.29 -42.09 -12.65
CA ALA B 378 -25.41 -43.33 -11.87
C ALA B 378 -24.79 -44.50 -12.62
N LYS B 379 -25.06 -44.60 -13.92
CA LYS B 379 -24.50 -45.69 -14.72
C LYS B 379 -23.00 -45.51 -14.95
N GLU B 380 -22.57 -44.26 -15.17
CA GLU B 380 -21.14 -44.00 -15.33
C GLU B 380 -20.38 -44.34 -14.06
N TYR B 381 -20.97 -44.07 -12.90
CA TYR B 381 -20.28 -44.35 -11.65
C TYR B 381 -19.93 -45.82 -11.52
N VAL B 382 -20.94 -46.70 -11.71
CA VAL B 382 -20.70 -48.14 -11.61
C VAL B 382 -19.66 -48.60 -12.62
N ALA B 383 -19.78 -48.13 -13.86
CA ALA B 383 -18.88 -48.60 -14.91
C ALA B 383 -17.44 -48.18 -14.67
N SER B 384 -17.21 -47.14 -13.88
CA SER B 384 -15.85 -46.68 -13.64
C SER B 384 -15.11 -47.58 -12.64
N GLN B 385 -15.84 -48.40 -11.89
CA GLN B 385 -15.27 -49.04 -10.73
C GLN B 385 -14.25 -50.12 -11.08
N ASP B 386 -13.29 -50.29 -10.19
CA ASP B 386 -12.39 -51.43 -10.25
C ASP B 386 -13.14 -52.62 -9.67
N PRO B 387 -13.37 -53.69 -10.44
CA PRO B 387 -14.12 -54.85 -9.91
C PRO B 387 -13.42 -55.54 -8.74
N ALA B 388 -12.12 -55.35 -8.58
CA ALA B 388 -11.38 -55.94 -7.46
C ALA B 388 -11.61 -55.19 -6.15
N ASP B 389 -12.07 -53.95 -6.22
CA ASP B 389 -12.34 -53.10 -5.07
C ASP B 389 -13.39 -52.07 -5.46
N PRO B 390 -14.65 -52.47 -5.68
CA PRO B 390 -15.62 -51.54 -6.25
C PRO B 390 -16.36 -50.73 -5.20
N GLY B 391 -16.66 -49.48 -5.58
CA GLY B 391 -17.44 -48.59 -4.75
C GLY B 391 -18.91 -48.96 -4.77
N VAL B 392 -19.68 -48.24 -3.95
CA VAL B 392 -21.10 -48.52 -3.75
C VAL B 392 -21.91 -47.35 -4.28
N LEU B 393 -22.99 -47.65 -5.01
CA LEU B 393 -23.88 -46.61 -5.55
C LEU B 393 -25.08 -46.45 -4.62
N VAL B 394 -25.27 -45.23 -4.12
CA VAL B 394 -26.46 -44.83 -3.38
C VAL B 394 -27.34 -44.02 -4.33
N LEU B 395 -28.53 -44.55 -4.64
CA LEU B 395 -29.33 -44.06 -5.75
C LEU B 395 -30.78 -43.83 -5.35
N SER B 396 -31.30 -42.67 -5.73
CA SER B 396 -32.71 -42.35 -5.52
C SER B 396 -33.59 -43.28 -6.36
N GLU B 397 -34.65 -43.82 -5.74
CA GLU B 397 -35.63 -44.62 -6.46
C GLU B 397 -36.45 -43.83 -7.47
N PHE B 398 -36.30 -42.50 -7.51
CA PHE B 398 -37.04 -41.68 -8.45
C PHE B 398 -36.21 -41.35 -9.69
N ALA B 399 -35.01 -41.90 -9.80
CA ALA B 399 -34.24 -41.89 -11.03
C ALA B 399 -34.65 -43.05 -11.92
N GLY B 400 -34.75 -42.81 -13.22
CA GLY B 400 -35.10 -43.91 -14.12
C GLY B 400 -34.14 -45.07 -14.04
N ALA B 401 -32.86 -44.80 -13.76
CA ALA B 401 -31.85 -45.86 -13.62
C ALA B 401 -32.15 -46.81 -12.47
N ALA B 402 -32.99 -46.40 -11.51
CA ALA B 402 -33.29 -47.30 -10.39
C ALA B 402 -34.00 -48.55 -10.88
N ALA B 403 -34.71 -48.48 -12.01
CA ALA B 403 -35.42 -49.65 -12.52
C ALA B 403 -34.47 -50.74 -13.00
N GLU B 404 -33.20 -50.41 -13.24
CA GLU B 404 -32.22 -51.40 -13.70
C GLU B 404 -31.15 -51.74 -12.68
N LEU B 405 -30.70 -50.78 -11.87
CA LEU B 405 -29.51 -50.96 -11.06
C LEU B 405 -29.90 -51.49 -9.68
N GLY B 406 -30.29 -52.77 -9.68
CA GLY B 406 -30.71 -53.43 -8.46
C GLY B 406 -29.59 -53.63 -7.45
N GLY B 407 -28.33 -53.56 -7.89
CA GLY B 407 -27.22 -53.62 -6.94
C GLY B 407 -26.99 -52.35 -6.14
N ALA B 408 -27.63 -51.25 -6.52
CA ALA B 408 -27.52 -50.00 -5.79
C ALA B 408 -28.23 -50.11 -4.45
N LEU B 409 -27.84 -49.25 -3.51
CA LEU B 409 -28.62 -49.01 -2.31
C LEU B 409 -29.67 -47.96 -2.68
N LEU B 410 -30.91 -48.41 -2.86
CA LEU B 410 -31.98 -47.51 -3.28
C LEU B 410 -32.55 -46.75 -2.09
N VAL B 411 -32.76 -45.44 -2.27
CA VAL B 411 -33.23 -44.60 -1.19
C VAL B 411 -34.35 -43.70 -1.68
N ASN B 412 -35.23 -43.32 -0.75
CA ASN B 412 -36.20 -42.26 -0.97
C ASN B 412 -35.59 -40.96 -0.41
N PRO B 413 -35.25 -39.98 -1.27
CA PRO B 413 -34.60 -38.77 -0.78
C PRO B 413 -35.47 -37.87 0.11
N TYR B 414 -36.76 -38.11 0.22
CA TYR B 414 -37.53 -37.36 1.20
C TYR B 414 -37.33 -37.88 2.62
N ASP B 415 -36.55 -38.96 2.79
CA ASP B 415 -36.27 -39.57 4.09
C ASP B 415 -34.77 -39.42 4.33
N HIS B 416 -34.40 -38.31 4.99
CA HIS B 416 -32.99 -38.00 5.19
C HIS B 416 -32.29 -39.09 5.99
N ALA B 417 -32.98 -39.65 6.99
CA ALA B 417 -32.36 -40.70 7.83
C ALA B 417 -32.02 -41.92 7.00
N GLN B 418 -32.91 -42.33 6.08
CA GLN B 418 -32.60 -43.47 5.22
C GLN B 418 -31.39 -43.18 4.36
N MET B 419 -31.31 -41.95 3.83
CA MET B 419 -30.15 -41.59 3.05
C MET B 419 -28.88 -41.58 3.91
N ALA B 420 -28.97 -41.10 5.15
CA ALA B 420 -27.78 -41.10 6.00
C ALA B 420 -27.34 -42.53 6.29
N ASP B 421 -28.32 -43.41 6.61
CA ASP B 421 -28.01 -44.83 6.87
C ASP B 421 -27.39 -45.50 5.65
N ALA B 422 -27.90 -45.21 4.46
CA ALA B 422 -27.32 -45.80 3.26
C ALA B 422 -25.88 -45.33 3.04
N LEU B 423 -25.60 -44.05 3.29
CA LEU B 423 -24.22 -43.57 3.22
C LEU B 423 -23.33 -44.35 4.17
N ALA B 424 -23.76 -44.50 5.42
CA ALA B 424 -22.97 -45.25 6.39
C ALA B 424 -22.79 -46.70 5.96
N ARG B 425 -23.87 -47.33 5.49
CA ARG B 425 -23.75 -48.72 5.05
C ARG B 425 -22.80 -48.84 3.88
N ALA B 426 -22.90 -47.93 2.91
CA ALA B 426 -22.00 -47.95 1.76
C ALA B 426 -20.55 -47.80 2.19
N LEU B 427 -20.29 -46.93 3.17
CA LEU B 427 -18.91 -46.66 3.61
C LEU B 427 -18.30 -47.83 4.38
N ALA B 428 -19.11 -48.68 4.99
CA ALA B 428 -18.63 -49.81 5.79
C ALA B 428 -18.85 -51.16 5.11
N MET B 429 -19.32 -51.18 3.87
CA MET B 429 -19.76 -52.42 3.27
C MET B 429 -18.56 -53.34 2.99
N PRO B 430 -18.60 -54.60 3.44
CA PRO B 430 -17.50 -55.52 3.16
C PRO B 430 -17.30 -55.76 1.67
N LEU B 431 -16.07 -56.17 1.33
CA LEU B 431 -15.68 -56.37 -0.06
C LEU B 431 -16.61 -57.32 -0.79
N ALA B 432 -17.05 -58.39 -0.13
CA ALA B 432 -17.84 -59.42 -0.80
C ALA B 432 -19.16 -58.85 -1.30
N GLU B 433 -19.88 -58.13 -0.43
CA GLU B 433 -21.15 -57.57 -0.85
C GLU B 433 -20.96 -56.47 -1.89
N ARG B 434 -19.90 -55.68 -1.75
CA ARG B 434 -19.63 -54.65 -2.77
C ARG B 434 -19.42 -55.28 -4.14
N GLN B 435 -18.73 -56.43 -4.18
CA GLN B 435 -18.52 -57.11 -5.45
C GLN B 435 -19.80 -57.75 -5.98
N ALA B 436 -20.64 -58.31 -5.10
CA ALA B 436 -21.89 -58.89 -5.56
C ALA B 436 -22.79 -57.81 -6.15
N ARG B 437 -22.93 -56.69 -5.45
CA ARG B 437 -23.76 -55.60 -5.95
C ARG B 437 -23.19 -55.00 -7.23
N HIS B 438 -21.87 -54.84 -7.30
CA HIS B 438 -21.25 -54.26 -8.48
C HIS B 438 -21.41 -55.16 -9.70
N GLU B 439 -21.22 -56.47 -9.54
CA GLU B 439 -21.39 -57.39 -10.67
C GLU B 439 -22.83 -57.41 -11.14
N GLU B 440 -23.79 -57.28 -10.23
CA GLU B 440 -25.18 -57.17 -10.64
C GLU B 440 -25.41 -55.90 -11.46
N ASN B 441 -24.88 -54.77 -11.01
CA ASN B 441 -25.04 -53.55 -11.80
C ASN B 441 -24.27 -53.62 -13.11
N LEU B 442 -23.05 -54.19 -13.08
CA LEU B 442 -22.26 -54.27 -14.31
C LEU B 442 -22.94 -55.15 -15.35
N ALA B 443 -23.48 -56.31 -14.94
CA ALA B 443 -24.18 -57.16 -15.89
C ALA B 443 -25.37 -56.43 -16.51
N GLN B 444 -26.08 -55.62 -15.72
CA GLN B 444 -27.17 -54.85 -16.30
C GLN B 444 -26.65 -53.88 -17.35
N LEU B 445 -25.58 -53.15 -17.02
CA LEU B 445 -25.03 -52.20 -17.99
C LEU B 445 -24.57 -52.90 -19.26
N ARG B 446 -23.97 -54.10 -19.13
CA ARG B 446 -23.54 -54.82 -20.32
C ARG B 446 -24.72 -55.40 -21.08
N ASN B 447 -25.83 -55.68 -20.40
CA ASN B 447 -27.02 -56.23 -21.04
C ASN B 447 -27.83 -55.16 -21.78
N ASN B 448 -27.70 -53.90 -21.39
CA ASN B 448 -28.41 -52.79 -22.01
C ASN B 448 -27.44 -51.63 -22.24
N ASP B 449 -26.39 -51.88 -23.01
CA ASP B 449 -25.45 -50.80 -23.25
C ASP B 449 -26.02 -49.84 -24.30
N LEU B 450 -25.30 -48.75 -24.54
CA LEU B 450 -25.83 -47.70 -25.41
C LEU B 450 -26.18 -48.23 -26.81
N SER B 451 -25.52 -49.31 -27.25
CA SER B 451 -25.82 -49.92 -28.56
C SER B 451 -27.27 -50.39 -28.66
N VAL B 452 -27.81 -50.88 -27.55
CA VAL B 452 -29.18 -51.41 -27.55
C VAL B 452 -30.18 -50.30 -27.82
N TRP B 453 -30.00 -49.16 -27.17
CA TRP B 453 -30.86 -48.00 -27.38
C TRP B 453 -30.86 -47.59 -28.85
N ARG B 454 -29.67 -47.48 -29.44
CA ARG B 454 -29.55 -47.07 -30.82
C ARG B 454 -30.12 -48.12 -31.77
N ASP B 455 -29.69 -49.38 -31.63
CA ASP B 455 -30.05 -50.40 -32.61
C ASP B 455 -31.55 -50.70 -32.57
N THR B 456 -32.15 -50.70 -31.37
CA THR B 456 -33.56 -51.01 -31.22
C THR B 456 -34.43 -49.90 -31.81
N PHE B 457 -34.12 -48.64 -31.51
CA PHE B 457 -34.94 -47.55 -32.02
C PHE B 457 -34.85 -47.48 -33.55
N VAL B 458 -33.64 -47.63 -34.10
CA VAL B 458 -33.49 -47.56 -35.54
C VAL B 458 -34.21 -48.73 -36.21
N ALA B 459 -34.10 -49.93 -35.62
CA ALA B 459 -34.80 -51.09 -36.16
C ALA B 459 -36.31 -50.87 -36.14
N ASP B 460 -36.84 -50.28 -35.05
CA ASP B 460 -38.26 -49.96 -34.99
C ASP B 460 -38.63 -48.96 -36.06
N LEU B 461 -37.75 -48.00 -36.33
CA LEU B 461 -37.98 -47.04 -37.39
C LEU B 461 -37.98 -47.74 -38.75
N ARG B 462 -37.07 -48.69 -38.95
CA ARG B 462 -37.06 -49.45 -40.19
C ARG B 462 -38.30 -50.33 -40.32
N SER B 463 -38.99 -50.63 -39.22
CA SER B 463 -40.17 -51.47 -39.33
C SER B 463 -41.42 -50.67 -39.66
N VAL B 464 -41.42 -49.39 -39.31
CA VAL B 464 -42.52 -48.54 -39.76
C VAL B 464 -42.46 -48.38 -41.27
N ALA B 465 -41.25 -48.20 -41.81
CA ALA B 465 -41.08 -48.05 -43.25
C ALA B 465 -41.38 -49.37 -43.96
N ALA B 466 -40.89 -50.49 -43.43
CA ALA B 466 -41.24 -51.77 -44.03
C ALA B 466 -42.75 -52.00 -44.00
N ALA B 467 -43.40 -51.66 -42.88
CA ALA B 467 -44.82 -51.92 -42.77
C ALA B 467 -45.61 -51.13 -43.80
N ALA B 468 -45.12 -49.96 -44.19
CA ALA B 468 -45.77 -49.15 -45.20
C ALA B 468 -45.66 -49.76 -46.59
N SER B 469 -44.76 -50.74 -46.79
CA SER B 469 -44.59 -51.40 -48.08
C SER B 469 -45.57 -52.54 -48.31
N VAL B 470 -46.49 -52.77 -47.38
CA VAL B 470 -47.29 -53.99 -47.38
C VAL B 470 -48.69 -53.67 -46.86
N THR B 471 -49.68 -54.40 -47.37
CA THR B 471 -51.05 -54.24 -46.89
C THR B 471 -51.14 -54.68 -45.43
N GLN B 472 -51.66 -53.82 -44.56
CA GLN B 472 -51.91 -54.23 -43.17
C GLN B 472 -53.19 -55.08 -43.09
N MET C 9 -7.60 -1.07 52.96
CA MET C 9 -8.05 -0.34 51.79
C MET C 9 -9.56 -0.47 51.60
N SER C 10 -10.15 0.56 51.00
CA SER C 10 -11.53 0.47 50.55
C SER C 10 -11.68 -0.71 49.60
N ARG C 11 -12.80 -1.41 49.71
CA ARG C 11 -13.08 -2.50 48.77
C ARG C 11 -13.43 -1.91 47.42
N LEU C 12 -12.99 -2.59 46.37
CA LEU C 12 -13.47 -2.28 45.02
C LEU C 12 -14.66 -3.19 44.73
N ILE C 13 -15.78 -2.59 44.34
CA ILE C 13 -16.99 -3.34 43.96
C ILE C 13 -17.10 -3.27 42.45
N VAL C 14 -16.90 -4.41 41.79
CA VAL C 14 -17.06 -4.53 40.34
C VAL C 14 -18.45 -5.08 40.04
N VAL C 15 -19.19 -4.40 39.16
CA VAL C 15 -20.52 -4.80 38.74
C VAL C 15 -20.52 -4.97 37.23
N SER C 16 -20.88 -6.15 36.77
CA SER C 16 -20.95 -6.40 35.33
C SER C 16 -22.08 -7.38 35.09
N ASN C 17 -22.46 -7.52 33.82
CA ASN C 17 -23.63 -8.34 33.51
C ASN C 17 -23.40 -9.78 33.91
N ARG C 18 -22.25 -10.35 33.55
CA ARG C 18 -21.97 -11.75 33.79
C ARG C 18 -20.69 -11.86 34.59
N VAL C 19 -20.79 -12.42 35.80
CA VAL C 19 -19.63 -12.63 36.65
C VAL C 19 -18.96 -13.95 36.28
N ALA C 20 -17.67 -13.89 35.95
CA ALA C 20 -16.87 -15.05 35.62
C ALA C 20 -16.97 -16.16 36.68
N PRO C 27 -6.73 -16.30 33.89
CA PRO C 27 -5.89 -15.39 33.08
C PRO C 27 -5.81 -15.79 31.60
N SER C 28 -5.77 -17.09 31.33
CA SER C 28 -5.72 -17.58 29.95
C SER C 28 -6.94 -17.10 29.16
N ALA C 29 -8.13 -17.36 29.67
CA ALA C 29 -9.31 -16.65 29.18
C ALA C 29 -9.15 -15.17 29.47
N GLY C 30 -9.34 -14.34 28.46
CA GLY C 30 -9.23 -12.91 28.67
C GLY C 30 -10.45 -12.39 29.41
N GLY C 31 -11.27 -11.61 28.72
CA GLY C 31 -12.48 -11.12 29.35
C GLY C 31 -12.19 -10.10 30.45
N LEU C 32 -13.29 -9.72 31.12
CA LEU C 32 -13.22 -8.69 32.15
C LEU C 32 -12.42 -9.17 33.35
N ALA C 33 -12.39 -10.47 33.60
CA ALA C 33 -11.73 -11.00 34.79
C ALA C 33 -10.26 -10.61 34.81
N VAL C 34 -9.56 -10.82 33.71
CA VAL C 34 -8.13 -10.52 33.71
C VAL C 34 -7.91 -9.02 33.84
N GLY C 35 -8.88 -8.22 33.43
CA GLY C 35 -8.73 -6.78 33.54
C GLY C 35 -8.84 -6.27 34.96
N VAL C 36 -9.69 -6.88 35.78
CA VAL C 36 -10.05 -6.34 37.09
C VAL C 36 -9.52 -7.16 38.25
N MET C 37 -9.00 -8.36 38.03
CA MET C 37 -8.75 -9.28 39.14
C MET C 37 -7.75 -8.72 40.13
N ASP C 38 -6.63 -8.17 39.63
CA ASP C 38 -5.60 -7.67 40.54
C ASP C 38 -6.12 -6.56 41.44
N ALA C 39 -7.04 -5.74 40.93
CA ALA C 39 -7.64 -4.69 41.76
C ALA C 39 -8.59 -5.30 42.80
N LEU C 40 -9.36 -6.33 42.43
CA LEU C 40 -10.18 -7.02 43.42
C LEU C 40 -9.31 -7.70 44.47
N LYS C 41 -8.24 -8.36 44.04
CA LYS C 41 -7.35 -9.04 44.96
C LYS C 41 -6.64 -8.04 45.87
N GLN C 42 -6.26 -6.87 45.34
CA GLN C 42 -5.54 -5.89 46.14
C GLN C 42 -6.40 -5.34 47.28
N THR C 43 -7.67 -5.05 46.99
CA THR C 43 -8.54 -4.37 47.94
C THR C 43 -9.46 -5.32 48.70
N GLY C 44 -9.39 -6.62 48.45
CA GLY C 44 -10.38 -7.54 48.98
C GLY C 44 -11.79 -7.19 48.56
N GLY C 45 -11.98 -6.92 47.26
CA GLY C 45 -13.22 -6.37 46.76
C GLY C 45 -14.27 -7.42 46.47
N VAL C 46 -15.33 -6.98 45.80
CA VAL C 46 -16.48 -7.81 45.46
C VAL C 46 -16.80 -7.69 43.97
N TRP C 47 -17.13 -8.82 43.35
CA TRP C 47 -17.65 -8.86 41.99
C TRP C 47 -19.11 -9.31 42.05
N PHE C 48 -20.01 -8.41 41.68
CA PHE C 48 -21.45 -8.59 41.82
C PHE C 48 -22.09 -8.59 40.44
N GLY C 49 -23.08 -9.46 40.24
CA GLY C 49 -23.82 -9.45 38.98
C GLY C 49 -24.58 -10.75 38.73
N TRP C 50 -24.97 -10.91 37.47
CA TRP C 50 -25.79 -12.05 37.05
C TRP C 50 -24.90 -13.26 36.78
N ASN C 51 -25.35 -14.42 37.22
CA ASN C 51 -24.60 -15.65 37.06
C ASN C 51 -24.91 -16.37 35.75
N GLY C 52 -25.66 -15.73 34.84
CA GLY C 52 -25.99 -16.36 33.59
C GLY C 52 -27.16 -17.32 33.62
N GLU C 53 -27.75 -17.58 34.79
CA GLU C 53 -28.81 -18.54 34.94
C GLU C 53 -30.17 -17.89 34.80
N ILE C 54 -31.14 -18.69 34.36
CA ILE C 54 -32.56 -18.32 34.36
C ILE C 54 -33.23 -19.14 35.46
N VAL C 55 -33.98 -18.46 36.34
CA VAL C 55 -34.68 -19.14 37.43
C VAL C 55 -36.16 -18.77 37.40
N GLY C 56 -36.99 -19.63 37.99
CA GLY C 56 -38.43 -19.51 37.83
C GLY C 56 -39.06 -18.44 38.69
N THR C 57 -38.44 -18.12 39.81
CA THR C 57 -38.89 -17.07 40.72
C THR C 57 -37.69 -16.20 41.06
N PRO C 58 -37.89 -14.90 41.26
CA PRO C 58 -36.75 -14.02 41.55
C PRO C 58 -36.03 -14.46 42.82
N ASP C 59 -34.70 -14.35 42.81
CA ASP C 59 -33.90 -14.74 43.95
C ASP C 59 -34.06 -13.76 45.10
N ALA C 60 -34.16 -14.31 46.31
CA ALA C 60 -34.33 -13.46 47.48
C ALA C 60 -33.07 -12.66 47.77
N ALA C 61 -31.92 -13.32 47.81
CA ALA C 61 -30.65 -12.70 48.13
C ALA C 61 -29.60 -13.22 47.15
N PRO C 62 -28.48 -12.49 46.99
CA PRO C 62 -27.43 -12.98 46.11
C PRO C 62 -26.63 -14.13 46.73
N ALA C 63 -26.15 -15.01 45.85
CA ALA C 63 -25.27 -16.10 46.25
C ALA C 63 -23.85 -15.57 46.43
N VAL C 64 -23.28 -15.83 47.61
CA VAL C 64 -22.00 -15.27 48.01
C VAL C 64 -20.97 -16.38 48.12
N ARG C 65 -20.00 -16.39 47.21
CA ARG C 65 -18.88 -17.31 47.27
C ARG C 65 -17.59 -16.52 47.42
N ARG C 66 -16.75 -16.91 48.38
CA ARG C 66 -15.50 -16.23 48.67
C ARG C 66 -14.35 -17.10 48.19
N ASP C 67 -13.54 -16.56 47.28
CA ASP C 67 -12.36 -17.24 46.75
C ASP C 67 -11.13 -16.47 47.24
N GLY C 68 -10.65 -16.85 48.42
CA GLY C 68 -9.55 -16.12 49.00
C GLY C 68 -9.93 -14.71 49.37
N ASN C 69 -9.36 -13.74 48.66
CA ASN C 69 -9.59 -12.33 48.99
C ASN C 69 -10.77 -11.73 48.23
N VAL C 70 -11.18 -12.32 47.12
CA VAL C 70 -12.26 -11.79 46.30
C VAL C 70 -13.55 -12.52 46.65
N THR C 71 -14.62 -11.76 46.81
CA THR C 71 -15.93 -12.30 47.09
C THR C 71 -16.80 -12.17 45.84
N TYR C 72 -17.52 -13.24 45.50
CA TYR C 72 -18.39 -13.27 44.34
C TYR C 72 -19.85 -13.30 44.78
N ALA C 73 -20.62 -12.30 44.37
CA ALA C 73 -22.03 -12.18 44.69
C ALA C 73 -22.83 -12.23 43.40
N THR C 74 -23.56 -13.33 43.19
CA THR C 74 -24.27 -13.55 41.94
C THR C 74 -25.76 -13.66 42.18
N LEU C 75 -26.52 -13.46 41.11
CA LEU C 75 -27.97 -13.44 41.16
C LEU C 75 -28.52 -14.07 39.89
N GLY C 76 -29.70 -14.70 40.00
CA GLY C 76 -30.37 -15.23 38.82
C GLY C 76 -31.35 -14.23 38.22
N LEU C 77 -31.78 -14.53 36.99
CA LEU C 77 -32.80 -13.75 36.31
C LEU C 77 -33.96 -14.64 35.88
N THR C 78 -35.15 -14.06 35.84
CA THR C 78 -36.32 -14.78 35.34
C THR C 78 -36.33 -14.74 33.82
N ARG C 79 -37.17 -15.61 33.23
CA ARG C 79 -37.34 -15.59 31.79
C ARG C 79 -37.75 -14.20 31.31
N ARG C 80 -38.68 -13.57 32.05
CA ARG C 80 -39.12 -12.22 31.70
C ARG C 80 -37.99 -11.21 31.84
N ASP C 81 -37.17 -11.33 32.89
CA ASP C 81 -36.00 -10.47 33.03
C ASP C 81 -35.07 -10.62 31.83
N TYR C 82 -34.66 -11.86 31.57
CA TYR C 82 -33.78 -12.16 30.46
C TYR C 82 -34.31 -11.58 29.15
N ASP C 83 -35.59 -11.85 28.86
CA ASP C 83 -36.16 -11.42 27.58
C ASP C 83 -36.20 -9.90 27.46
N GLN C 84 -36.52 -9.19 28.56
CA GLN C 84 -36.72 -7.76 28.46
C GLN C 84 -35.46 -6.93 28.74
N TYR C 85 -34.62 -7.37 29.67
CA TYR C 85 -33.42 -6.63 30.02
C TYR C 85 -32.28 -6.92 29.06
N TYR C 86 -31.93 -8.20 28.88
CA TYR C 86 -30.79 -8.63 28.11
C TYR C 86 -31.11 -8.80 26.61
N ARG C 87 -32.00 -9.74 26.27
CA ARG C 87 -32.31 -10.00 24.87
C ARG C 87 -32.96 -8.78 24.22
N GLY C 88 -33.80 -8.07 24.97
CA GLY C 88 -34.57 -6.97 24.44
C GLY C 88 -33.79 -5.68 24.36
N PHE C 89 -33.93 -4.83 25.38
CA PHE C 89 -33.45 -3.47 25.24
C PHE C 89 -31.94 -3.43 25.04
N SER C 90 -31.19 -4.22 25.82
CA SER C 90 -29.75 -4.20 25.69
C SER C 90 -29.31 -4.64 24.31
N ASN C 91 -29.75 -5.83 23.89
CA ASN C 91 -29.20 -6.45 22.70
C ASN C 91 -30.01 -6.20 21.44
N ALA C 92 -31.24 -5.73 21.56
CA ALA C 92 -32.01 -5.40 20.35
C ALA C 92 -32.21 -3.90 20.17
N THR C 93 -31.92 -3.06 21.17
CA THR C 93 -31.98 -1.61 20.98
C THR C 93 -30.62 -0.96 21.14
N LEU C 94 -30.01 -1.03 22.34
CA LEU C 94 -28.74 -0.35 22.58
C LEU C 94 -27.63 -0.88 21.69
N TRP C 95 -27.47 -2.20 21.64
CA TRP C 95 -26.35 -2.75 20.87
C TRP C 95 -26.38 -2.34 19.40
N PRO C 96 -27.49 -2.50 18.65
CA PRO C 96 -27.48 -2.07 17.24
C PRO C 96 -27.28 -0.57 17.05
N VAL C 97 -27.88 0.26 17.91
CA VAL C 97 -27.74 1.71 17.75
C VAL C 97 -26.32 2.16 18.06
N PHE C 98 -25.75 1.65 19.17
CA PHE C 98 -24.39 2.04 19.51
C PHE C 98 -23.38 1.58 18.47
N HIS C 99 -23.74 0.65 17.58
CA HIS C 99 -22.85 0.27 16.50
C HIS C 99 -23.25 0.92 15.16
N TYR C 100 -24.05 2.00 15.21
CA TYR C 100 -24.46 2.75 14.02
C TYR C 100 -25.28 1.90 13.06
N ARG C 101 -26.18 1.08 13.58
CA ARG C 101 -27.07 0.24 12.76
C ARG C 101 -28.53 0.52 13.13
N SER C 102 -29.03 1.70 12.76
CA SER C 102 -30.42 2.08 13.05
C SER C 102 -31.41 1.17 12.36
N ASP C 103 -31.00 0.50 11.28
CA ASP C 103 -31.86 -0.44 10.57
C ASP C 103 -32.16 -1.70 11.38
N LEU C 104 -31.31 -2.05 12.34
CA LEU C 104 -31.50 -3.26 13.12
C LEU C 104 -32.16 -3.00 14.47
N ALA C 105 -32.42 -1.73 14.80
CA ALA C 105 -32.94 -1.37 16.10
C ALA C 105 -34.43 -1.71 16.22
N ARG C 106 -34.81 -2.27 17.36
CA ARG C 106 -36.21 -2.60 17.67
C ARG C 106 -36.51 -2.15 19.09
N PHE C 107 -37.17 -1.02 19.25
CA PHE C 107 -37.56 -0.55 20.58
C PHE C 107 -38.91 -1.12 20.98
N ASP C 108 -39.01 -1.50 22.25
CA ASP C 108 -40.26 -1.94 22.84
C ASP C 108 -40.40 -1.37 24.26
N ARG C 109 -41.56 -0.75 24.56
CA ARG C 109 -41.74 -0.10 25.86
C ARG C 109 -41.62 -1.07 27.03
N GLN C 110 -42.22 -2.27 26.91
CA GLN C 110 -42.18 -3.20 28.03
C GLN C 110 -40.78 -3.76 28.25
N GLU C 111 -40.04 -3.97 27.18
CA GLU C 111 -38.65 -4.39 27.33
C GLU C 111 -37.84 -3.31 28.03
N TYR C 112 -38.04 -2.05 27.65
CA TYR C 112 -37.28 -0.99 28.30
C TYR C 112 -37.67 -0.91 29.77
N ALA C 113 -38.95 -1.04 30.08
CA ALA C 113 -39.33 -1.06 31.50
C ALA C 113 -38.67 -2.23 32.22
N GLY C 114 -38.62 -3.40 31.57
CA GLY C 114 -37.94 -4.52 32.19
C GLY C 114 -36.46 -4.25 32.40
N TYR C 115 -35.84 -3.53 31.46
CA TYR C 115 -34.44 -3.11 31.59
C TYR C 115 -34.23 -2.26 32.85
N LEU C 116 -35.10 -1.28 33.06
CA LEU C 116 -35.02 -0.46 34.27
C LEU C 116 -35.32 -1.29 35.51
N ARG C 117 -36.34 -2.15 35.46
CA ARG C 117 -36.69 -2.95 36.62
C ARG C 117 -35.53 -3.85 37.05
N VAL C 118 -34.85 -4.49 36.09
CA VAL C 118 -33.74 -5.36 36.48
C VAL C 118 -32.62 -4.53 37.10
N ASN C 119 -32.29 -3.38 36.48
CA ASN C 119 -31.28 -2.49 37.06
C ASN C 119 -31.62 -2.13 38.50
N ALA C 120 -32.88 -1.80 38.78
CA ALA C 120 -33.26 -1.46 40.15
C ALA C 120 -33.17 -2.65 41.07
N MET C 121 -33.60 -3.82 40.61
CA MET C 121 -33.52 -5.02 41.43
C MET C 121 -32.08 -5.34 41.76
N LEU C 122 -31.18 -5.25 40.78
CA LEU C 122 -29.77 -5.50 41.03
C LEU C 122 -29.19 -4.44 41.97
N ALA C 123 -29.59 -3.18 41.80
CA ALA C 123 -29.03 -2.12 42.61
C ALA C 123 -29.43 -2.26 44.06
N ARG C 124 -30.70 -2.59 44.34
CA ARG C 124 -31.11 -2.79 45.72
C ARG C 124 -30.40 -3.99 46.33
N GLN C 125 -30.16 -5.04 45.55
CA GLN C 125 -29.43 -6.19 46.10
C GLN C 125 -27.99 -5.82 46.43
N LEU C 126 -27.35 -4.99 45.60
CA LEU C 126 -25.98 -4.59 45.88
C LEU C 126 -25.91 -3.63 47.06
N ALA C 127 -26.88 -2.70 47.15
CA ALA C 127 -26.85 -1.71 48.22
C ALA C 127 -26.81 -2.38 49.59
N ALA C 128 -27.50 -3.52 49.72
CA ALA C 128 -27.50 -4.24 50.98
C ALA C 128 -26.15 -4.84 51.33
N LEU C 129 -25.24 -4.94 50.36
CA LEU C 129 -23.91 -5.47 50.62
C LEU C 129 -22.87 -4.38 50.79
N LEU C 130 -23.24 -3.13 50.55
CA LEU C 130 -22.26 -2.06 50.47
C LEU C 130 -21.85 -1.58 51.85
N ARG C 131 -20.64 -1.02 51.91
CA ARG C 131 -20.08 -0.29 53.03
C ARG C 131 -19.79 1.14 52.56
N PRO C 132 -19.84 2.12 53.48
CA PRO C 132 -19.76 3.53 53.04
C PRO C 132 -18.52 3.88 52.22
N ASP C 133 -17.40 3.17 52.39
CA ASP C 133 -16.16 3.53 51.71
C ASP C 133 -15.89 2.69 50.47
N ASP C 134 -16.82 1.83 50.06
CA ASP C 134 -16.64 1.06 48.83
C ASP C 134 -16.52 1.98 47.62
N LEU C 135 -15.64 1.62 46.69
CA LEU C 135 -15.56 2.26 45.38
C LEU C 135 -16.24 1.34 44.38
N ILE C 136 -17.18 1.87 43.60
CA ILE C 136 -18.03 1.06 42.73
C ILE C 136 -17.67 1.28 41.26
N TRP C 137 -17.34 0.20 40.56
CA TRP C 137 -16.96 0.24 39.14
C TRP C 137 -17.94 -0.61 38.34
N VAL C 138 -18.83 0.07 37.59
CA VAL C 138 -19.90 -0.57 36.82
C VAL C 138 -19.49 -0.62 35.36
N HIS C 139 -19.80 -1.73 34.68
CA HIS C 139 -19.29 -2.03 33.33
C HIS C 139 -20.42 -2.23 32.33
N ASP C 140 -20.42 -1.41 31.29
CA ASP C 140 -21.04 -1.68 29.99
C ASP C 140 -22.54 -1.43 29.88
N TYR C 141 -23.05 -1.53 28.64
CA TYR C 141 -24.33 -0.95 28.24
C TYR C 141 -25.53 -1.59 28.94
N HIS C 142 -25.40 -2.83 29.41
CA HIS C 142 -26.49 -3.44 30.18
C HIS C 142 -26.84 -2.62 31.42
N LEU C 143 -25.91 -1.81 31.92
CA LEU C 143 -26.04 -1.23 33.25
C LEU C 143 -26.00 0.30 33.23
N LEU C 144 -26.36 0.92 32.09
CA LEU C 144 -26.44 2.38 32.07
C LEU C 144 -27.22 2.99 33.24
N PRO C 145 -28.35 2.43 33.70
CA PRO C 145 -29.10 3.06 34.80
C PRO C 145 -28.59 2.77 36.20
N PHE C 146 -27.51 2.00 36.36
CA PHE C 146 -27.23 1.39 37.65
C PHE C 146 -26.87 2.44 38.71
N ALA C 147 -26.00 3.40 38.36
CA ALA C 147 -25.65 4.46 39.30
C ALA C 147 -26.86 5.27 39.70
N HIS C 148 -27.71 5.62 38.73
CA HIS C 148 -28.91 6.39 39.04
C HIS C 148 -29.76 5.64 40.05
N CYS C 149 -29.92 4.32 39.86
CA CYS C 149 -30.67 3.52 40.81
C CYS C 149 -30.02 3.52 42.19
N LEU C 150 -28.69 3.46 42.24
CA LEU C 150 -28.03 3.47 43.55
C LEU C 150 -28.22 4.82 44.25
N ARG C 151 -28.10 5.92 43.51
CA ARG C 151 -28.28 7.25 44.12
C ARG C 151 -29.67 7.36 44.72
N GLU C 152 -30.67 6.80 44.04
CA GLU C 152 -32.01 6.87 44.60
C GLU C 152 -32.18 6.00 45.83
N LEU C 153 -31.27 5.04 46.05
CA LEU C 153 -31.23 4.30 47.31
C LEU C 153 -30.38 5.00 48.37
N GLY C 154 -29.83 6.18 48.07
CA GLY C 154 -29.01 6.91 49.02
C GLY C 154 -27.53 6.60 48.99
N VAL C 155 -27.05 5.92 47.95
CA VAL C 155 -25.66 5.53 47.87
C VAL C 155 -24.81 6.74 47.50
N LYS C 156 -23.84 7.07 48.35
CA LYS C 156 -22.98 8.22 48.15
C LYS C 156 -21.58 7.84 47.70
N ASN C 157 -21.28 6.55 47.63
CA ASN C 157 -19.99 6.02 47.23
C ASN C 157 -19.57 6.58 45.88
N PRO C 158 -18.27 6.62 45.59
CA PRO C 158 -17.85 6.86 44.21
C PRO C 158 -18.35 5.75 43.29
N ILE C 159 -18.98 6.14 42.18
CA ILE C 159 -19.43 5.17 41.18
C ILE C 159 -18.84 5.60 39.84
N GLY C 160 -18.06 4.72 39.24
CA GLY C 160 -17.52 4.94 37.91
C GLY C 160 -18.15 3.97 36.92
N PHE C 161 -18.27 4.42 35.68
CA PHE C 161 -18.84 3.62 34.59
C PHE C 161 -17.81 3.50 33.48
N PHE C 162 -17.70 2.32 32.89
CA PHE C 162 -16.88 2.14 31.70
C PHE C 162 -17.70 1.44 30.63
N LEU C 163 -17.80 2.07 29.46
CA LEU C 163 -18.52 1.53 28.32
C LEU C 163 -17.53 0.81 27.42
N HIS C 164 -17.75 -0.50 27.21
CA HIS C 164 -16.81 -1.26 26.38
C HIS C 164 -17.08 -1.11 24.88
N ILE C 165 -18.27 -0.65 24.50
CA ILE C 165 -18.67 -0.58 23.09
C ILE C 165 -18.67 0.90 22.68
N PRO C 166 -18.86 1.26 21.41
CA PRO C 166 -18.80 2.67 21.04
C PRO C 166 -19.94 3.46 21.67
N PHE C 167 -19.72 4.76 21.80
CA PHE C 167 -20.82 5.65 22.15
C PHE C 167 -21.17 6.47 20.92
N PRO C 168 -22.39 6.37 20.41
CA PRO C 168 -22.71 6.97 19.11
C PRO C 168 -22.89 8.47 19.22
N SER C 169 -22.64 9.16 18.10
CA SER C 169 -22.86 10.60 18.04
C SER C 169 -24.35 10.88 18.22
N PRO C 170 -24.70 12.12 18.57
CA PRO C 170 -26.10 12.38 18.96
C PRO C 170 -27.11 12.04 17.88
N ASP C 171 -26.76 12.27 16.61
CA ASP C 171 -27.68 12.01 15.52
CA ASP C 171 -27.72 12.01 15.54
C ASP C 171 -28.01 10.53 15.38
N MET C 172 -27.17 9.65 15.91
CA MET C 172 -27.43 8.21 15.98
C MET C 172 -28.02 7.78 17.32
N LEU C 173 -27.55 8.38 18.42
CA LEU C 173 -28.08 8.04 19.74
C LEU C 173 -29.58 8.30 19.81
N ARG C 174 -30.04 9.37 19.15
CA ARG C 174 -31.46 9.72 19.19
C ARG C 174 -32.35 8.61 18.67
N VAL C 175 -31.80 7.64 17.95
CA VAL C 175 -32.62 6.53 17.49
C VAL C 175 -33.17 5.75 18.68
N VAL C 176 -32.42 5.71 19.79
CA VAL C 176 -32.88 5.10 21.04
C VAL C 176 -33.93 6.02 21.66
N PRO C 177 -35.20 5.61 21.75
CA PRO C 177 -36.26 6.57 22.13
C PRO C 177 -36.04 7.19 23.51
N PRO C 178 -35.59 6.43 24.55
CA PRO C 178 -35.31 7.11 25.84
C PRO C 178 -33.91 7.67 25.97
N HIS C 179 -33.32 8.17 24.87
CA HIS C 179 -31.92 8.59 24.90
C HIS C 179 -31.69 9.67 25.97
N ASP C 180 -32.65 10.59 26.15
CA ASP C 180 -32.49 11.66 27.13
C ASP C 180 -32.43 11.11 28.55
N GLU C 181 -33.37 10.23 28.90
CA GLU C 181 -33.34 9.62 30.23
C GLU C 181 -32.06 8.84 30.43
N LEU C 182 -31.59 8.16 29.38
CA LEU C 182 -30.37 7.38 29.51
C LEU C 182 -29.18 8.30 29.77
N VAL C 183 -29.15 9.46 29.13
CA VAL C 183 -28.04 10.38 29.37
C VAL C 183 -28.10 10.95 30.78
N LYS C 184 -29.31 11.27 31.25
CA LYS C 184 -29.47 11.68 32.64
C LYS C 184 -28.96 10.60 33.59
N PHE C 185 -29.34 9.34 33.35
CA PHE C 185 -28.86 8.25 34.20
C PHE C 185 -27.35 8.18 34.23
N MET C 186 -26.70 8.39 33.07
CA MET C 186 -25.25 8.30 33.01
C MET C 186 -24.57 9.41 33.83
N CYS C 187 -25.25 10.56 34.01
CA CYS C 187 -24.67 11.62 34.81
C CYS C 187 -24.71 11.32 36.30
N ALA C 188 -25.34 10.21 36.69
CA ALA C 188 -25.27 9.76 38.08
C ALA C 188 -23.89 9.20 38.41
N TYR C 189 -23.10 8.83 37.40
CA TYR C 189 -21.76 8.37 37.65
C TYR C 189 -20.85 9.56 37.90
N ASP C 190 -19.94 9.41 38.88
CA ASP C 190 -18.90 10.40 39.08
C ASP C 190 -17.91 10.40 37.93
N ILE C 191 -17.73 9.23 37.30
CA ILE C 191 -16.82 9.05 36.18
C ILE C 191 -17.54 8.27 35.08
N ALA C 192 -17.53 8.80 33.85
CA ALA C 192 -18.04 8.10 32.67
C ALA C 192 -16.85 7.83 31.76
N GLY C 193 -16.37 6.59 31.75
CA GLY C 193 -15.19 6.22 30.99
C GLY C 193 -15.60 5.58 29.67
N PHE C 194 -14.82 5.86 28.63
CA PHE C 194 -15.07 5.37 27.29
C PHE C 194 -13.79 4.81 26.73
N GLN C 195 -13.93 4.06 25.63
CA GLN C 195 -12.77 3.43 24.98
C GLN C 195 -11.88 4.48 24.32
N THR C 196 -12.46 5.44 23.59
CA THR C 196 -11.68 6.36 22.76
C THR C 196 -12.15 7.80 22.98
N ASP C 197 -11.33 8.73 22.48
CA ASP C 197 -11.69 10.15 22.54
C ASP C 197 -12.96 10.44 21.76
N ALA C 198 -13.12 9.79 20.61
CA ALA C 198 -14.32 9.99 19.82
C ALA C 198 -15.56 9.63 20.63
N ASP C 199 -15.51 8.53 21.38
CA ASP C 199 -16.65 8.12 22.18
C ASP C 199 -16.98 9.17 23.23
N LYS C 200 -15.97 9.66 23.93
CA LYS C 200 -16.21 10.66 24.97
C LYS C 200 -16.71 11.97 24.35
N ARG C 201 -16.21 12.31 23.16
CA ARG C 201 -16.70 13.52 22.50
C ARG C 201 -18.17 13.36 22.10
N ALA C 202 -18.56 12.16 21.68
CA ALA C 202 -19.97 11.94 21.35
C ALA C 202 -20.85 12.18 22.56
N PHE C 203 -20.44 11.66 23.72
CA PHE C 203 -21.20 11.90 24.94
C PHE C 203 -21.23 13.39 25.29
N SER C 204 -20.07 14.06 25.22
CA SER C 204 -20.02 15.49 25.52
C SER C 204 -20.82 16.31 24.51
N ASP C 205 -20.74 15.94 23.23
CA ASP C 205 -21.49 16.67 22.22
C ASP C 205 -22.98 16.61 22.52
N TYR C 206 -23.47 15.43 22.92
CA TYR C 206 -24.87 15.30 23.28
C TYR C 206 -25.25 16.28 24.38
N ILE C 207 -24.48 16.32 25.47
CA ILE C 207 -24.86 17.17 26.59
C ILE C 207 -24.72 18.65 26.23
N GLU C 208 -23.64 19.02 25.54
CA GLU C 208 -23.43 20.44 25.24
C GLU C 208 -24.41 20.94 24.20
N ARG C 209 -24.50 20.26 23.05
CA ARG C 209 -25.24 20.81 21.93
C ARG C 209 -26.75 20.76 22.14
N ARG C 210 -27.23 19.96 23.09
CA ARG C 210 -28.65 19.93 23.42
C ARG C 210 -29.00 20.81 24.61
N GLY C 211 -28.09 21.67 25.05
CA GLY C 211 -28.37 22.57 26.14
C GLY C 211 -28.57 21.89 27.49
N ILE C 212 -28.04 20.68 27.66
CA ILE C 212 -28.22 19.97 28.92
C ILE C 212 -27.19 20.43 29.95
N GLY C 213 -25.98 20.74 29.50
CA GLY C 213 -24.90 21.09 30.38
C GLY C 213 -23.79 21.76 29.60
N THR C 214 -22.68 21.99 30.28
CA THR C 214 -21.57 22.75 29.72
C THR C 214 -20.23 22.00 29.71
N GLY C 219 -11.83 18.78 31.63
CA GLY C 219 -12.59 17.70 31.03
C GLY C 219 -13.78 17.27 31.86
N MET C 220 -14.26 18.17 32.71
CA MET C 220 -15.39 17.90 33.60
C MET C 220 -16.68 18.43 32.98
N LEU C 221 -17.75 17.63 33.11
CA LEU C 221 -19.07 17.99 32.61
C LEU C 221 -19.97 18.37 33.78
N HIS C 222 -20.70 19.46 33.62
CA HIS C 222 -21.66 19.92 34.61
C HIS C 222 -23.06 19.78 33.99
N ALA C 223 -23.83 18.81 34.46
CA ALA C 223 -25.12 18.50 33.85
C ALA C 223 -26.01 17.78 34.85
N HIS C 224 -27.32 18.02 34.71
CA HIS C 224 -28.31 17.37 35.56
C HIS C 224 -27.98 17.54 37.04
N GLY C 225 -27.54 18.75 37.41
CA GLY C 225 -27.25 19.06 38.79
C GLY C 225 -26.08 18.32 39.40
N ARG C 226 -25.27 17.65 38.58
CA ARG C 226 -24.10 16.92 39.06
C ARG C 226 -22.88 17.32 38.25
N VAL C 227 -21.74 16.82 38.71
CA VAL C 227 -20.44 17.01 38.07
C VAL C 227 -19.94 15.62 37.67
N VAL C 228 -19.52 15.48 36.42
CA VAL C 228 -19.13 14.18 35.86
C VAL C 228 -17.76 14.32 35.25
N LYS C 229 -16.84 13.42 35.61
CA LYS C 229 -15.59 13.30 34.88
C LYS C 229 -15.80 12.42 33.65
N VAL C 230 -15.48 12.96 32.47
CA VAL C 230 -15.61 12.25 31.19
C VAL C 230 -14.21 12.03 30.64
N ALA C 231 -13.85 10.76 30.43
CA ALA C 231 -12.48 10.47 30.03
C ALA C 231 -12.45 9.18 29.21
N ALA C 232 -11.33 8.97 28.54
CA ALA C 232 -11.11 7.79 27.70
C ALA C 232 -10.07 6.89 28.38
N TYR C 233 -10.36 5.58 28.43
CA TYR C 233 -9.45 4.58 28.99
C TYR C 233 -9.43 3.39 28.05
N PRO C 234 -8.70 3.50 26.96
CA PRO C 234 -8.69 2.43 25.95
C PRO C 234 -8.12 1.13 26.52
N ILE C 235 -8.88 0.04 26.36
CA ILE C 235 -8.47 -1.25 26.93
C ILE C 235 -7.37 -1.85 26.08
N GLY C 236 -6.29 -2.28 26.73
CA GLY C 236 -5.18 -2.93 26.10
C GLY C 236 -5.06 -4.37 26.50
N VAL C 237 -3.88 -4.94 26.29
CA VAL C 237 -3.63 -6.35 26.54
C VAL C 237 -2.31 -6.48 27.29
N TYR C 238 -1.93 -7.72 27.59
CA TYR C 238 -0.63 -8.05 28.17
C TYR C 238 0.26 -8.62 27.07
N PRO C 239 0.92 -7.77 26.28
CA PRO C 239 1.55 -8.27 25.05
C PRO C 239 2.63 -9.32 25.28
N ASP C 240 3.42 -9.20 26.36
CA ASP C 240 4.48 -10.18 26.60
C ASP C 240 3.92 -11.53 27.04
N ALA C 241 2.84 -11.54 27.81
CA ALA C 241 2.24 -12.81 28.20
C ALA C 241 1.62 -13.51 26.99
N ILE C 242 0.97 -12.75 26.11
CA ILE C 242 0.37 -13.33 24.91
C ILE C 242 1.42 -14.00 24.03
N ALA C 243 2.57 -13.35 23.87
CA ALA C 243 3.63 -13.93 23.05
C ALA C 243 4.11 -15.25 23.63
N GLU C 244 4.32 -15.28 24.96
CA GLU C 244 4.76 -16.50 25.63
C GLU C 244 3.72 -17.62 25.48
N ALA C 245 2.44 -17.28 25.57
CA ALA C 245 1.38 -18.27 25.39
C ALA C 245 1.35 -18.79 23.94
N ALA C 246 1.59 -17.90 22.97
CA ALA C 246 1.59 -18.33 21.58
C ALA C 246 2.75 -19.29 21.29
N VAL C 247 3.90 -19.06 21.94
CA VAL C 247 5.04 -19.95 21.77
C VAL C 247 4.79 -21.27 22.49
N GLN C 248 4.23 -21.21 23.70
CA GLN C 248 3.99 -22.40 24.51
C GLN C 248 3.07 -23.39 23.84
N TYR C 249 2.11 -22.91 23.05
CA TYR C 249 1.09 -23.75 22.42
C TYR C 249 1.41 -24.07 20.97
N GLY C 250 2.58 -23.71 20.47
CA GLY C 250 2.89 -23.89 19.06
C GLY C 250 2.90 -25.33 18.60
N GLY C 251 2.97 -26.28 19.53
CA GLY C 251 3.04 -27.68 19.18
C GLY C 251 1.82 -28.51 19.54
N ARG C 252 0.76 -27.88 20.05
CA ARG C 252 -0.49 -28.59 20.30
C ARG C 252 -1.06 -29.14 19.00
N LYS C 253 -1.84 -30.21 19.11
CA LYS C 253 -2.35 -30.92 17.94
C LYS C 253 -3.13 -30.01 16.99
N PRO C 254 -4.04 -29.14 17.45
CA PRO C 254 -4.72 -28.26 16.49
C PRO C 254 -3.74 -27.40 15.71
N VAL C 255 -2.61 -27.02 16.32
CA VAL C 255 -1.65 -26.19 15.58
C VAL C 255 -0.93 -27.01 14.50
N LYS C 256 -0.50 -28.24 14.83
CA LYS C 256 0.12 -29.07 13.81
C LYS C 256 -0.88 -29.44 12.72
N MET C 257 -2.16 -29.61 13.09
CA MET C 257 -3.19 -29.91 12.10
C MET C 257 -3.30 -28.81 11.05
N LEU C 258 -3.36 -27.56 11.50
CA LEU C 258 -3.49 -26.44 10.56
C LEU C 258 -2.21 -26.25 9.75
N ARG C 259 -1.05 -26.43 10.39
CA ARG C 259 0.21 -26.25 9.68
C ARG C 259 0.41 -27.33 8.62
N ASP C 260 0.02 -28.57 8.93
CA ASP C 260 0.08 -29.63 7.91
C ASP C 260 -0.87 -29.33 6.77
N ALA C 261 -2.05 -28.77 7.07
CA ALA C 261 -3.03 -28.51 6.02
C ALA C 261 -2.57 -27.42 5.07
N LEU C 262 -1.94 -26.37 5.60
CA LEU C 262 -1.48 -25.29 4.74
C LEU C 262 -0.40 -25.75 3.78
N GLY C 263 0.56 -26.54 4.29
CA GLY C 263 1.64 -27.04 3.47
C GLY C 263 2.28 -25.95 2.63
N GLY C 264 2.66 -24.83 3.26
CA GLY C 264 3.32 -23.77 2.55
C GLY C 264 2.43 -22.65 2.04
N ARG C 265 1.11 -22.85 1.97
CA ARG C 265 0.21 -21.73 1.64
C ARG C 265 0.29 -20.65 2.71
N LYS C 266 0.14 -19.39 2.30
CA LYS C 266 0.05 -18.32 3.26
C LYS C 266 -1.32 -18.34 3.93
N LEU C 267 -1.37 -17.83 5.15
CA LEU C 267 -2.55 -17.96 6.00
C LEU C 267 -3.08 -16.59 6.39
N VAL C 268 -4.34 -16.33 6.08
CA VAL C 268 -5.06 -15.14 6.56
C VAL C 268 -5.97 -15.59 7.70
N MET C 269 -5.83 -14.94 8.86
CA MET C 269 -6.49 -15.40 10.06
C MET C 269 -7.49 -14.36 10.56
N SER C 270 -8.68 -14.82 10.96
CA SER C 270 -9.73 -14.02 11.58
C SER C 270 -10.36 -14.79 12.73
N VAL C 271 -10.69 -14.07 13.81
CA VAL C 271 -11.46 -14.58 14.95
C VAL C 271 -12.47 -13.52 15.38
N ASP C 272 -13.77 -13.85 15.32
CA ASP C 272 -14.84 -12.90 15.60
C ASP C 272 -16.05 -13.66 16.13
N ARG C 273 -16.74 -13.10 17.12
CA ARG C 273 -18.11 -13.52 17.35
C ARG C 273 -18.91 -13.27 16.08
N LEU C 274 -19.89 -14.14 15.81
CA LEU C 274 -20.70 -14.00 14.59
C LEU C 274 -21.70 -12.88 14.80
N ASP C 275 -21.18 -11.66 14.85
CA ASP C 275 -21.96 -10.46 15.08
C ASP C 275 -22.01 -9.64 13.79
N TYR C 276 -23.13 -8.95 13.58
CA TYR C 276 -23.14 -8.00 12.46
C TYR C 276 -22.20 -6.81 12.67
N SER C 277 -21.65 -6.61 13.89
CA SER C 277 -20.65 -5.55 14.03
C SER C 277 -19.32 -5.91 13.36
N LYS C 278 -19.06 -7.19 13.08
CA LYS C 278 -17.73 -7.61 12.68
C LYS C 278 -17.49 -7.56 11.16
N GLY C 279 -18.49 -7.22 10.37
CA GLY C 279 -18.25 -7.09 8.93
C GLY C 279 -17.79 -8.36 8.24
N LEU C 280 -18.31 -9.51 8.65
CA LEU C 280 -17.82 -10.77 8.09
C LEU C 280 -18.20 -10.91 6.61
N VAL C 281 -19.38 -10.45 6.22
CA VAL C 281 -19.78 -10.56 4.81
C VAL C 281 -18.88 -9.70 3.92
N GLU C 282 -18.67 -8.43 4.30
CA GLU C 282 -17.76 -7.59 3.53
C GLU C 282 -16.37 -8.21 3.48
N ARG C 283 -15.95 -8.82 4.58
CA ARG C 283 -14.65 -9.47 4.65
C ARG C 283 -14.57 -10.65 3.67
N PHE C 284 -15.60 -11.48 3.63
CA PHE C 284 -15.62 -12.61 2.71
C PHE C 284 -15.59 -12.13 1.27
N GLN C 285 -16.45 -11.17 0.93
CA GLN C 285 -16.49 -10.68 -0.44
C GLN C 285 -15.18 -10.02 -0.87
N SER C 286 -14.47 -9.36 0.06
CA SER C 286 -13.21 -8.72 -0.32
C SER C 286 -12.12 -9.74 -0.61
N PHE C 287 -12.09 -10.83 0.17
CA PHE C 287 -11.15 -11.90 -0.15
C PHE C 287 -11.47 -12.49 -1.51
N GLU C 288 -12.77 -12.67 -1.80
CA GLU C 288 -13.16 -13.12 -3.14
C GLU C 288 -12.62 -12.15 -4.19
N ARG C 289 -12.81 -10.86 -3.95
CA ARG C 289 -12.39 -9.85 -4.92
C ARG C 289 -10.88 -9.91 -5.15
N MET C 290 -10.10 -10.17 -4.11
CA MET C 290 -8.66 -10.32 -4.28
C MET C 290 -8.32 -11.54 -5.12
N LEU C 291 -8.99 -12.67 -4.88
CA LEU C 291 -8.74 -13.85 -5.69
C LEU C 291 -9.07 -13.61 -7.16
N ALA C 292 -10.18 -12.91 -7.45
CA ALA C 292 -10.54 -12.67 -8.84
C ALA C 292 -9.55 -11.73 -9.52
N GLY C 293 -9.06 -10.71 -8.79
CA GLY C 293 -8.15 -9.75 -9.39
C GLY C 293 -6.71 -10.20 -9.43
N ALA C 294 -6.34 -11.15 -8.60
CA ALA C 294 -4.97 -11.66 -8.52
C ALA C 294 -5.02 -13.18 -8.58
N PRO C 295 -5.33 -13.75 -9.75
CA PRO C 295 -5.55 -15.20 -9.82
C PRO C 295 -4.34 -16.02 -9.42
N ASP C 296 -3.14 -15.44 -9.48
CA ASP C 296 -1.95 -16.14 -9.04
C ASP C 296 -2.00 -16.50 -7.55
N TRP C 297 -2.87 -15.84 -6.77
CA TRP C 297 -3.06 -16.19 -5.37
C TRP C 297 -3.94 -17.43 -5.18
N GLN C 298 -4.72 -17.80 -6.19
CA GLN C 298 -5.59 -18.96 -6.05
C GLN C 298 -4.76 -20.22 -5.83
N GLY C 299 -5.07 -20.97 -4.78
CA GLY C 299 -4.27 -22.10 -4.39
C GLY C 299 -3.04 -21.80 -3.54
N ARG C 300 -2.68 -20.51 -3.34
CA ARG C 300 -1.48 -20.13 -2.62
C ARG C 300 -1.76 -19.45 -1.28
N VAL C 301 -3.01 -19.15 -0.97
CA VAL C 301 -3.37 -18.54 0.30
C VAL C 301 -4.66 -19.18 0.77
N SER C 302 -4.80 -19.27 2.09
CA SER C 302 -6.02 -19.78 2.71
C SER C 302 -6.49 -18.79 3.76
N PHE C 303 -7.78 -18.50 3.76
CA PHE C 303 -8.42 -17.62 4.72
C PHE C 303 -9.18 -18.51 5.71
N VAL C 304 -8.72 -18.54 6.97
CA VAL C 304 -9.40 -19.25 8.06
C VAL C 304 -10.20 -18.23 8.86
N GLN C 305 -11.50 -18.46 8.96
CA GLN C 305 -12.39 -17.63 9.76
C GLN C 305 -12.98 -18.47 10.87
N ILE C 306 -12.53 -18.24 12.11
CA ILE C 306 -13.13 -18.87 13.28
C ILE C 306 -14.21 -17.92 13.82
N ALA C 307 -15.44 -18.40 13.86
CA ALA C 307 -16.61 -17.55 14.14
C ALA C 307 -17.62 -18.32 14.98
N PRO C 308 -17.42 -18.37 16.30
CA PRO C 308 -18.40 -19.01 17.16
C PRO C 308 -19.70 -18.23 17.18
N PRO C 309 -20.85 -18.92 17.19
CA PRO C 309 -22.13 -18.22 17.19
C PRO C 309 -22.35 -17.45 18.48
N THR C 310 -23.19 -16.42 18.40
CA THR C 310 -23.45 -15.53 19.52
C THR C 310 -24.89 -15.07 19.41
N ARG C 311 -25.56 -14.95 20.56
CA ARG C 311 -26.91 -14.39 20.66
C ARG C 311 -27.86 -14.99 19.63
N SER C 312 -27.84 -16.32 19.54
CA SER C 312 -28.62 -17.01 18.53
C SER C 312 -30.12 -16.74 18.66
N ASP C 313 -30.56 -16.35 19.85
CA ASP C 313 -31.96 -16.10 20.13
C ASP C 313 -32.39 -14.66 19.80
N VAL C 314 -31.54 -13.88 19.15
CA VAL C 314 -31.89 -12.56 18.62
C VAL C 314 -32.02 -12.70 17.10
N GLN C 315 -33.18 -12.30 16.55
CA GLN C 315 -33.45 -12.58 15.13
C GLN C 315 -32.42 -11.94 14.20
N THR C 316 -31.93 -10.75 14.55
CA THR C 316 -30.96 -10.08 13.68
C THR C 316 -29.70 -10.93 13.51
N TYR C 317 -29.36 -11.72 14.52
CA TYR C 317 -28.17 -12.55 14.44
C TYR C 317 -28.38 -13.78 13.56
N GLN C 318 -29.61 -14.29 13.50
CA GLN C 318 -29.89 -15.42 12.62
C GLN C 318 -29.76 -15.01 11.16
N ARG C 319 -30.25 -13.83 10.82
CA ARG C 319 -30.17 -13.34 9.45
C ARG C 319 -28.73 -13.13 9.01
N ILE C 320 -27.91 -12.49 9.85
CA ILE C 320 -26.53 -12.24 9.44
C ILE C 320 -25.76 -13.54 9.31
N ARG C 321 -26.07 -14.52 10.17
CA ARG C 321 -25.42 -15.82 10.06
C ARG C 321 -25.78 -16.54 8.75
N GLU C 322 -27.07 -16.55 8.38
CA GLU C 322 -27.48 -17.17 7.10
C GLU C 322 -26.82 -16.52 5.90
N THR C 323 -26.74 -15.19 5.90
CA THR C 323 -26.09 -14.50 4.80
C THR C 323 -24.63 -14.92 4.70
N LEU C 324 -23.93 -15.04 5.83
CA LEU C 324 -22.51 -15.41 5.80
C LEU C 324 -22.32 -16.84 5.30
N GLU C 325 -23.18 -17.77 5.74
CA GLU C 325 -23.07 -19.15 5.28
C GLU C 325 -23.25 -19.24 3.77
N ARG C 326 -24.21 -18.52 3.22
CA ARG C 326 -24.40 -18.49 1.78
C ARG C 326 -23.16 -17.95 1.08
N GLU C 327 -22.57 -16.88 1.62
CA GLU C 327 -21.39 -16.31 0.99
C GLU C 327 -20.22 -17.28 1.04
N ALA C 328 -20.08 -18.02 2.16
CA ALA C 328 -19.03 -19.03 2.23
C ALA C 328 -19.24 -20.08 1.16
N GLY C 329 -20.48 -20.58 1.03
CA GLY C 329 -20.73 -21.58 0.00
C GLY C 329 -20.51 -21.06 -1.41
N ARG C 330 -21.00 -19.85 -1.69
CA ARG C 330 -20.88 -19.29 -3.03
C ARG C 330 -19.40 -19.04 -3.37
N ILE C 331 -18.65 -18.43 -2.45
CA ILE C 331 -17.27 -18.07 -2.74
C ILE C 331 -16.42 -19.33 -2.90
N ASN C 332 -16.61 -20.30 -2.00
CA ASN C 332 -15.89 -21.57 -2.10
C ASN C 332 -16.26 -22.34 -3.36
N GLY C 333 -17.55 -22.41 -3.68
CA GLY C 333 -17.91 -23.06 -4.93
C GLY C 333 -17.25 -22.42 -6.13
N ARG C 334 -17.08 -21.08 -6.09
CA ARG C 334 -16.51 -20.37 -7.22
C ARG C 334 -15.01 -20.65 -7.38
N PHE C 335 -14.26 -20.68 -6.30
CA PHE C 335 -12.80 -20.71 -6.44
C PHE C 335 -12.12 -21.99 -5.98
N ALA C 336 -12.83 -22.90 -5.30
CA ALA C 336 -12.20 -24.08 -4.74
C ALA C 336 -11.58 -24.96 -5.82
N GLN C 337 -10.52 -25.64 -5.44
CA GLN C 337 -9.93 -26.69 -6.24
C GLN C 337 -10.03 -27.99 -5.45
N LEU C 338 -9.71 -29.11 -6.09
CA LEU C 338 -9.93 -30.39 -5.44
C LEU C 338 -9.06 -30.55 -4.18
N ASP C 339 -8.03 -29.72 -4.01
CA ASP C 339 -7.20 -29.77 -2.80
C ASP C 339 -7.13 -28.42 -2.09
N TRP C 340 -8.11 -27.55 -2.28
CA TRP C 340 -8.02 -26.20 -1.74
C TRP C 340 -9.40 -25.64 -1.45
N THR C 341 -9.68 -25.36 -0.17
CA THR C 341 -10.87 -24.63 0.24
C THR C 341 -10.52 -23.17 0.49
N PRO C 342 -11.00 -22.23 -0.34
CA PRO C 342 -10.53 -20.83 -0.19
C PRO C 342 -10.80 -20.24 1.18
N ILE C 343 -12.04 -20.33 1.66
CA ILE C 343 -12.42 -19.80 2.97
C ILE C 343 -12.77 -20.97 3.87
N GLN C 344 -11.91 -21.24 4.87
CA GLN C 344 -12.19 -22.28 5.87
C GLN C 344 -12.99 -21.62 7.00
N TYR C 345 -14.28 -21.89 7.01
CA TYR C 345 -15.21 -21.24 7.93
C TYR C 345 -15.60 -22.24 9.02
N LEU C 346 -15.29 -21.91 10.27
CA LEU C 346 -15.49 -22.82 11.40
C LEU C 346 -16.28 -22.12 12.49
N ASN C 347 -17.40 -22.74 12.92
CA ASN C 347 -18.18 -22.21 14.02
C ASN C 347 -17.74 -22.75 15.39
N ARG C 348 -16.64 -23.51 15.45
CA ARG C 348 -16.17 -24.04 16.72
C ARG C 348 -15.43 -22.97 17.52
N LYS C 349 -15.48 -23.10 18.84
CA LYS C 349 -14.73 -22.21 19.72
C LYS C 349 -13.41 -22.88 20.11
N TYR C 350 -12.35 -22.08 20.13
CA TYR C 350 -11.04 -22.59 20.50
C TYR C 350 -10.53 -21.90 21.75
N GLU C 351 -9.75 -22.64 22.51
CA GLU C 351 -9.07 -22.11 23.68
C GLU C 351 -8.23 -20.89 23.30
N ARG C 352 -8.30 -19.85 24.13
CA ARG C 352 -7.68 -18.57 23.80
C ARG C 352 -6.19 -18.74 23.50
N ASN C 353 -5.52 -19.63 24.23
CA ASN C 353 -4.09 -19.80 23.99
C ASN C 353 -3.81 -20.43 22.64
N LEU C 354 -4.68 -21.34 22.18
CA LEU C 354 -4.51 -21.88 20.84
C LEU C 354 -4.61 -20.78 19.79
N LEU C 355 -5.57 -19.87 19.96
CA LEU C 355 -5.78 -18.79 18.99
C LEU C 355 -4.51 -17.97 18.80
N MET C 356 -3.81 -17.66 19.90
CA MET C 356 -2.56 -16.90 19.80
C MET C 356 -1.55 -17.64 18.94
N ALA C 357 -1.42 -18.95 19.13
CA ALA C 357 -0.51 -19.72 18.28
C ALA C 357 -0.98 -19.72 16.82
N PHE C 358 -2.31 -19.70 16.58
CA PHE C 358 -2.77 -19.55 15.19
C PHE C 358 -2.33 -18.22 14.62
N PHE C 359 -2.49 -17.14 15.39
CA PHE C 359 -2.07 -15.82 14.92
C PHE C 359 -0.60 -15.81 14.54
N ARG C 360 0.25 -16.34 15.43
CA ARG C 360 1.69 -16.34 15.19
C ARG C 360 2.05 -17.06 13.90
N MET C 361 1.41 -18.21 13.64
CA MET C 361 1.71 -18.97 12.43
C MET C 361 1.32 -18.18 11.18
N SER C 362 0.27 -17.37 11.26
CA SER C 362 -0.33 -16.73 10.10
C SER C 362 0.54 -15.59 9.57
N GLN C 363 0.29 -15.25 8.30
CA GLN C 363 0.95 -14.12 7.65
C GLN C 363 0.13 -12.84 7.73
N VAL C 364 -1.19 -12.94 7.87
CA VAL C 364 -2.04 -11.75 7.90
C VAL C 364 -3.11 -11.93 8.97
N GLY C 365 -3.34 -10.86 9.74
CA GLY C 365 -4.53 -10.74 10.57
C GLY C 365 -5.53 -9.82 9.90
N TYR C 366 -6.77 -10.29 9.81
CA TYR C 366 -7.81 -9.69 8.99
C TYR C 366 -8.97 -9.30 9.91
N VAL C 367 -9.02 -8.04 10.32
CA VAL C 367 -9.91 -7.59 11.40
C VAL C 367 -10.67 -6.36 10.90
N THR C 368 -11.89 -6.56 10.38
CA THR C 368 -12.58 -5.51 9.63
C THR C 368 -14.00 -5.24 10.12
N PRO C 369 -14.17 -4.97 11.44
CA PRO C 369 -15.52 -4.68 11.94
C PRO C 369 -16.07 -3.41 11.31
N LEU C 370 -17.38 -3.40 11.09
CA LEU C 370 -18.03 -2.18 10.62
C LEU C 370 -18.08 -1.11 11.70
N ARG C 371 -17.99 -1.53 12.97
CA ARG C 371 -17.92 -0.65 14.13
C ARG C 371 -17.53 -1.50 15.32
N ASP C 372 -16.63 -0.99 16.17
CA ASP C 372 -16.15 -1.78 17.30
C ASP C 372 -15.61 -0.83 18.38
N GLY C 373 -16.01 -1.09 19.64
CA GLY C 373 -15.54 -0.26 20.73
C GLY C 373 -14.04 -0.14 20.76
N MET C 374 -13.34 -1.29 20.70
CA MET C 374 -11.89 -1.34 20.63
C MET C 374 -11.43 -2.46 19.71
N ASN C 375 -11.83 -3.70 20.03
CA ASN C 375 -11.42 -4.95 19.37
C ASN C 375 -10.07 -5.41 19.87
N LEU C 376 -10.07 -6.35 20.80
CA LEU C 376 -8.83 -6.88 21.36
C LEU C 376 -8.17 -7.92 20.48
N VAL C 377 -8.94 -8.58 19.61
CA VAL C 377 -8.36 -9.52 18.66
C VAL C 377 -7.26 -8.82 17.85
N ALA C 378 -7.53 -7.59 17.39
CA ALA C 378 -6.51 -6.84 16.67
C ALA C 378 -5.25 -6.66 17.52
N LYS C 379 -5.42 -6.33 18.79
CA LYS C 379 -4.24 -6.18 19.65
C LYS C 379 -3.59 -7.53 19.94
N GLU C 380 -4.41 -8.56 20.17
CA GLU C 380 -3.87 -9.90 20.40
C GLU C 380 -3.14 -10.42 19.17
N TYR C 381 -3.61 -10.09 17.96
CA TYR C 381 -2.92 -10.55 16.76
C TYR C 381 -1.49 -10.03 16.73
N VAL C 382 -1.32 -8.72 16.93
CA VAL C 382 0.04 -8.14 16.93
C VAL C 382 0.88 -8.77 18.05
N ALA C 383 0.31 -8.94 19.24
CA ALA C 383 1.11 -9.43 20.36
C ALA C 383 1.60 -10.86 20.18
N SER C 384 0.94 -11.65 19.31
CA SER C 384 1.31 -13.04 19.10
C SER C 384 2.50 -13.21 18.15
N GLN C 385 2.84 -12.19 17.36
CA GLN C 385 3.76 -12.36 16.24
C GLN C 385 5.19 -12.60 16.72
N ASP C 386 5.96 -13.30 15.89
CA ASP C 386 7.39 -13.43 16.07
C ASP C 386 8.07 -12.18 15.53
N PRO C 387 8.81 -11.43 16.35
CA PRO C 387 9.46 -10.21 15.84
C PRO C 387 10.47 -10.48 14.75
N ALA C 388 11.01 -11.69 14.64
CA ALA C 388 11.93 -12.00 13.56
C ALA C 388 11.22 -12.22 12.24
N ASP C 389 9.91 -12.51 12.27
CA ASP C 389 9.12 -12.78 11.07
C ASP C 389 7.65 -12.47 11.35
N PRO C 390 7.31 -11.18 11.49
CA PRO C 390 5.97 -10.84 11.96
C PRO C 390 4.93 -10.70 10.85
N GLY C 391 3.70 -11.10 11.16
CA GLY C 391 2.62 -10.92 10.22
C GLY C 391 2.14 -9.48 10.19
N VAL C 392 1.23 -9.22 9.27
CA VAL C 392 0.69 -7.88 9.01
C VAL C 392 -0.76 -7.83 9.46
N LEU C 393 -1.13 -6.74 10.12
CA LEU C 393 -2.49 -6.50 10.58
C LEU C 393 -3.21 -5.61 9.58
N VAL C 394 -4.31 -6.12 9.03
CA VAL C 394 -5.24 -5.35 8.20
C VAL C 394 -6.43 -4.99 9.08
N LEU C 395 -6.67 -3.70 9.28
CA LEU C 395 -7.57 -3.29 10.35
C LEU C 395 -8.58 -2.29 9.84
N SER C 396 -9.85 -2.50 10.18
CA SER C 396 -10.88 -1.53 9.85
C SER C 396 -10.67 -0.23 10.63
N GLU C 397 -10.80 0.90 9.94
CA GLU C 397 -10.73 2.22 10.60
C GLU C 397 -11.91 2.49 11.53
N PHE C 398 -12.91 1.61 11.58
CA PHE C 398 -14.04 1.79 12.48
C PHE C 398 -13.89 0.99 13.77
N ALA C 399 -12.76 0.34 13.97
CA ALA C 399 -12.42 -0.26 15.27
C ALA C 399 -11.76 0.78 16.15
N GLY C 400 -12.09 0.76 17.45
CA GLY C 400 -11.42 1.65 18.37
C GLY C 400 -9.91 1.50 18.35
N ALA C 401 -9.44 0.26 18.11
CA ALA C 401 -8.00 0.01 18.09
C ALA C 401 -7.29 0.75 16.95
N ALA C 402 -8.03 1.18 15.91
CA ALA C 402 -7.35 1.88 14.82
C ALA C 402 -6.67 3.15 15.31
N ALA C 403 -7.16 3.71 16.42
CA ALA C 403 -6.57 4.93 16.96
C ALA C 403 -5.18 4.70 17.53
N GLU C 404 -4.81 3.45 17.82
CA GLU C 404 -3.49 3.15 18.35
C GLU C 404 -2.58 2.39 17.40
N LEU C 405 -3.13 1.54 16.54
CA LEU C 405 -2.31 0.60 15.76
C LEU C 405 -1.94 1.21 14.40
N GLY C 406 -1.04 2.20 14.46
CA GLY C 406 -0.60 2.87 13.25
C GLY C 406 0.21 2.00 12.31
N GLY C 407 0.79 0.91 12.80
CA GLY C 407 1.45 -0.05 11.93
C GLY C 407 0.51 -0.93 11.15
N ALA C 408 -0.77 -0.90 11.46
CA ALA C 408 -1.74 -1.66 10.68
C ALA C 408 -1.97 -1.01 9.32
N LEU C 409 -2.41 -1.82 8.37
CA LEU C 409 -2.97 -1.30 7.12
C LEU C 409 -4.43 -0.98 7.38
N LEU C 410 -4.76 0.31 7.49
CA LEU C 410 -6.14 0.70 7.77
C LEU C 410 -6.97 0.67 6.49
N VAL C 411 -8.17 0.11 6.60
CA VAL C 411 -9.07 -0.04 5.48
C VAL C 411 -10.44 0.46 5.88
N ASN C 412 -11.20 0.89 4.86
CA ASN C 412 -12.61 1.17 4.99
C ASN C 412 -13.37 -0.07 4.54
N PRO C 413 -14.07 -0.77 5.44
CA PRO C 413 -14.68 -2.04 5.04
C PRO C 413 -15.82 -1.89 4.02
N TYR C 414 -16.33 -0.68 3.76
CA TYR C 414 -17.32 -0.51 2.68
C TYR C 414 -16.67 -0.40 1.31
N ASP C 415 -15.34 -0.43 1.23
CA ASP C 415 -14.58 -0.34 -0.02
C ASP C 415 -13.88 -1.68 -0.20
N HIS C 416 -14.59 -2.62 -0.85
CA HIS C 416 -14.07 -3.98 -1.04
C HIS C 416 -12.77 -3.98 -1.84
N ALA C 417 -12.65 -3.07 -2.81
CA ALA C 417 -11.44 -3.02 -3.60
C ALA C 417 -10.25 -2.61 -2.73
N GLN C 418 -10.44 -1.62 -1.84
CA GLN C 418 -9.37 -1.23 -0.92
C GLN C 418 -8.99 -2.38 0.00
N MET C 419 -9.99 -3.13 0.50
CA MET C 419 -9.70 -4.26 1.38
C MET C 419 -8.93 -5.35 0.65
N ALA C 420 -9.28 -5.61 -0.62
CA ALA C 420 -8.59 -6.63 -1.40
C ALA C 420 -7.15 -6.24 -1.67
N ASP C 421 -6.91 -4.97 -2.01
CA ASP C 421 -5.55 -4.49 -2.21
C ASP C 421 -4.71 -4.60 -0.94
N ALA C 422 -5.31 -4.31 0.22
CA ALA C 422 -4.57 -4.41 1.47
C ALA C 422 -4.16 -5.85 1.78
N LEU C 423 -5.07 -6.81 1.53
CA LEU C 423 -4.72 -8.21 1.68
C LEU C 423 -3.52 -8.56 0.81
N ALA C 424 -3.60 -8.21 -0.48
CA ALA C 424 -2.50 -8.48 -1.40
C ALA C 424 -1.21 -7.81 -0.94
N ARG C 425 -1.29 -6.54 -0.50
CA ARG C 425 -0.11 -5.87 0.01
C ARG C 425 0.44 -6.55 1.26
N ALA C 426 -0.43 -6.96 2.18
CA ALA C 426 0.02 -7.63 3.39
C ALA C 426 0.71 -8.95 3.07
N LEU C 427 0.16 -9.72 2.10
CA LEU C 427 0.71 -11.03 1.75
C LEU C 427 2.06 -10.94 1.06
N ALA C 428 2.38 -9.83 0.41
CA ALA C 428 3.63 -9.70 -0.32
C ALA C 428 4.61 -8.74 0.34
N MET C 429 4.32 -8.28 1.55
CA MET C 429 5.12 -7.20 2.15
C MET C 429 6.51 -7.67 2.54
N PRO C 430 7.57 -6.96 2.15
CA PRO C 430 8.93 -7.36 2.55
C PRO C 430 9.10 -7.36 4.07
N LEU C 431 10.06 -8.15 4.52
CA LEU C 431 10.27 -8.36 5.95
C LEU C 431 10.54 -7.06 6.70
N ALA C 432 11.33 -6.16 6.10
CA ALA C 432 11.72 -4.94 6.80
C ALA C 432 10.51 -4.08 7.14
N GLU C 433 9.63 -3.86 6.16
CA GLU C 433 8.42 -3.08 6.45
C GLU C 433 7.51 -3.81 7.41
N ARG C 434 7.44 -5.14 7.33
CA ARG C 434 6.63 -5.89 8.29
C ARG C 434 7.16 -5.67 9.71
N GLN C 435 8.49 -5.64 9.87
CA GLN C 435 9.08 -5.42 11.19
C GLN C 435 8.89 -3.99 11.66
N ALA C 436 8.99 -3.01 10.76
CA ALA C 436 8.77 -1.62 11.15
C ALA C 436 7.34 -1.41 11.64
N ARG C 437 6.36 -1.91 10.87
CA ARG C 437 4.97 -1.76 11.27
C ARG C 437 4.69 -2.54 12.55
N HIS C 438 5.25 -3.75 12.66
CA HIS C 438 5.02 -4.54 13.86
C HIS C 438 5.63 -3.88 15.09
N GLU C 439 6.86 -3.37 14.98
CA GLU C 439 7.50 -2.74 16.13
C GLU C 439 6.77 -1.46 16.57
N GLU C 440 6.27 -0.69 15.61
CA GLU C 440 5.45 0.48 15.93
C GLU C 440 4.19 0.07 16.71
N ASN C 441 3.49 -0.97 16.22
CA ASN C 441 2.28 -1.40 16.92
C ASN C 441 2.62 -2.01 18.27
N LEU C 442 3.70 -2.79 18.33
CA LEU C 442 4.11 -3.41 19.58
C LEU C 442 4.43 -2.36 20.65
N ALA C 443 5.12 -1.29 20.27
CA ALA C 443 5.44 -0.22 21.22
C ALA C 443 4.16 0.37 21.80
N GLN C 444 3.11 0.50 20.97
CA GLN C 444 1.82 0.99 21.46
C GLN C 444 1.20 0.05 22.48
N LEU C 445 1.25 -1.26 22.22
CA LEU C 445 0.70 -2.23 23.16
C LEU C 445 1.44 -2.18 24.50
N ARG C 446 2.76 -2.01 24.46
CA ARG C 446 3.54 -1.93 25.69
C ARG C 446 3.32 -0.61 26.43
N ASN C 447 3.09 0.47 25.70
CA ASN C 447 2.83 1.78 26.31
C ASN C 447 1.43 1.87 26.91
N ASN C 448 0.48 1.04 26.47
CA ASN C 448 -0.88 1.05 27.00
C ASN C 448 -1.35 -0.38 27.25
N ASP C 449 -0.68 -1.09 28.15
CA ASP C 449 -1.10 -2.45 28.41
C ASP C 449 -2.33 -2.45 29.34
N LEU C 450 -2.85 -3.65 29.62
CA LEU C 450 -4.08 -3.76 30.40
C LEU C 450 -3.95 -3.11 31.79
N SER C 451 -2.72 -3.05 32.34
CA SER C 451 -2.52 -2.40 33.64
C SER C 451 -2.90 -0.93 33.61
N VAL C 452 -2.64 -0.25 32.49
CA VAL C 452 -2.92 1.18 32.41
C VAL C 452 -4.41 1.44 32.54
N TRP C 453 -5.22 0.64 31.86
CA TRP C 453 -6.67 0.75 31.99
C TRP C 453 -7.10 0.58 33.43
N ARG C 454 -6.63 -0.49 34.08
CA ARG C 454 -7.06 -0.77 35.45
C ARG C 454 -6.53 0.30 36.41
N ASP C 455 -5.22 0.54 36.39
CA ASP C 455 -4.62 1.42 37.40
C ASP C 455 -5.11 2.85 37.24
N THR C 456 -5.30 3.31 36.00
CA THR C 456 -5.75 4.69 35.80
C THR C 456 -7.20 4.85 36.20
N PHE C 457 -8.07 3.89 35.84
CA PHE C 457 -9.46 4.01 36.28
C PHE C 457 -9.56 3.86 37.80
N VAL C 458 -8.82 2.92 38.38
CA VAL C 458 -8.89 2.74 39.82
C VAL C 458 -8.42 3.98 40.55
N ALA C 459 -7.35 4.62 40.07
CA ALA C 459 -6.87 5.86 40.67
C ALA C 459 -7.88 6.99 40.52
N ASP C 460 -8.55 7.10 39.35
CA ASP C 460 -9.55 8.15 39.22
C ASP C 460 -10.70 7.92 40.21
N LEU C 461 -11.05 6.66 40.45
CA LEU C 461 -12.09 6.36 41.43
C LEU C 461 -11.64 6.72 42.83
N ARG C 462 -10.37 6.47 43.15
CA ARG C 462 -9.85 6.83 44.46
C ARG C 462 -9.76 8.34 44.67
N SER C 463 -9.91 9.14 43.61
CA SER C 463 -9.83 10.58 43.75
C SER C 463 -11.18 11.22 44.04
N VAL C 464 -12.27 10.51 43.74
CA VAL C 464 -13.60 11.00 44.09
C VAL C 464 -13.80 10.90 45.59
N ALA C 465 -14.30 11.98 46.19
CA ALA C 465 -14.71 12.02 47.59
C ALA C 465 -16.21 11.74 47.72
N ALA C 466 -16.59 11.06 48.79
CA ALA C 466 -17.99 10.68 48.97
C ALA C 466 -18.77 11.78 49.68
N ALA C 467 -18.71 12.98 49.10
CA ALA C 467 -19.28 14.17 49.70
C ALA C 467 -20.71 14.42 49.21
N ALA C 468 -21.45 15.19 49.99
CA ALA C 468 -22.83 15.53 49.63
C ALA C 468 -22.88 16.69 48.64
N SER C 469 -22.01 17.70 48.81
CA SER C 469 -21.90 18.76 47.82
C SER C 469 -21.39 18.18 46.49
N VAL C 470 -22.11 18.47 45.41
CA VAL C 470 -21.73 17.90 44.12
C VAL C 470 -20.40 18.48 43.64
N THR C 471 -20.10 19.73 44.02
CA THR C 471 -18.87 20.39 43.64
C THR C 471 -17.66 19.97 44.49
N GLN C 472 -17.86 19.12 45.50
CA GLN C 472 -16.75 18.63 46.32
C GLN C 472 -16.27 17.25 45.90
N ARG C 473 -17.10 16.50 45.17
CA ARG C 473 -16.76 15.13 44.80
C ARG C 473 -15.53 15.07 43.90
N ALA C 474 -15.45 16.00 42.94
CA ALA C 474 -14.46 15.89 41.86
C ALA C 474 -13.03 15.98 42.39
N GLY C 475 -12.15 15.14 41.83
CA GLY C 475 -10.74 15.17 42.13
C GLY C 475 -9.99 16.18 41.29
N ARG C 476 -8.66 16.14 41.42
CA ARG C 476 -7.73 16.94 40.64
C ARG C 476 -6.30 16.57 41.03
N HIS D 5 35.97 -0.17 58.90
CA HIS D 5 35.58 -1.43 58.29
C HIS D 5 36.80 -2.11 57.65
N HIS D 6 37.98 -1.87 58.22
CA HIS D 6 39.26 -2.32 57.66
C HIS D 6 39.52 -3.81 57.88
N HIS D 7 38.55 -4.55 58.44
CA HIS D 7 38.65 -5.99 58.70
C HIS D 7 38.15 -6.85 57.54
N HIS D 8 37.41 -6.30 56.59
CA HIS D 8 36.69 -7.07 55.59
C HIS D 8 37.39 -7.02 54.23
N MET D 9 37.25 -8.09 53.47
CA MET D 9 37.76 -8.17 52.10
C MET D 9 36.52 -8.24 51.21
N SER D 10 36.05 -7.07 50.79
CA SER D 10 34.91 -6.94 49.89
C SER D 10 35.28 -7.33 48.47
N ARG D 11 34.29 -7.79 47.72
CA ARG D 11 34.51 -8.08 46.31
C ARG D 11 34.77 -6.78 45.56
N LEU D 12 35.68 -6.83 44.58
CA LEU D 12 35.84 -5.75 43.63
C LEU D 12 35.00 -6.06 42.41
N ILE D 13 34.17 -5.11 41.99
CA ILE D 13 33.38 -5.23 40.77
C ILE D 13 34.00 -4.27 39.74
N VAL D 14 34.60 -4.82 38.69
CA VAL D 14 35.12 -4.01 37.60
C VAL D 14 34.05 -3.97 36.51
N VAL D 15 33.74 -2.75 36.05
CA VAL D 15 32.78 -2.52 34.98
C VAL D 15 33.49 -1.76 33.88
N SER D 16 33.46 -2.29 32.66
CA SER D 16 34.06 -1.66 31.50
C SER D 16 33.31 -2.06 30.25
N ASN D 17 33.62 -1.36 29.15
CA ASN D 17 32.89 -1.57 27.90
C ASN D 17 33.07 -3.00 27.41
N ARG D 18 34.30 -3.39 27.15
CA ARG D 18 34.61 -4.75 26.70
C ARG D 18 35.18 -5.56 27.86
N VAL D 19 34.60 -6.74 28.09
CA VAL D 19 35.08 -7.66 29.10
C VAL D 19 35.92 -8.72 28.43
N ALA D 20 37.15 -8.89 28.91
CA ALA D 20 38.08 -9.82 28.26
C ALA D 20 37.53 -11.25 28.33
N ALA D 21 37.82 -12.02 27.28
CA ALA D 21 37.48 -13.43 27.26
C ALA D 21 38.57 -14.17 26.50
N GLY D 22 38.71 -15.46 26.81
CA GLY D 22 39.61 -16.31 26.04
C GLY D 22 41.07 -15.96 26.26
N GLU D 23 41.84 -15.88 25.17
CA GLU D 23 43.26 -15.59 25.25
C GLU D 23 43.55 -14.16 25.73
N ASP D 24 42.56 -13.27 25.73
CA ASP D 24 42.74 -11.91 26.21
C ASP D 24 42.78 -11.83 27.74
N THR D 25 42.33 -12.87 28.44
CA THR D 25 42.50 -12.94 29.89
C THR D 25 43.93 -13.27 30.30
N ARG D 26 44.70 -13.92 29.42
CA ARG D 26 46.10 -14.20 29.72
C ARG D 26 46.87 -12.88 29.84
N PRO D 27 47.87 -12.81 30.73
CA PRO D 27 48.53 -11.52 30.99
C PRO D 27 49.49 -11.06 29.91
N SER D 28 49.95 -11.95 29.02
CA SER D 28 50.77 -11.51 27.90
C SER D 28 50.00 -10.51 27.05
N ALA D 29 48.72 -10.77 26.80
CA ALA D 29 47.84 -9.74 26.25
C ALA D 29 47.68 -8.63 27.28
N GLY D 30 47.98 -7.41 26.88
CA GLY D 30 47.94 -6.31 27.83
C GLY D 30 46.54 -5.91 28.20
N GLY D 31 46.20 -4.65 27.96
CA GLY D 31 44.86 -4.18 28.17
C GLY D 31 44.45 -4.14 29.64
N LEU D 32 43.15 -3.94 29.84
CA LEU D 32 42.59 -3.77 31.17
C LEU D 32 42.76 -5.02 32.02
N ALA D 33 42.83 -6.19 31.40
CA ALA D 33 42.88 -7.43 32.17
C ALA D 33 44.09 -7.46 33.10
N VAL D 34 45.28 -7.14 32.57
CA VAL D 34 46.47 -7.30 33.38
C VAL D 34 46.48 -6.31 34.54
N GLY D 35 45.80 -5.17 34.39
CA GLY D 35 45.75 -4.20 35.47
C GLY D 35 44.86 -4.59 36.62
N VAL D 36 43.75 -5.29 36.35
CA VAL D 36 42.76 -5.56 37.38
C VAL D 36 42.69 -7.03 37.79
N MET D 37 43.31 -7.95 37.04
CA MET D 37 43.02 -9.36 37.26
C MET D 37 43.45 -9.81 38.66
N ASP D 38 44.65 -9.43 39.09
CA ASP D 38 45.14 -9.87 40.39
C ASP D 38 44.19 -9.44 41.51
N ALA D 39 43.57 -8.27 41.37
CA ALA D 39 42.59 -7.84 42.36
C ALA D 39 41.30 -8.65 42.29
N LEU D 40 40.82 -8.97 41.08
CA LEU D 40 39.62 -9.78 40.96
C LEU D 40 39.82 -11.18 41.52
N LYS D 41 40.97 -11.80 41.23
CA LYS D 41 41.26 -13.12 41.77
C LYS D 41 41.41 -13.05 43.29
N GLN D 42 42.05 -11.98 43.78
CA GLN D 42 42.28 -11.86 45.22
C GLN D 42 40.98 -11.71 45.99
N THR D 43 40.01 -10.97 45.44
CA THR D 43 38.76 -10.64 46.14
C THR D 43 37.60 -11.54 45.74
N GLY D 44 37.82 -12.48 44.83
CA GLY D 44 36.70 -13.22 44.24
C GLY D 44 35.71 -12.29 43.58
N GLY D 45 36.21 -11.33 42.81
CA GLY D 45 35.38 -10.26 42.31
C GLY D 45 34.65 -10.63 41.03
N VAL D 46 34.03 -9.61 40.43
CA VAL D 46 33.23 -9.78 39.23
C VAL D 46 33.66 -8.77 38.18
N TRP D 47 33.76 -9.21 36.93
CA TRP D 47 33.99 -8.31 35.80
C TRP D 47 32.72 -8.28 34.97
N PHE D 48 32.07 -7.12 34.94
CA PHE D 48 30.78 -6.96 34.28
C PHE D 48 30.94 -5.99 33.12
N GLY D 49 30.23 -6.28 32.03
CA GLY D 49 30.21 -5.39 30.89
C GLY D 49 29.68 -6.11 29.66
N TRP D 50 29.94 -5.48 28.51
CA TRP D 50 29.47 -5.95 27.21
C TRP D 50 30.44 -6.99 26.67
N ASN D 51 29.89 -8.04 26.07
CA ASN D 51 30.71 -9.13 25.56
C ASN D 51 31.18 -8.90 24.14
N GLY D 52 30.96 -7.71 23.58
CA GLY D 52 31.37 -7.39 22.24
C GLY D 52 30.47 -7.93 21.14
N GLU D 53 29.49 -8.77 21.46
CA GLU D 53 28.61 -9.36 20.44
C GLU D 53 27.33 -8.54 20.32
N ILE D 54 26.78 -8.54 19.11
CA ILE D 54 25.50 -7.89 18.84
C ILE D 54 24.39 -8.94 18.89
N VAL D 55 23.26 -8.57 19.46
CA VAL D 55 22.10 -9.43 19.64
C VAL D 55 20.91 -8.74 18.99
N GLY D 56 20.00 -9.54 18.42
CA GLY D 56 18.83 -8.97 17.77
C GLY D 56 17.72 -8.59 18.73
N THR D 57 17.69 -9.21 19.91
CA THR D 57 16.79 -8.86 20.98
C THR D 57 17.59 -8.69 22.28
N PRO D 58 17.21 -7.75 23.14
CA PRO D 58 18.03 -7.48 24.33
C PRO D 58 18.17 -8.69 25.24
N ASP D 59 19.36 -8.85 25.81
CA ASP D 59 19.60 -9.99 26.68
C ASP D 59 18.80 -9.85 27.97
N ALA D 60 18.14 -10.93 28.37
CA ALA D 60 17.31 -10.89 29.57
C ALA D 60 18.16 -10.78 30.82
N ALA D 61 19.18 -11.63 30.94
CA ALA D 61 20.08 -11.68 32.07
C ALA D 61 21.50 -11.80 31.56
N PRO D 62 22.50 -11.46 32.38
CA PRO D 62 23.88 -11.60 31.93
C PRO D 62 24.35 -13.05 31.92
N ALA D 63 25.27 -13.33 31.00
CA ALA D 63 25.93 -14.62 30.94
C ALA D 63 27.01 -14.67 32.02
N VAL D 64 26.95 -15.70 32.86
CA VAL D 64 27.83 -15.80 34.01
C VAL D 64 28.75 -17.00 33.80
N ARG D 65 30.04 -16.72 33.56
CA ARG D 65 31.07 -17.74 33.48
C ARG D 65 32.12 -17.48 34.57
N ARG D 66 32.53 -18.56 35.23
CA ARG D 66 33.47 -18.53 36.35
C ARG D 66 34.83 -19.06 35.91
N ASP D 67 35.86 -18.26 36.10
CA ASP D 67 37.24 -18.67 35.86
C ASP D 67 37.92 -18.72 37.24
N GLY D 68 37.78 -19.87 37.90
CA GLY D 68 38.26 -20.02 39.26
C GLY D 68 37.47 -19.17 40.22
N ASN D 69 38.14 -18.15 40.78
CA ASN D 69 37.56 -17.22 41.73
C ASN D 69 37.00 -15.98 41.06
N VAL D 70 37.31 -15.76 39.78
CA VAL D 70 36.87 -14.57 39.07
C VAL D 70 35.59 -14.91 38.32
N THR D 71 34.61 -14.01 38.40
CA THR D 71 33.36 -14.15 37.68
C THR D 71 33.27 -13.11 36.58
N TYR D 72 32.82 -13.54 35.39
CA TYR D 72 32.57 -12.67 34.25
C TYR D 72 31.07 -12.62 34.01
N ALA D 73 30.49 -11.43 34.06
CA ALA D 73 29.07 -11.23 33.81
C ALA D 73 28.95 -10.34 32.58
N THR D 74 28.55 -10.93 31.46
CA THR D 74 28.54 -10.22 30.18
C THR D 74 27.16 -10.20 29.52
N LEU D 75 27.00 -9.23 28.64
CA LEU D 75 25.75 -8.95 27.95
C LEU D 75 26.06 -8.52 26.52
N GLY D 76 25.12 -8.78 25.63
CA GLY D 76 25.20 -8.29 24.27
C GLY D 76 24.52 -6.95 24.15
N LEU D 77 24.70 -6.32 22.99
CA LEU D 77 24.02 -5.09 22.67
C LEU D 77 23.26 -5.27 21.36
N THR D 78 22.15 -4.55 21.23
CA THR D 78 21.44 -4.58 19.96
C THR D 78 22.13 -3.63 18.97
N ARG D 79 21.74 -3.75 17.69
CA ARG D 79 22.27 -2.84 16.68
C ARG D 79 22.02 -1.39 17.05
N ARG D 80 20.83 -1.10 17.55
CA ARG D 80 20.52 0.24 18.02
C ARG D 80 21.39 0.60 19.23
N ASP D 81 21.61 -0.35 20.14
CA ASP D 81 22.51 -0.09 21.27
C ASP D 81 23.92 0.24 20.78
N TYR D 82 24.49 -0.65 19.96
CA TYR D 82 25.81 -0.45 19.40
C TYR D 82 25.92 0.89 18.68
N ASP D 83 24.96 1.20 17.81
CA ASP D 83 25.08 2.38 16.94
C ASP D 83 25.08 3.68 17.74
N GLN D 84 24.22 3.80 18.75
CA GLN D 84 24.01 5.09 19.39
C GLN D 84 24.92 5.29 20.60
N TYR D 85 25.17 4.21 21.34
CA TYR D 85 26.00 4.27 22.55
C TYR D 85 27.48 4.22 22.22
N TYR D 86 27.91 3.20 21.47
CA TYR D 86 29.32 2.95 21.19
C TYR D 86 29.80 3.74 19.98
N ARG D 87 29.23 3.43 18.81
CA ARG D 87 29.66 4.10 17.58
C ARG D 87 29.33 5.58 17.59
N GLY D 88 28.18 5.94 18.14
CA GLY D 88 27.70 7.30 18.10
C GLY D 88 28.31 8.20 19.15
N PHE D 89 27.62 8.38 20.27
CA PHE D 89 28.03 9.38 21.25
C PHE D 89 29.43 9.11 21.81
N SER D 90 29.74 7.86 22.15
CA SER D 90 31.06 7.58 22.71
C SER D 90 32.17 7.91 21.71
N ASN D 91 32.09 7.33 20.50
CA ASN D 91 33.20 7.39 19.56
C ASN D 91 33.10 8.53 18.54
N ALA D 92 31.93 9.16 18.38
CA ALA D 92 31.78 10.29 17.48
C ALA D 92 31.58 11.63 18.19
N THR D 93 31.34 11.62 19.50
CA THR D 93 31.25 12.86 20.28
C THR D 93 32.32 12.93 21.37
N LEU D 94 32.29 12.01 22.33
CA LEU D 94 33.21 12.09 23.47
C LEU D 94 34.67 11.96 23.02
N TRP D 95 34.99 10.90 22.26
CA TRP D 95 36.38 10.66 21.91
C TRP D 95 37.02 11.83 21.17
N PRO D 96 36.43 12.36 20.09
CA PRO D 96 37.08 13.50 19.40
C PRO D 96 37.18 14.74 20.27
N VAL D 97 36.15 15.08 21.03
CA VAL D 97 36.22 16.29 21.85
C VAL D 97 37.29 16.15 22.91
N PHE D 98 37.29 15.01 23.63
CA PHE D 98 38.28 14.82 24.68
C PHE D 98 39.68 14.76 24.11
N HIS D 99 39.81 14.55 22.80
CA HIS D 99 41.10 14.60 22.13
C HIS D 99 41.28 15.92 21.37
N TYR D 100 40.50 16.95 21.72
CA TYR D 100 40.68 18.31 21.18
C TYR D 100 40.50 18.35 19.66
N ARG D 101 39.49 17.63 19.18
CA ARG D 101 39.16 17.62 17.76
C ARG D 101 37.69 18.01 17.60
N SER D 102 37.40 19.28 17.87
CA SER D 102 36.04 19.78 17.74
C SER D 102 35.55 19.70 16.30
N ASP D 103 36.45 19.68 15.33
CA ASP D 103 36.05 19.57 13.93
C ASP D 103 35.48 18.20 13.60
N LEU D 104 35.83 17.18 14.38
CA LEU D 104 35.41 15.80 14.17
C LEU D 104 34.22 15.40 15.03
N ALA D 105 33.74 16.28 15.91
CA ALA D 105 32.63 15.95 16.79
C ALA D 105 31.31 16.00 16.04
N ARG D 106 30.47 14.99 16.28
CA ARG D 106 29.14 14.93 15.67
C ARG D 106 28.17 14.60 16.79
N PHE D 107 27.49 15.61 17.31
CA PHE D 107 26.51 15.34 18.34
C PHE D 107 25.16 15.04 17.70
N ASP D 108 24.49 14.02 18.22
CA ASP D 108 23.14 13.70 17.80
C ASP D 108 22.32 13.32 19.01
N ARG D 109 21.17 13.98 19.18
CA ARG D 109 20.36 13.78 20.38
C ARG D 109 19.91 12.34 20.53
N GLN D 110 19.55 11.70 19.42
CA GLN D 110 19.07 10.32 19.48
C GLN D 110 20.18 9.38 19.93
N GLU D 111 21.41 9.60 19.44
CA GLU D 111 22.55 8.82 19.90
C GLU D 111 22.82 9.05 21.39
N TYR D 112 22.71 10.31 21.83
CA TYR D 112 22.97 10.60 23.24
C TYR D 112 21.95 9.90 24.14
N ALA D 113 20.67 9.93 23.75
CA ALA D 113 19.64 9.25 24.55
C ALA D 113 19.91 7.76 24.64
N GLY D 114 20.33 7.15 23.52
CA GLY D 114 20.70 5.74 23.55
C GLY D 114 21.94 5.48 24.38
N TYR D 115 22.89 6.41 24.36
CA TYR D 115 24.04 6.33 25.27
C TYR D 115 23.56 6.24 26.72
N LEU D 116 22.61 7.10 27.09
CA LEU D 116 22.06 7.03 28.44
C LEU D 116 21.28 5.73 28.65
N ARG D 117 20.47 5.32 27.66
CA ARG D 117 19.65 4.13 27.80
C ARG D 117 20.50 2.89 28.06
N VAL D 118 21.60 2.74 27.34
CA VAL D 118 22.47 1.59 27.55
C VAL D 118 23.12 1.65 28.93
N ASN D 119 23.55 2.85 29.36
CA ASN D 119 24.10 3.00 30.69
C ASN D 119 23.09 2.58 31.76
N ALA D 120 21.84 3.01 31.61
CA ALA D 120 20.83 2.62 32.59
C ALA D 120 20.55 1.13 32.52
N MET D 121 20.53 0.57 31.30
CA MET D 121 20.30 -0.86 31.12
C MET D 121 21.42 -1.68 31.75
N LEU D 122 22.67 -1.29 31.50
CA LEU D 122 23.80 -2.00 32.09
C LEU D 122 23.76 -1.91 33.61
N ALA D 123 23.36 -0.74 34.14
CA ALA D 123 23.31 -0.56 35.58
C ALA D 123 22.23 -1.42 36.21
N ARG D 124 21.06 -1.53 35.55
CA ARG D 124 20.01 -2.39 36.08
C ARG D 124 20.45 -3.84 36.12
N GLN D 125 21.20 -4.26 35.11
CA GLN D 125 21.70 -5.62 35.09
C GLN D 125 22.73 -5.84 36.20
N LEU D 126 23.60 -4.85 36.42
CA LEU D 126 24.63 -4.99 37.44
C LEU D 126 24.04 -4.93 38.84
N ALA D 127 23.06 -4.03 39.05
CA ALA D 127 22.50 -3.86 40.38
C ALA D 127 21.95 -5.17 40.92
N ALA D 128 21.35 -6.00 40.06
CA ALA D 128 20.81 -7.28 40.47
C ALA D 128 21.88 -8.27 40.90
N LEU D 129 23.14 -8.00 40.61
CA LEU D 129 24.24 -8.86 41.02
C LEU D 129 24.94 -8.36 42.26
N LEU D 130 24.64 -7.15 42.70
CA LEU D 130 25.46 -6.52 43.73
C LEU D 130 25.13 -7.04 45.11
N ARG D 131 26.14 -7.03 45.97
CA ARG D 131 26.09 -7.19 47.41
C ARG D 131 26.40 -5.85 48.07
N PRO D 132 25.79 -5.54 49.21
CA PRO D 132 25.85 -4.17 49.74
C PRO D 132 27.27 -3.63 49.96
N ASP D 133 28.26 -4.49 50.19
CA ASP D 133 29.62 -4.05 50.48
C ASP D 133 30.55 -4.15 49.27
N ASP D 134 30.04 -4.49 48.09
CA ASP D 134 30.88 -4.54 46.91
C ASP D 134 31.55 -3.20 46.66
N LEU D 135 32.79 -3.25 46.17
CA LEU D 135 33.51 -2.07 45.71
C LEU D 135 33.39 -2.01 44.18
N ILE D 136 32.89 -0.88 43.66
CA ILE D 136 32.59 -0.79 42.23
C ILE D 136 33.60 0.13 41.57
N TRP D 137 34.31 -0.38 40.57
CA TRP D 137 35.35 0.34 39.83
C TRP D 137 34.97 0.40 38.34
N VAL D 138 34.57 1.59 37.87
CA VAL D 138 34.08 1.80 36.52
C VAL D 138 35.17 2.49 35.69
N HIS D 139 35.30 2.06 34.43
CA HIS D 139 36.42 2.45 33.57
C HIS D 139 35.96 3.12 32.29
N ASP D 140 36.41 4.36 32.08
CA ASP D 140 36.50 5.04 30.78
C ASP D 140 35.19 5.68 30.28
N TYR D 141 35.31 6.45 29.21
CA TYR D 141 34.30 7.44 28.82
C TYR D 141 32.97 6.84 28.39
N HIS D 142 32.94 5.56 28.00
CA HIS D 142 31.67 4.93 27.66
C HIS D 142 30.69 4.96 28.82
N LEU D 143 31.20 5.08 30.05
CA LEU D 143 30.40 4.86 31.25
C LEU D 143 30.37 6.08 32.16
N LEU D 144 30.61 7.27 31.63
CA LEU D 144 30.42 8.47 32.43
C LEU D 144 29.10 8.51 33.19
N PRO D 145 27.96 8.09 32.63
CA PRO D 145 26.69 8.15 33.38
C PRO D 145 26.46 6.99 34.34
N PHE D 146 27.37 6.02 34.45
CA PHE D 146 27.04 4.75 35.07
C PHE D 146 26.75 4.88 36.55
N ALA D 147 27.60 5.59 37.30
CA ALA D 147 27.35 5.75 38.72
C ALA D 147 26.00 6.42 38.95
N HIS D 148 25.70 7.44 38.14
CA HIS D 148 24.42 8.11 38.25
C HIS D 148 23.26 7.14 38.11
N CYS D 149 23.34 6.22 37.13
CA CYS D 149 22.29 5.22 36.95
C CYS D 149 22.17 4.30 38.17
N LEU D 150 23.30 3.90 38.75
CA LEU D 150 23.27 3.03 39.92
C LEU D 150 22.67 3.75 41.14
N ARG D 151 23.00 5.04 41.32
CA ARG D 151 22.42 5.78 42.45
C ARG D 151 20.91 5.81 42.37
N GLU D 152 20.35 5.99 41.18
CA GLU D 152 18.89 6.05 41.06
C GLU D 152 18.24 4.69 41.31
N LEU D 153 18.99 3.60 41.21
CA LEU D 153 18.51 2.27 41.55
C LEU D 153 18.66 1.94 43.03
N GLY D 154 19.15 2.88 43.85
CA GLY D 154 19.32 2.64 45.27
C GLY D 154 20.66 2.08 45.69
N VAL D 155 21.66 2.10 44.81
CA VAL D 155 22.98 1.56 45.11
C VAL D 155 23.74 2.55 46.00
N LYS D 156 24.15 2.09 47.18
CA LYS D 156 24.89 2.94 48.10
C LYS D 156 26.38 2.61 48.16
N ASN D 157 26.82 1.54 47.49
CA ASN D 157 28.20 1.06 47.45
C ASN D 157 29.19 2.15 47.06
N PRO D 158 30.46 1.99 47.43
CA PRO D 158 31.51 2.82 46.84
C PRO D 158 31.61 2.59 45.33
N ILE D 159 31.63 3.69 44.57
CA ILE D 159 31.84 3.61 43.12
C ILE D 159 32.95 4.59 42.77
N GLY D 160 34.03 4.06 42.18
CA GLY D 160 35.10 4.88 41.67
C GLY D 160 35.12 4.82 40.15
N PHE D 161 35.55 5.92 39.53
CA PHE D 161 35.65 6.04 38.09
C PHE D 161 37.10 6.31 37.70
N PHE D 162 37.56 5.70 36.61
CA PHE D 162 38.85 6.07 36.04
C PHE D 162 38.72 6.35 34.56
N LEU D 163 39.15 7.54 34.15
CA LEU D 163 39.15 7.95 32.75
C LEU D 163 40.52 7.64 32.16
N HIS D 164 40.54 6.81 31.11
CA HIS D 164 41.80 6.42 30.48
C HIS D 164 42.32 7.46 29.49
N ILE D 165 41.46 8.35 29.01
CA ILE D 165 41.78 9.31 27.96
C ILE D 165 41.88 10.69 28.62
N PRO D 166 42.32 11.74 27.92
CA PRO D 166 42.42 13.05 28.56
C PRO D 166 41.03 13.56 28.94
N PHE D 167 41.01 14.45 29.94
CA PHE D 167 39.82 15.24 30.23
C PHE D 167 40.07 16.67 29.78
N PRO D 168 39.29 17.20 28.85
CA PRO D 168 39.60 18.53 28.32
C PRO D 168 39.12 19.61 29.24
N SER D 169 39.82 20.75 29.21
CA SER D 169 39.45 21.91 30.00
C SER D 169 38.10 22.45 29.55
N PRO D 170 37.47 23.31 30.36
CA PRO D 170 36.06 23.68 30.07
C PRO D 170 35.84 24.27 28.69
N ASP D 171 36.78 25.03 28.15
CA ASP D 171 36.56 25.63 26.84
C ASP D 171 36.41 24.58 25.75
N MET D 172 37.08 23.44 25.88
CA MET D 172 36.94 22.36 24.91
C MET D 172 35.81 21.39 25.28
N LEU D 173 35.60 21.13 26.58
CA LEU D 173 34.53 20.24 27.01
C LEU D 173 33.15 20.72 26.54
N ARG D 174 32.95 22.04 26.51
CA ARG D 174 31.67 22.64 26.12
C ARG D 174 31.28 22.27 24.68
N VAL D 175 32.20 21.78 23.87
CA VAL D 175 31.81 21.33 22.53
C VAL D 175 30.83 20.16 22.63
N VAL D 176 30.95 19.33 23.67
CA VAL D 176 29.95 18.29 23.93
C VAL D 176 28.70 18.97 24.48
N PRO D 177 27.57 18.95 23.78
CA PRO D 177 26.42 19.77 24.19
C PRO D 177 25.91 19.43 25.58
N PRO D 178 25.79 18.14 25.99
CA PRO D 178 25.33 17.87 27.36
C PRO D 178 26.43 17.87 28.42
N HIS D 179 27.44 18.74 28.27
CA HIS D 179 28.61 18.72 29.15
C HIS D 179 28.24 18.92 30.62
N ASP D 180 27.28 19.82 30.88
CA ASP D 180 26.91 20.09 32.27
C ASP D 180 26.26 18.85 32.89
N GLU D 181 25.39 18.18 32.14
CA GLU D 181 24.77 16.94 32.61
C GLU D 181 25.82 15.86 32.88
N LEU D 182 26.81 15.74 31.99
CA LEU D 182 27.82 14.71 32.18
C LEU D 182 28.66 14.98 33.42
N VAL D 183 28.97 16.26 33.67
CA VAL D 183 29.72 16.57 34.89
C VAL D 183 28.89 16.25 36.12
N LYS D 184 27.58 16.55 36.08
CA LYS D 184 26.72 16.13 37.17
C LYS D 184 26.78 14.62 37.37
N PHE D 185 26.71 13.86 36.27
CA PHE D 185 26.81 12.40 36.35
C PHE D 185 28.11 11.96 37.00
N MET D 186 29.22 12.61 36.65
CA MET D 186 30.52 12.22 37.20
C MET D 186 30.59 12.46 38.70
N CYS D 187 29.81 13.42 39.22
CA CYS D 187 29.80 13.64 40.66
C CYS D 187 29.01 12.58 41.42
N ALA D 188 28.35 11.66 40.72
CA ALA D 188 27.73 10.51 41.39
C ALA D 188 28.78 9.49 41.84
N TYR D 189 29.98 9.55 41.27
CA TYR D 189 31.08 8.71 41.71
C TYR D 189 31.66 9.26 43.01
N ASP D 190 32.02 8.34 43.92
CA ASP D 190 32.75 8.78 45.10
C ASP D 190 34.18 9.19 44.75
N ILE D 191 34.74 8.59 43.69
CA ILE D 191 36.09 8.88 43.25
C ILE D 191 36.07 9.11 41.75
N ALA D 192 36.64 10.24 41.32
CA ALA D 192 36.86 10.51 39.90
C ALA D 192 38.36 10.50 39.66
N GLY D 193 38.85 9.43 39.05
CA GLY D 193 40.27 9.23 38.82
C GLY D 193 40.66 9.56 37.39
N PHE D 194 41.85 10.15 37.24
CA PHE D 194 42.34 10.57 35.93
C PHE D 194 43.79 10.14 35.77
N GLN D 195 44.27 10.23 34.53
CA GLN D 195 45.64 9.82 34.22
C GLN D 195 46.64 10.78 34.85
N THR D 196 46.41 12.09 34.69
CA THR D 196 47.39 13.10 35.03
C THR D 196 46.75 14.19 35.86
N ASP D 197 47.62 14.99 36.49
CA ASP D 197 47.16 16.16 37.25
C ASP D 197 46.43 17.14 36.34
N ALA D 198 46.95 17.35 35.13
CA ALA D 198 46.29 18.29 34.22
C ALA D 198 44.85 17.87 33.96
N ASP D 199 44.60 16.57 33.77
CA ASP D 199 43.23 16.11 33.56
C ASP D 199 42.35 16.39 34.77
N LYS D 200 42.86 16.08 35.97
CA LYS D 200 42.07 16.33 37.18
C LYS D 200 41.81 17.82 37.36
N ARG D 201 42.80 18.66 37.03
CA ARG D 201 42.63 20.11 37.12
C ARG D 201 41.60 20.62 36.11
N ALA D 202 41.58 20.03 34.90
CA ALA D 202 40.56 20.42 33.94
C ALA D 202 39.17 20.15 34.51
N PHE D 203 39.01 18.99 35.15
CA PHE D 203 37.76 18.66 35.81
C PHE D 203 37.44 19.62 36.96
N SER D 204 38.44 19.95 37.79
CA SER D 204 38.20 20.90 38.87
C SER D 204 37.85 22.28 38.33
N ASP D 205 38.53 22.70 37.25
CA ASP D 205 38.28 24.03 36.71
C ASP D 205 36.84 24.18 36.27
N TYR D 206 36.29 23.16 35.63
CA TYR D 206 34.89 23.21 35.22
C TYR D 206 33.98 23.46 36.41
N ILE D 207 34.14 22.68 37.47
CA ILE D 207 33.24 22.76 38.62
C ILE D 207 33.44 24.05 39.40
N GLU D 208 34.70 24.45 39.62
CA GLU D 208 34.94 25.65 40.42
C GLU D 208 34.60 26.91 39.64
N ARG D 209 35.11 27.02 38.41
CA ARG D 209 35.01 28.28 37.68
C ARG D 209 33.61 28.55 37.13
N ARG D 210 32.77 27.52 37.06
CA ARG D 210 31.39 27.71 36.63
C ARG D 210 30.44 27.84 37.81
N GLY D 211 30.97 27.99 39.02
CA GLY D 211 30.12 28.17 40.19
C GLY D 211 29.31 26.95 40.56
N ILE D 212 29.75 25.77 40.15
CA ILE D 212 29.03 24.54 40.44
C ILE D 212 29.39 24.01 41.82
N GLY D 213 30.65 24.17 42.22
CA GLY D 213 31.13 23.66 43.48
C GLY D 213 32.42 24.33 43.92
N THR D 214 32.99 23.81 45.00
CA THR D 214 34.16 24.43 45.61
C THR D 214 35.31 23.44 45.80
N GLY D 219 41.79 17.29 49.14
CA GLY D 219 41.61 17.15 47.70
C GLY D 219 40.18 16.82 47.26
N MET D 220 39.21 17.32 48.04
CA MET D 220 37.81 16.94 47.89
C MET D 220 37.01 18.04 47.20
N LEU D 221 36.13 17.63 46.30
CA LEU D 221 35.23 18.56 45.60
C LEU D 221 33.82 18.39 46.13
N HIS D 222 33.16 19.51 46.43
CA HIS D 222 31.78 19.52 46.91
C HIS D 222 30.91 20.11 45.80
N ALA D 223 30.07 19.26 45.20
CA ALA D 223 29.26 19.69 44.07
C ALA D 223 28.08 18.76 43.92
N HIS D 224 26.98 19.31 43.40
CA HIS D 224 25.76 18.54 43.15
C HIS D 224 25.33 17.74 44.38
N GLY D 225 25.48 18.35 45.55
CA GLY D 225 25.06 17.72 46.79
C GLY D 225 25.85 16.48 47.18
N ARG D 226 27.00 16.23 46.57
CA ARG D 226 27.82 15.07 46.90
C ARG D 226 29.25 15.52 47.13
N VAL D 227 30.04 14.61 47.67
CA VAL D 227 31.46 14.83 47.94
C VAL D 227 32.25 13.85 47.09
N VAL D 228 33.17 14.39 46.28
CA VAL D 228 33.87 13.60 45.28
C VAL D 228 35.37 13.77 45.50
N LYS D 229 36.08 12.65 45.60
CA LYS D 229 37.53 12.66 45.62
C LYS D 229 38.05 12.69 44.19
N VAL D 230 38.83 13.71 43.85
CA VAL D 230 39.40 13.88 42.52
C VAL D 230 40.89 13.65 42.64
N ALA D 231 41.42 12.69 41.88
CA ALA D 231 42.83 12.34 42.04
C ALA D 231 43.37 11.78 40.73
N ALA D 232 44.70 11.73 40.63
CA ALA D 232 45.39 11.24 39.46
C ALA D 232 46.03 9.89 39.79
N TYR D 233 45.88 8.94 38.88
CA TYR D 233 46.48 7.62 39.00
C TYR D 233 47.06 7.24 37.65
N PRO D 234 48.23 7.77 37.30
CA PRO D 234 48.79 7.49 35.97
C PRO D 234 49.11 6.00 35.82
N ILE D 235 48.58 5.41 34.75
CA ILE D 235 48.73 3.97 34.55
C ILE D 235 50.15 3.66 34.08
N GLY D 236 50.73 2.63 34.67
CA GLY D 236 52.06 2.18 34.30
C GLY D 236 52.09 0.78 33.71
N VAL D 237 53.25 0.16 33.75
CA VAL D 237 53.45 -1.17 33.19
C VAL D 237 54.24 -2.00 34.19
N TYR D 238 54.52 -3.25 33.80
CA TYR D 238 55.40 -4.14 34.54
C TYR D 238 56.73 -4.20 33.79
N PRO D 239 57.63 -3.24 34.03
CA PRO D 239 58.80 -3.12 33.16
C PRO D 239 59.68 -4.36 33.16
N ASP D 240 59.81 -5.04 34.28
CA ASP D 240 60.66 -6.22 34.28
C ASP D 240 60.00 -7.37 33.52
N ALA D 241 58.67 -7.49 33.56
CA ALA D 241 58.01 -8.53 32.78
C ALA D 241 58.15 -8.25 31.29
N ILE D 242 57.99 -6.99 30.87
CA ILE D 242 58.14 -6.64 29.46
C ILE D 242 59.55 -6.96 28.97
N ALA D 243 60.56 -6.68 29.78
CA ALA D 243 61.95 -6.94 29.39
C ALA D 243 62.19 -8.43 29.18
N GLU D 244 61.72 -9.25 30.12
CA GLU D 244 61.90 -10.70 29.98
C GLU D 244 61.19 -11.22 28.75
N ALA D 245 59.98 -10.71 28.49
CA ALA D 245 59.23 -11.12 27.30
C ALA D 245 59.95 -10.69 26.03
N ALA D 246 60.57 -9.51 26.05
CA ALA D 246 61.26 -9.04 24.85
C ALA D 246 62.43 -9.94 24.52
N VAL D 247 63.13 -10.43 25.54
CA VAL D 247 64.25 -11.36 25.30
C VAL D 247 63.76 -12.76 24.95
N GLN D 248 62.70 -13.23 25.62
CA GLN D 248 62.21 -14.58 25.36
C GLN D 248 61.73 -14.74 23.93
N TYR D 249 61.19 -13.67 23.33
CA TYR D 249 60.65 -13.73 21.98
C TYR D 249 61.65 -13.23 20.94
N GLY D 250 62.89 -12.94 21.35
CA GLY D 250 63.87 -12.34 20.47
C GLY D 250 64.27 -13.18 19.27
N GLY D 251 63.97 -14.48 19.27
CA GLY D 251 64.31 -15.36 18.17
C GLY D 251 63.13 -15.90 17.37
N ARG D 252 61.96 -15.28 17.49
CA ARG D 252 60.79 -15.73 16.74
C ARG D 252 60.90 -15.31 15.27
N LYS D 253 60.21 -16.06 14.42
CA LYS D 253 60.34 -15.86 12.97
C LYS D 253 60.03 -14.43 12.53
N PRO D 254 58.96 -13.78 13.00
CA PRO D 254 58.75 -12.38 12.60
C PRO D 254 59.91 -11.47 12.99
N VAL D 255 60.60 -11.78 14.08
CA VAL D 255 61.72 -10.95 14.51
C VAL D 255 62.92 -11.17 13.60
N LYS D 256 63.21 -12.44 13.27
CA LYS D 256 64.32 -12.71 12.37
C LYS D 256 64.04 -12.16 10.99
N MET D 257 62.78 -12.21 10.54
CA MET D 257 62.42 -11.58 9.27
C MET D 257 62.79 -10.10 9.29
N LEU D 258 62.39 -9.38 10.34
CA LEU D 258 62.68 -7.95 10.40
C LEU D 258 64.18 -7.70 10.47
N ARG D 259 64.88 -8.45 11.32
CA ARG D 259 66.32 -8.24 11.48
C ARG D 259 67.05 -8.45 10.17
N ASP D 260 66.79 -9.58 9.51
CA ASP D 260 67.46 -9.90 8.25
C ASP D 260 67.13 -8.87 7.17
N ALA D 261 65.89 -8.37 7.16
CA ALA D 261 65.51 -7.39 6.14
C ALA D 261 66.22 -6.07 6.37
N LEU D 262 66.38 -5.66 7.64
CA LEU D 262 67.03 -4.39 7.93
C LEU D 262 68.46 -4.38 7.46
N GLY D 263 69.15 -5.50 7.62
CA GLY D 263 70.51 -5.69 7.14
C GLY D 263 71.47 -4.58 7.50
N GLY D 264 71.55 -4.23 8.78
CA GLY D 264 72.47 -3.20 9.22
C GLY D 264 71.88 -1.82 9.29
N ARG D 265 70.77 -1.57 8.61
CA ARG D 265 70.07 -0.30 8.77
C ARG D 265 69.56 -0.13 10.19
N LYS D 266 69.53 1.12 10.66
CA LYS D 266 68.91 1.42 11.93
C LYS D 266 67.38 1.38 11.79
N LEU D 267 66.71 1.09 12.90
CA LEU D 267 65.28 0.83 12.91
C LEU D 267 64.56 1.86 13.77
N VAL D 268 63.60 2.56 13.17
CA VAL D 268 62.68 3.43 13.87
C VAL D 268 61.36 2.70 13.96
N MET D 269 60.85 2.52 15.17
CA MET D 269 59.70 1.68 15.41
C MET D 269 58.53 2.51 15.94
N SER D 270 57.34 2.24 15.42
CA SER D 270 56.10 2.83 15.91
C SER D 270 55.01 1.78 15.94
N VAL D 271 54.18 1.79 16.98
CA VAL D 271 53.00 0.93 17.06
C VAL D 271 51.81 1.77 17.54
N ASP D 272 50.75 1.82 16.75
CA ASP D 272 49.59 2.64 17.08
C ASP D 272 48.36 2.03 16.46
N ARG D 273 47.23 2.09 17.15
CA ARG D 273 45.95 2.02 16.46
C ARG D 273 45.87 3.16 15.46
N LEU D 274 45.21 2.93 14.33
CA LEU D 274 45.10 3.96 13.29
C LEU D 274 44.04 5.00 13.69
N ASP D 275 44.38 5.76 14.74
CA ASP D 275 43.50 6.78 15.29
C ASP D 275 43.99 8.16 14.86
N TYR D 276 43.06 9.09 14.64
CA TYR D 276 43.54 10.43 14.37
C TYR D 276 44.23 11.08 15.57
N SER D 277 44.07 10.55 16.78
CA SER D 277 44.77 11.15 17.92
C SER D 277 46.28 10.88 17.89
N LYS D 278 46.75 9.94 17.08
CA LYS D 278 48.13 9.45 17.17
C LYS D 278 49.15 10.26 16.36
N GLY D 279 48.72 11.26 15.61
CA GLY D 279 49.63 12.07 14.82
C GLY D 279 50.40 11.32 13.76
N LEU D 280 49.76 10.31 13.12
CA LEU D 280 50.50 9.47 12.18
C LEU D 280 50.92 10.26 10.93
N VAL D 281 50.08 11.16 10.45
CA VAL D 281 50.43 11.94 9.27
C VAL D 281 51.58 12.89 9.58
N GLU D 282 51.47 13.65 10.68
CA GLU D 282 52.56 14.52 11.11
C GLU D 282 53.84 13.73 11.29
N ARG D 283 53.72 12.51 11.84
CA ARG D 283 54.87 11.64 12.06
C ARG D 283 55.52 11.24 10.74
N PHE D 284 54.71 10.82 9.74
CA PHE D 284 55.28 10.42 8.45
C PHE D 284 55.98 11.60 7.77
N GLN D 285 55.30 12.75 7.72
CA GLN D 285 55.89 13.92 7.09
C GLN D 285 57.15 14.38 7.80
N SER D 286 57.25 14.15 9.11
CA SER D 286 58.47 14.52 9.83
C SER D 286 59.63 13.59 9.48
N PHE D 287 59.36 12.29 9.32
CA PHE D 287 60.42 11.39 8.83
C PHE D 287 60.82 11.77 7.41
N GLU D 288 59.85 12.11 6.57
CA GLU D 288 60.15 12.62 5.24
C GLU D 288 61.07 13.85 5.31
N ARG D 289 60.74 14.79 6.20
CA ARG D 289 61.56 16.00 6.33
C ARG D 289 62.99 15.67 6.74
N MET D 290 63.18 14.68 7.61
CA MET D 290 64.52 14.30 8.00
C MET D 290 65.29 13.72 6.83
N LEU D 291 64.66 12.86 6.03
CA LEU D 291 65.33 12.29 4.87
C LEU D 291 65.70 13.37 3.87
N ALA D 292 64.84 14.38 3.70
CA ALA D 292 65.15 15.47 2.79
C ALA D 292 66.33 16.31 3.26
N GLY D 293 66.39 16.60 4.57
CA GLY D 293 67.42 17.48 5.10
C GLY D 293 68.74 16.81 5.38
N ALA D 294 68.74 15.50 5.57
CA ALA D 294 69.95 14.72 5.81
C ALA D 294 69.92 13.54 4.86
N PRO D 295 70.17 13.80 3.57
CA PRO D 295 69.98 12.74 2.57
C PRO D 295 70.81 11.52 2.84
N ASP D 296 71.90 11.63 3.61
CA ASP D 296 72.72 10.45 3.91
C ASP D 296 71.95 9.39 4.67
N TRP D 297 70.84 9.76 5.32
CA TRP D 297 70.08 8.76 6.05
C TRP D 297 69.28 7.86 5.11
N GLN D 298 69.04 8.30 3.87
CA GLN D 298 68.28 7.50 2.92
C GLN D 298 69.03 6.22 2.67
N GLY D 299 68.32 5.08 2.80
CA GLY D 299 68.96 3.80 2.66
C GLY D 299 69.69 3.31 3.90
N ARG D 300 69.81 4.12 4.95
CA ARG D 300 70.55 3.74 6.13
C ARG D 300 69.68 3.59 7.36
N VAL D 301 68.39 3.93 7.26
CA VAL D 301 67.43 3.79 8.34
C VAL D 301 66.10 3.36 7.74
N SER D 302 65.32 2.62 8.52
CA SER D 302 63.98 2.21 8.11
C SER D 302 62.98 2.51 9.21
N PHE D 303 61.85 3.10 8.83
CA PHE D 303 60.75 3.43 9.73
C PHE D 303 59.68 2.36 9.55
N VAL D 304 59.44 1.54 10.59
CA VAL D 304 58.39 0.52 10.58
C VAL D 304 57.21 1.08 11.36
N GLN D 305 56.05 1.18 10.72
CA GLN D 305 54.83 1.66 11.36
C GLN D 305 53.80 0.53 11.36
N ILE D 306 53.56 -0.04 12.53
CA ILE D 306 52.48 -1.00 12.71
C ILE D 306 51.24 -0.23 13.13
N ALA D 307 50.18 -0.33 12.35
CA ALA D 307 48.99 0.48 12.55
C ALA D 307 47.76 -0.35 12.21
N PRO D 308 47.33 -1.20 13.13
CA PRO D 308 46.12 -2.01 12.90
C PRO D 308 44.89 -1.12 12.86
N PRO D 309 43.92 -1.42 12.01
CA PRO D 309 42.74 -0.58 11.88
C PRO D 309 41.93 -0.54 13.17
N THR D 310 41.17 0.55 13.32
CA THR D 310 40.40 0.76 14.54
C THR D 310 39.13 1.49 14.16
N ARG D 311 38.02 1.10 14.78
CA ARG D 311 36.72 1.76 14.60
C ARG D 311 36.42 2.02 13.11
N SER D 312 36.64 0.98 12.29
CA SER D 312 36.53 1.11 10.84
C SER D 312 35.15 1.54 10.37
N ASP D 313 34.13 1.33 11.18
CA ASP D 313 32.76 1.69 10.84
C ASP D 313 32.40 3.12 11.24
N VAL D 314 33.35 3.92 11.72
CA VAL D 314 33.15 5.35 12.00
C VAL D 314 33.76 6.15 10.87
N GLN D 315 32.96 7.05 10.28
CA GLN D 315 33.38 7.73 9.05
C GLN D 315 34.63 8.57 9.26
N THR D 316 34.76 9.21 10.42
CA THR D 316 35.93 10.05 10.69
C THR D 316 37.23 9.25 10.66
N TYR D 317 37.17 7.96 11.00
CA TYR D 317 38.37 7.12 10.96
C TYR D 317 38.73 6.71 9.54
N GLN D 318 37.75 6.67 8.64
CA GLN D 318 38.03 6.35 7.25
C GLN D 318 38.86 7.47 6.59
N ARG D 319 38.57 8.72 6.95
CA ARG D 319 39.30 9.85 6.37
C ARG D 319 40.77 9.84 6.75
N ILE D 320 41.08 9.64 8.04
CA ILE D 320 42.48 9.69 8.46
C ILE D 320 43.25 8.52 7.86
N ARG D 321 42.61 7.36 7.72
CA ARG D 321 43.28 6.22 7.09
C ARG D 321 43.61 6.50 5.61
N GLU D 322 42.65 7.06 4.86
CA GLU D 322 42.95 7.39 3.47
C GLU D 322 44.09 8.39 3.37
N THR D 323 44.08 9.42 4.24
CA THR D 323 45.12 10.43 4.23
C THR D 323 46.48 9.81 4.50
N LEU D 324 46.55 8.91 5.49
CA LEU D 324 47.81 8.27 5.83
C LEU D 324 48.29 7.35 4.72
N GLU D 325 47.37 6.59 4.10
CA GLU D 325 47.76 5.73 2.98
C GLU D 325 48.34 6.56 1.86
N ARG D 326 47.72 7.70 1.58
CA ARG D 326 48.25 8.59 0.55
C ARG D 326 49.65 9.06 0.92
N GLU D 327 49.86 9.44 2.19
CA GLU D 327 51.18 9.91 2.61
C GLU D 327 52.23 8.81 2.54
N ALA D 328 51.88 7.60 2.98
CA ALA D 328 52.83 6.49 2.85
C ALA D 328 53.19 6.28 1.38
N GLY D 329 52.19 6.28 0.51
CA GLY D 329 52.46 6.08 -0.91
C GLY D 329 53.33 7.18 -1.50
N ARG D 330 53.03 8.44 -1.15
CA ARG D 330 53.79 9.56 -1.69
C ARG D 330 55.24 9.57 -1.19
N ILE D 331 55.44 9.38 0.12
CA ILE D 331 56.78 9.48 0.69
C ILE D 331 57.66 8.34 0.20
N ASN D 332 57.10 7.12 0.16
CA ASN D 332 57.86 5.99 -0.37
C ASN D 332 58.21 6.23 -1.83
N GLY D 333 57.26 6.70 -2.63
CA GLY D 333 57.56 7.00 -4.01
C GLY D 333 58.69 8.00 -4.17
N ARG D 334 58.78 8.97 -3.25
CA ARG D 334 59.79 10.01 -3.39
C ARG D 334 61.19 9.47 -3.12
N PHE D 335 61.35 8.66 -2.08
CA PHE D 335 62.66 8.32 -1.53
C PHE D 335 63.07 6.88 -1.70
N ALA D 336 62.15 6.00 -2.13
CA ALA D 336 62.48 4.59 -2.18
C ALA D 336 63.58 4.32 -3.19
N GLN D 337 64.38 3.31 -2.92
CA GLN D 337 65.30 2.78 -3.89
C GLN D 337 64.92 1.33 -4.17
N LEU D 338 65.57 0.74 -5.17
CA LEU D 338 65.17 -0.59 -5.57
C LEU D 338 65.35 -1.62 -4.47
N ASP D 339 66.07 -1.29 -3.39
CA ASP D 339 66.24 -2.20 -2.26
C ASP D 339 65.85 -1.57 -0.94
N TRP D 340 65.05 -0.51 -0.94
CA TRP D 340 64.77 0.20 0.31
C TRP D 340 63.40 0.85 0.27
N THR D 341 62.50 0.39 1.16
CA THR D 341 61.22 1.06 1.43
C THR D 341 61.38 1.96 2.65
N PRO D 342 61.29 3.29 2.50
CA PRO D 342 61.51 4.16 3.67
C PRO D 342 60.54 3.90 4.81
N ILE D 343 59.25 3.86 4.50
CA ILE D 343 58.21 3.63 5.49
C ILE D 343 57.56 2.30 5.20
N GLN D 344 57.83 1.31 6.06
CA GLN D 344 57.17 0.02 6.00
C GLN D 344 55.90 0.16 6.84
N TYR D 345 54.78 0.28 6.15
CA TYR D 345 53.48 0.53 6.76
C TYR D 345 52.68 -0.77 6.72
N LEU D 346 52.29 -1.25 7.91
CA LEU D 346 51.64 -2.55 8.04
C LEU D 346 50.35 -2.40 8.85
N ASN D 347 49.24 -2.83 8.29
CA ASN D 347 47.97 -2.83 9.02
C ASN D 347 47.72 -4.08 9.86
N ARG D 348 48.70 -4.97 9.99
CA ARG D 348 48.52 -6.17 10.80
C ARG D 348 48.59 -5.85 12.29
N LYS D 349 47.94 -6.70 13.08
CA LYS D 349 48.14 -6.72 14.53
C LYS D 349 49.13 -7.83 14.85
N TYR D 350 50.02 -7.59 15.80
CA TYR D 350 50.97 -8.59 16.22
C TYR D 350 50.79 -8.91 17.69
N GLU D 351 51.14 -10.14 18.04
CA GLU D 351 51.15 -10.56 19.44
C GLU D 351 51.97 -9.56 20.24
N ARG D 352 51.45 -9.18 21.41
CA ARG D 352 52.09 -8.11 22.18
C ARG D 352 53.54 -8.46 22.52
N ASN D 353 53.83 -9.73 22.76
CA ASN D 353 55.20 -10.10 23.10
C ASN D 353 56.16 -9.88 21.93
N LEU D 354 55.68 -10.09 20.69
CA LEU D 354 56.49 -9.80 19.50
C LEU D 354 56.84 -8.32 19.42
N LEU D 355 55.88 -7.45 19.73
CA LEU D 355 56.16 -6.01 19.68
C LEU D 355 57.31 -5.63 20.60
N MET D 356 57.38 -6.24 21.81
CA MET D 356 58.47 -5.92 22.74
C MET D 356 59.83 -6.26 22.12
N ALA D 357 59.92 -7.41 21.45
CA ALA D 357 61.16 -7.78 20.77
C ALA D 357 61.47 -6.84 19.60
N PHE D 358 60.44 -6.34 18.91
CA PHE D 358 60.67 -5.31 17.89
C PHE D 358 61.24 -4.06 18.55
N PHE D 359 60.60 -3.62 19.64
CA PHE D 359 61.08 -2.45 20.36
C PHE D 359 62.54 -2.65 20.77
N ARG D 360 62.84 -3.81 21.35
CA ARG D 360 64.21 -4.08 21.82
C ARG D 360 65.21 -4.00 20.68
N MET D 361 64.85 -4.54 19.51
CA MET D 361 65.74 -4.51 18.36
C MET D 361 65.95 -3.08 17.85
N SER D 362 64.93 -2.23 18.00
CA SER D 362 64.95 -0.92 17.36
C SER D 362 65.93 0.00 18.06
N GLN D 363 66.34 1.06 17.35
CA GLN D 363 67.17 2.12 17.92
C GLN D 363 66.39 3.33 18.39
N VAL D 364 65.21 3.56 17.82
CA VAL D 364 64.37 4.71 18.19
C VAL D 364 62.94 4.23 18.29
N GLY D 365 62.25 4.67 19.34
CA GLY D 365 60.81 4.55 19.44
C GLY D 365 60.20 5.91 19.12
N TYR D 366 59.18 5.89 18.28
CA TYR D 366 58.65 7.10 17.65
C TYR D 366 57.16 7.19 17.99
N VAL D 367 56.84 7.97 19.03
CA VAL D 367 55.51 7.97 19.66
C VAL D 367 55.06 9.42 19.75
N THR D 368 54.24 9.87 18.79
CA THR D 368 53.95 11.30 18.65
C THR D 368 52.45 11.62 18.59
N PRO D 369 51.65 11.15 19.55
CA PRO D 369 50.22 11.46 19.52
C PRO D 369 50.00 12.96 19.65
N LEU D 370 48.97 13.46 18.94
CA LEU D 370 48.56 14.84 19.10
C LEU D 370 47.84 15.04 20.43
N ARG D 371 47.35 13.95 21.02
CA ARG D 371 46.82 13.95 22.37
C ARG D 371 46.58 12.52 22.83
N ASP D 372 47.03 12.19 24.03
CA ASP D 372 46.90 10.82 24.52
C ASP D 372 46.79 10.87 26.03
N GLY D 373 45.80 10.15 26.57
CA GLY D 373 45.61 10.09 28.01
C GLY D 373 46.87 9.67 28.74
N MET D 374 47.54 8.63 28.24
CA MET D 374 48.82 8.22 28.78
C MET D 374 49.75 7.79 27.67
N ASN D 375 49.33 6.75 26.91
CA ASN D 375 50.09 6.04 25.89
C ASN D 375 51.05 5.03 26.52
N LEU D 376 50.66 3.75 26.56
CA LEU D 376 51.50 2.70 27.17
C LEU D 376 52.60 2.20 26.23
N VAL D 377 52.42 2.33 24.91
CA VAL D 377 53.47 1.99 23.96
C VAL D 377 54.75 2.75 24.31
N ALA D 378 54.62 4.03 24.67
CA ALA D 378 55.80 4.78 25.09
C ALA D 378 56.51 4.10 26.24
N LYS D 379 55.74 3.66 27.24
CA LYS D 379 56.34 3.02 28.41
C LYS D 379 56.85 1.64 28.07
N GLU D 380 56.08 0.89 27.29
CA GLU D 380 56.53 -0.43 26.85
C GLU D 380 57.80 -0.33 26.04
N TYR D 381 57.94 0.75 25.26
CA TYR D 381 59.14 0.90 24.46
C TYR D 381 60.37 0.99 25.36
N VAL D 382 60.30 1.81 26.41
CA VAL D 382 61.42 1.92 27.35
C VAL D 382 61.70 0.57 28.00
N ALA D 383 60.64 -0.10 28.47
CA ALA D 383 60.87 -1.33 29.23
C ALA D 383 61.46 -2.45 28.39
N SER D 384 61.31 -2.39 27.06
CA SER D 384 61.82 -3.49 26.23
C SER D 384 63.32 -3.40 26.03
N GLN D 385 63.91 -2.23 26.25
CA GLN D 385 65.28 -1.96 25.82
C GLN D 385 66.31 -2.76 26.62
N ASP D 386 67.40 -3.07 25.95
CA ASP D 386 68.55 -3.66 26.61
C ASP D 386 69.35 -2.58 27.32
N PRO D 387 69.54 -2.67 28.64
CA PRO D 387 70.26 -1.59 29.35
C PRO D 387 71.69 -1.42 28.86
N ALA D 388 72.29 -2.47 28.27
CA ALA D 388 73.64 -2.35 27.74
C ALA D 388 73.70 -1.60 26.41
N ASP D 389 72.57 -1.49 25.70
CA ASP D 389 72.46 -0.80 24.41
C ASP D 389 71.01 -0.36 24.16
N PRO D 390 70.53 0.64 24.89
CA PRO D 390 69.11 1.00 24.85
C PRO D 390 68.77 2.02 23.78
N GLY D 391 67.56 1.88 23.25
CA GLY D 391 67.06 2.82 22.27
C GLY D 391 66.67 4.15 22.90
N VAL D 392 66.28 5.08 22.02
CA VAL D 392 65.93 6.44 22.39
C VAL D 392 64.44 6.60 22.14
N LEU D 393 63.73 7.19 23.10
CA LEU D 393 62.31 7.41 22.94
C LEU D 393 62.07 8.84 22.47
N VAL D 394 61.44 8.98 21.30
CA VAL D 394 60.97 10.28 20.82
C VAL D 394 59.48 10.34 21.10
N LEU D 395 59.09 11.28 21.96
CA LEU D 395 57.75 11.29 22.55
C LEU D 395 57.11 12.68 22.48
N SER D 396 55.85 12.72 22.03
CA SER D 396 55.07 13.95 22.02
C SER D 396 54.71 14.43 23.43
N GLU D 397 54.87 15.73 23.66
CA GLU D 397 54.53 16.35 24.94
C GLU D 397 53.04 16.36 25.22
N PHE D 398 52.20 15.93 24.28
CA PHE D 398 50.77 15.84 24.50
C PHE D 398 50.33 14.45 24.91
N ALA D 399 51.28 13.51 25.09
CA ALA D 399 50.95 12.25 25.74
C ALA D 399 51.09 12.40 27.25
N GLY D 400 50.17 11.78 27.99
CA GLY D 400 50.26 11.81 29.44
C GLY D 400 51.57 11.25 29.94
N ALA D 401 52.14 10.29 29.22
CA ALA D 401 53.42 9.71 29.65
C ALA D 401 54.53 10.73 29.67
N ALA D 402 54.39 11.83 28.93
CA ALA D 402 55.45 12.84 28.85
C ALA D 402 55.73 13.44 30.22
N ALA D 403 54.73 13.48 31.09
CA ALA D 403 54.90 14.02 32.42
C ALA D 403 55.77 13.14 33.30
N GLU D 404 56.01 11.89 32.91
CA GLU D 404 56.85 10.97 33.65
C GLU D 404 58.17 10.61 32.96
N LEU D 405 58.20 10.57 31.63
CA LEU D 405 59.38 10.03 30.94
C LEU D 405 60.36 11.15 30.57
N GLY D 406 61.02 11.68 31.60
CA GLY D 406 61.96 12.79 31.42
C GLY D 406 63.18 12.46 30.59
N GLY D 407 63.51 11.18 30.45
CA GLY D 407 64.60 10.77 29.57
C GLY D 407 64.26 10.77 28.09
N ALA D 408 63.00 10.93 27.72
CA ALA D 408 62.62 10.97 26.31
C ALA D 408 63.07 12.26 25.65
N LEU D 409 63.19 12.23 24.33
CA LEU D 409 63.28 13.48 23.58
C LEU D 409 61.85 13.97 23.36
N LEU D 410 61.44 14.97 24.13
CA LEU D 410 60.08 15.48 24.05
C LEU D 410 59.98 16.40 22.86
N VAL D 411 58.88 16.25 22.11
CA VAL D 411 58.66 17.01 20.90
C VAL D 411 57.24 17.57 20.90
N ASN D 412 57.06 18.66 20.15
CA ASN D 412 55.75 19.17 19.78
C ASN D 412 55.42 18.67 18.37
N PRO D 413 54.44 17.78 18.19
CA PRO D 413 54.22 17.20 16.84
C PRO D 413 53.74 18.20 15.79
N TYR D 414 53.33 19.41 16.17
CA TYR D 414 52.99 20.45 15.19
C TYR D 414 54.21 21.16 14.63
N ASP D 415 55.42 20.77 15.07
CA ASP D 415 56.67 21.32 14.57
C ASP D 415 57.39 20.17 13.91
N HIS D 416 57.15 19.98 12.62
CA HIS D 416 57.73 18.84 11.90
C HIS D 416 59.26 18.90 11.95
N ALA D 417 59.83 20.10 11.86
CA ALA D 417 61.29 20.24 11.87
C ALA D 417 61.88 19.79 13.18
N GLN D 418 61.24 20.14 14.31
CA GLN D 418 61.71 19.65 15.59
C GLN D 418 61.63 18.14 15.66
N MET D 419 60.52 17.57 15.15
CA MET D 419 60.40 16.12 15.17
C MET D 419 61.48 15.48 14.32
N ALA D 420 61.77 16.08 13.16
CA ALA D 420 62.84 15.57 12.30
C ALA D 420 64.20 15.68 13.00
N ASP D 421 64.49 16.83 13.63
CA ASP D 421 65.75 16.99 14.36
C ASP D 421 65.86 15.97 15.49
N ALA D 422 64.77 15.72 16.20
CA ALA D 422 64.81 14.76 17.28
C ALA D 422 65.07 13.36 16.76
N LEU D 423 64.46 12.99 15.62
CA LEU D 423 64.77 11.69 15.03
C LEU D 423 66.26 11.58 14.71
N ALA D 424 66.79 12.56 13.97
CA ALA D 424 68.21 12.54 13.60
C ALA D 424 69.11 12.51 14.83
N ARG D 425 68.76 13.28 15.87
CA ARG D 425 69.54 13.22 17.10
C ARG D 425 69.48 11.84 17.73
N ALA D 426 68.29 11.23 17.78
CA ALA D 426 68.16 9.91 18.38
C ALA D 426 68.98 8.87 17.64
N LEU D 427 69.00 8.94 16.31
CA LEU D 427 69.65 7.90 15.51
C LEU D 427 71.16 7.87 15.69
N ALA D 428 71.78 9.00 16.05
CA ALA D 428 73.22 9.07 16.23
C ALA D 428 73.64 9.25 17.69
N MET D 429 72.73 9.14 18.65
CA MET D 429 73.06 9.51 20.03
C MET D 429 74.08 8.55 20.63
N PRO D 430 75.17 9.05 21.22
CA PRO D 430 76.16 8.15 21.83
C PRO D 430 75.57 7.33 22.97
N LEU D 431 76.23 6.19 23.23
CA LEU D 431 75.74 5.23 24.23
C LEU D 431 75.53 5.86 25.60
N ALA D 432 76.44 6.73 26.05
CA ALA D 432 76.37 7.22 27.42
C ALA D 432 75.08 7.98 27.67
N GLU D 433 74.74 8.93 26.80
CA GLU D 433 73.50 9.68 26.99
C GLU D 433 72.29 8.78 26.81
N ARG D 434 72.36 7.80 25.91
CA ARG D 434 71.24 6.87 25.76
C ARG D 434 70.99 6.09 27.05
N GLN D 435 72.06 5.66 27.71
CA GLN D 435 71.89 4.92 28.96
C GLN D 435 71.41 5.82 30.08
N ALA D 436 71.91 7.06 30.13
CA ALA D 436 71.44 7.98 31.17
C ALA D 436 69.95 8.26 30.99
N ARG D 437 69.51 8.49 29.75
CA ARG D 437 68.09 8.71 29.51
C ARG D 437 67.28 7.45 29.80
N HIS D 438 67.78 6.29 29.35
CA HIS D 438 67.02 5.06 29.58
C HIS D 438 66.93 4.74 31.07
N GLU D 439 68.01 4.89 31.82
CA GLU D 439 67.95 4.57 33.25
C GLU D 439 67.01 5.53 33.97
N GLU D 440 67.00 6.80 33.58
CA GLU D 440 66.06 7.74 34.17
C GLU D 440 64.63 7.31 33.93
N ASN D 441 64.28 6.95 32.70
CA ASN D 441 62.93 6.50 32.40
C ASN D 441 62.63 5.20 33.11
N LEU D 442 63.60 4.29 33.18
CA LEU D 442 63.37 3.01 33.85
C LEU D 442 63.06 3.20 35.34
N ALA D 443 63.80 4.08 36.02
CA ALA D 443 63.46 4.33 37.42
C ALA D 443 62.04 4.83 37.57
N GLN D 444 61.59 5.70 36.65
CA GLN D 444 60.21 6.17 36.71
C GLN D 444 59.24 5.01 36.54
N LEU D 445 59.48 4.14 35.54
CA LEU D 445 58.60 3.00 35.31
C LEU D 445 58.56 2.07 36.53
N ARG D 446 59.70 1.87 37.17
CA ARG D 446 59.73 1.03 38.37
C ARG D 446 59.09 1.71 39.56
N ASN D 447 59.09 3.05 39.59
CA ASN D 447 58.50 3.76 40.72
C ASN D 447 56.98 3.81 40.64
N ASN D 448 56.42 3.86 39.42
CA ASN D 448 54.97 3.87 39.22
C ASN D 448 54.59 2.71 38.31
N ASP D 449 54.85 1.49 38.77
CA ASP D 449 54.49 0.36 37.94
C ASP D 449 52.98 0.12 38.07
N LEU D 450 52.46 -0.81 37.26
CA LEU D 450 51.00 -0.99 37.19
C LEU D 450 50.39 -1.37 38.55
N SER D 451 51.18 -1.99 39.45
CA SER D 451 50.66 -2.29 40.79
C SER D 451 50.25 -1.02 41.53
N VAL D 452 50.98 0.08 41.33
CA VAL D 452 50.65 1.32 42.02
C VAL D 452 49.28 1.82 41.60
N TRP D 453 48.99 1.73 40.30
CA TRP D 453 47.66 2.12 39.81
C TRP D 453 46.57 1.30 40.49
N ARG D 454 46.72 -0.02 40.49
CA ARG D 454 45.69 -0.89 41.05
C ARG D 454 45.59 -0.71 42.57
N ASP D 455 46.71 -0.82 43.28
CA ASP D 455 46.67 -0.79 44.74
C ASP D 455 46.18 0.56 45.26
N THR D 456 46.64 1.66 44.65
CA THR D 456 46.24 2.97 45.13
C THR D 456 44.75 3.22 44.88
N PHE D 457 44.26 2.87 43.70
CA PHE D 457 42.84 3.09 43.45
C PHE D 457 41.98 2.24 44.36
N VAL D 458 42.35 0.97 44.55
CA VAL D 458 41.58 0.10 45.43
C VAL D 458 41.64 0.60 46.87
N ALA D 459 42.81 1.07 47.32
CA ALA D 459 42.91 1.60 48.70
C ALA D 459 42.01 2.81 48.89
N ASP D 460 42.00 3.73 47.92
CA ASP D 460 41.13 4.89 48.00
C ASP D 460 39.66 4.47 48.01
N LEU D 461 39.33 3.40 47.28
CA LEU D 461 37.96 2.90 47.27
C LEU D 461 37.55 2.36 48.62
N ARG D 462 38.48 1.65 49.30
CA ARG D 462 38.23 1.16 50.65
C ARG D 462 38.09 2.28 51.67
N SER D 463 38.46 3.51 51.34
CA SER D 463 38.35 4.62 52.26
C SER D 463 36.99 5.29 52.17
N VAL D 464 36.24 5.08 51.10
CA VAL D 464 34.91 5.63 51.01
C VAL D 464 33.99 4.99 52.04
N MET E 9 -27.61 44.00 -14.06
CA MET E 9 -27.48 42.93 -13.07
C MET E 9 -27.08 41.61 -13.70
N SER E 10 -26.22 40.86 -13.01
CA SER E 10 -25.74 39.61 -13.56
C SER E 10 -26.83 38.55 -13.51
N ARG E 11 -26.90 37.73 -14.57
CA ARG E 11 -27.88 36.65 -14.64
C ARG E 11 -27.51 35.51 -13.69
N LEU E 12 -28.54 34.84 -13.18
CA LEU E 12 -28.39 33.65 -12.36
C LEU E 12 -28.39 32.38 -13.22
N ILE E 13 -27.38 31.54 -13.02
CA ILE E 13 -27.27 30.26 -13.72
C ILE E 13 -27.65 29.16 -12.72
N VAL E 14 -28.79 28.51 -12.95
CA VAL E 14 -29.24 27.39 -12.13
C VAL E 14 -28.77 26.10 -12.75
N VAL E 15 -28.13 25.26 -11.95
CA VAL E 15 -27.63 23.96 -12.39
C VAL E 15 -28.25 22.88 -11.48
N SER E 16 -28.95 21.92 -12.09
CA SER E 16 -29.56 20.82 -11.35
C SER E 16 -29.61 19.57 -12.21
N ASN E 17 -29.90 18.44 -11.54
CA ASN E 17 -29.87 17.14 -12.22
C ASN E 17 -30.91 17.07 -13.34
N ARG E 18 -32.14 17.50 -13.05
CA ARG E 18 -33.21 17.53 -14.04
C ARG E 18 -33.64 18.97 -14.31
N VAL E 19 -33.99 19.25 -15.56
CA VAL E 19 -34.53 20.55 -15.97
C VAL E 19 -36.02 20.39 -16.23
N ALA E 20 -36.82 21.30 -15.67
CA ALA E 20 -38.27 21.23 -15.81
C ALA E 20 -38.73 21.56 -17.23
N THR E 25 -43.28 22.94 -15.73
CA THR E 25 -42.82 24.32 -15.68
C THR E 25 -43.82 25.22 -14.95
N ARG E 26 -45.08 24.78 -14.91
CA ARG E 26 -46.15 25.57 -14.29
C ARG E 26 -45.95 25.66 -12.78
N PRO E 27 -46.50 26.72 -12.14
CA PRO E 27 -46.36 26.84 -10.68
C PRO E 27 -47.33 25.96 -9.89
N SER E 28 -48.36 25.40 -10.52
CA SER E 28 -49.24 24.47 -9.82
C SER E 28 -48.48 23.23 -9.36
N ALA E 29 -47.48 22.79 -10.12
CA ALA E 29 -46.54 21.79 -9.67
C ALA E 29 -45.53 22.41 -8.71
N GLY E 30 -44.79 21.57 -8.01
CA GLY E 30 -43.79 22.10 -7.12
C GLY E 30 -42.41 22.07 -7.73
N GLY E 31 -41.50 21.32 -7.12
CA GLY E 31 -40.18 21.12 -7.66
C GLY E 31 -39.33 22.38 -7.57
N LEU E 32 -38.10 22.23 -8.05
CA LEU E 32 -37.13 23.32 -8.03
C LEU E 32 -37.61 24.51 -8.83
N ALA E 33 -38.46 24.28 -9.83
CA ALA E 33 -38.90 25.34 -10.73
C ALA E 33 -39.57 26.48 -9.97
N VAL E 34 -40.49 26.15 -9.06
CA VAL E 34 -41.20 27.21 -8.35
C VAL E 34 -40.23 27.98 -7.44
N GLY E 35 -39.16 27.32 -6.99
CA GLY E 35 -38.18 28.00 -6.15
C GLY E 35 -37.27 28.94 -6.90
N VAL E 36 -36.91 28.61 -8.14
CA VAL E 36 -35.87 29.34 -8.85
C VAL E 36 -36.40 30.19 -10.00
N MET E 37 -37.65 30.02 -10.42
CA MET E 37 -38.11 30.63 -11.67
C MET E 37 -38.11 32.15 -11.59
N ASP E 38 -38.67 32.70 -10.51
CA ASP E 38 -38.78 34.15 -10.40
C ASP E 38 -37.41 34.81 -10.39
N ALA E 39 -36.42 34.16 -9.77
CA ALA E 39 -35.07 34.71 -9.83
C ALA E 39 -34.50 34.59 -11.23
N LEU E 40 -34.78 33.47 -11.91
CA LEU E 40 -34.40 33.35 -13.31
C LEU E 40 -35.12 34.40 -14.15
N LYS E 41 -36.41 34.62 -13.88
CA LYS E 41 -37.15 35.65 -14.61
C LYS E 41 -36.62 37.04 -14.27
N GLN E 42 -36.29 37.28 -13.00
CA GLN E 42 -35.78 38.59 -12.61
C GLN E 42 -34.42 38.87 -13.23
N THR E 43 -33.58 37.85 -13.33
CA THR E 43 -32.19 38.04 -13.75
C THR E 43 -31.96 37.75 -15.23
N GLY E 44 -33.00 37.32 -15.95
CA GLY E 44 -32.80 36.81 -17.30
C GLY E 44 -31.80 35.67 -17.31
N GLY E 45 -31.95 34.74 -16.37
CA GLY E 45 -30.96 33.71 -16.12
C GLY E 45 -31.12 32.48 -16.99
N VAL E 46 -30.32 31.45 -16.66
CA VAL E 46 -30.26 30.20 -17.41
C VAL E 46 -30.43 29.04 -16.46
N TRP E 47 -31.19 28.02 -16.90
CA TRP E 47 -31.33 26.74 -16.20
C TRP E 47 -30.67 25.67 -17.06
N PHE E 48 -29.60 25.07 -16.55
CA PHE E 48 -28.79 24.12 -17.30
C PHE E 48 -28.87 22.75 -16.66
N GLY E 49 -28.94 21.71 -17.48
CA GLY E 49 -28.93 20.35 -16.94
C GLY E 49 -29.42 19.32 -17.93
N TRP E 50 -29.75 18.15 -17.38
CA TRP E 50 -30.14 16.97 -18.14
C TRP E 50 -31.61 17.06 -18.52
N ASN E 51 -31.93 16.65 -19.74
CA ASN E 51 -33.30 16.71 -20.24
C ASN E 51 -34.10 15.46 -19.90
N GLY E 52 -33.55 14.58 -19.07
CA GLY E 52 -34.22 13.35 -18.69
C GLY E 52 -34.15 12.23 -19.70
N GLU E 53 -33.61 12.47 -20.89
CA GLU E 53 -33.54 11.47 -21.93
C GLU E 53 -32.21 10.72 -21.88
N ILE E 54 -32.19 9.53 -22.48
CA ILE E 54 -31.00 8.70 -22.59
C ILE E 54 -30.63 8.63 -24.06
N VAL E 55 -29.36 8.92 -24.37
CA VAL E 55 -28.88 8.89 -25.74
C VAL E 55 -27.89 7.75 -25.89
N GLY E 56 -27.80 7.22 -27.12
CA GLY E 56 -26.85 6.17 -27.40
C GLY E 56 -25.43 6.67 -27.58
N THR E 57 -25.28 7.90 -28.06
CA THR E 57 -23.98 8.56 -28.16
C THR E 57 -24.05 9.92 -27.48
N PRO E 58 -22.98 10.34 -26.81
CA PRO E 58 -23.01 11.62 -26.09
C PRO E 58 -23.25 12.80 -27.03
N ASP E 59 -24.04 13.75 -26.55
CA ASP E 59 -24.36 14.95 -27.33
C ASP E 59 -23.17 15.88 -27.42
N ALA E 60 -22.96 16.46 -28.60
CA ALA E 60 -21.85 17.40 -28.76
C ALA E 60 -22.11 18.68 -27.99
N ALA E 61 -23.32 19.23 -28.10
CA ALA E 61 -23.69 20.50 -27.50
C ALA E 61 -25.02 20.38 -26.78
N PRO E 62 -25.32 21.28 -25.86
CA PRO E 62 -26.63 21.27 -25.20
C PRO E 62 -27.73 21.82 -26.10
N ALA E 63 -28.94 21.30 -25.90
CA ALA E 63 -30.12 21.85 -26.56
C ALA E 63 -30.58 23.08 -25.79
N VAL E 64 -30.74 24.20 -26.51
CA VAL E 64 -31.02 25.51 -25.92
C VAL E 64 -32.41 25.96 -26.38
N ARG E 65 -33.36 26.02 -25.46
CA ARG E 65 -34.69 26.55 -25.73
C ARG E 65 -34.97 27.74 -24.82
N ARG E 66 -35.48 28.83 -25.42
CA ARG E 66 -35.80 30.05 -24.68
C ARG E 66 -37.32 30.18 -24.60
N ASP E 67 -37.85 30.22 -23.37
CA ASP E 67 -39.28 30.40 -23.10
C ASP E 67 -39.44 31.77 -22.47
N GLY E 68 -39.64 32.78 -23.32
CA GLY E 68 -39.70 34.14 -22.88
C GLY E 68 -38.35 34.67 -22.40
N ASN E 69 -38.23 34.93 -21.10
CA ASN E 69 -37.03 35.55 -20.55
C ASN E 69 -36.00 34.54 -20.02
N VAL E 70 -36.40 33.31 -19.73
CA VAL E 70 -35.51 32.30 -19.16
C VAL E 70 -35.02 31.37 -20.27
N THR E 71 -33.75 30.99 -20.19
CA THR E 71 -33.15 30.07 -21.15
C THR E 71 -32.93 28.70 -20.52
N TYR E 72 -33.29 27.66 -21.26
CA TYR E 72 -33.13 26.27 -20.85
C TYR E 72 -32.07 25.59 -21.71
N ALA E 73 -31.02 25.08 -21.08
CA ALA E 73 -29.93 24.38 -21.77
C ALA E 73 -29.92 22.92 -21.30
N THR E 74 -30.33 22.00 -22.17
CA THR E 74 -30.50 20.62 -21.78
C THR E 74 -29.57 19.70 -22.57
N LEU E 75 -29.26 18.55 -21.97
CA LEU E 75 -28.35 17.58 -22.55
C LEU E 75 -28.82 16.18 -22.16
N GLY E 76 -28.54 15.19 -23.02
CA GLY E 76 -28.81 13.80 -22.69
C GLY E 76 -27.62 13.09 -22.05
N LEU E 77 -27.90 11.91 -21.48
CA LEU E 77 -26.87 11.06 -20.88
C LEU E 77 -26.90 9.68 -21.52
N THR E 78 -25.74 9.02 -21.56
CA THR E 78 -25.64 7.67 -22.09
C THR E 78 -26.10 6.64 -21.05
N ARG E 79 -26.29 5.40 -21.52
CA ARG E 79 -26.63 4.32 -20.60
C ARG E 79 -25.57 4.15 -19.51
N ARG E 80 -24.29 4.16 -19.91
CA ARG E 80 -23.20 4.03 -18.94
C ARG E 80 -23.17 5.22 -17.99
N ASP E 81 -23.41 6.43 -18.50
CA ASP E 81 -23.52 7.59 -17.63
C ASP E 81 -24.60 7.38 -16.59
N TYR E 82 -25.81 7.04 -17.07
CA TYR E 82 -26.94 6.80 -16.19
C TYR E 82 -26.59 5.78 -15.11
N ASP E 83 -26.01 4.63 -15.52
CA ASP E 83 -25.80 3.53 -14.57
C ASP E 83 -24.84 3.93 -13.44
N GLN E 84 -23.79 4.68 -13.75
CA GLN E 84 -22.74 5.02 -12.80
C GLN E 84 -22.94 6.36 -12.11
N TYR E 85 -23.49 7.36 -12.81
CA TYR E 85 -23.67 8.70 -12.24
C TYR E 85 -24.93 8.78 -11.38
N TYR E 86 -26.07 8.46 -11.97
CA TYR E 86 -27.38 8.61 -11.34
C TYR E 86 -27.72 7.38 -10.53
N ARG E 87 -27.89 6.23 -11.21
CA ARG E 87 -28.20 4.98 -10.52
C ARG E 87 -27.06 4.53 -9.63
N GLY E 88 -25.81 4.78 -10.02
CA GLY E 88 -24.68 4.24 -9.29
C GLY E 88 -24.30 4.99 -8.03
N PHE E 89 -23.29 5.85 -8.14
CA PHE E 89 -22.73 6.45 -6.94
C PHE E 89 -23.74 7.32 -6.22
N SER E 90 -24.48 8.15 -6.96
CA SER E 90 -25.42 9.09 -6.36
C SER E 90 -26.48 8.36 -5.53
N ASN E 91 -27.16 7.41 -6.17
CA ASN E 91 -28.31 6.78 -5.56
C ASN E 91 -27.99 5.48 -4.85
N ALA E 92 -26.82 4.89 -5.05
CA ALA E 92 -26.48 3.68 -4.31
C ALA E 92 -25.44 3.89 -3.22
N THR E 93 -24.75 5.05 -3.19
CA THR E 93 -23.84 5.36 -2.09
C THR E 93 -24.29 6.60 -1.33
N LEU E 94 -24.36 7.75 -2.01
CA LEU E 94 -24.66 9.01 -1.32
C LEU E 94 -26.04 8.98 -0.68
N TRP E 95 -27.07 8.61 -1.43
CA TRP E 95 -28.42 8.64 -0.87
C TRP E 95 -28.56 7.77 0.38
N PRO E 96 -28.16 6.49 0.40
CA PRO E 96 -28.31 5.73 1.66
C PRO E 96 -27.48 6.28 2.82
N VAL E 97 -26.21 6.64 2.58
CA VAL E 97 -25.37 7.12 3.68
C VAL E 97 -25.88 8.45 4.21
N PHE E 98 -26.20 9.39 3.32
CA PHE E 98 -26.68 10.68 3.77
C PHE E 98 -28.02 10.56 4.49
N HIS E 99 -28.74 9.45 4.31
CA HIS E 99 -29.94 9.19 5.07
C HIS E 99 -29.69 8.16 6.20
N TYR E 100 -28.44 7.99 6.62
CA TYR E 100 -28.08 7.15 7.76
C TYR E 100 -28.46 5.68 7.56
N ARG E 101 -28.24 5.16 6.37
CA ARG E 101 -28.51 3.76 6.07
C ARG E 101 -27.23 3.11 5.55
N SER E 102 -26.26 2.90 6.45
CA SER E 102 -25.03 2.27 6.05
C SER E 102 -25.26 0.84 5.55
N ASP E 103 -26.35 0.20 5.98
CA ASP E 103 -26.63 -1.16 5.50
C ASP E 103 -27.01 -1.20 4.03
N LEU E 104 -27.51 -0.09 3.48
CA LEU E 104 -27.94 -0.07 2.09
C LEU E 104 -26.90 0.47 1.14
N ALA E 105 -25.75 0.92 1.66
CA ALA E 105 -24.72 1.53 0.84
C ALA E 105 -23.98 0.47 0.03
N ARG E 106 -23.73 0.77 -1.24
CA ARG E 106 -22.96 -0.09 -2.11
C ARG E 106 -21.99 0.83 -2.85
N PHE E 107 -20.75 0.86 -2.40
CA PHE E 107 -19.74 1.64 -3.09
C PHE E 107 -19.11 0.80 -4.20
N ASP E 108 -18.89 1.43 -5.36
CA ASP E 108 -18.20 0.81 -6.46
C ASP E 108 -17.27 1.82 -7.10
N ARG E 109 -16.00 1.44 -7.27
CA ARG E 109 -15.01 2.39 -7.79
C ARG E 109 -15.35 2.86 -9.19
N GLN E 110 -15.76 1.95 -10.06
CA GLN E 110 -16.06 2.34 -11.44
C GLN E 110 -17.26 3.29 -11.47
N GLU E 111 -18.28 3.01 -10.66
CA GLU E 111 -19.43 3.91 -10.59
C GLU E 111 -19.01 5.29 -10.10
N TYR E 112 -18.14 5.36 -9.08
CA TYR E 112 -17.67 6.65 -8.59
C TYR E 112 -16.85 7.39 -9.64
N ALA E 113 -15.99 6.69 -10.38
CA ALA E 113 -15.26 7.34 -11.48
C ALA E 113 -16.23 7.88 -12.52
N GLY E 114 -17.29 7.13 -12.82
CA GLY E 114 -18.30 7.60 -13.74
C GLY E 114 -19.08 8.79 -13.20
N TYR E 115 -19.29 8.82 -11.88
CA TYR E 115 -19.87 9.99 -11.22
C TYR E 115 -19.02 11.23 -11.48
N LEU E 116 -17.71 11.11 -11.27
CA LEU E 116 -16.82 12.25 -11.56
C LEU E 116 -16.79 12.57 -13.04
N ARG E 117 -16.69 11.55 -13.90
CA ARG E 117 -16.62 11.79 -15.35
C ARG E 117 -17.84 12.55 -15.85
N VAL E 118 -19.04 12.17 -15.40
CA VAL E 118 -20.24 12.87 -15.84
C VAL E 118 -20.25 14.31 -15.35
N ASN E 119 -19.86 14.54 -14.10
CA ASN E 119 -19.79 15.90 -13.58
C ASN E 119 -18.88 16.78 -14.43
N ALA E 120 -17.71 16.25 -14.79
CA ALA E 120 -16.78 17.01 -15.62
C ALA E 120 -17.33 17.22 -17.03
N MET E 121 -17.99 16.20 -17.59
CA MET E 121 -18.57 16.38 -18.92
C MET E 121 -19.61 17.48 -18.92
N LEU E 122 -20.48 17.49 -17.91
CA LEU E 122 -21.46 18.56 -17.77
C LEU E 122 -20.77 19.90 -17.52
N ALA E 123 -19.67 19.89 -16.76
CA ALA E 123 -18.98 21.14 -16.45
C ALA E 123 -18.31 21.75 -17.69
N ARG E 124 -17.68 20.93 -18.53
CA ARG E 124 -17.07 21.45 -19.75
C ARG E 124 -18.13 22.03 -20.66
N GLN E 125 -19.31 21.41 -20.70
CA GLN E 125 -20.40 21.96 -21.53
C GLN E 125 -20.92 23.28 -20.98
N LEU E 126 -21.00 23.41 -19.65
CA LEU E 126 -21.50 24.65 -19.09
C LEU E 126 -20.51 25.80 -19.27
N ALA E 127 -19.22 25.54 -19.08
CA ALA E 127 -18.22 26.60 -19.13
C ALA E 127 -18.28 27.35 -20.46
N ALA E 128 -18.53 26.63 -21.56
CA ALA E 128 -18.59 27.25 -22.88
C ALA E 128 -19.77 28.20 -23.03
N LEU E 129 -20.77 28.11 -22.15
CA LEU E 129 -21.93 28.98 -22.20
C LEU E 129 -21.85 30.14 -21.22
N LEU E 130 -20.88 30.16 -20.32
CA LEU E 130 -20.85 31.08 -19.20
C LEU E 130 -20.35 32.47 -19.59
N ARG E 131 -20.63 33.41 -18.70
CA ARG E 131 -20.11 34.77 -18.74
C ARG E 131 -19.23 35.03 -17.52
N PRO E 132 -18.37 36.05 -17.55
CA PRO E 132 -17.46 36.25 -16.42
C PRO E 132 -18.15 36.61 -15.13
N ASP E 133 -19.31 37.26 -15.18
CA ASP E 133 -20.00 37.72 -13.99
C ASP E 133 -21.22 36.87 -13.63
N ASP E 134 -21.47 35.76 -14.35
CA ASP E 134 -22.63 34.93 -14.04
C ASP E 134 -22.58 34.43 -12.61
N LEU E 135 -23.75 34.35 -11.98
CA LEU E 135 -23.89 33.74 -10.65
C LEU E 135 -24.40 32.31 -10.84
N ILE E 136 -23.64 31.34 -10.33
CA ILE E 136 -23.90 29.92 -10.56
C ILE E 136 -24.43 29.28 -9.28
N TRP E 137 -25.61 28.67 -9.38
CA TRP E 137 -26.29 28.04 -8.24
C TRP E 137 -26.50 26.56 -8.57
N VAL E 138 -25.79 25.68 -7.85
CA VAL E 138 -25.77 24.24 -8.08
C VAL E 138 -26.63 23.55 -7.03
N HIS E 139 -27.42 22.55 -7.44
CA HIS E 139 -28.39 21.95 -6.52
C HIS E 139 -28.15 20.45 -6.37
N ASP E 140 -27.91 20.03 -5.13
CA ASP E 140 -28.10 18.67 -4.63
C ASP E 140 -26.98 17.68 -4.94
N TYR E 141 -27.08 16.50 -4.32
CA TYR E 141 -25.97 15.59 -4.11
C TYR E 141 -25.41 14.99 -5.40
N HIS E 142 -26.20 14.95 -6.49
CA HIS E 142 -25.64 14.50 -7.77
C HIS E 142 -24.45 15.34 -8.22
N LEU E 143 -24.32 16.57 -7.70
CA LEU E 143 -23.40 17.56 -8.25
C LEU E 143 -22.39 18.06 -7.22
N LEU E 144 -22.07 17.27 -6.19
CA LEU E 144 -20.99 17.65 -5.28
C LEU E 144 -19.70 18.05 -5.98
N PRO E 145 -19.24 17.37 -7.05
CA PRO E 145 -17.96 17.75 -7.67
C PRO E 145 -18.03 18.92 -8.64
N PHE E 146 -19.20 19.53 -8.85
CA PHE E 146 -19.39 20.39 -10.01
C PHE E 146 -18.53 21.65 -9.93
N ALA E 147 -18.52 22.32 -8.78
CA ALA E 147 -17.70 23.51 -8.64
C ALA E 147 -16.23 23.19 -8.90
N HIS E 148 -15.75 22.07 -8.36
CA HIS E 148 -14.36 21.67 -8.56
C HIS E 148 -14.03 21.56 -10.03
N CYS E 149 -14.91 20.90 -10.80
CA CYS E 149 -14.66 20.75 -12.24
C CYS E 149 -14.61 22.11 -12.91
N LEU E 150 -15.46 23.05 -12.49
CA LEU E 150 -15.44 24.38 -13.06
C LEU E 150 -14.16 25.14 -12.69
N ARG E 151 -13.70 25.05 -11.44
CA ARG E 151 -12.47 25.74 -11.08
C ARG E 151 -11.30 25.24 -11.91
N GLU E 152 -11.24 23.92 -12.15
CA GLU E 152 -10.14 23.39 -12.95
C GLU E 152 -10.21 23.84 -14.40
N LEU E 153 -11.38 24.30 -14.86
CA LEU E 153 -11.51 24.92 -16.17
C LEU E 153 -11.21 26.42 -16.15
N GLY E 154 -10.84 26.97 -14.99
CA GLY E 154 -10.54 28.37 -14.88
C GLY E 154 -11.72 29.26 -14.51
N VAL E 155 -12.83 28.68 -14.06
CA VAL E 155 -14.01 29.46 -13.74
C VAL E 155 -13.78 30.17 -12.40
N LYS E 156 -13.90 31.50 -12.43
CA LYS E 156 -13.73 32.32 -11.24
C LYS E 156 -15.04 32.85 -10.71
N ASN E 157 -16.15 32.64 -11.41
CA ASN E 157 -17.48 33.10 -11.03
C ASN E 157 -17.82 32.68 -9.61
N PRO E 158 -18.70 33.41 -8.94
CA PRO E 158 -19.31 32.87 -7.72
C PRO E 158 -20.11 31.62 -8.02
N ILE E 159 -19.83 30.56 -7.26
CA ILE E 159 -20.52 29.28 -7.37
C ILE E 159 -21.03 28.92 -5.98
N GLY E 160 -22.33 28.73 -5.85
CA GLY E 160 -22.95 28.28 -4.60
C GLY E 160 -23.57 26.91 -4.75
N PHE E 161 -23.60 26.15 -3.64
CA PHE E 161 -24.19 24.81 -3.59
C PHE E 161 -25.30 24.77 -2.53
N PHE E 162 -26.41 24.11 -2.86
CA PHE E 162 -27.44 23.85 -1.85
C PHE E 162 -27.76 22.37 -1.84
N LEU E 163 -27.62 21.75 -0.67
CA LEU E 163 -27.90 20.34 -0.48
C LEU E 163 -29.34 20.19 -0.03
N HIS E 164 -30.15 19.47 -0.80
CA HIS E 164 -31.56 19.29 -0.43
C HIS E 164 -31.78 18.19 0.59
N ILE E 165 -30.84 17.26 0.76
CA ILE E 165 -31.00 16.10 1.63
C ILE E 165 -30.12 16.31 2.87
N PRO E 166 -30.17 15.48 3.91
CA PRO E 166 -29.32 15.75 5.08
C PRO E 166 -27.84 15.60 4.72
N PHE E 167 -26.99 16.28 5.48
CA PHE E 167 -25.56 15.99 5.42
C PHE E 167 -25.20 15.22 6.69
N PRO E 168 -24.67 14.01 6.56
CA PRO E 168 -24.47 13.17 7.75
C PRO E 168 -23.27 13.62 8.54
N SER E 169 -23.30 13.34 9.85
CA SER E 169 -22.16 13.66 10.74
C SER E 169 -20.95 12.81 10.35
N PRO E 170 -19.74 13.18 10.80
CA PRO E 170 -18.54 12.52 10.26
C PRO E 170 -18.50 11.02 10.43
N ASP E 171 -19.06 10.47 11.51
CA ASP E 171 -19.05 9.02 11.70
C ASP E 171 -19.92 8.31 10.68
N MET E 172 -20.91 9.00 10.11
CA MET E 172 -21.72 8.38 9.09
C MET E 172 -21.16 8.66 7.69
N LEU E 173 -20.69 9.90 7.45
CA LEU E 173 -20.12 10.26 6.16
C LEU E 173 -18.96 9.35 5.79
N ARG E 174 -18.14 8.98 6.78
CA ARG E 174 -16.97 8.14 6.54
C ARG E 174 -17.34 6.79 5.92
N VAL E 175 -18.60 6.37 5.99
CA VAL E 175 -19.01 5.15 5.30
C VAL E 175 -18.82 5.31 3.80
N VAL E 176 -18.94 6.53 3.26
CA VAL E 176 -18.63 6.81 1.87
C VAL E 176 -17.12 6.80 1.70
N PRO E 177 -16.53 5.86 0.96
CA PRO E 177 -15.06 5.71 0.94
C PRO E 177 -14.33 6.95 0.44
N PRO E 178 -14.79 7.65 -0.63
CA PRO E 178 -14.05 8.87 -1.04
C PRO E 178 -14.50 10.12 -0.31
N HIS E 179 -14.87 9.98 0.97
CA HIS E 179 -15.45 11.09 1.70
C HIS E 179 -14.53 12.31 1.73
N ASP E 180 -13.23 12.09 1.90
CA ASP E 180 -12.31 13.23 1.98
C ASP E 180 -12.28 14.01 0.66
N GLU E 181 -12.21 13.29 -0.46
CA GLU E 181 -12.22 13.95 -1.76
C GLU E 181 -13.50 14.74 -1.98
N LEU E 182 -14.64 14.18 -1.54
CA LEU E 182 -15.92 14.88 -1.72
C LEU E 182 -15.98 16.17 -0.91
N VAL E 183 -15.48 16.14 0.33
CA VAL E 183 -15.45 17.37 1.11
C VAL E 183 -14.52 18.39 0.47
N LYS E 184 -13.39 17.93 -0.05
CA LYS E 184 -12.53 18.81 -0.82
C LYS E 184 -13.29 19.44 -1.98
N PHE E 185 -14.07 18.62 -2.70
CA PHE E 185 -14.88 19.13 -3.80
C PHE E 185 -15.87 20.19 -3.32
N MET E 186 -16.46 19.98 -2.14
CA MET E 186 -17.43 20.96 -1.64
C MET E 186 -16.78 22.29 -1.31
N CYS E 187 -15.49 22.29 -0.98
CA CYS E 187 -14.86 23.56 -0.68
C CYS E 187 -14.58 24.40 -1.91
N ALA E 188 -14.79 23.87 -3.12
CA ALA E 188 -14.66 24.70 -4.32
C ALA E 188 -15.80 25.70 -4.45
N TYR E 189 -16.90 25.48 -3.73
CA TYR E 189 -18.00 26.43 -3.70
C TYR E 189 -17.68 27.61 -2.80
N ASP E 190 -18.08 28.80 -3.24
CA ASP E 190 -18.02 29.98 -2.38
C ASP E 190 -19.07 29.90 -1.28
N ILE E 191 -20.16 29.18 -1.54
CA ILE E 191 -21.23 29.00 -0.58
C ILE E 191 -21.57 27.52 -0.51
N ALA E 192 -21.57 26.96 0.69
CA ALA E 192 -22.05 25.60 0.94
C ALA E 192 -23.33 25.76 1.75
N GLY E 193 -24.46 25.58 1.09
CA GLY E 193 -25.77 25.76 1.71
C GLY E 193 -26.40 24.41 2.05
N PHE E 194 -27.11 24.37 3.18
CA PHE E 194 -27.75 23.15 3.68
C PHE E 194 -29.16 23.50 4.15
N GLN E 195 -29.95 22.45 4.41
CA GLN E 195 -31.33 22.67 4.86
C GLN E 195 -31.38 23.24 6.29
N THR E 196 -30.60 22.69 7.21
CA THR E 196 -30.70 23.05 8.63
C THR E 196 -29.33 23.31 9.25
N ASP E 197 -29.34 23.90 10.45
CA ASP E 197 -28.09 24.15 11.19
C ASP E 197 -27.35 22.84 11.46
N ALA E 198 -28.09 21.79 11.83
CA ALA E 198 -27.47 20.49 12.09
C ALA E 198 -26.69 19.98 10.88
N ASP E 199 -27.23 20.19 9.68
CA ASP E 199 -26.50 19.82 8.46
C ASP E 199 -25.22 20.64 8.33
N LYS E 200 -25.30 21.95 8.58
CA LYS E 200 -24.11 22.79 8.43
C LYS E 200 -23.03 22.42 9.44
N ARG E 201 -23.42 22.08 10.67
CA ARG E 201 -22.44 21.69 11.70
C ARG E 201 -21.78 20.36 11.38
N ALA E 202 -22.52 19.41 10.82
CA ALA E 202 -21.91 18.15 10.42
C ALA E 202 -20.81 18.38 9.40
N PHE E 203 -21.05 19.28 8.44
CA PHE E 203 -20.02 19.68 7.51
C PHE E 203 -18.86 20.40 8.22
N SER E 204 -19.18 21.33 9.14
CA SER E 204 -18.12 22.00 9.90
C SER E 204 -17.36 21.01 10.78
N ASP E 205 -18.08 20.08 11.41
CA ASP E 205 -17.46 19.12 12.32
C ASP E 205 -16.42 18.27 11.60
N TYR E 206 -16.73 17.82 10.39
CA TYR E 206 -15.76 17.05 9.64
C TYR E 206 -14.48 17.86 9.41
N ILE E 207 -14.62 19.09 8.92
CA ILE E 207 -13.43 19.86 8.57
C ILE E 207 -12.63 20.23 9.80
N GLU E 208 -13.30 20.65 10.88
CA GLU E 208 -12.57 21.07 12.09
C GLU E 208 -11.96 19.88 12.81
N ARG E 209 -12.75 18.86 13.09
CA ARG E 209 -12.25 17.79 13.94
C ARG E 209 -11.26 16.88 13.21
N ARG E 210 -11.23 16.90 11.89
CA ARG E 210 -10.21 16.16 11.15
C ARG E 210 -9.02 17.04 10.74
N GLY E 211 -8.93 18.25 11.28
CA GLY E 211 -7.79 19.11 11.00
C GLY E 211 -7.67 19.61 9.59
N ILE E 212 -8.78 19.69 8.85
CA ILE E 212 -8.71 20.17 7.47
C ILE E 212 -8.74 21.70 7.42
N GLY E 213 -9.43 22.35 8.34
CA GLY E 213 -9.57 23.78 8.29
C GLY E 213 -10.03 24.37 9.61
N THR E 214 -10.34 25.66 9.59
CA THR E 214 -10.60 26.42 10.81
C THR E 214 -12.00 27.04 10.89
N MET E 220 -17.50 31.53 8.55
CA MET E 220 -16.62 31.21 7.43
C MET E 220 -15.62 30.09 7.78
N LEU E 221 -15.43 29.17 6.84
CA LEU E 221 -14.48 28.08 6.96
C LEU E 221 -13.28 28.33 6.06
N HIS E 222 -12.08 28.09 6.58
CA HIS E 222 -10.83 28.19 5.83
C HIS E 222 -10.29 26.78 5.64
N ALA E 223 -10.33 26.27 4.41
CA ALA E 223 -9.95 24.88 4.17
C ALA E 223 -9.57 24.69 2.72
N HIS E 224 -8.63 23.76 2.48
CA HIS E 224 -8.17 23.46 1.12
C HIS E 224 -7.82 24.71 0.33
N GLY E 225 -7.15 25.66 1.00
CA GLY E 225 -6.71 26.86 0.33
C GLY E 225 -7.82 27.76 -0.17
N ARG E 226 -9.06 27.55 0.29
CA ARG E 226 -10.17 28.40 -0.11
C ARG E 226 -10.91 28.87 1.13
N VAL E 227 -11.81 29.83 0.92
CA VAL E 227 -12.69 30.36 1.96
C VAL E 227 -14.13 30.07 1.55
N VAL E 228 -14.90 29.47 2.45
CA VAL E 228 -16.23 28.97 2.12
C VAL E 228 -17.25 29.55 3.10
N LYS E 229 -18.29 30.17 2.58
CA LYS E 229 -19.43 30.52 3.41
C LYS E 229 -20.32 29.28 3.61
N VAL E 230 -20.53 28.89 4.87
CA VAL E 230 -21.35 27.74 5.24
C VAL E 230 -22.58 28.26 5.97
N ALA E 231 -23.76 27.93 5.46
CA ALA E 231 -25.00 28.47 6.03
C ALA E 231 -26.16 27.51 5.76
N ALA E 232 -27.26 27.76 6.47
CA ALA E 232 -28.50 27.01 6.35
C ALA E 232 -29.57 27.88 5.70
N TYR E 233 -30.30 27.30 4.75
CA TYR E 233 -31.39 27.99 4.07
C TYR E 233 -32.57 27.03 3.99
N PRO E 234 -33.32 26.88 5.07
CA PRO E 234 -34.42 25.89 5.07
C PRO E 234 -35.49 26.26 4.05
N ILE E 235 -35.82 25.30 3.19
CA ILE E 235 -36.79 25.56 2.12
C ILE E 235 -38.19 25.60 2.73
N GLY E 236 -38.97 26.60 2.33
CA GLY E 236 -40.34 26.76 2.74
C GLY E 236 -41.32 26.58 1.59
N VAL E 237 -42.53 27.09 1.78
CA VAL E 237 -43.61 26.97 0.82
C VAL E 237 -44.36 28.29 0.73
N TYR E 238 -45.41 28.31 -0.10
CA TYR E 238 -46.31 29.47 -0.18
C TYR E 238 -47.63 29.15 0.52
N PRO E 239 -47.70 29.31 1.84
CA PRO E 239 -48.87 28.82 2.57
C PRO E 239 -50.18 29.45 2.12
N ASP E 240 -50.18 30.72 1.74
CA ASP E 240 -51.42 31.36 1.31
C ASP E 240 -51.85 30.84 -0.07
N ALA E 241 -50.89 30.59 -0.96
CA ALA E 241 -51.23 30.02 -2.26
C ALA E 241 -51.72 28.59 -2.11
N ILE E 242 -51.07 27.79 -1.25
CA ILE E 242 -51.50 26.42 -1.03
C ILE E 242 -52.92 26.39 -0.45
N ALA E 243 -53.21 27.29 0.48
CA ALA E 243 -54.55 27.32 1.06
C ALA E 243 -55.60 27.61 -0.01
N GLU E 244 -55.31 28.57 -0.90
CA GLU E 244 -56.25 28.90 -1.97
C GLU E 244 -56.46 27.72 -2.92
N ALA E 245 -55.38 27.04 -3.31
CA ALA E 245 -55.54 25.90 -4.22
C ALA E 245 -56.35 24.80 -3.55
N ALA E 246 -56.14 24.58 -2.25
CA ALA E 246 -56.87 23.55 -1.53
C ALA E 246 -58.37 23.84 -1.55
N VAL E 247 -58.73 25.12 -1.49
CA VAL E 247 -60.13 25.49 -1.59
C VAL E 247 -60.63 25.38 -3.03
N GLN E 248 -59.84 25.86 -4.00
CA GLN E 248 -60.31 25.86 -5.39
C GLN E 248 -60.54 24.45 -5.93
N TYR E 249 -59.74 23.48 -5.49
CA TYR E 249 -59.82 22.11 -5.99
C TYR E 249 -60.67 21.21 -5.11
N GLY E 250 -61.32 21.76 -4.09
CA GLY E 250 -62.09 20.99 -3.13
C GLY E 250 -63.29 20.27 -3.71
N GLY E 251 -63.70 20.63 -4.92
CA GLY E 251 -64.83 20.01 -5.58
C GLY E 251 -64.49 19.17 -6.79
N ARG E 252 -63.23 18.86 -7.02
CA ARG E 252 -62.85 17.98 -8.11
CA ARG E 252 -62.86 17.98 -8.11
C ARG E 252 -63.36 16.56 -7.86
N LYS E 253 -63.53 15.81 -8.94
CA LYS E 253 -64.10 14.46 -8.83
C LYS E 253 -63.31 13.58 -7.85
N PRO E 254 -61.98 13.48 -7.92
CA PRO E 254 -61.28 12.62 -6.94
C PRO E 254 -61.55 13.01 -5.51
N VAL E 255 -61.77 14.31 -5.24
CA VAL E 255 -62.04 14.77 -3.89
C VAL E 255 -63.43 14.33 -3.43
N LYS E 256 -64.42 14.41 -4.31
CA LYS E 256 -65.75 13.94 -3.96
C LYS E 256 -65.75 12.43 -3.72
N MET E 257 -65.03 11.68 -4.55
CA MET E 257 -64.94 10.24 -4.36
C MET E 257 -64.47 9.90 -2.96
N LEU E 258 -63.37 10.53 -2.51
CA LEU E 258 -62.84 10.24 -1.18
C LEU E 258 -63.85 10.62 -0.11
N ARG E 259 -64.41 11.84 -0.21
CA ARG E 259 -65.37 12.31 0.79
C ARG E 259 -66.54 11.35 0.91
N ASP E 260 -67.23 11.07 -0.21
CA ASP E 260 -68.38 10.18 -0.15
C ASP E 260 -67.98 8.81 0.39
N ALA E 261 -66.79 8.32 0.01
CA ALA E 261 -66.36 7.01 0.49
C ALA E 261 -66.05 7.04 1.98
N LEU E 262 -65.46 8.14 2.47
CA LEU E 262 -65.15 8.22 3.90
C LEU E 262 -66.42 8.24 4.74
N GLY E 263 -67.41 9.01 4.32
CA GLY E 263 -68.70 9.01 4.99
C GLY E 263 -68.66 9.16 6.49
N GLY E 264 -68.04 10.21 6.98
CA GLY E 264 -68.02 10.46 8.40
C GLY E 264 -66.84 9.89 9.13
N ARG E 265 -66.15 8.90 8.54
CA ARG E 265 -64.91 8.45 9.13
C ARG E 265 -63.88 9.58 9.11
N LYS E 266 -63.01 9.59 10.12
CA LYS E 266 -61.89 10.53 10.09
C LYS E 266 -60.85 10.07 9.08
N LEU E 267 -60.08 11.01 8.56
CA LEU E 267 -59.13 10.73 7.49
C LEU E 267 -57.71 11.05 7.95
N VAL E 268 -56.83 10.05 7.87
CA VAL E 268 -55.40 10.23 8.06
C VAL E 268 -54.75 10.17 6.69
N MET E 269 -53.98 11.21 6.32
CA MET E 269 -53.43 11.37 4.98
C MET E 269 -51.90 11.28 5.00
N SER E 270 -51.34 10.57 4.04
CA SER E 270 -49.90 10.51 3.83
C SER E 270 -49.63 10.57 2.33
N VAL E 271 -48.59 11.30 1.95
CA VAL E 271 -48.10 11.32 0.57
C VAL E 271 -46.58 11.19 0.64
N ASP E 272 -46.03 10.15 0.02
CA ASP E 272 -44.59 9.89 0.10
C ASP E 272 -44.14 9.17 -1.16
N ARG E 273 -42.99 9.54 -1.70
CA ARG E 273 -42.28 8.61 -2.57
C ARG E 273 -42.02 7.34 -1.78
N LEU E 274 -42.04 6.21 -2.48
CA LEU E 274 -41.82 4.92 -1.83
C LEU E 274 -40.31 4.74 -1.61
N ASP E 275 -39.77 5.55 -0.72
CA ASP E 275 -38.35 5.54 -0.44
C ASP E 275 -38.16 4.87 0.91
N TYR E 276 -37.02 4.16 1.10
CA TYR E 276 -36.81 3.64 2.45
C TYR E 276 -36.55 4.76 3.46
N SER E 277 -36.28 5.97 3.00
CA SER E 277 -36.09 7.07 3.94
C SER E 277 -37.38 7.47 4.63
N LYS E 278 -38.55 7.07 4.09
CA LYS E 278 -39.81 7.67 4.52
C LYS E 278 -40.49 6.94 5.69
N GLY E 279 -39.95 5.82 6.17
CA GLY E 279 -40.56 5.12 7.31
C GLY E 279 -41.96 4.58 7.06
N LEU E 280 -42.26 4.12 5.84
CA LEU E 280 -43.62 3.70 5.55
C LEU E 280 -44.00 2.44 6.33
N VAL E 281 -43.06 1.51 6.49
CA VAL E 281 -43.36 0.29 7.24
C VAL E 281 -43.64 0.62 8.70
N GLU E 282 -42.73 1.38 9.35
CA GLU E 282 -42.97 1.79 10.73
C GLU E 282 -44.28 2.52 10.86
N ARG E 283 -44.60 3.35 9.88
CA ARG E 283 -45.84 4.12 9.89
C ARG E 283 -47.07 3.21 9.83
N PHE E 284 -47.05 2.21 8.94
CA PHE E 284 -48.17 1.28 8.83
C PHE E 284 -48.36 0.49 10.13
N GLN E 285 -47.28 -0.08 10.65
CA GLN E 285 -47.38 -0.87 11.88
C GLN E 285 -47.86 -0.03 13.05
N SER E 286 -47.56 1.28 13.06
CA SER E 286 -48.03 2.12 14.15
C SER E 286 -49.55 2.34 14.06
N PHE E 287 -50.07 2.54 12.85
CA PHE E 287 -51.52 2.63 12.69
C PHE E 287 -52.20 1.31 13.11
N GLU E 288 -51.62 0.18 12.74
CA GLU E 288 -52.10 -1.11 13.24
C GLU E 288 -52.09 -1.14 14.75
N ARG E 289 -50.98 -0.69 15.35
CA ARG E 289 -50.87 -0.70 16.79
C ARG E 289 -51.94 0.16 17.44
N MET E 290 -52.28 1.29 16.80
CA MET E 290 -53.36 2.09 17.38
C MET E 290 -54.70 1.37 17.29
N LEU E 291 -55.01 0.76 16.13
CA LEU E 291 -56.27 0.05 15.98
C LEU E 291 -56.37 -1.11 16.97
N ALA E 292 -55.26 -1.78 17.25
CA ALA E 292 -55.27 -2.86 18.23
C ALA E 292 -55.50 -2.33 19.64
N GLY E 293 -54.91 -1.18 19.97
CA GLY E 293 -55.02 -0.65 21.31
C GLY E 293 -56.28 0.14 21.59
N ALA E 294 -56.95 0.63 20.55
CA ALA E 294 -58.18 1.41 20.69
C ALA E 294 -59.20 0.87 19.70
N PRO E 295 -59.79 -0.30 20.00
CA PRO E 295 -60.66 -0.96 19.03
C PRO E 295 -61.84 -0.12 18.61
N ASP E 296 -62.20 0.89 19.40
CA ASP E 296 -63.31 1.76 19.00
C ASP E 296 -63.01 2.51 17.71
N TRP E 297 -61.73 2.64 17.34
CA TRP E 297 -61.43 3.33 16.08
C TRP E 297 -61.66 2.47 14.85
N GLN E 298 -61.72 1.15 15.00
CA GLN E 298 -61.91 0.30 13.84
C GLN E 298 -63.24 0.62 13.18
N GLY E 299 -63.19 0.88 11.88
CA GLY E 299 -64.37 1.31 11.16
C GLY E 299 -64.71 2.78 11.29
N ARG E 300 -63.99 3.53 12.12
CA ARG E 300 -64.29 4.94 12.33
C ARG E 300 -63.19 5.86 11.81
N VAL E 301 -62.07 5.31 11.35
CA VAL E 301 -60.97 6.09 10.79
C VAL E 301 -60.42 5.32 9.59
N SER E 302 -59.93 6.08 8.61
CA SER E 302 -59.31 5.51 7.42
C SER E 302 -57.96 6.17 7.18
N PHE E 303 -56.94 5.36 6.88
CA PHE E 303 -55.60 5.85 6.59
C PHE E 303 -55.35 5.75 5.08
N VAL E 304 -55.24 6.90 4.40
CA VAL E 304 -54.90 6.95 2.97
C VAL E 304 -53.42 7.24 2.82
N GLN E 305 -52.69 6.34 2.15
CA GLN E 305 -51.28 6.50 1.86
C GLN E 305 -51.10 6.54 0.35
N ILE E 306 -50.78 7.71 -0.17
CA ILE E 306 -50.43 7.88 -1.57
C ILE E 306 -48.92 7.72 -1.67
N ALA E 307 -48.48 6.74 -2.45
CA ALA E 307 -47.06 6.36 -2.49
C ALA E 307 -46.69 5.97 -3.90
N PRO E 308 -46.39 6.95 -4.75
CA PRO E 308 -45.96 6.64 -6.11
C PRO E 308 -44.60 5.99 -6.09
N PRO E 309 -44.36 5.01 -6.97
CA PRO E 309 -43.06 4.33 -6.98
C PRO E 309 -41.94 5.27 -7.39
N THR E 310 -40.74 4.92 -6.96
CA THR E 310 -39.56 5.74 -7.16
C THR E 310 -38.38 4.80 -7.35
N ARG E 311 -37.48 5.18 -8.26
CA ARG E 311 -36.21 4.48 -8.51
C ARG E 311 -36.41 2.97 -8.62
N SER E 312 -37.40 2.56 -9.41
CA SER E 312 -37.79 1.17 -9.46
C SER E 312 -36.68 0.24 -9.92
N ASP E 313 -35.68 0.77 -10.63
CA ASP E 313 -34.59 -0.06 -11.12
C ASP E 313 -33.45 -0.22 -10.12
N VAL E 314 -33.62 0.25 -8.88
CA VAL E 314 -32.64 0.03 -7.82
C VAL E 314 -33.19 -1.09 -6.93
N GLN E 315 -32.40 -2.16 -6.78
CA GLN E 315 -32.91 -3.34 -6.09
C GLN E 315 -33.33 -3.04 -4.64
N THR E 316 -32.60 -2.14 -3.95
CA THR E 316 -32.98 -1.82 -2.58
C THR E 316 -34.35 -1.16 -2.55
N TYR E 317 -34.74 -0.44 -3.62
CA TYR E 317 -36.08 0.14 -3.66
C TYR E 317 -37.15 -0.91 -3.94
N GLN E 318 -36.79 -1.98 -4.66
CA GLN E 318 -37.74 -3.06 -4.87
C GLN E 318 -38.03 -3.79 -3.59
N ARG E 319 -36.99 -3.98 -2.74
CA ARG E 319 -37.16 -4.68 -1.48
C ARG E 319 -38.06 -3.92 -0.51
N ILE E 320 -37.89 -2.60 -0.38
CA ILE E 320 -38.75 -1.87 0.56
C ILE E 320 -40.19 -1.86 0.06
N ARG E 321 -40.38 -1.84 -1.27
CA ARG E 321 -41.73 -1.90 -1.83
C ARG E 321 -42.40 -3.24 -1.51
N GLU E 322 -41.68 -4.35 -1.71
CA GLU E 322 -42.22 -5.65 -1.39
C GLU E 322 -42.59 -5.73 0.08
N THR E 323 -41.72 -5.22 0.95
CA THR E 323 -42.01 -5.26 2.38
C THR E 323 -43.25 -4.45 2.69
N LEU E 324 -43.41 -3.29 2.06
CA LEU E 324 -44.59 -2.45 2.35
C LEU E 324 -45.87 -3.08 1.85
N GLU E 325 -45.85 -3.70 0.64
CA GLU E 325 -47.05 -4.37 0.13
C GLU E 325 -47.50 -5.49 1.06
N ARG E 326 -46.54 -6.24 1.59
CA ARG E 326 -46.90 -7.34 2.50
C ARG E 326 -47.58 -6.79 3.74
N GLU E 327 -47.04 -5.71 4.29
CA GLU E 327 -47.62 -5.10 5.49
C GLU E 327 -49.00 -4.55 5.22
N ALA E 328 -49.19 -3.90 4.07
CA ALA E 328 -50.55 -3.46 3.74
C ALA E 328 -51.51 -4.65 3.71
N GLY E 329 -51.13 -5.72 3.03
CA GLY E 329 -52.01 -6.89 2.95
C GLY E 329 -52.25 -7.52 4.32
N ARG E 330 -51.18 -7.65 5.12
CA ARG E 330 -51.32 -8.28 6.43
C ARG E 330 -52.23 -7.47 7.34
N ILE E 331 -52.00 -6.16 7.38
CA ILE E 331 -52.75 -5.27 8.29
C ILE E 331 -54.21 -5.16 7.85
N ASN E 332 -54.44 -4.93 6.56
CA ASN E 332 -55.83 -4.89 6.11
C ASN E 332 -56.53 -6.21 6.35
N GLY E 333 -55.88 -7.33 6.07
CA GLY E 333 -56.48 -8.63 6.35
C GLY E 333 -56.84 -8.82 7.81
N ARG E 334 -56.02 -8.24 8.70
CA ARG E 334 -56.29 -8.40 10.12
C ARG E 334 -57.53 -7.64 10.54
N PHE E 335 -57.70 -6.39 10.07
CA PHE E 335 -58.74 -5.52 10.62
C PHE E 335 -59.85 -5.16 9.66
N ALA E 336 -59.71 -5.46 8.36
CA ALA E 336 -60.74 -4.99 7.46
C ALA E 336 -62.09 -5.59 7.84
N GLN E 337 -63.14 -4.80 7.60
CA GLN E 337 -64.52 -5.24 7.65
C GLN E 337 -65.08 -5.11 6.23
N LEU E 338 -66.28 -5.66 6.01
CA LEU E 338 -66.84 -5.76 4.65
C LEU E 338 -67.08 -4.41 4.00
N ASP E 339 -67.08 -3.31 4.76
CA ASP E 339 -67.21 -1.98 4.18
C ASP E 339 -66.07 -1.05 4.64
N TRP E 340 -64.91 -1.61 4.99
CA TRP E 340 -63.86 -0.77 5.56
C TRP E 340 -62.49 -1.36 5.23
N THR E 341 -61.73 -0.63 4.43
CA THR E 341 -60.34 -0.94 4.18
C THR E 341 -59.51 -0.04 5.10
N PRO E 342 -58.82 -0.60 6.10
CA PRO E 342 -58.13 0.27 7.07
C PRO E 342 -57.09 1.18 6.46
N ILE E 343 -56.20 0.65 5.64
CA ILE E 343 -55.15 1.41 4.99
C ILE E 343 -55.42 1.38 3.49
N GLN E 344 -55.81 2.51 2.90
CA GLN E 344 -55.98 2.60 1.45
C GLN E 344 -54.63 2.96 0.85
N TYR E 345 -53.97 1.98 0.27
CA TYR E 345 -52.62 2.12 -0.24
C TYR E 345 -52.70 2.28 -1.76
N LEU E 346 -52.21 3.41 -2.27
CA LEU E 346 -52.33 3.73 -3.70
C LEU E 346 -50.97 4.06 -4.27
N ASN E 347 -50.56 3.35 -5.31
CA ASN E 347 -49.32 3.66 -6.00
C ASN E 347 -49.47 4.71 -7.08
N ARG E 348 -50.61 5.39 -7.14
CA ARG E 348 -50.86 6.43 -8.13
C ARG E 348 -50.15 7.73 -7.78
N LYS E 349 -49.89 8.53 -8.80
CA LYS E 349 -49.49 9.92 -8.63
C LYS E 349 -50.71 10.80 -8.82
N TYR E 350 -50.86 11.82 -7.97
CA TYR E 350 -51.95 12.78 -8.12
C TYR E 350 -51.41 14.18 -8.34
N GLU E 351 -52.19 14.99 -9.06
CA GLU E 351 -51.87 16.40 -9.24
C GLU E 351 -51.71 17.09 -7.89
N ARG E 352 -50.68 17.93 -7.80
CA ARG E 352 -50.35 18.54 -6.51
C ARG E 352 -51.53 19.30 -5.92
N ASN E 353 -52.31 19.96 -6.77
CA ASN E 353 -53.45 20.71 -6.26
C ASN E 353 -54.49 19.78 -5.64
N LEU E 354 -54.67 18.59 -6.22
CA LEU E 354 -55.57 17.60 -5.62
C LEU E 354 -55.09 17.21 -4.24
N LEU E 355 -53.78 17.06 -4.05
CA LEU E 355 -53.25 16.69 -2.75
C LEU E 355 -53.64 17.71 -1.68
N MET E 356 -53.58 19.00 -2.03
CA MET E 356 -53.91 20.02 -1.05
C MET E 356 -55.37 19.87 -0.61
N ALA E 357 -56.25 19.58 -1.55
CA ALA E 357 -57.64 19.36 -1.18
C ALA E 357 -57.80 18.12 -0.31
N PHE E 358 -56.99 17.07 -0.56
CA PHE E 358 -56.99 15.91 0.33
C PHE E 358 -56.49 16.29 1.73
N PHE E 359 -55.39 17.04 1.79
CA PHE E 359 -54.85 17.48 3.07
C PHE E 359 -55.87 18.26 3.88
N ARG E 360 -56.51 19.25 3.24
CA ARG E 360 -57.51 20.07 3.93
C ARG E 360 -58.65 19.21 4.47
N MET E 361 -59.10 18.24 3.68
CA MET E 361 -60.20 17.38 4.09
C MET E 361 -59.83 16.54 5.31
N SER E 362 -58.57 16.13 5.43
CA SER E 362 -58.16 15.16 6.45
C SER E 362 -58.14 15.78 7.85
N GLN E 363 -58.19 14.90 8.86
CA GLN E 363 -58.03 15.32 10.25
C GLN E 363 -56.58 15.24 10.73
N VAL E 364 -55.75 14.38 10.13
CA VAL E 364 -54.37 14.17 10.56
C VAL E 364 -53.47 14.09 9.34
N GLY E 365 -52.34 14.79 9.39
CA GLY E 365 -51.25 14.57 8.46
C GLY E 365 -50.18 13.74 9.15
N TYR E 366 -49.77 12.68 8.47
CA TYR E 366 -48.98 11.60 9.08
C TYR E 366 -47.68 11.50 8.31
N VAL E 367 -46.64 12.18 8.77
CA VAL E 367 -45.40 12.35 8.01
C VAL E 367 -44.25 11.91 8.92
N THR E 368 -43.80 10.65 8.79
CA THR E 368 -42.87 10.07 9.76
C THR E 368 -41.62 9.49 9.12
N PRO E 369 -40.88 10.28 8.33
CA PRO E 369 -39.64 9.76 7.72
C PRO E 369 -38.58 9.41 8.77
N LEU E 370 -37.78 8.39 8.46
CA LEU E 370 -36.65 8.04 9.30
C LEU E 370 -35.51 9.03 9.19
N ARG E 371 -35.38 9.69 8.04
CA ARG E 371 -34.41 10.76 7.78
C ARG E 371 -34.91 11.52 6.56
N ASP E 372 -34.96 12.87 6.65
CA ASP E 372 -35.46 13.68 5.55
C ASP E 372 -34.77 15.04 5.63
N GLY E 373 -34.26 15.50 4.48
CA GLY E 373 -33.58 16.80 4.45
C GLY E 373 -34.44 17.93 4.99
N MET E 374 -35.69 17.99 4.55
CA MET E 374 -36.66 18.96 5.06
C MET E 374 -38.04 18.33 5.20
N ASN E 375 -38.57 17.83 4.07
CA ASN E 375 -39.92 17.31 3.87
C ASN E 375 -40.94 18.43 3.67
N LEU E 376 -41.28 18.72 2.42
CA LEU E 376 -42.26 19.77 2.15
C LEU E 376 -43.70 19.30 2.33
N VAL E 377 -43.97 17.99 2.21
CA VAL E 377 -45.32 17.49 2.49
C VAL E 377 -45.78 17.94 3.87
N ALA E 378 -44.89 17.86 4.87
CA ALA E 378 -45.22 18.36 6.21
C ALA E 378 -45.64 19.82 6.18
N LYS E 379 -44.92 20.66 5.44
CA LYS E 379 -45.27 22.07 5.37
C LYS E 379 -46.52 22.29 4.53
N GLU E 380 -46.64 21.57 3.41
CA GLU E 380 -47.84 21.70 2.59
C GLU E 380 -49.09 21.26 3.36
N TYR E 381 -48.96 20.23 4.19
CA TYR E 381 -50.13 19.75 4.94
C TYR E 381 -50.68 20.83 5.85
N VAL E 382 -49.81 21.51 6.59
CA VAL E 382 -50.26 22.58 7.47
C VAL E 382 -50.95 23.69 6.66
N ALA E 383 -50.33 24.09 5.56
CA ALA E 383 -50.83 25.23 4.79
C ALA E 383 -52.20 24.97 4.16
N SER E 384 -52.59 23.70 3.99
CA SER E 384 -53.87 23.43 3.35
C SER E 384 -55.05 23.57 4.30
N GLN E 385 -54.82 23.53 5.61
CA GLN E 385 -55.91 23.37 6.56
C GLN E 385 -56.78 24.61 6.65
N ASP E 386 -58.04 24.39 7.00
CA ASP E 386 -58.97 25.47 7.32
C ASP E 386 -58.72 25.96 8.74
N PRO E 387 -58.36 27.23 8.94
CA PRO E 387 -58.13 27.70 10.32
C PRO E 387 -59.34 27.60 11.21
N ALA E 388 -60.55 27.52 10.64
CA ALA E 388 -61.74 27.31 11.46
C ALA E 388 -61.88 25.87 11.92
N ASP E 389 -61.21 24.92 11.25
CA ASP E 389 -61.26 23.50 11.59
C ASP E 389 -60.00 22.81 11.05
N PRO E 390 -58.85 23.05 11.65
CA PRO E 390 -57.60 22.56 11.07
C PRO E 390 -57.22 21.17 11.55
N GLY E 391 -56.56 20.43 10.65
CA GLY E 391 -56.06 19.11 11.00
C GLY E 391 -54.81 19.17 11.85
N VAL E 392 -54.35 18.00 12.31
CA VAL E 392 -53.21 17.93 13.20
C VAL E 392 -52.06 17.25 12.47
N LEU E 393 -50.84 17.79 12.63
CA LEU E 393 -49.65 17.24 12.02
C LEU E 393 -48.92 16.35 13.01
N VAL E 394 -48.75 15.07 12.66
CA VAL E 394 -47.88 14.15 13.39
C VAL E 394 -46.61 14.04 12.57
N LEU E 395 -45.49 14.52 13.12
CA LEU E 395 -44.28 14.74 12.35
C LEU E 395 -43.06 14.11 13.04
N SER E 396 -42.29 13.35 12.26
CA SER E 396 -41.07 12.73 12.76
C SER E 396 -40.02 13.76 13.11
N GLU E 397 -39.37 13.57 14.26
CA GLU E 397 -38.30 14.48 14.67
C GLU E 397 -37.06 14.38 13.79
N PHE E 398 -37.00 13.44 12.86
CA PHE E 398 -35.86 13.30 11.97
C PHE E 398 -36.10 13.96 10.61
N ALA E 399 -37.24 14.63 10.42
CA ALA E 399 -37.43 15.46 9.24
C ALA E 399 -36.83 16.84 9.51
N GLY E 400 -36.21 17.43 8.48
CA GLY E 400 -35.68 18.77 8.64
C GLY E 400 -36.72 19.77 9.09
N ALA E 401 -37.97 19.58 8.66
CA ALA E 401 -39.06 20.49 9.02
C ALA E 401 -39.35 20.49 10.50
N ALA E 402 -38.94 19.45 11.24
CA ALA E 402 -39.27 19.41 12.67
C ALA E 402 -38.65 20.59 13.40
N ALA E 403 -37.54 21.13 12.89
CA ALA E 403 -36.88 22.26 13.56
C ALA E 403 -37.72 23.54 13.49
N GLU E 404 -38.70 23.62 12.60
CA GLU E 404 -39.54 24.79 12.45
C GLU E 404 -40.99 24.61 12.91
N LEU E 405 -41.56 23.41 12.76
CA LEU E 405 -43.00 23.22 12.99
C LEU E 405 -43.26 22.76 14.44
N GLY E 406 -43.10 23.71 15.36
CA GLY E 406 -43.28 23.43 16.78
C GLY E 406 -44.68 23.04 17.18
N GLY E 407 -45.67 23.38 16.34
CA GLY E 407 -47.05 22.98 16.56
C GLY E 407 -47.38 21.55 16.21
N ALA E 408 -46.47 20.84 15.56
CA ALA E 408 -46.70 19.44 15.24
C ALA E 408 -46.58 18.58 16.50
N LEU E 409 -47.21 17.41 16.46
CA LEU E 409 -46.93 16.36 17.43
C LEU E 409 -45.70 15.63 16.96
N LEU E 410 -44.57 15.87 17.61
CA LEU E 410 -43.31 15.26 17.19
C LEU E 410 -43.20 13.84 17.74
N VAL E 411 -42.74 12.92 16.87
CA VAL E 411 -42.63 11.52 17.25
C VAL E 411 -41.26 11.00 16.84
N ASN E 412 -40.82 9.96 17.54
CA ASN E 412 -39.68 9.16 17.12
C ASN E 412 -40.21 7.93 16.38
N PRO E 413 -39.98 7.78 15.07
CA PRO E 413 -40.60 6.64 14.36
C PRO E 413 -40.07 5.28 14.78
N TYR E 414 -38.98 5.20 15.53
CA TYR E 414 -38.55 3.90 16.05
C TYR E 414 -39.32 3.48 17.29
N ASP E 415 -40.30 4.28 17.72
CA ASP E 415 -41.15 4.00 18.88
C ASP E 415 -42.59 3.89 18.40
N HIS E 416 -43.02 2.67 18.02
CA HIS E 416 -44.35 2.50 17.44
C HIS E 416 -45.45 2.93 18.41
N ALA E 417 -45.26 2.67 19.70
CA ALA E 417 -46.28 3.05 20.67
C ALA E 417 -46.45 4.56 20.74
N GLN E 418 -45.34 5.31 20.72
CA GLN E 418 -45.47 6.77 20.70
C GLN E 418 -46.18 7.23 19.45
N MET E 419 -45.85 6.63 18.30
CA MET E 419 -46.54 7.03 17.07
C MET E 419 -48.03 6.72 17.14
N ALA E 420 -48.39 5.55 17.66
CA ALA E 420 -49.81 5.21 17.78
C ALA E 420 -50.52 6.14 18.77
N ASP E 421 -49.89 6.42 19.93
CA ASP E 421 -50.49 7.38 20.86
C ASP E 421 -50.65 8.77 20.22
N ALA E 422 -49.68 9.19 19.41
CA ALA E 422 -49.82 10.50 18.79
C ALA E 422 -50.99 10.53 17.80
N LEU E 423 -51.17 9.45 17.03
CA LEU E 423 -52.33 9.38 16.14
C LEU E 423 -53.63 9.49 16.91
N ALA E 424 -53.77 8.70 17.98
CA ALA E 424 -54.98 8.75 18.78
C ALA E 424 -55.18 10.15 19.36
N ARG E 425 -54.12 10.74 19.88
CA ARG E 425 -54.20 12.11 20.41
C ARG E 425 -54.57 13.09 19.31
N ALA E 426 -53.96 12.93 18.12
CA ALA E 426 -54.32 13.83 17.02
C ALA E 426 -55.77 13.68 16.62
N LEU E 427 -56.28 12.44 16.57
CA LEU E 427 -57.63 12.20 16.09
C LEU E 427 -58.69 12.76 17.04
N ALA E 428 -58.38 12.92 18.32
CA ALA E 428 -59.35 13.38 19.31
C ALA E 428 -59.08 14.80 19.80
N MET E 429 -58.13 15.51 19.22
CA MET E 429 -57.69 16.75 19.81
C MET E 429 -58.78 17.81 19.72
N PRO E 430 -59.12 18.49 20.82
CA PRO E 430 -60.16 19.53 20.77
C PRO E 430 -59.79 20.68 19.84
N LEU E 431 -60.85 21.37 19.38
CA LEU E 431 -60.70 22.44 18.40
C LEU E 431 -59.75 23.53 18.89
N ALA E 432 -59.85 23.92 20.17
CA ALA E 432 -59.04 25.04 20.65
C ALA E 432 -57.55 24.72 20.57
N GLU E 433 -57.16 23.53 21.02
CA GLU E 433 -55.76 23.15 20.92
C GLU E 433 -55.34 22.95 19.46
N ARG E 434 -56.22 22.41 18.61
CA ARG E 434 -55.88 22.25 17.21
C ARG E 434 -55.59 23.60 16.55
N GLN E 435 -56.41 24.62 16.86
CA GLN E 435 -56.21 25.93 16.25
C GLN E 435 -54.93 26.59 16.74
N ALA E 436 -54.59 26.42 18.02
CA ALA E 436 -53.37 27.02 18.55
C ALA E 436 -52.15 26.45 17.86
N ARG E 437 -52.12 25.13 17.66
CA ARG E 437 -51.00 24.49 17.00
C ARG E 437 -50.90 24.90 15.53
N HIS E 438 -52.04 24.97 14.83
CA HIS E 438 -51.98 25.33 13.43
C HIS E 438 -51.49 26.77 13.25
N GLU E 439 -51.96 27.68 14.11
CA GLU E 439 -51.51 29.07 14.04
C GLU E 439 -50.02 29.20 14.35
N GLU E 440 -49.50 28.39 15.28
CA GLU E 440 -48.06 28.43 15.53
C GLU E 440 -47.28 28.01 14.30
N ASN E 441 -47.68 26.89 13.67
CA ASN E 441 -46.98 26.42 12.48
C ASN E 441 -47.20 27.36 11.30
N LEU E 442 -48.43 27.88 11.13
CA LEU E 442 -48.69 28.75 9.99
C LEU E 442 -47.82 30.00 10.03
N ALA E 443 -47.68 30.60 11.22
CA ALA E 443 -46.83 31.77 11.36
C ALA E 443 -45.39 31.48 10.95
N GLN E 444 -44.88 30.29 11.31
CA GLN E 444 -43.54 29.91 10.89
C GLN E 444 -43.45 29.83 9.37
N LEU E 445 -44.45 29.20 8.73
CA LEU E 445 -44.44 29.09 7.28
C LEU E 445 -44.49 30.46 6.61
N ARG E 446 -45.27 31.39 7.15
CA ARG E 446 -45.33 32.72 6.57
C ARG E 446 -44.05 33.50 6.84
N ASN E 447 -43.36 33.19 7.94
CA ASN E 447 -42.11 33.85 8.27
C ASN E 447 -40.99 33.36 7.35
N ASN E 448 -40.90 32.05 7.13
CA ASN E 448 -39.89 31.49 6.24
C ASN E 448 -40.52 30.85 5.02
N ASP E 449 -41.20 31.64 4.20
CA ASP E 449 -41.80 31.09 3.00
C ASP E 449 -40.70 30.89 1.95
N LEU E 450 -41.12 30.33 0.80
CA LEU E 450 -40.16 30.00 -0.26
C LEU E 450 -39.41 31.23 -0.76
N SER E 451 -39.99 32.44 -0.61
CA SER E 451 -39.30 33.66 -1.03
C SER E 451 -38.01 33.87 -0.26
N VAL E 452 -38.01 33.54 1.04
CA VAL E 452 -36.84 33.77 1.89
C VAL E 452 -35.68 32.91 1.43
N TRP E 453 -35.94 31.64 1.10
CA TRP E 453 -34.92 30.75 0.59
C TRP E 453 -34.30 31.29 -0.68
N ARG E 454 -35.12 31.69 -1.64
CA ARG E 454 -34.62 32.17 -2.93
C ARG E 454 -33.87 33.47 -2.79
N ASP E 455 -34.47 34.45 -2.12
CA ASP E 455 -33.88 35.78 -2.05
C ASP E 455 -32.57 35.76 -1.27
N THR E 456 -32.52 34.99 -0.18
CA THR E 456 -31.32 35.00 0.68
C THR E 456 -30.14 34.33 -0.01
N PHE E 457 -30.36 33.21 -0.68
CA PHE E 457 -29.25 32.57 -1.38
C PHE E 457 -28.75 33.44 -2.53
N VAL E 458 -29.68 34.04 -3.28
CA VAL E 458 -29.27 34.93 -4.37
C VAL E 458 -28.53 36.14 -3.83
N ALA E 459 -29.02 36.71 -2.72
CA ALA E 459 -28.35 37.86 -2.12
C ALA E 459 -26.94 37.49 -1.66
N ASP E 460 -26.78 36.33 -1.03
CA ASP E 460 -25.44 35.90 -0.61
C ASP E 460 -24.53 35.70 -1.81
N LEU E 461 -25.09 35.21 -2.92
CA LEU E 461 -24.31 34.99 -4.13
C LEU E 461 -23.84 36.30 -4.73
N ARG E 462 -24.70 37.32 -4.73
CA ARG E 462 -24.33 38.64 -5.23
C ARG E 462 -23.26 39.31 -4.37
N SER E 463 -23.02 38.80 -3.17
CA SER E 463 -22.01 39.36 -2.29
C SER E 463 -20.64 38.73 -2.53
N VAL E 464 -20.60 37.56 -3.14
CA VAL E 464 -19.33 36.96 -3.52
C VAL E 464 -18.71 37.79 -4.65
N MET F 9 -5.80 -12.04 -34.37
CA MET F 9 -4.69 -11.09 -34.17
C MET F 9 -3.77 -11.50 -33.03
N SER F 10 -2.46 -11.53 -33.31
CA SER F 10 -1.47 -11.97 -32.33
C SER F 10 -1.32 -10.96 -31.20
N ARG F 11 -1.11 -11.47 -29.99
CA ARG F 11 -0.83 -10.58 -28.86
C ARG F 11 0.54 -9.94 -29.04
N LEU F 12 0.66 -8.69 -28.63
CA LEU F 12 1.96 -8.05 -28.49
C LEU F 12 2.40 -8.23 -27.05
N ILE F 13 3.61 -8.77 -26.86
CA ILE F 13 4.19 -8.94 -25.54
C ILE F 13 5.28 -7.90 -25.39
N VAL F 14 5.07 -6.91 -24.51
CA VAL F 14 6.07 -5.89 -24.21
C VAL F 14 6.86 -6.33 -22.98
N VAL F 15 8.18 -6.33 -23.12
CA VAL F 15 9.09 -6.71 -22.04
C VAL F 15 10.00 -5.53 -21.76
N SER F 16 10.01 -5.06 -20.51
CA SER F 16 10.88 -3.97 -20.10
C SER F 16 11.25 -4.16 -18.63
N ASN F 17 12.26 -3.40 -18.18
CA ASN F 17 12.75 -3.57 -16.81
C ASN F 17 11.67 -3.20 -15.79
N ARG F 18 11.04 -2.04 -15.96
CA ARG F 18 10.02 -1.59 -15.03
C ARG F 18 8.66 -1.57 -15.72
N VAL F 19 7.73 -2.37 -15.22
CA VAL F 19 6.37 -2.37 -15.75
C VAL F 19 5.56 -1.28 -15.06
N ALA F 20 4.93 -0.42 -15.85
CA ALA F 20 4.11 0.63 -15.28
C ALA F 20 2.93 0.03 -14.51
N ALA F 21 2.71 0.55 -13.31
CA ALA F 21 1.54 0.19 -12.52
C ALA F 21 0.84 1.48 -12.08
N GLY F 22 -0.47 1.39 -11.88
CA GLY F 22 -1.22 2.50 -11.27
C GLY F 22 -1.28 3.72 -12.16
N GLU F 23 -1.02 4.90 -11.56
CA GLU F 23 -1.16 6.16 -12.27
C GLU F 23 -0.15 6.32 -13.40
N ASP F 24 0.90 5.50 -13.43
CA ASP F 24 1.89 5.57 -14.51
C ASP F 24 1.37 5.02 -15.83
N THR F 25 0.21 4.38 -15.84
CA THR F 25 -0.41 3.96 -17.09
C THR F 25 -1.27 5.05 -17.72
N ARG F 26 -1.52 6.14 -17.00
CA ARG F 26 -2.32 7.24 -17.56
C ARG F 26 -1.53 7.93 -18.67
N PRO F 27 -2.15 8.22 -19.81
CA PRO F 27 -1.38 8.79 -20.94
C PRO F 27 -0.71 10.13 -20.63
N SER F 28 -1.24 10.93 -19.69
CA SER F 28 -0.61 12.20 -19.36
C SER F 28 0.82 11.98 -18.87
N ALA F 29 0.99 11.03 -17.95
CA ALA F 29 2.32 10.51 -17.67
C ALA F 29 2.86 9.86 -18.94
N GLY F 30 4.06 10.27 -19.35
CA GLY F 30 4.62 9.71 -20.55
C GLY F 30 5.17 8.32 -20.36
N GLY F 31 6.48 8.18 -20.49
CA GLY F 31 7.12 6.90 -20.27
C GLY F 31 6.84 5.92 -21.40
N LEU F 32 7.34 4.71 -21.19
CA LEU F 32 7.15 3.63 -22.14
C LEU F 32 5.68 3.30 -22.30
N ALA F 33 4.88 3.54 -21.25
CA ALA F 33 3.47 3.18 -21.30
C ALA F 33 2.74 3.90 -22.45
N VAL F 34 2.94 5.22 -22.58
CA VAL F 34 2.20 5.95 -23.61
C VAL F 34 2.64 5.52 -24.99
N GLY F 35 3.88 5.06 -25.13
CA GLY F 35 4.35 4.61 -26.43
C GLY F 35 3.74 3.29 -26.87
N VAL F 36 3.48 2.38 -25.93
CA VAL F 36 3.09 1.03 -26.30
C VAL F 36 1.64 0.71 -25.99
N MET F 37 0.95 1.55 -25.21
CA MET F 37 -0.36 1.15 -24.70
C MET F 37 -1.36 0.90 -25.84
N ASP F 38 -1.36 1.75 -26.86
CA ASP F 38 -2.32 1.59 -27.94
C ASP F 38 -2.18 0.21 -28.59
N ALA F 39 -0.94 -0.27 -28.75
CA ALA F 39 -0.71 -1.58 -29.34
C ALA F 39 -1.11 -2.70 -28.38
N LEU F 40 -0.83 -2.56 -27.08
CA LEU F 40 -1.27 -3.58 -26.13
C LEU F 40 -2.80 -3.68 -26.12
N LYS F 41 -3.48 -2.54 -26.16
CA LYS F 41 -4.94 -2.55 -26.20
C LYS F 41 -5.44 -3.18 -27.49
N GLN F 42 -4.77 -2.88 -28.60
CA GLN F 42 -5.23 -3.40 -29.89
C GLN F 42 -5.13 -4.92 -29.94
N THR F 43 -4.07 -5.48 -29.38
CA THR F 43 -3.75 -6.90 -29.51
C THR F 43 -4.18 -7.74 -28.32
N GLY F 44 -4.79 -7.15 -27.30
CA GLY F 44 -5.03 -7.90 -26.08
C GLY F 44 -3.71 -8.43 -25.54
N GLY F 45 -2.69 -7.57 -25.52
CA GLY F 45 -1.33 -7.99 -25.25
C GLY F 45 -1.00 -8.06 -23.75
N VAL F 46 0.28 -8.29 -23.49
CA VAL F 46 0.82 -8.46 -22.14
C VAL F 46 2.05 -7.58 -21.95
N TRP F 47 2.15 -6.94 -20.78
CA TRP F 47 3.35 -6.18 -20.40
C TRP F 47 4.04 -6.95 -19.26
N PHE F 48 5.22 -7.48 -19.55
CA PHE F 48 5.95 -8.35 -18.65
C PHE F 48 7.25 -7.68 -18.19
N GLY F 49 7.58 -7.85 -16.92
CA GLY F 49 8.84 -7.34 -16.39
C GLY F 49 8.81 -7.26 -14.87
N TRP F 50 9.76 -6.49 -14.32
CA TRP F 50 9.92 -6.35 -12.88
C TRP F 50 8.97 -5.28 -12.34
N ASN F 51 8.38 -5.56 -11.16
CA ASN F 51 7.43 -4.64 -10.55
C ASN F 51 8.09 -3.63 -9.62
N GLY F 52 9.42 -3.57 -9.59
CA GLY F 52 10.10 -2.64 -8.71
C GLY F 52 10.30 -3.09 -7.28
N GLU F 53 9.74 -4.23 -6.86
CA GLU F 53 9.87 -4.65 -5.47
C GLU F 53 11.10 -5.54 -5.27
N ILE F 54 11.64 -5.50 -4.07
CA ILE F 54 12.68 -6.40 -3.64
C ILE F 54 12.05 -7.46 -2.75
N VAL F 55 12.25 -8.72 -3.10
CA VAL F 55 11.65 -9.85 -2.40
C VAL F 55 12.75 -10.59 -1.65
N GLY F 56 12.40 -11.16 -0.49
CA GLY F 56 13.36 -11.94 0.27
C GLY F 56 13.79 -13.22 -0.42
N THR F 57 12.98 -13.73 -1.35
CA THR F 57 13.15 -15.04 -1.98
C THR F 57 12.47 -14.95 -3.35
N PRO F 58 13.01 -15.61 -4.38
CA PRO F 58 12.48 -15.42 -5.75
C PRO F 58 11.02 -15.84 -5.87
N ASP F 59 10.28 -15.10 -6.68
CA ASP F 59 8.88 -15.43 -6.89
C ASP F 59 8.76 -16.73 -7.66
N ALA F 60 7.83 -17.59 -7.23
CA ALA F 60 7.63 -18.85 -7.94
C ALA F 60 7.05 -18.59 -9.33
N ALA F 61 6.00 -17.77 -9.40
CA ALA F 61 5.32 -17.45 -10.64
C ALA F 61 5.06 -15.94 -10.65
N PRO F 62 4.80 -15.38 -11.83
CA PRO F 62 4.51 -13.94 -11.88
C PRO F 62 3.12 -13.61 -11.37
N ALA F 63 3.00 -12.38 -10.86
CA ALA F 63 1.71 -11.80 -10.49
C ALA F 63 1.01 -11.28 -11.75
N VAL F 64 -0.24 -11.69 -11.94
CA VAL F 64 -1.00 -11.44 -13.16
C VAL F 64 -2.15 -10.51 -12.82
N ARG F 65 -2.09 -9.28 -13.33
CA ARG F 65 -3.15 -8.30 -13.17
C ARG F 65 -3.67 -7.88 -14.54
N ARG F 66 -4.99 -7.80 -14.66
CA ARG F 66 -5.65 -7.43 -15.91
C ARG F 66 -6.28 -6.05 -15.75
N ASP F 67 -5.95 -5.13 -16.66
CA ASP F 67 -6.61 -3.82 -16.70
C ASP F 67 -7.45 -3.84 -17.98
N GLY F 68 -8.66 -4.37 -17.87
CA GLY F 68 -9.49 -4.52 -19.04
C GLY F 68 -8.92 -5.52 -20.03
N ASN F 69 -8.44 -4.99 -21.17
CA ASN F 69 -7.98 -5.81 -22.28
C ASN F 69 -6.49 -6.14 -22.21
N VAL F 70 -5.72 -5.39 -21.43
CA VAL F 70 -4.28 -5.54 -21.32
C VAL F 70 -3.95 -6.29 -20.02
N THR F 71 -2.97 -7.18 -20.09
CA THR F 71 -2.48 -7.93 -18.93
C THR F 71 -1.10 -7.45 -18.49
N TYR F 72 -0.93 -7.31 -17.18
CA TYR F 72 0.36 -6.97 -16.57
C TYR F 72 0.85 -8.17 -15.78
N ALA F 73 2.01 -8.72 -16.17
CA ALA F 73 2.61 -9.87 -15.50
C ALA F 73 3.95 -9.45 -14.90
N THR F 74 4.01 -9.32 -13.57
CA THR F 74 5.19 -8.75 -12.93
C THR F 74 5.83 -9.70 -11.93
N LEU F 75 7.12 -9.46 -11.68
CA LEU F 75 7.94 -10.30 -10.83
C LEU F 75 8.80 -9.42 -9.95
N GLY F 76 9.12 -9.92 -8.75
CA GLY F 76 10.03 -9.25 -7.86
C GLY F 76 11.49 -9.69 -8.09
N LEU F 77 12.41 -8.93 -7.50
CA LEU F 77 13.83 -9.25 -7.57
C LEU F 77 14.38 -9.37 -6.16
N THR F 78 15.40 -10.22 -5.99
CA THR F 78 16.07 -10.27 -4.71
C THR F 78 17.08 -9.13 -4.60
N ARG F 79 17.55 -8.92 -3.37
CA ARG F 79 18.60 -7.93 -3.13
C ARG F 79 19.81 -8.21 -4.00
N ARG F 80 20.23 -9.49 -4.08
CA ARG F 80 21.35 -9.85 -4.94
C ARG F 80 21.03 -9.59 -6.42
N ASP F 81 19.80 -9.90 -6.85
CA ASP F 81 19.40 -9.59 -8.23
C ASP F 81 19.52 -8.09 -8.49
N TYR F 82 18.86 -7.31 -7.65
CA TYR F 82 18.88 -5.86 -7.76
C TYR F 82 20.32 -5.33 -7.81
N ASP F 83 21.16 -5.79 -6.89
CA ASP F 83 22.52 -5.26 -6.76
C ASP F 83 23.37 -5.57 -7.99
N GLN F 84 23.26 -6.78 -8.54
CA GLN F 84 24.18 -7.21 -9.59
C GLN F 84 23.64 -6.91 -10.99
N TYR F 85 22.35 -7.10 -11.20
CA TYR F 85 21.71 -6.93 -12.50
C TYR F 85 21.42 -5.46 -12.80
N TYR F 86 20.71 -4.80 -11.90
CA TYR F 86 20.23 -3.45 -12.08
C TYR F 86 21.25 -2.39 -11.63
N ARG F 87 21.59 -2.38 -10.35
CA ARG F 87 22.55 -1.42 -9.82
C ARG F 87 23.94 -1.65 -10.40
N GLY F 88 24.31 -2.90 -10.58
CA GLY F 88 25.65 -3.25 -11.00
C GLY F 88 25.85 -3.13 -12.50
N PHE F 89 25.71 -4.25 -13.19
CA PHE F 89 26.13 -4.29 -14.58
C PHE F 89 25.38 -3.28 -15.43
N SER F 90 24.05 -3.21 -15.28
CA SER F 90 23.27 -2.27 -16.09
C SER F 90 23.71 -0.84 -15.86
N ASN F 91 23.72 -0.40 -14.60
CA ASN F 91 23.88 1.02 -14.30
C ASN F 91 25.32 1.45 -13.96
N ALA F 92 26.21 0.51 -13.66
CA ALA F 92 27.61 0.85 -13.41
C ALA F 92 28.54 0.44 -14.55
N THR F 93 28.07 -0.40 -15.48
CA THR F 93 28.88 -0.76 -16.65
C THR F 93 28.24 -0.30 -17.95
N LEU F 94 27.03 -0.81 -18.29
CA LEU F 94 26.42 -0.49 -19.57
C LEU F 94 26.11 1.00 -19.71
N TRP F 95 25.43 1.58 -18.71
CA TRP F 95 25.03 2.97 -18.83
C TRP F 95 26.19 3.93 -19.05
N PRO F 96 27.26 3.91 -18.26
CA PRO F 96 28.37 4.86 -18.54
C PRO F 96 29.05 4.63 -19.88
N VAL F 97 29.31 3.38 -20.24
CA VAL F 97 30.01 3.11 -21.49
C VAL F 97 29.17 3.54 -22.68
N PHE F 98 27.89 3.17 -22.68
CA PHE F 98 27.02 3.54 -23.80
C PHE F 98 26.85 5.05 -23.93
N HIS F 99 27.21 5.83 -22.90
CA HIS F 99 27.24 7.29 -22.98
C HIS F 99 28.65 7.84 -23.16
N TYR F 100 29.60 7.00 -23.59
CA TYR F 100 30.96 7.42 -23.89
C TYR F 100 31.65 7.99 -22.64
N ARG F 101 31.46 7.33 -21.49
CA ARG F 101 32.11 7.71 -20.23
C ARG F 101 32.88 6.51 -19.69
N SER F 102 33.95 6.14 -20.39
CA SER F 102 34.78 5.03 -19.94
C SER F 102 35.41 5.28 -18.58
N ASP F 103 35.54 6.56 -18.19
CA ASP F 103 36.10 6.91 -16.89
C ASP F 103 35.20 6.53 -15.72
N LEU F 104 33.89 6.39 -15.94
CA LEU F 104 32.97 6.03 -14.86
C LEU F 104 32.61 4.55 -14.86
N ALA F 105 33.12 3.79 -15.81
CA ALA F 105 32.76 2.38 -15.94
C ALA F 105 33.45 1.54 -14.88
N ARG F 106 32.70 0.59 -14.31
CA ARG F 106 33.18 -0.36 -13.29
C ARG F 106 32.63 -1.75 -13.61
N PHE F 107 33.46 -2.61 -14.19
CA PHE F 107 33.05 -3.98 -14.48
C PHE F 107 33.31 -4.90 -13.29
N ASP F 108 32.35 -5.78 -13.03
CA ASP F 108 32.55 -6.81 -12.02
C ASP F 108 31.93 -8.11 -12.49
N ARG F 109 32.72 -9.20 -12.43
CA ARG F 109 32.31 -10.49 -13.01
C ARG F 109 31.04 -11.02 -12.38
N GLN F 110 30.94 -10.97 -11.04
CA GLN F 110 29.76 -11.51 -10.38
C GLN F 110 28.52 -10.68 -10.69
N GLU F 111 28.67 -9.35 -10.78
CA GLU F 111 27.55 -8.53 -11.22
C GLU F 111 27.09 -8.95 -12.61
N TYR F 112 28.03 -9.16 -13.52
CA TYR F 112 27.65 -9.58 -14.86
C TYR F 112 26.96 -10.94 -14.84
N ALA F 113 27.46 -11.89 -14.04
CA ALA F 113 26.80 -13.19 -13.93
C ALA F 113 25.38 -13.04 -13.39
N GLY F 114 25.18 -12.15 -12.42
CA GLY F 114 23.84 -11.91 -11.92
C GLY F 114 22.93 -11.26 -12.95
N TYR F 115 23.52 -10.38 -13.78
CA TYR F 115 22.79 -9.79 -14.92
C TYR F 115 22.28 -10.88 -15.83
N LEU F 116 23.15 -11.84 -16.17
CA LEU F 116 22.71 -12.98 -16.98
C LEU F 116 21.70 -13.85 -16.23
N ARG F 117 21.92 -14.09 -14.94
CA ARG F 117 21.01 -14.94 -14.16
C ARG F 117 19.60 -14.35 -14.15
N VAL F 118 19.46 -13.05 -13.95
CA VAL F 118 18.14 -12.42 -13.95
C VAL F 118 17.52 -12.48 -15.33
N ASN F 119 18.30 -12.20 -16.39
CA ASN F 119 17.80 -12.34 -17.76
C ASN F 119 17.28 -13.75 -18.02
N ALA F 120 18.03 -14.76 -17.59
CA ALA F 120 17.57 -16.13 -17.79
C ALA F 120 16.32 -16.41 -16.97
N MET F 121 16.28 -15.93 -15.72
CA MET F 121 15.12 -16.13 -14.86
C MET F 121 13.87 -15.47 -15.43
N LEU F 122 14.00 -14.22 -15.90
CA LEU F 122 12.86 -13.56 -16.52
C LEU F 122 12.41 -14.30 -17.78
N ALA F 123 13.35 -14.81 -18.55
CA ALA F 123 12.99 -15.48 -19.81
C ALA F 123 12.24 -16.78 -19.54
N ARG F 124 12.72 -17.56 -18.56
CA ARG F 124 12.03 -18.80 -18.20
C ARG F 124 10.63 -18.53 -17.68
N GLN F 125 10.47 -17.47 -16.88
CA GLN F 125 9.13 -17.12 -16.39
C GLN F 125 8.24 -16.68 -17.55
N LEU F 126 8.79 -15.88 -18.48
CA LEU F 126 7.97 -15.41 -19.59
C LEU F 126 7.62 -16.55 -20.53
N ALA F 127 8.56 -17.47 -20.78
CA ALA F 127 8.34 -18.55 -21.73
C ALA F 127 7.08 -19.37 -21.39
N ALA F 128 6.81 -19.56 -20.10
CA ALA F 128 5.63 -20.31 -19.67
C ALA F 128 4.31 -19.61 -19.98
N LEU F 129 4.34 -18.31 -20.31
CA LEU F 129 3.13 -17.56 -20.60
C LEU F 129 2.86 -17.41 -22.09
N LEU F 130 3.81 -17.78 -22.94
CA LEU F 130 3.72 -17.46 -24.36
C LEU F 130 2.79 -18.41 -25.08
N ARG F 131 2.09 -17.89 -26.04
CA ARG F 131 1.44 -18.55 -27.14
C ARG F 131 2.35 -18.48 -28.36
N PRO F 132 2.31 -19.48 -29.25
CA PRO F 132 3.34 -19.58 -30.29
C PRO F 132 3.42 -18.39 -31.22
N ASP F 133 2.31 -17.66 -31.42
CA ASP F 133 2.26 -16.56 -32.37
C ASP F 133 2.38 -15.19 -31.73
N ASP F 134 2.70 -15.13 -30.43
CA ASP F 134 2.91 -13.84 -29.78
C ASP F 134 4.02 -13.08 -30.50
N LEU F 135 3.87 -11.77 -30.60
CA LEU F 135 4.94 -10.90 -31.06
C LEU F 135 5.58 -10.28 -29.83
N ILE F 136 6.89 -10.47 -29.67
CA ILE F 136 7.62 -10.08 -28.46
C ILE F 136 8.49 -8.87 -28.76
N TRP F 137 8.33 -7.81 -27.96
CA TRP F 137 9.05 -6.54 -28.09
C TRP F 137 9.80 -6.21 -26.80
N VAL F 138 11.14 -6.30 -26.82
CA VAL F 138 11.99 -6.12 -25.66
C VAL F 138 12.64 -4.75 -25.71
N HIS F 139 12.71 -4.08 -24.57
CA HIS F 139 13.12 -2.68 -24.50
C HIS F 139 14.33 -2.50 -23.59
N ASP F 140 15.41 -1.96 -24.18
CA ASP F 140 16.50 -1.28 -23.48
C ASP F 140 17.56 -2.17 -22.84
N TYR F 141 18.63 -1.50 -22.39
CA TYR F 141 19.93 -2.13 -22.15
C TYR F 141 19.92 -3.13 -21.00
N HIS F 142 18.96 -3.06 -20.09
CA HIS F 142 18.84 -4.09 -19.07
C HIS F 142 18.68 -5.49 -19.67
N LEU F 143 18.22 -5.59 -20.92
CA LEU F 143 17.71 -6.84 -21.48
C LEU F 143 18.43 -7.24 -22.77
N LEU F 144 19.68 -6.83 -22.96
CA LEU F 144 20.44 -7.33 -24.10
C LEU F 144 20.44 -8.85 -24.23
N PRO F 145 20.57 -9.66 -23.17
CA PRO F 145 20.63 -11.11 -23.36
C PRO F 145 19.29 -11.81 -23.48
N PHE F 146 18.17 -11.08 -23.41
CA PHE F 146 16.88 -11.72 -23.15
C PHE F 146 16.46 -12.64 -24.29
N ALA F 147 16.58 -12.16 -25.55
CA ALA F 147 16.26 -13.01 -26.67
C ALA F 147 17.13 -14.26 -26.67
N HIS F 148 18.43 -14.09 -26.38
CA HIS F 148 19.31 -15.25 -26.32
C HIS F 148 18.79 -16.27 -25.33
N CYS F 149 18.36 -15.79 -24.16
CA CYS F 149 17.77 -16.70 -23.17
C CYS F 149 16.49 -17.35 -23.69
N LEU F 150 15.65 -16.58 -24.39
CA LEU F 150 14.43 -17.16 -24.93
C LEU F 150 14.73 -18.20 -26.01
N ARG F 151 15.68 -17.90 -26.91
CA ARG F 151 16.03 -18.87 -27.95
C ARG F 151 16.54 -20.17 -27.34
N GLU F 152 17.28 -20.07 -26.23
CA GLU F 152 17.82 -21.24 -25.56
C GLU F 152 16.72 -22.08 -24.92
N LEU F 153 15.57 -21.49 -24.66
CA LEU F 153 14.40 -22.23 -24.22
C LEU F 153 13.57 -22.73 -25.37
N GLY F 154 14.00 -22.50 -26.61
CA GLY F 154 13.24 -22.98 -27.75
C GLY F 154 12.19 -22.02 -28.29
N VAL F 155 12.24 -20.75 -27.91
CA VAL F 155 11.23 -19.77 -28.34
C VAL F 155 11.47 -19.41 -29.80
N LYS F 156 10.45 -19.60 -30.63
CA LYS F 156 10.50 -19.31 -32.05
C LYS F 156 9.76 -18.02 -32.42
N ASN F 157 9.10 -17.39 -31.46
CA ASN F 157 8.35 -16.16 -31.73
C ASN F 157 9.24 -15.10 -32.37
N PRO F 158 8.63 -14.18 -33.11
CA PRO F 158 9.31 -12.93 -33.44
C PRO F 158 9.70 -12.20 -32.16
N ILE F 159 10.99 -11.83 -32.05
CA ILE F 159 11.47 -11.04 -30.93
C ILE F 159 12.22 -9.84 -31.49
N GLY F 160 11.75 -8.63 -31.16
CA GLY F 160 12.39 -7.40 -31.55
C GLY F 160 12.94 -6.67 -30.32
N PHE F 161 14.04 -5.95 -30.53
CA PHE F 161 14.69 -5.17 -29.50
C PHE F 161 14.73 -3.71 -29.91
N PHE F 162 14.48 -2.81 -28.96
CA PHE F 162 14.69 -1.38 -29.17
C PHE F 162 15.54 -0.82 -28.03
N LEU F 163 16.66 -0.19 -28.40
CA LEU F 163 17.59 0.43 -27.47
C LEU F 163 17.23 1.91 -27.34
N HIS F 164 16.89 2.34 -26.13
CA HIS F 164 16.49 3.73 -25.92
C HIS F 164 17.65 4.68 -25.77
N ILE F 165 18.83 4.18 -25.43
CA ILE F 165 19.99 5.01 -25.14
C ILE F 165 20.95 4.86 -26.32
N PRO F 166 22.04 5.62 -26.42
CA PRO F 166 22.92 5.44 -27.59
C PRO F 166 23.54 4.05 -27.60
N PHE F 167 23.91 3.58 -28.79
CA PHE F 167 24.78 2.43 -28.92
C PHE F 167 26.17 2.90 -29.29
N PRO F 168 27.18 2.63 -28.48
CA PRO F 168 28.50 3.23 -28.70
C PRO F 168 29.28 2.57 -29.83
N SER F 169 30.16 3.37 -30.45
CA SER F 169 31.02 2.87 -31.52
C SER F 169 32.00 1.83 -30.95
N PRO F 170 32.61 1.01 -31.82
CA PRO F 170 33.35 -0.17 -31.31
C PRO F 170 34.46 0.15 -30.31
N ASP F 171 35.34 1.09 -30.65
CA ASP F 171 36.44 1.42 -29.77
C ASP F 171 35.97 1.85 -28.38
N MET F 172 34.71 2.28 -28.26
CA MET F 172 34.13 2.55 -26.94
C MET F 172 33.41 1.33 -26.35
N LEU F 173 32.67 0.58 -27.19
CA LEU F 173 31.93 -0.60 -26.70
C LEU F 173 32.88 -1.60 -26.05
N ARG F 174 34.09 -1.74 -26.61
CA ARG F 174 35.09 -2.68 -26.10
C ARG F 174 35.45 -2.41 -24.64
N VAL F 175 35.13 -1.23 -24.11
CA VAL F 175 35.35 -1.00 -22.69
C VAL F 175 34.50 -1.97 -21.86
N VAL F 176 33.35 -2.37 -22.38
CA VAL F 176 32.56 -3.42 -21.74
C VAL F 176 33.24 -4.76 -21.97
N PRO F 177 33.77 -5.41 -20.94
CA PRO F 177 34.60 -6.60 -21.16
C PRO F 177 33.87 -7.72 -21.87
N PRO F 178 32.60 -8.02 -21.57
CA PRO F 178 31.95 -9.09 -22.34
C PRO F 178 31.27 -8.60 -23.64
N HIS F 179 31.84 -7.59 -24.31
CA HIS F 179 31.17 -6.97 -25.45
C HIS F 179 30.87 -8.01 -26.55
N ASP F 180 31.80 -8.92 -26.80
CA ASP F 180 31.57 -9.92 -27.84
C ASP F 180 30.37 -10.80 -27.51
N GLU F 181 30.27 -11.26 -26.26
CA GLU F 181 29.12 -12.08 -25.87
C GLU F 181 27.82 -11.31 -26.03
N LEU F 182 27.83 -10.04 -25.64
CA LEU F 182 26.61 -9.23 -25.68
C LEU F 182 26.12 -9.01 -27.09
N VAL F 183 27.05 -8.79 -28.03
CA VAL F 183 26.66 -8.59 -29.41
C VAL F 183 26.12 -9.89 -30.00
N LYS F 184 26.77 -11.01 -29.68
CA LYS F 184 26.20 -12.31 -30.05
C LYS F 184 24.79 -12.44 -29.49
N PHE F 185 24.59 -12.05 -28.22
CA PHE F 185 23.24 -12.08 -27.65
C PHE F 185 22.28 -11.22 -28.46
N MET F 186 22.71 -10.02 -28.87
CA MET F 186 21.82 -9.14 -29.63
C MET F 186 21.41 -9.74 -30.97
N CYS F 187 22.25 -10.60 -31.54
CA CYS F 187 21.88 -11.23 -32.78
C CYS F 187 20.79 -12.28 -32.59
N ALA F 188 20.39 -12.56 -31.35
CA ALA F 188 19.25 -13.44 -31.13
C ALA F 188 17.92 -12.75 -31.48
N TYR F 189 17.89 -11.42 -31.50
CA TYR F 189 16.69 -10.70 -31.89
C TYR F 189 16.54 -10.75 -33.41
N ASP F 190 15.30 -10.94 -33.87
CA ASP F 190 15.03 -10.82 -35.31
C ASP F 190 15.16 -9.38 -35.77
N ILE F 191 14.93 -8.43 -34.86
CA ILE F 191 15.06 -7.00 -35.12
C ILE F 191 15.85 -6.37 -33.99
N ALA F 192 16.90 -5.62 -34.32
CA ALA F 192 17.63 -4.81 -33.34
C ALA F 192 17.38 -3.36 -33.73
N GLY F 193 16.54 -2.69 -32.95
CA GLY F 193 16.14 -1.31 -33.23
C GLY F 193 16.92 -0.31 -32.41
N PHE F 194 17.19 0.86 -33.02
CA PHE F 194 17.99 1.90 -32.39
C PHE F 194 17.32 3.26 -32.55
N GLN F 195 17.77 4.25 -31.77
CA GLN F 195 17.19 5.59 -31.87
C GLN F 195 17.53 6.26 -33.20
N THR F 196 18.80 6.21 -33.63
CA THR F 196 19.26 6.98 -34.78
C THR F 196 20.12 6.10 -35.69
N ASP F 197 20.38 6.65 -36.89
CA ASP F 197 21.25 5.98 -37.86
C ASP F 197 22.64 5.75 -37.29
N ALA F 198 23.17 6.73 -36.55
CA ALA F 198 24.50 6.57 -35.97
C ALA F 198 24.54 5.38 -35.01
N ASP F 199 23.49 5.18 -34.23
CA ASP F 199 23.49 4.02 -33.33
C ASP F 199 23.50 2.74 -34.15
N LYS F 200 22.66 2.68 -35.18
CA LYS F 200 22.58 1.48 -36.00
C LYS F 200 23.91 1.23 -36.69
N ARG F 201 24.58 2.28 -37.15
CA ARG F 201 25.88 2.12 -37.81
C ARG F 201 26.93 1.59 -36.86
N ALA F 202 26.89 2.04 -35.59
CA ALA F 202 27.84 1.56 -34.60
C ALA F 202 27.70 0.06 -34.39
N PHE F 203 26.47 -0.43 -34.33
CA PHE F 203 26.27 -1.87 -34.20
C PHE F 203 26.81 -2.60 -35.42
N SER F 204 26.48 -2.09 -36.61
CA SER F 204 26.97 -2.68 -37.87
C SER F 204 28.48 -2.60 -37.98
N ASP F 205 29.06 -1.46 -37.54
CA ASP F 205 30.51 -1.32 -37.63
C ASP F 205 31.21 -2.41 -36.83
N TYR F 206 30.71 -2.69 -35.63
CA TYR F 206 31.27 -3.77 -34.82
C TYR F 206 31.20 -5.10 -35.56
N ILE F 207 30.01 -5.45 -36.05
CA ILE F 207 29.82 -6.74 -36.69
C ILE F 207 30.61 -6.82 -37.99
N GLU F 208 30.60 -5.74 -38.79
CA GLU F 208 31.31 -5.80 -40.06
C GLU F 208 32.83 -5.73 -39.85
N ARG F 209 33.30 -4.73 -39.09
CA ARG F 209 34.74 -4.46 -39.03
C ARG F 209 35.50 -5.47 -38.17
N ARG F 210 34.83 -6.19 -37.28
CA ARG F 210 35.50 -7.22 -36.51
C ARG F 210 35.33 -8.61 -37.13
N GLY F 211 34.89 -8.68 -38.38
CA GLY F 211 34.75 -9.95 -39.07
C GLY F 211 33.69 -10.88 -38.53
N ILE F 212 32.67 -10.36 -37.83
CA ILE F 212 31.65 -11.24 -37.31
C ILE F 212 30.58 -11.57 -38.35
N GLY F 213 30.25 -10.61 -39.21
CA GLY F 213 29.21 -10.87 -40.20
C GLY F 213 29.22 -9.84 -41.31
N THR F 214 28.22 -9.98 -42.19
CA THR F 214 28.12 -9.17 -43.39
C THR F 214 26.74 -8.54 -43.49
N ALA F 215 26.60 -7.60 -44.42
CA ALA F 215 25.32 -6.94 -44.70
C ALA F 215 24.49 -7.68 -45.77
N MET F 220 20.10 -5.93 -44.10
CA MET F 220 20.12 -7.11 -43.23
C MET F 220 21.53 -7.52 -42.86
N LEU F 221 21.72 -7.95 -41.61
CA LEU F 221 23.01 -8.43 -41.12
C LEU F 221 22.97 -9.94 -40.95
N HIS F 222 24.02 -10.62 -41.41
CA HIS F 222 24.16 -12.07 -41.26
C HIS F 222 25.30 -12.32 -40.29
N ALA F 223 24.97 -12.80 -39.09
CA ALA F 223 26.01 -12.98 -38.09
C ALA F 223 25.56 -14.04 -37.11
N HIS F 224 26.55 -14.78 -36.58
CA HIS F 224 26.32 -15.84 -35.60
C HIS F 224 25.23 -16.81 -36.05
N GLY F 225 25.24 -17.15 -37.33
CA GLY F 225 24.27 -18.09 -37.84
C GLY F 225 22.83 -17.59 -37.87
N ARG F 226 22.62 -16.29 -37.70
CA ARG F 226 21.26 -15.76 -37.73
C ARG F 226 21.17 -14.62 -38.73
N VAL F 227 19.93 -14.20 -38.98
CA VAL F 227 19.61 -13.07 -39.84
C VAL F 227 18.94 -12.01 -38.95
N VAL F 228 19.47 -10.79 -38.97
CA VAL F 228 19.04 -9.73 -38.06
C VAL F 228 18.67 -8.50 -38.88
N LYS F 229 17.46 -7.97 -38.68
CA LYS F 229 17.12 -6.66 -39.25
C LYS F 229 17.61 -5.54 -38.33
N VAL F 230 18.43 -4.63 -38.86
CA VAL F 230 18.98 -3.52 -38.08
C VAL F 230 18.41 -2.21 -38.59
N ALA F 231 17.73 -1.47 -37.70
CA ALA F 231 17.05 -0.27 -38.19
C ALA F 231 16.90 0.75 -37.07
N ALA F 232 16.62 1.99 -37.46
CA ALA F 232 16.43 3.09 -36.54
C ALA F 232 14.95 3.49 -36.49
N TYR F 233 14.44 3.67 -35.27
CA TYR F 233 13.07 4.11 -35.01
C TYR F 233 13.16 5.23 -33.98
N PRO F 234 13.48 6.46 -34.40
CA PRO F 234 13.58 7.55 -33.44
C PRO F 234 12.24 7.85 -32.78
N ILE F 235 12.25 7.89 -31.44
CA ILE F 235 11.02 8.10 -30.67
C ILE F 235 10.60 9.58 -30.74
N GLY F 236 9.31 9.81 -30.98
CA GLY F 236 8.74 11.13 -31.04
C GLY F 236 7.76 11.38 -29.89
N VAL F 237 6.89 12.37 -30.09
CA VAL F 237 5.91 12.79 -29.07
C VAL F 237 4.56 13.02 -29.76
N TYR F 238 3.55 13.41 -28.95
CA TYR F 238 2.25 13.83 -29.45
C TYR F 238 2.16 15.34 -29.33
N PRO F 239 2.67 16.10 -30.30
CA PRO F 239 2.79 17.56 -30.10
C PRO F 239 1.45 18.27 -29.89
N ASP F 240 0.36 17.79 -30.51
CA ASP F 240 -0.94 18.44 -30.31
C ASP F 240 -1.46 18.19 -28.89
N ALA F 241 -1.24 17.00 -28.35
CA ALA F 241 -1.62 16.73 -26.97
C ALA F 241 -0.77 17.54 -25.99
N ILE F 242 0.54 17.62 -26.26
CA ILE F 242 1.42 18.42 -25.40
C ILE F 242 1.00 19.88 -25.42
N ALA F 243 0.67 20.39 -26.61
CA ALA F 243 0.27 21.78 -26.74
C ALA F 243 -1.00 22.06 -25.96
N GLU F 244 -2.01 21.20 -26.09
CA GLU F 244 -3.27 21.38 -25.37
C GLU F 244 -3.05 21.31 -23.86
N ALA F 245 -2.19 20.40 -23.40
CA ALA F 245 -1.92 20.33 -21.97
C ALA F 245 -1.22 21.59 -21.47
N ALA F 246 -0.30 22.16 -22.27
CA ALA F 246 0.42 23.35 -21.81
C ALA F 246 -0.53 24.51 -21.56
N VAL F 247 -1.56 24.63 -22.39
CA VAL F 247 -2.56 25.67 -22.20
C VAL F 247 -3.51 25.32 -21.05
N GLN F 248 -3.92 24.05 -20.96
CA GLN F 248 -4.90 23.65 -19.94
C GLN F 248 -4.35 23.84 -18.53
N TYR F 249 -3.06 23.62 -18.34
CA TYR F 249 -2.42 23.71 -17.03
C TYR F 249 -1.75 25.06 -16.82
N GLY F 250 -1.93 26.01 -17.74
CA GLY F 250 -1.26 27.28 -17.65
C GLY F 250 -1.66 28.12 -16.45
N GLY F 251 -2.79 27.79 -15.82
CA GLY F 251 -3.28 28.52 -14.67
C GLY F 251 -3.22 27.79 -13.35
N ARG F 252 -2.63 26.60 -13.28
CA ARG F 252 -2.51 25.90 -12.00
C ARG F 252 -1.59 26.69 -11.06
N LYS F 253 -1.79 26.48 -9.76
CA LYS F 253 -1.06 27.25 -8.75
C LYS F 253 0.46 27.24 -8.94
N PRO F 254 1.13 26.11 -9.18
CA PRO F 254 2.59 26.18 -9.37
C PRO F 254 3.01 27.05 -10.55
N VAL F 255 2.21 27.09 -11.62
CA VAL F 255 2.55 27.91 -12.78
C VAL F 255 2.38 29.39 -12.45
N LYS F 256 1.32 29.75 -11.73
CA LYS F 256 1.16 31.13 -11.28
C LYS F 256 2.27 31.51 -10.30
N MET F 257 2.68 30.58 -9.44
CA MET F 257 3.75 30.87 -8.48
C MET F 257 5.03 31.27 -9.21
N LEU F 258 5.38 30.53 -10.26
CA LEU F 258 6.59 30.86 -11.00
C LEU F 258 6.43 32.19 -11.73
N ARG F 259 5.29 32.37 -12.41
CA ARG F 259 5.04 33.59 -13.19
CA ARG F 259 5.07 33.58 -13.20
C ARG F 259 5.19 34.82 -12.32
N ASP F 260 4.48 34.86 -11.20
CA ASP F 260 4.52 36.02 -10.31
C ASP F 260 5.93 36.28 -9.80
N ALA F 261 6.69 35.22 -9.54
CA ALA F 261 8.06 35.36 -9.02
C ALA F 261 8.99 35.95 -10.07
N LEU F 262 8.77 35.61 -11.35
CA LEU F 262 9.62 36.13 -12.41
C LEU F 262 9.48 37.64 -12.57
N GLY F 263 8.26 38.16 -12.50
CA GLY F 263 8.01 39.58 -12.57
C GLY F 263 8.70 40.28 -13.72
N GLY F 264 8.52 39.78 -14.94
CA GLY F 264 9.09 40.40 -16.11
C GLY F 264 10.45 39.87 -16.50
N ARG F 265 11.16 39.18 -15.60
CA ARG F 265 12.40 38.54 -15.98
C ARG F 265 12.15 37.48 -17.04
N LYS F 266 13.16 37.27 -17.88
CA LYS F 266 13.12 36.18 -18.83
C LYS F 266 13.38 34.86 -18.10
N LEU F 267 12.85 33.77 -18.66
CA LEU F 267 12.91 32.47 -18.00
C LEU F 267 13.61 31.45 -18.91
N VAL F 268 14.67 30.85 -18.40
CA VAL F 268 15.36 29.73 -19.03
C VAL F 268 14.96 28.47 -18.27
N MET F 269 14.43 27.48 -18.99
CA MET F 269 13.81 26.30 -18.37
C MET F 269 14.62 25.05 -18.71
N SER F 270 14.87 24.20 -17.71
CA SER F 270 15.54 22.91 -17.88
C SER F 270 14.86 21.85 -17.04
N VAL F 271 14.70 20.65 -17.62
CA VAL F 271 14.19 19.48 -16.89
C VAL F 271 15.04 18.26 -17.23
N ASP F 272 15.65 17.65 -16.21
CA ASP F 272 16.57 16.53 -16.37
C ASP F 272 16.57 15.67 -15.11
N ARG F 273 16.66 14.35 -15.29
CA ARG F 273 17.18 13.51 -14.20
C ARG F 273 18.59 13.98 -13.84
N LEU F 274 18.95 13.84 -12.56
CA LEU F 274 20.29 14.26 -12.14
C LEU F 274 21.29 13.19 -12.56
N ASP F 275 21.46 13.06 -13.87
CA ASP F 275 22.34 12.05 -14.45
C ASP F 275 23.58 12.75 -14.96
N TYR F 276 24.74 12.09 -14.86
CA TYR F 276 25.91 12.70 -15.47
C TYR F 276 25.82 12.76 -17.00
N SER F 277 24.88 12.05 -17.60
CA SER F 277 24.71 12.16 -19.04
C SER F 277 24.15 13.52 -19.44
N LYS F 278 23.56 14.27 -18.49
CA LYS F 278 22.78 15.43 -18.86
C LYS F 278 23.60 16.72 -18.89
N GLY F 279 24.89 16.65 -18.56
CA GLY F 279 25.75 17.84 -18.62
C GLY F 279 25.34 18.99 -17.72
N LEU F 280 24.87 18.70 -16.50
CA LEU F 280 24.32 19.77 -15.67
C LEU F 280 25.40 20.73 -15.19
N VAL F 281 26.61 20.25 -14.91
CA VAL F 281 27.67 21.15 -14.44
C VAL F 281 28.07 22.14 -15.53
N GLU F 282 28.35 21.62 -16.73
CA GLU F 282 28.68 22.48 -17.87
C GLU F 282 27.58 23.48 -18.14
N ARG F 283 26.32 23.04 -17.99
CA ARG F 283 25.17 23.92 -18.23
C ARG F 283 25.14 25.07 -17.22
N PHE F 284 25.34 24.76 -15.94
CA PHE F 284 25.36 25.80 -14.91
C PHE F 284 26.50 26.78 -15.14
N GLN F 285 27.70 26.26 -15.41
CA GLN F 285 28.86 27.12 -15.63
C GLN F 285 28.70 28.00 -16.85
N SER F 286 27.99 27.53 -17.89
CA SER F 286 27.81 28.35 -19.07
C SER F 286 26.87 29.51 -18.79
N PHE F 287 25.83 29.29 -17.99
CA PHE F 287 24.97 30.39 -17.60
C PHE F 287 25.74 31.41 -16.75
N GLU F 288 26.58 30.91 -15.85
CA GLU F 288 27.48 31.80 -15.13
C GLU F 288 28.33 32.58 -16.10
N ARG F 289 28.89 31.89 -17.11
CA ARG F 289 29.75 32.57 -18.07
C ARG F 289 28.98 33.64 -18.83
N MET F 290 27.71 33.36 -19.16
CA MET F 290 26.91 34.37 -19.84
C MET F 290 26.63 35.58 -18.95
N LEU F 291 26.30 35.34 -17.68
CA LEU F 291 26.07 36.44 -16.75
C LEU F 291 27.33 37.30 -16.60
N ALA F 292 28.48 36.63 -16.56
CA ALA F 292 29.76 37.34 -16.44
C ALA F 292 30.07 38.14 -17.70
N GLY F 293 29.78 37.58 -18.88
CA GLY F 293 30.15 38.24 -20.13
C GLY F 293 29.20 39.31 -20.60
N ALA F 294 27.95 39.26 -20.15
CA ALA F 294 26.94 40.26 -20.52
C ALA F 294 26.24 40.70 -19.24
N PRO F 295 26.93 41.49 -18.39
CA PRO F 295 26.44 41.76 -17.03
C PRO F 295 25.07 42.40 -16.97
N ASP F 296 24.61 43.09 -18.03
CA ASP F 296 23.28 43.66 -18.02
C ASP F 296 22.19 42.59 -17.92
N TRP F 297 22.53 41.32 -18.19
CA TRP F 297 21.55 40.24 -18.04
C TRP F 297 21.28 39.91 -16.58
N GLN F 298 22.16 40.31 -15.67
CA GLN F 298 21.98 40.02 -14.26
C GLN F 298 20.73 40.69 -13.72
N GLY F 299 19.90 39.91 -13.02
CA GLY F 299 18.65 40.41 -12.49
C GLY F 299 17.51 40.49 -13.48
N ARG F 300 17.78 40.23 -14.77
CA ARG F 300 16.78 40.33 -15.83
C ARG F 300 16.43 38.98 -16.45
N VAL F 301 17.13 37.90 -16.06
CA VAL F 301 16.84 36.53 -16.49
C VAL F 301 17.05 35.60 -15.30
N SER F 302 16.25 34.54 -15.24
CA SER F 302 16.36 33.52 -14.20
C SER F 302 16.42 32.14 -14.86
N PHE F 303 17.30 31.30 -14.35
CA PHE F 303 17.48 29.94 -14.85
C PHE F 303 16.85 28.96 -13.88
N VAL F 304 15.77 28.30 -14.29
CA VAL F 304 15.11 27.28 -13.47
C VAL F 304 15.57 25.90 -13.95
N GLN F 305 16.18 25.13 -13.03
CA GLN F 305 16.60 23.77 -13.31
C GLN F 305 15.85 22.81 -12.39
N ILE F 306 14.92 22.06 -12.97
CA ILE F 306 14.26 20.98 -12.25
C ILE F 306 15.07 19.71 -12.47
N ALA F 307 15.56 19.11 -11.40
CA ALA F 307 16.52 18.01 -11.49
C ALA F 307 16.21 16.97 -10.45
N PRO F 308 15.23 16.11 -10.69
CA PRO F 308 14.91 15.06 -9.73
C PRO F 308 16.03 14.04 -9.61
N PRO F 309 16.31 13.58 -8.39
CA PRO F 309 17.41 12.62 -8.21
C PRO F 309 17.10 11.27 -8.82
N THR F 310 18.17 10.56 -9.18
CA THR F 310 18.07 9.28 -9.88
C THR F 310 19.23 8.39 -9.49
N ARG F 311 18.94 7.09 -9.36
CA ARG F 311 19.96 6.06 -9.09
C ARG F 311 20.91 6.49 -7.98
N SER F 312 20.33 7.03 -6.91
CA SER F 312 21.08 7.61 -5.80
C SER F 312 21.96 6.59 -5.07
N ASP F 313 21.67 5.30 -5.19
CA ASP F 313 22.45 4.25 -4.54
C ASP F 313 23.62 3.78 -5.40
N VAL F 314 23.88 4.44 -6.53
CA VAL F 314 25.07 4.23 -7.35
C VAL F 314 26.02 5.38 -7.04
N GLN F 315 27.28 5.04 -6.72
CA GLN F 315 28.22 6.05 -6.23
C GLN F 315 28.49 7.15 -7.26
N THR F 316 28.53 6.80 -8.56
CA THR F 316 28.82 7.82 -9.56
C THR F 316 27.76 8.91 -9.56
N TYR F 317 26.53 8.54 -9.21
CA TYR F 317 25.46 9.52 -9.13
C TYR F 317 25.58 10.39 -7.88
N GLN F 318 26.15 9.86 -6.80
CA GLN F 318 26.38 10.69 -5.63
C GLN F 318 27.43 11.76 -5.91
N ARG F 319 28.49 11.39 -6.63
CA ARG F 319 29.55 12.35 -6.92
C ARG F 319 29.05 13.52 -7.76
N ILE F 320 28.33 13.23 -8.84
CA ILE F 320 27.90 14.31 -9.73
C ILE F 320 26.88 15.21 -9.03
N ARG F 321 26.02 14.63 -8.20
CA ARG F 321 25.06 15.45 -7.48
C ARG F 321 25.78 16.42 -6.52
N GLU F 322 26.80 15.93 -5.81
CA GLU F 322 27.58 16.81 -4.93
C GLU F 322 28.25 17.92 -5.72
N THR F 323 28.82 17.59 -6.88
CA THR F 323 29.47 18.60 -7.71
C THR F 323 28.48 19.66 -8.18
N LEU F 324 27.27 19.24 -8.58
CA LEU F 324 26.28 20.19 -9.07
C LEU F 324 25.80 21.11 -7.94
N GLU F 325 25.58 20.55 -6.73
CA GLU F 325 25.16 21.38 -5.60
C GLU F 325 26.19 22.46 -5.28
N ARG F 326 27.47 22.10 -5.31
CA ARG F 326 28.54 23.06 -5.07
C ARG F 326 28.53 24.15 -6.13
N GLU F 327 28.35 23.76 -7.40
CA GLU F 327 28.34 24.76 -8.46
C GLU F 327 27.14 25.69 -8.33
N ALA F 328 25.98 25.14 -7.97
CA ALA F 328 24.80 25.98 -7.74
C ALA F 328 25.07 27.01 -6.63
N GLY F 329 25.62 26.56 -5.51
CA GLY F 329 25.89 27.48 -4.42
C GLY F 329 26.93 28.53 -4.77
N ARG F 330 28.01 28.10 -5.44
CA ARG F 330 29.07 29.03 -5.80
C ARG F 330 28.56 30.10 -6.78
N ILE F 331 27.81 29.65 -7.80
CA ILE F 331 27.34 30.58 -8.83
C ILE F 331 26.30 31.54 -8.25
N ASN F 332 25.34 31.01 -7.48
CA ASN F 332 24.36 31.88 -6.86
C ASN F 332 25.03 32.86 -5.90
N GLY F 333 26.01 32.39 -5.11
CA GLY F 333 26.76 33.31 -4.24
C GLY F 333 27.47 34.42 -5.01
N ARG F 334 27.95 34.11 -6.22
CA ARG F 334 28.70 35.10 -7.00
C ARG F 334 27.80 36.19 -7.55
N PHE F 335 26.59 35.83 -8.03
CA PHE F 335 25.77 36.76 -8.78
C PHE F 335 24.46 37.14 -8.11
N ALA F 336 24.05 36.46 -7.03
CA ALA F 336 22.75 36.73 -6.45
C ALA F 336 22.65 38.19 -6.00
N GLN F 337 21.45 38.73 -6.10
CA GLN F 337 21.08 40.00 -5.52
C GLN F 337 20.00 39.77 -4.47
N LEU F 338 19.67 40.83 -3.74
CA LEU F 338 18.74 40.65 -2.63
C LEU F 338 17.36 40.20 -3.09
N ASP F 339 17.01 40.38 -4.38
CA ASP F 339 15.73 39.92 -4.90
C ASP F 339 15.89 39.04 -6.13
N TRP F 340 17.04 38.38 -6.30
CA TRP F 340 17.30 37.61 -7.51
C TRP F 340 18.21 36.44 -7.18
N THR F 341 17.69 35.22 -7.35
CA THR F 341 18.48 34.01 -7.29
C THR F 341 18.83 33.61 -8.72
N PRO F 342 20.10 33.65 -9.12
CA PRO F 342 20.42 33.37 -10.54
C PRO F 342 19.95 31.99 -11.00
N ILE F 343 20.29 30.93 -10.28
CA ILE F 343 19.90 29.57 -10.67
C ILE F 343 18.95 29.01 -9.62
N GLN F 344 17.67 28.86 -9.99
CA GLN F 344 16.67 28.23 -9.12
C GLN F 344 16.76 26.72 -9.36
N TYR F 345 17.37 26.03 -8.41
CA TYR F 345 17.69 24.62 -8.51
C TYR F 345 16.75 23.82 -7.62
N LEU F 346 15.94 22.96 -8.23
CA LEU F 346 14.90 22.25 -7.50
C LEU F 346 15.04 20.76 -7.73
N ASN F 347 15.16 20.00 -6.64
CA ASN F 347 15.18 18.55 -6.73
C ASN F 347 13.78 17.95 -6.69
N ARG F 348 12.75 18.79 -6.80
CA ARG F 348 11.38 18.31 -6.80
C ARG F 348 11.01 17.72 -8.15
N LYS F 349 10.11 16.74 -8.13
CA LYS F 349 9.49 16.20 -9.33
C LYS F 349 8.14 16.86 -9.50
N TYR F 350 7.79 17.19 -10.74
CA TYR F 350 6.51 17.81 -11.06
C TYR F 350 5.74 16.95 -12.04
N GLU F 351 4.41 17.04 -11.96
CA GLU F 351 3.53 16.41 -12.93
C GLU F 351 3.88 16.86 -14.34
N ARG F 352 3.92 15.89 -15.26
CA ARG F 352 4.38 16.15 -16.63
C ARG F 352 3.60 17.29 -17.28
N ASN F 353 2.29 17.38 -17.00
CA ASN F 353 1.48 18.44 -17.59
C ASN F 353 1.91 19.81 -17.09
N LEU F 354 2.32 19.91 -15.83
CA LEU F 354 2.85 21.16 -15.30
C LEU F 354 4.12 21.57 -16.04
N LEU F 355 5.00 20.60 -16.32
CA LEU F 355 6.25 20.90 -17.02
C LEU F 355 5.97 21.59 -18.35
N MET F 356 4.96 21.12 -19.09
CA MET F 356 4.63 21.74 -20.37
C MET F 356 4.25 23.20 -20.18
N ALA F 357 3.42 23.48 -19.17
CA ALA F 357 3.06 24.86 -18.90
C ALA F 357 4.30 25.69 -18.51
N PHE F 358 5.27 25.08 -17.82
CA PHE F 358 6.54 25.75 -17.56
C PHE F 358 7.27 26.02 -18.87
N PHE F 359 7.30 25.02 -19.75
CA PHE F 359 7.94 25.20 -21.05
C PHE F 359 7.29 26.34 -21.82
N ARG F 360 5.95 26.37 -21.88
CA ARG F 360 5.28 27.40 -22.67
C ARG F 360 5.61 28.79 -22.16
N MET F 361 5.63 28.96 -20.84
CA MET F 361 5.90 30.25 -20.22
C MET F 361 7.29 30.75 -20.53
N SER F 362 8.25 29.84 -20.62
CA SER F 362 9.65 30.18 -20.71
C SER F 362 10.00 30.74 -22.09
N GLN F 363 11.12 31.46 -22.14
CA GLN F 363 11.67 31.97 -23.40
C GLN F 363 12.73 31.06 -23.99
N VAL F 364 13.39 30.26 -23.16
CA VAL F 364 14.46 29.38 -23.64
C VAL F 364 14.31 28.01 -22.98
N GLY F 365 14.46 26.96 -23.78
CA GLY F 365 14.68 25.62 -23.27
C GLY F 365 16.14 25.24 -23.41
N TYR F 366 16.71 24.76 -22.33
CA TYR F 366 18.16 24.62 -22.18
C TYR F 366 18.43 23.13 -21.96
N VAL F 367 18.77 22.43 -23.05
CA VAL F 367 18.82 20.97 -23.07
C VAL F 367 20.16 20.56 -23.67
N THR F 368 21.16 20.33 -22.80
CA THR F 368 22.55 20.16 -23.26
C THR F 368 23.20 18.87 -22.75
N PRO F 369 22.58 17.71 -22.95
CA PRO F 369 23.21 16.47 -22.46
C PRO F 369 24.54 16.23 -23.13
N LEU F 370 25.47 15.64 -22.37
CA LEU F 370 26.76 15.23 -22.93
C LEU F 370 26.60 14.05 -23.86
N ARG F 371 25.56 13.24 -23.65
CA ARG F 371 25.22 12.14 -24.54
C ARG F 371 23.81 11.74 -24.21
N ASP F 372 22.96 11.56 -25.23
CA ASP F 372 21.57 11.20 -24.98
C ASP F 372 21.00 10.44 -26.17
N GLY F 373 20.34 9.31 -25.87
CA GLY F 373 19.76 8.48 -26.92
C GLY F 373 18.86 9.25 -27.86
N MET F 374 17.97 10.06 -27.30
CA MET F 374 17.10 10.94 -28.06
C MET F 374 16.95 12.27 -27.33
N ASN F 375 16.42 12.18 -26.10
CA ASN F 375 16.02 13.29 -25.23
C ASN F 375 14.66 13.80 -25.65
N LEU F 376 13.62 13.34 -24.96
CA LEU F 376 12.26 13.77 -25.26
C LEU F 376 11.90 15.13 -24.67
N VAL F 377 12.57 15.55 -23.60
CA VAL F 377 12.36 16.90 -23.07
C VAL F 377 12.54 17.95 -24.17
N ALA F 378 13.59 17.79 -24.99
CA ALA F 378 13.80 18.70 -26.11
C ALA F 378 12.59 18.73 -27.03
N LYS F 379 12.03 17.57 -27.33
CA LYS F 379 10.86 17.53 -28.23
C LYS F 379 9.63 18.08 -27.53
N GLU F 380 9.46 17.77 -26.25
CA GLU F 380 8.35 18.32 -25.48
C GLU F 380 8.49 19.84 -25.35
N TYR F 381 9.71 20.35 -25.23
CA TYR F 381 9.87 21.80 -25.10
C TYR F 381 9.33 22.50 -26.33
N VAL F 382 9.74 22.04 -27.52
CA VAL F 382 9.26 22.65 -28.75
C VAL F 382 7.73 22.60 -28.81
N ALA F 383 7.14 21.44 -28.50
CA ALA F 383 5.70 21.28 -28.68
C ALA F 383 4.87 22.14 -27.72
N SER F 384 5.43 22.56 -26.58
CA SER F 384 4.67 23.31 -25.59
C SER F 384 4.51 24.79 -25.95
N GLN F 385 5.29 25.31 -26.91
CA GLN F 385 5.36 26.74 -27.13
C GLN F 385 4.08 27.30 -27.79
N ASP F 386 3.82 28.56 -27.51
CA ASP F 386 2.79 29.32 -28.20
C ASP F 386 3.35 29.76 -29.56
N PRO F 387 2.77 29.30 -30.68
CA PRO F 387 3.34 29.63 -32.01
C PRO F 387 3.36 31.10 -32.33
N ALA F 388 2.50 31.90 -31.68
CA ALA F 388 2.50 33.34 -31.87
C ALA F 388 3.66 34.01 -31.15
N ASP F 389 4.25 33.33 -30.18
CA ASP F 389 5.34 33.87 -29.36
C ASP F 389 6.15 32.71 -28.81
N PRO F 390 6.89 32.02 -29.67
CA PRO F 390 7.58 30.81 -29.22
C PRO F 390 8.97 31.04 -28.66
N GLY F 391 9.30 30.20 -27.67
CA GLY F 391 10.63 30.17 -27.12
C GLY F 391 11.60 29.46 -28.05
N VAL F 392 12.87 29.48 -27.66
CA VAL F 392 13.99 28.93 -28.44
C VAL F 392 14.58 27.72 -27.73
N LEU F 393 14.90 26.68 -28.50
CA LEU F 393 15.54 25.48 -27.98
C LEU F 393 17.03 25.59 -28.22
N VAL F 394 17.81 25.53 -27.14
CA VAL F 394 19.26 25.37 -27.18
C VAL F 394 19.57 23.92 -26.88
N LEU F 395 20.17 23.22 -27.83
CA LEU F 395 20.23 21.76 -27.79
C LEU F 395 21.65 21.28 -28.06
N SER F 396 22.12 20.38 -27.23
CA SER F 396 23.40 19.73 -27.46
C SER F 396 23.37 18.87 -28.72
N GLU F 397 24.44 18.96 -29.51
CA GLU F 397 24.60 18.10 -30.69
C GLU F 397 24.82 16.64 -30.33
N PHE F 398 24.97 16.31 -29.04
CA PHE F 398 25.15 14.94 -28.63
C PHE F 398 23.84 14.29 -28.19
N ALA F 399 22.71 14.99 -28.30
CA ALA F 399 21.40 14.37 -28.13
C ALA F 399 20.95 13.76 -29.45
N GLY F 400 20.30 12.60 -29.37
CA GLY F 400 19.74 11.99 -30.57
C GLY F 400 18.76 12.91 -31.28
N ALA F 401 17.99 13.70 -30.50
CA ALA F 401 17.03 14.61 -31.10
C ALA F 401 17.67 15.70 -31.96
N ALA F 402 18.98 15.94 -31.81
CA ALA F 402 19.61 16.99 -32.61
C ALA F 402 19.53 16.69 -34.10
N ALA F 403 19.48 15.40 -34.48
CA ALA F 403 19.42 15.04 -35.89
C ALA F 403 18.11 15.46 -36.53
N GLU F 404 17.07 15.75 -35.75
CA GLU F 404 15.79 16.16 -36.28
C GLU F 404 15.43 17.62 -36.02
N LEU F 405 15.89 18.22 -34.92
CA LEU F 405 15.42 19.55 -34.56
C LEU F 405 16.37 20.62 -35.12
N GLY F 406 16.33 20.75 -36.45
CA GLY F 406 17.20 21.70 -37.13
C GLY F 406 16.91 23.15 -36.80
N GLY F 407 15.71 23.45 -36.28
CA GLY F 407 15.39 24.78 -35.80
C GLY F 407 16.00 25.14 -34.46
N ALA F 408 16.59 24.16 -33.77
CA ALA F 408 17.28 24.42 -32.52
C ALA F 408 18.61 25.13 -32.78
N LEU F 409 19.09 25.83 -31.76
CA LEU F 409 20.46 26.31 -31.73
C LEU F 409 21.34 25.18 -31.20
N LEU F 410 22.11 24.54 -32.08
CA LEU F 410 22.95 23.43 -31.66
C LEU F 410 24.24 23.93 -31.02
N VAL F 411 24.61 23.30 -29.89
CA VAL F 411 25.81 23.69 -29.15
C VAL F 411 26.62 22.44 -28.84
N ASN F 412 27.93 22.65 -28.67
CA ASN F 412 28.79 21.63 -28.11
C ASN F 412 28.93 21.92 -26.62
N PRO F 413 28.40 21.08 -25.73
CA PRO F 413 28.44 21.40 -24.29
C PRO F 413 29.86 21.41 -23.73
N TYR F 414 30.86 20.91 -24.46
CA TYR F 414 32.23 21.04 -24.02
C TYR F 414 32.82 22.42 -24.30
N ASP F 415 32.04 23.30 -24.94
CA ASP F 415 32.44 24.66 -25.27
C ASP F 415 31.52 25.61 -24.50
N HIS F 416 31.95 25.94 -23.29
CA HIS F 416 31.15 26.80 -22.41
C HIS F 416 30.91 28.15 -23.06
N ALA F 417 31.91 28.67 -23.77
CA ALA F 417 31.75 29.95 -24.44
C ALA F 417 30.68 29.88 -25.52
N GLN F 418 30.69 28.82 -26.34
CA GLN F 418 29.64 28.68 -27.34
C GLN F 418 28.27 28.58 -26.68
N MET F 419 28.16 27.84 -25.58
CA MET F 419 26.87 27.69 -24.93
C MET F 419 26.36 29.03 -24.40
N ALA F 420 27.26 29.86 -23.83
CA ALA F 420 26.85 31.15 -23.31
C ALA F 420 26.37 32.07 -24.43
N ASP F 421 27.07 32.06 -25.57
CA ASP F 421 26.63 32.85 -26.72
C ASP F 421 25.26 32.39 -27.20
N ALA F 422 25.00 31.08 -27.17
CA ALA F 422 23.71 30.58 -27.63
C ALA F 422 22.57 31.05 -26.72
N LEU F 423 22.79 31.03 -25.38
CA LEU F 423 21.78 31.56 -24.47
C LEU F 423 21.49 33.01 -24.77
N ALA F 424 22.54 33.83 -24.85
CA ALA F 424 22.36 35.25 -25.12
C ALA F 424 21.65 35.47 -26.45
N ARG F 425 22.06 34.73 -27.48
CA ARG F 425 21.37 34.82 -28.75
C ARG F 425 19.91 34.39 -28.62
N ALA F 426 19.65 33.30 -27.89
CA ALA F 426 18.27 32.86 -27.71
C ALA F 426 17.45 33.91 -26.98
N LEU F 427 18.05 34.54 -25.98
CA LEU F 427 17.32 35.53 -25.19
C LEU F 427 17.00 36.79 -25.99
N ALA F 428 17.76 37.10 -27.05
CA ALA F 428 17.57 38.32 -27.84
C ALA F 428 16.96 38.07 -29.22
N MET F 429 16.57 36.85 -29.52
CA MET F 429 16.19 36.50 -30.88
C MET F 429 14.86 37.16 -31.27
N PRO F 430 14.78 37.83 -32.42
CA PRO F 430 13.53 38.46 -32.83
C PRO F 430 12.42 37.44 -33.05
N LEU F 431 11.18 37.93 -32.91
CA LEU F 431 10.01 37.05 -33.02
C LEU F 431 10.02 36.28 -34.34
N ALA F 432 10.40 36.95 -35.43
CA ALA F 432 10.32 36.32 -36.75
C ALA F 432 11.22 35.09 -36.84
N GLU F 433 12.46 35.20 -36.37
CA GLU F 433 13.34 34.03 -36.42
C GLU F 433 12.87 32.96 -35.43
N ARG F 434 12.37 33.39 -34.27
CA ARG F 434 11.86 32.41 -33.31
C ARG F 434 10.71 31.65 -33.93
N GLN F 435 9.85 32.34 -34.67
CA GLN F 435 8.72 31.68 -35.33
C GLN F 435 9.21 30.80 -36.48
N ALA F 436 10.23 31.23 -37.22
CA ALA F 436 10.78 30.40 -38.29
C ALA F 436 11.38 29.12 -37.73
N ARG F 437 12.16 29.23 -36.65
CA ARG F 437 12.75 28.04 -36.04
C ARG F 437 11.69 27.11 -35.46
N HIS F 438 10.66 27.68 -34.81
CA HIS F 438 9.63 26.85 -34.22
C HIS F 438 8.81 26.12 -35.28
N GLU F 439 8.47 26.81 -36.39
CA GLU F 439 7.72 26.13 -37.46
C GLU F 439 8.53 24.99 -38.08
N GLU F 440 9.85 25.16 -38.21
CA GLU F 440 10.69 24.09 -38.72
C GLU F 440 10.67 22.87 -37.79
N ASN F 441 10.87 23.09 -36.48
CA ASN F 441 10.89 21.99 -35.53
C ASN F 441 9.51 21.35 -35.36
N LEU F 442 8.46 22.16 -35.32
CA LEU F 442 7.13 21.61 -35.13
C LEU F 442 6.77 20.68 -36.28
N ALA F 443 7.11 21.08 -37.51
CA ALA F 443 6.84 20.21 -38.66
C ALA F 443 7.56 18.87 -38.54
N GLN F 444 8.81 18.90 -38.05
CA GLN F 444 9.54 17.65 -37.82
C GLN F 444 8.82 16.78 -36.79
N LEU F 445 8.36 17.38 -35.70
CA LEU F 445 7.64 16.60 -34.68
C LEU F 445 6.36 16.00 -35.26
N ARG F 446 5.66 16.76 -36.11
CA ARG F 446 4.42 16.25 -36.68
C ARG F 446 4.67 15.19 -37.74
N ASN F 447 5.84 15.19 -38.37
CA ASN F 447 6.14 14.17 -39.36
C ASN F 447 6.71 12.89 -38.75
N ASN F 448 7.14 12.91 -37.48
CA ASN F 448 7.61 11.71 -36.79
C ASN F 448 7.06 11.71 -35.35
N ASP F 449 5.74 11.66 -35.21
CA ASP F 449 5.18 11.62 -33.87
C ASP F 449 5.32 10.22 -33.30
N LEU F 450 4.90 10.05 -32.04
CA LEU F 450 5.10 8.78 -31.34
C LEU F 450 4.44 7.61 -32.09
N SER F 451 3.37 7.88 -32.86
CA SER F 451 2.69 6.82 -33.61
C SER F 451 3.62 6.12 -34.60
N VAL F 452 4.53 6.87 -35.23
CA VAL F 452 5.42 6.27 -36.22
C VAL F 452 6.30 5.21 -35.59
N TRP F 453 6.85 5.51 -34.41
CA TRP F 453 7.69 4.56 -33.69
C TRP F 453 6.93 3.28 -33.40
N ARG F 454 5.74 3.41 -32.80
CA ARG F 454 4.96 2.23 -32.46
C ARG F 454 4.49 1.49 -33.70
N ASP F 455 3.90 2.21 -34.66
CA ASP F 455 3.32 1.54 -35.84
C ASP F 455 4.39 0.87 -36.69
N THR F 456 5.56 1.50 -36.83
CA THR F 456 6.61 0.93 -37.66
C THR F 456 7.20 -0.33 -37.02
N PHE F 457 7.53 -0.26 -35.72
CA PHE F 457 8.14 -1.41 -35.06
C PHE F 457 7.18 -2.58 -35.01
N VAL F 458 5.91 -2.32 -34.71
CA VAL F 458 4.96 -3.42 -34.69
C VAL F 458 4.76 -3.99 -36.09
N ALA F 459 4.66 -3.12 -37.11
CA ALA F 459 4.50 -3.62 -38.47
C ALA F 459 5.70 -4.46 -38.89
N ASP F 460 6.91 -4.01 -38.51
CA ASP F 460 8.11 -4.78 -38.76
C ASP F 460 8.07 -6.12 -38.03
N LEU F 461 7.47 -6.13 -36.85
CA LEU F 461 7.32 -7.37 -36.09
C LEU F 461 6.33 -8.31 -36.77
N ARG F 462 5.22 -7.75 -37.27
CA ARG F 462 4.24 -8.56 -37.98
C ARG F 462 4.77 -9.11 -39.29
N SER F 463 5.83 -8.52 -39.84
CA SER F 463 6.37 -9.04 -41.10
C SER F 463 7.37 -10.15 -40.84
N VAL F 464 8.00 -10.13 -39.66
CA VAL F 464 8.85 -11.24 -39.26
C VAL F 464 7.98 -12.48 -39.03
N ALA F 465 6.77 -12.28 -38.47
CA ALA F 465 5.88 -13.41 -38.23
C ALA F 465 5.39 -14.03 -39.54
N ALA F 466 5.06 -13.21 -40.54
CA ALA F 466 4.63 -13.77 -41.81
C ALA F 466 5.79 -14.38 -42.58
N ALA F 467 6.97 -13.77 -42.49
CA ALA F 467 8.14 -14.33 -43.17
C ALA F 467 8.53 -15.71 -42.63
N ALA F 468 7.94 -16.15 -41.52
CA ALA F 468 8.30 -17.43 -40.91
C ALA F 468 7.06 -18.22 -40.46
N SER G 10 67.30 15.61 -52.15
CA SER G 10 66.50 16.57 -51.38
C SER G 10 66.67 16.40 -49.87
N ARG G 11 66.74 17.51 -49.16
CA ARG G 11 66.87 17.48 -47.70
C ARG G 11 65.57 17.08 -47.02
N LEU G 12 65.69 16.35 -45.91
CA LEU G 12 64.56 16.10 -45.03
C LEU G 12 64.54 17.13 -43.91
N ILE G 13 63.40 17.80 -43.75
CA ILE G 13 63.17 18.75 -42.66
C ILE G 13 62.24 18.07 -41.66
N VAL G 14 62.77 17.76 -40.48
CA VAL G 14 62.01 17.20 -39.38
C VAL G 14 61.61 18.32 -38.43
N VAL G 15 60.33 18.40 -38.09
CA VAL G 15 59.83 19.40 -37.16
C VAL G 15 59.16 18.66 -36.00
N SER G 16 59.65 18.90 -34.78
CA SER G 16 59.10 18.28 -33.59
C SER G 16 59.27 19.23 -32.42
N ASN G 17 58.62 18.90 -31.31
CA ASN G 17 58.63 19.79 -30.16
C ASN G 17 60.02 19.93 -29.57
N ARG G 18 60.59 18.84 -29.07
CA ARG G 18 61.90 18.88 -28.43
C ARG G 18 62.98 18.51 -29.44
N VAL G 19 64.11 19.21 -29.37
CA VAL G 19 65.22 18.97 -30.30
C VAL G 19 66.44 18.43 -29.55
N ALA G 29 70.08 6.59 -25.21
CA ALA G 29 68.71 7.09 -25.07
C ALA G 29 67.86 6.79 -26.31
N GLY G 30 66.57 6.57 -26.10
CA GLY G 30 65.66 6.35 -27.21
C GLY G 30 65.23 7.67 -27.80
N GLY G 31 63.93 7.93 -27.78
CA GLY G 31 63.40 9.19 -28.26
C GLY G 31 63.30 9.26 -29.77
N LEU G 32 62.70 10.36 -30.24
CA LEU G 32 62.56 10.60 -31.68
C LEU G 32 63.92 10.62 -32.37
N ALA G 33 64.98 10.99 -31.65
CA ALA G 33 66.29 11.13 -32.26
C ALA G 33 66.75 9.82 -32.89
N VAL G 34 66.63 8.70 -32.17
CA VAL G 34 67.09 7.43 -32.70
C VAL G 34 66.24 7.03 -33.90
N GLY G 35 64.99 7.49 -33.94
CA GLY G 35 64.13 7.18 -35.06
C GLY G 35 64.45 7.94 -36.33
N VAL G 36 64.92 9.18 -36.20
CA VAL G 36 65.04 10.08 -37.34
C VAL G 36 66.48 10.36 -37.76
N MET G 37 67.48 10.01 -36.94
CA MET G 37 68.84 10.53 -37.16
C MET G 37 69.44 10.06 -38.48
N ASP G 38 69.35 8.74 -38.77
CA ASP G 38 69.96 8.24 -40.00
C ASP G 38 69.38 8.91 -41.25
N ALA G 39 68.09 9.23 -41.23
CA ALA G 39 67.50 9.92 -42.36
C ALA G 39 68.00 11.36 -42.46
N LEU G 40 68.12 12.05 -41.32
CA LEU G 40 68.67 13.40 -41.34
C LEU G 40 70.11 13.40 -41.83
N LYS G 41 70.91 12.42 -41.39
CA LYS G 41 72.31 12.35 -41.82
C LYS G 41 72.42 12.06 -43.31
N GLN G 42 71.58 11.16 -43.84
CA GLN G 42 71.65 10.79 -45.25
C GLN G 42 71.30 11.97 -46.15
N THR G 43 70.34 12.79 -45.76
CA THR G 43 69.84 13.85 -46.61
C THR G 43 70.50 15.20 -46.34
N GLY G 44 71.41 15.25 -45.38
CA GLY G 44 71.96 16.51 -44.92
C GLY G 44 70.87 17.46 -44.46
N GLY G 45 69.93 16.94 -43.68
CA GLY G 45 68.72 17.66 -43.33
C GLY G 45 68.89 18.56 -42.12
N VAL G 46 67.76 19.10 -41.66
CA VAL G 46 67.69 20.01 -40.54
C VAL G 46 66.62 19.53 -39.57
N TRP G 47 66.90 19.68 -38.28
CA TRP G 47 65.93 19.43 -37.22
C TRP G 47 65.53 20.77 -36.64
N PHE G 48 64.27 21.13 -36.79
CA PHE G 48 63.78 22.45 -36.40
C PHE G 48 62.81 22.33 -35.24
N GLY G 49 62.94 23.23 -34.28
CA GLY G 49 61.99 23.26 -33.20
C GLY G 49 62.50 24.01 -31.97
N TRP G 50 61.76 23.78 -30.89
CA TRP G 50 61.90 24.44 -29.60
C TRP G 50 62.94 23.78 -28.71
N ASN G 51 63.76 24.62 -28.06
CA ASN G 51 64.84 24.15 -27.20
C ASN G 51 64.40 23.99 -25.74
N GLY G 52 63.12 24.17 -25.43
CA GLY G 52 62.60 24.00 -24.09
C GLY G 52 62.90 25.12 -23.12
N GLU G 53 63.74 26.09 -23.49
CA GLU G 53 64.14 27.16 -22.57
C GLU G 53 63.27 28.39 -22.71
N THR G 57 61.74 37.92 -24.05
CA THR G 57 61.26 38.45 -25.32
C THR G 57 61.45 37.41 -26.43
N PRO G 58 60.50 37.38 -27.37
CA PRO G 58 60.51 36.34 -28.41
C PRO G 58 61.79 36.40 -29.24
N ASP G 59 62.27 35.22 -29.63
CA ASP G 59 63.51 35.13 -30.39
C ASP G 59 63.31 35.65 -31.81
N ALA G 60 64.27 36.47 -32.26
CA ALA G 60 64.18 37.06 -33.60
C ALA G 60 64.39 36.02 -34.68
N ALA G 61 65.45 35.24 -34.58
CA ALA G 61 65.79 34.21 -35.54
C ALA G 61 66.17 32.94 -34.79
N PRO G 62 66.05 31.78 -35.43
CA PRO G 62 66.45 30.55 -34.75
C PRO G 62 67.96 30.41 -34.66
N ALA G 63 68.40 29.74 -33.60
CA ALA G 63 69.81 29.41 -33.42
C ALA G 63 70.16 28.20 -34.29
N VAL G 64 71.16 28.36 -35.14
CA VAL G 64 71.55 27.34 -36.10
C VAL G 64 72.95 26.86 -35.73
N ARG G 65 73.04 25.64 -35.22
CA ARG G 65 74.31 24.98 -34.90
C ARG G 65 74.42 23.72 -35.73
N ARG G 66 75.59 23.52 -36.34
CA ARG G 66 75.83 22.37 -37.21
C ARG G 66 76.74 21.38 -36.50
N ASP G 67 76.25 20.15 -36.34
CA ASP G 67 77.00 19.04 -35.74
C ASP G 67 77.30 18.09 -36.89
N GLY G 68 78.41 18.35 -37.57
CA GLY G 68 78.77 17.64 -38.78
C GLY G 68 77.88 17.96 -39.96
N ASN G 69 77.10 16.98 -40.43
CA ASN G 69 76.27 17.15 -41.61
C ASN G 69 74.85 17.60 -41.30
N VAL G 70 74.38 17.45 -40.06
CA VAL G 70 73.01 17.80 -39.69
C VAL G 70 73.02 19.17 -39.03
N THR G 71 72.02 19.98 -39.34
CA THR G 71 71.89 21.32 -38.76
C THR G 71 70.77 21.32 -37.72
N TYR G 72 71.04 21.95 -36.58
CA TYR G 72 70.08 22.07 -35.49
C TYR G 72 69.64 23.52 -35.39
N ALA G 73 68.34 23.76 -35.56
CA ALA G 73 67.76 25.09 -35.55
C ALA G 73 66.79 25.19 -34.37
N THR G 74 67.17 25.97 -33.36
CA THR G 74 66.37 26.08 -32.15
C THR G 74 65.93 27.52 -31.94
N LEU G 75 64.82 27.66 -31.25
CA LEU G 75 64.21 28.96 -30.95
C LEU G 75 63.55 28.86 -29.58
N GLY G 76 63.50 29.97 -28.85
CA GLY G 76 62.84 29.98 -27.57
C GLY G 76 61.37 30.38 -27.62
N LEU G 77 60.67 30.09 -26.52
CA LEU G 77 59.27 30.46 -26.34
C LEU G 77 59.10 31.26 -25.05
N THR G 78 58.11 32.14 -25.03
CA THR G 78 57.75 32.89 -23.83
C THR G 78 56.83 32.07 -22.91
N ARG G 79 56.68 32.55 -21.67
CA ARG G 79 55.79 31.90 -20.72
C ARG G 79 54.36 31.82 -21.26
N ARG G 80 53.89 32.90 -21.89
CA ARG G 80 52.56 32.88 -22.51
C ARG G 80 52.49 31.85 -23.63
N ASP G 81 53.59 31.69 -24.38
CA ASP G 81 53.64 30.66 -25.41
C ASP G 81 53.41 29.29 -24.80
N TYR G 82 54.23 28.92 -23.81
CA TYR G 82 54.10 27.63 -23.15
C TYR G 82 52.69 27.39 -22.61
N ASP G 83 52.12 28.39 -21.95
CA ASP G 83 50.87 28.18 -21.22
C ASP G 83 49.71 27.80 -22.14
N GLN G 84 49.60 28.45 -23.30
CA GLN G 84 48.46 28.22 -24.20
C GLN G 84 48.73 27.18 -25.28
N TYR G 85 49.98 27.09 -25.76
CA TYR G 85 50.37 26.14 -26.80
C TYR G 85 50.65 24.77 -26.21
N TYR G 86 51.59 24.70 -25.26
CA TYR G 86 52.05 23.45 -24.68
C TYR G 86 51.14 23.03 -23.53
N ARG G 87 51.08 23.84 -22.47
CA ARG G 87 50.24 23.52 -21.32
C ARG G 87 48.75 23.55 -21.68
N GLY G 88 48.34 24.43 -22.59
CA GLY G 88 46.94 24.64 -22.88
C GLY G 88 46.25 23.66 -23.80
N PHE G 89 46.06 24.06 -25.06
CA PHE G 89 45.19 23.30 -25.97
C PHE G 89 45.73 21.89 -26.20
N SER G 90 47.03 21.78 -26.46
CA SER G 90 47.61 20.46 -26.74
C SER G 90 47.35 19.50 -25.60
N ASN G 91 47.74 19.86 -24.38
CA ASN G 91 47.74 18.93 -23.27
C ASN G 91 46.46 18.96 -22.42
N ALA G 92 45.62 19.99 -22.57
CA ALA G 92 44.37 20.04 -21.81
C ALA G 92 43.14 19.73 -22.66
N THR G 93 43.26 19.75 -23.98
CA THR G 93 42.15 19.36 -24.85
C THR G 93 42.52 18.17 -25.71
N LEU G 94 43.56 18.29 -26.54
CA LEU G 94 43.92 17.23 -27.46
C LEU G 94 44.30 15.96 -26.71
N TRP G 95 45.19 16.07 -25.73
CA TRP G 95 45.66 14.87 -25.03
C TRP G 95 44.53 14.09 -24.36
N PRO G 96 43.67 14.70 -23.53
CA PRO G 96 42.60 13.88 -22.92
C PRO G 96 41.62 13.32 -23.94
N VAL G 97 41.16 14.12 -24.91
CA VAL G 97 40.15 13.62 -25.84
C VAL G 97 40.73 12.49 -26.68
N PHE G 98 41.96 12.66 -27.19
CA PHE G 98 42.56 11.61 -27.99
C PHE G 98 42.82 10.35 -27.17
N HIS G 99 42.80 10.45 -25.85
CA HIS G 99 42.91 9.26 -25.01
C HIS G 99 41.55 8.87 -24.41
N TYR G 100 40.45 9.34 -25.02
CA TYR G 100 39.09 8.93 -24.64
C TYR G 100 38.76 9.29 -23.20
N ARG G 101 39.16 10.50 -22.80
CA ARG G 101 38.89 11.04 -21.48
C ARG G 101 38.19 12.40 -21.64
N SER G 102 36.94 12.37 -22.10
CA SER G 102 36.15 13.59 -22.24
C SER G 102 35.92 14.29 -20.90
N ASP G 103 35.96 13.55 -19.79
CA ASP G 103 35.80 14.18 -18.48
C ASP G 103 37.01 15.04 -18.11
N LEU G 104 38.17 14.79 -18.70
CA LEU G 104 39.38 15.54 -18.38
C LEU G 104 39.63 16.69 -19.37
N ALA G 105 38.79 16.83 -20.39
CA ALA G 105 38.98 17.86 -21.40
C ALA G 105 38.57 19.21 -20.86
N ARG G 106 39.39 20.23 -21.14
CA ARG G 106 39.08 21.60 -20.75
C ARG G 106 39.39 22.49 -21.96
N PHE G 107 38.36 22.83 -22.72
CA PHE G 107 38.53 23.69 -23.88
C PHE G 107 38.45 25.14 -23.47
N ASP G 108 39.38 25.94 -24.00
CA ASP G 108 39.41 27.37 -23.78
C ASP G 108 39.77 28.05 -25.10
N ARG G 109 38.98 29.05 -25.50
CA ARG G 109 39.16 29.71 -26.79
C ARG G 109 40.52 30.39 -26.87
N GLN G 110 40.88 31.15 -25.84
CA GLN G 110 42.15 31.87 -25.87
C GLN G 110 43.33 30.91 -25.93
N GLU G 111 43.26 29.79 -25.20
CA GLU G 111 44.32 28.79 -25.32
C GLU G 111 44.39 28.24 -26.74
N TYR G 112 43.23 27.94 -27.33
CA TYR G 112 43.22 27.40 -28.69
C TYR G 112 43.79 28.41 -29.68
N ALA G 113 43.42 29.69 -29.54
CA ALA G 113 43.98 30.74 -30.38
C ALA G 113 45.49 30.83 -30.21
N GLY G 114 45.98 30.67 -28.98
CA GLY G 114 47.42 30.69 -28.75
C GLY G 114 48.11 29.50 -29.39
N TYR G 115 47.45 28.34 -29.38
CA TYR G 115 47.93 27.15 -30.06
C TYR G 115 48.14 27.41 -31.56
N LEU G 116 47.16 28.03 -32.21
CA LEU G 116 47.33 28.38 -33.62
C LEU G 116 48.38 29.46 -33.80
N ARG G 117 48.38 30.48 -32.93
CA ARG G 117 49.33 31.57 -33.05
C ARG G 117 50.77 31.06 -32.95
N VAL G 118 51.03 30.16 -31.99
CA VAL G 118 52.38 29.63 -31.85
C VAL G 118 52.76 28.80 -33.07
N ASN G 119 51.84 27.97 -33.56
CA ASN G 119 52.12 27.21 -34.78
C ASN G 119 52.50 28.12 -35.93
N ALA G 120 51.78 29.25 -36.08
CA ALA G 120 52.08 30.18 -37.17
C ALA G 120 53.43 30.83 -36.97
N MET G 121 53.78 31.17 -35.73
CA MET G 121 55.08 31.80 -35.48
C MET G 121 56.22 30.84 -35.82
N LEU G 122 56.11 29.58 -35.38
CA LEU G 122 57.14 28.61 -35.73
C LEU G 122 57.21 28.39 -37.24
N ALA G 123 56.06 28.35 -37.90
CA ALA G 123 56.07 28.14 -39.34
C ALA G 123 56.67 29.35 -40.05
N ARG G 124 56.35 30.57 -39.59
CA ARG G 124 56.92 31.76 -40.20
C ARG G 124 58.43 31.79 -40.05
N GLN G 125 58.93 31.37 -38.90
CA GLN G 125 60.38 31.30 -38.70
C GLN G 125 60.99 30.20 -39.55
N LEU G 126 60.29 29.07 -39.69
CA LEU G 126 60.81 27.96 -40.49
C LEU G 126 60.78 28.29 -41.97
N ALA G 127 59.74 28.99 -42.42
CA ALA G 127 59.56 29.23 -43.85
C ALA G 127 60.78 29.92 -44.46
N ALA G 128 61.40 30.84 -43.72
CA ALA G 128 62.58 31.56 -44.20
C ALA G 128 63.83 30.67 -44.31
N LEU G 129 63.83 29.49 -43.70
CA LEU G 129 64.98 28.61 -43.76
C LEU G 129 64.88 27.55 -44.83
N LEU G 130 63.72 27.40 -45.46
CA LEU G 130 63.51 26.27 -46.36
C LEU G 130 64.10 26.55 -47.73
N ARG G 131 64.34 25.48 -48.46
CA ARG G 131 64.62 25.47 -49.89
C ARG G 131 63.42 24.90 -50.63
N PRO G 132 63.35 25.05 -51.95
CA PRO G 132 62.11 24.66 -52.65
C PRO G 132 61.83 23.16 -52.67
N ASP G 133 62.86 22.30 -52.63
CA ASP G 133 62.65 20.86 -52.77
C ASP G 133 62.74 20.10 -51.46
N ASP G 134 62.85 20.80 -50.33
CA ASP G 134 62.92 20.14 -49.03
C ASP G 134 61.66 19.31 -48.76
N LEU G 135 61.86 18.16 -48.11
CA LEU G 135 60.75 17.32 -47.63
C LEU G 135 60.56 17.55 -46.13
N ILE G 136 59.35 17.91 -45.74
CA ILE G 136 59.04 18.36 -44.38
C ILE G 136 58.27 17.27 -43.64
N TRP G 137 58.79 16.87 -42.47
CA TRP G 137 58.21 15.81 -41.66
C TRP G 137 57.86 16.39 -40.28
N VAL G 138 56.55 16.55 -40.01
CA VAL G 138 56.03 17.18 -38.79
C VAL G 138 55.50 16.09 -37.86
N HIS G 139 55.76 16.25 -36.56
CA HIS G 139 55.50 15.19 -35.58
C HIS G 139 54.55 15.66 -34.48
N ASP G 140 53.43 14.96 -34.37
CA ASP G 140 52.61 14.86 -33.16
C ASP G 140 51.67 16.04 -32.91
N TYR G 141 50.81 15.86 -31.90
CA TYR G 141 49.57 16.61 -31.76
C TYR G 141 49.78 18.10 -31.50
N HIS G 142 50.95 18.50 -30.97
CA HIS G 142 51.26 19.91 -30.81
C HIS G 142 51.25 20.67 -32.13
N LEU G 143 51.45 19.98 -33.24
CA LEU G 143 51.73 20.61 -34.52
C LEU G 143 50.70 20.26 -35.58
N LEU G 144 49.49 19.90 -35.16
CA LEU G 144 48.41 19.71 -36.12
C LEU G 144 48.26 20.87 -37.10
N PRO G 145 48.35 22.14 -36.69
CA PRO G 145 48.17 23.24 -37.65
C PRO G 145 49.40 23.58 -38.48
N PHE G 146 50.51 22.86 -38.35
CA PHE G 146 51.78 23.35 -38.88
C PHE G 146 51.78 23.43 -40.41
N ALA G 147 51.29 22.40 -41.09
CA ALA G 147 51.22 22.45 -42.56
C ALA G 147 50.33 23.58 -43.03
N HIS G 148 49.18 23.76 -42.40
CA HIS G 148 48.27 24.84 -42.78
C HIS G 148 48.97 26.20 -42.71
N CYS G 149 49.74 26.44 -41.64
CA CYS G 149 50.46 27.70 -41.51
C CYS G 149 51.48 27.86 -42.63
N LEU G 150 52.16 26.78 -43.02
CA LEU G 150 53.13 26.84 -44.11
C LEU G 150 52.44 27.08 -45.45
N ARG G 151 51.31 26.41 -45.69
CA ARG G 151 50.57 26.63 -46.93
C ARG G 151 50.14 28.09 -47.05
N GLU G 152 49.73 28.69 -45.93
CA GLU G 152 49.33 30.09 -45.96
C GLU G 152 50.52 31.01 -46.21
N LEU G 153 51.74 30.54 -45.97
CA LEU G 153 52.94 31.29 -46.33
C LEU G 153 53.42 31.00 -47.74
N GLY G 154 52.71 30.17 -48.50
CA GLY G 154 53.12 29.86 -49.85
C GLY G 154 54.04 28.68 -50.01
N VAL G 155 54.19 27.85 -48.98
CA VAL G 155 55.07 26.69 -49.06
C VAL G 155 54.41 25.61 -49.91
N LYS G 156 55.11 25.16 -50.94
CA LYS G 156 54.59 24.14 -51.83
C LYS G 156 55.22 22.77 -51.60
N ASN G 157 56.23 22.68 -50.72
CA ASN G 157 56.98 21.47 -50.42
C ASN G 157 56.08 20.29 -50.02
N PRO G 158 56.53 19.05 -50.24
CA PRO G 158 55.85 17.91 -49.60
C PRO G 158 55.94 18.02 -48.08
N ILE G 159 54.79 17.90 -47.41
CA ILE G 159 54.73 17.94 -45.96
C ILE G 159 53.97 16.71 -45.46
N GLY G 160 54.64 15.91 -44.63
CA GLY G 160 54.02 14.75 -44.02
C GLY G 160 53.86 14.89 -42.52
N PHE G 161 52.79 14.31 -41.99
CA PHE G 161 52.47 14.36 -40.57
C PHE G 161 52.43 12.95 -40.00
N PHE G 162 52.96 12.79 -38.80
CA PHE G 162 52.82 11.53 -38.08
C PHE G 162 52.29 11.79 -36.69
N LEU G 163 51.19 11.12 -36.35
CA LEU G 163 50.58 11.25 -35.04
C LEU G 163 51.08 10.10 -34.16
N HIS G 164 51.74 10.43 -33.04
CA HIS G 164 52.27 9.40 -32.15
C HIS G 164 51.22 8.84 -31.19
N ILE G 165 50.11 9.56 -30.99
CA ILE G 165 49.11 9.17 -30.00
C ILE G 165 47.89 8.65 -30.77
N PRO G 166 46.88 8.07 -30.11
CA PRO G 166 45.74 7.56 -30.88
C PRO G 166 44.98 8.68 -31.55
N PHE G 167 44.27 8.33 -32.64
CA PHE G 167 43.29 9.25 -33.23
C PHE G 167 41.89 8.76 -32.90
N PRO G 168 41.07 9.55 -32.21
CA PRO G 168 39.78 9.04 -31.72
C PRO G 168 38.74 8.97 -32.82
N SER G 169 37.81 8.03 -32.65
CA SER G 169 36.72 7.89 -33.60
C SER G 169 35.89 9.17 -33.57
N PRO G 170 35.04 9.40 -34.59
CA PRO G 170 34.39 10.71 -34.70
C PRO G 170 33.55 11.11 -33.50
N ASP G 171 32.93 10.14 -32.81
CA ASP G 171 32.10 10.49 -31.67
C ASP G 171 32.94 11.01 -30.51
N MET G 172 34.20 10.59 -30.47
CA MET G 172 35.06 11.11 -29.41
C MET G 172 35.78 12.38 -29.85
N LEU G 173 36.22 12.43 -31.12
CA LEU G 173 36.92 13.62 -31.61
C LEU G 173 36.08 14.88 -31.44
N ARG G 174 34.78 14.79 -31.73
CA ARG G 174 33.87 15.93 -31.65
C ARG G 174 33.84 16.55 -30.25
N VAL G 175 34.38 15.88 -29.22
CA VAL G 175 34.47 16.53 -27.92
C VAL G 175 35.36 17.76 -28.01
N VAL G 176 36.37 17.72 -28.88
CA VAL G 176 37.20 18.89 -29.19
C VAL G 176 36.36 19.86 -30.02
N PRO G 177 36.00 21.03 -29.50
CA PRO G 177 35.02 21.89 -30.21
C PRO G 177 35.46 22.28 -31.62
N PRO G 178 36.76 22.62 -31.84
CA PRO G 178 37.15 22.97 -33.22
C PRO G 178 37.55 21.76 -34.06
N HIS G 179 36.86 20.62 -33.87
CA HIS G 179 37.25 19.38 -34.54
C HIS G 179 37.27 19.51 -36.05
N ASP G 180 36.28 20.20 -36.64
CA ASP G 180 36.27 20.34 -38.09
C ASP G 180 37.48 21.15 -38.57
N GLU G 181 37.81 22.25 -37.88
CA GLU G 181 38.96 23.04 -38.28
C GLU G 181 40.25 22.25 -38.18
N LEU G 182 40.40 21.44 -37.13
CA LEU G 182 41.62 20.66 -36.97
C LEU G 182 41.77 19.63 -38.08
N VAL G 183 40.67 18.99 -38.47
CA VAL G 183 40.72 18.02 -39.54
C VAL G 183 41.09 18.70 -40.85
N LYS G 184 40.54 19.90 -41.07
CA LYS G 184 40.97 20.69 -42.23
C LYS G 184 42.48 20.94 -42.20
N PHE G 185 43.01 21.33 -41.03
CA PHE G 185 44.44 21.56 -40.90
C PHE G 185 45.23 20.31 -41.26
N MET G 186 44.73 19.14 -40.86
CA MET G 186 45.41 17.90 -41.16
C MET G 186 45.40 17.60 -42.67
N CYS G 187 44.40 18.10 -43.38
CA CYS G 187 44.36 17.91 -44.82
C CYS G 187 45.32 18.83 -45.56
N ALA G 188 45.99 19.75 -44.85
CA ALA G 188 47.03 20.52 -45.51
C ALA G 188 48.25 19.66 -45.78
N TYR G 189 48.38 18.55 -45.07
CA TYR G 189 49.47 17.62 -45.28
C TYR G 189 49.23 16.77 -46.52
N ASP G 190 50.31 16.53 -47.26
CA ASP G 190 50.28 15.56 -48.35
C ASP G 190 50.19 14.14 -47.83
N ILE G 191 50.68 13.89 -46.62
CA ILE G 191 50.65 12.57 -45.98
C ILE G 191 50.14 12.74 -44.56
N ALA G 192 49.13 11.95 -44.18
CA ALA G 192 48.66 11.87 -42.81
C ALA G 192 48.97 10.46 -42.29
N GLY G 193 50.01 10.34 -41.49
CA GLY G 193 50.48 9.05 -41.00
C GLY G 193 50.04 8.78 -39.57
N PHE G 194 49.71 7.51 -39.30
CA PHE G 194 49.20 7.12 -38.00
C PHE G 194 49.90 5.86 -37.51
N GLN G 195 49.74 5.58 -36.22
CA GLN G 195 50.39 4.44 -35.61
C GLN G 195 49.78 3.12 -36.12
N THR G 196 48.46 3.03 -36.16
CA THR G 196 47.75 1.78 -36.42
C THR G 196 46.68 1.99 -37.50
N ASP G 197 46.15 0.87 -38.01
CA ASP G 197 45.04 0.94 -38.95
C ASP G 197 43.81 1.58 -38.32
N ALA G 198 43.52 1.25 -37.05
CA ALA G 198 42.33 1.79 -36.39
C ALA G 198 42.37 3.31 -36.34
N ASP G 199 43.54 3.88 -36.08
CA ASP G 199 43.68 5.33 -36.11
C ASP G 199 43.37 5.89 -37.49
N LYS G 200 43.90 5.24 -38.54
CA LYS G 200 43.68 5.75 -39.89
C LYS G 200 42.21 5.70 -40.27
N ARG G 201 41.51 4.62 -39.90
CA ARG G 201 40.08 4.51 -40.20
C ARG G 201 39.27 5.56 -39.45
N ALA G 202 39.66 5.89 -38.21
CA ALA G 202 38.96 6.93 -37.46
C ALA G 202 39.04 8.26 -38.19
N PHE G 203 40.23 8.60 -38.69
CA PHE G 203 40.38 9.82 -39.48
C PHE G 203 39.58 9.73 -40.78
N SER G 204 39.66 8.60 -41.47
CA SER G 204 38.89 8.44 -42.70
C SER G 204 37.40 8.48 -42.44
N ASP G 205 36.96 7.84 -41.35
CA ASP G 205 35.53 7.80 -41.05
C ASP G 205 34.99 9.20 -40.87
N TYR G 206 35.72 10.06 -40.15
CA TYR G 206 35.31 11.44 -39.98
C TYR G 206 35.13 12.11 -41.35
N ILE G 207 36.13 12.01 -42.21
CA ILE G 207 36.06 12.70 -43.48
C ILE G 207 34.97 12.09 -44.37
N GLU G 208 34.87 10.76 -44.41
CA GLU G 208 33.87 10.13 -45.27
C GLU G 208 32.46 10.28 -44.71
N ARG G 209 32.26 9.92 -43.44
CA ARG G 209 30.90 9.85 -42.94
C ARG G 209 30.24 11.21 -42.70
N ARG G 210 31.03 12.28 -42.59
CA ARG G 210 30.50 13.63 -42.46
C ARG G 210 30.43 14.37 -43.80
N GLY G 211 30.59 13.68 -44.92
CA GLY G 211 30.50 14.32 -46.22
C GLY G 211 31.62 15.28 -46.57
N ILE G 212 32.79 15.13 -45.96
CA ILE G 212 33.92 16.00 -46.27
C ILE G 212 34.71 15.51 -47.49
N GLY G 213 34.80 14.20 -47.68
CA GLY G 213 35.60 13.68 -48.76
C GLY G 213 35.27 12.24 -49.09
N THR G 214 36.11 11.67 -49.96
CA THR G 214 35.88 10.34 -50.52
C THR G 214 37.04 9.39 -50.22
N GLY G 219 43.54 4.15 -52.17
CA GLY G 219 43.64 4.47 -50.74
C GLY G 219 43.89 5.94 -50.45
N MET G 220 43.40 6.79 -51.34
CA MET G 220 43.62 8.24 -51.29
C MET G 220 42.35 8.96 -50.82
N LEU G 221 42.55 10.00 -50.04
CA LEU G 221 41.44 10.83 -49.54
C LEU G 221 41.43 12.16 -50.29
N HIS G 222 40.26 12.53 -50.79
CA HIS G 222 40.04 13.79 -51.48
C HIS G 222 39.12 14.63 -50.59
N ALA G 223 39.66 15.69 -49.99
CA ALA G 223 38.89 16.49 -49.05
C ALA G 223 39.51 17.88 -48.96
N HIS G 224 38.65 18.88 -48.72
CA HIS G 224 39.07 20.28 -48.63
C HIS G 224 39.95 20.69 -49.81
N GLY G 225 39.57 20.21 -51.01
CA GLY G 225 40.29 20.58 -52.20
C GLY G 225 41.72 20.07 -52.31
N ARG G 226 42.11 19.11 -51.47
CA ARG G 226 43.46 18.55 -51.50
C ARG G 226 43.36 17.03 -51.59
N VAL G 227 44.50 16.41 -51.85
CA VAL G 227 44.64 14.95 -51.91
C VAL G 227 45.61 14.54 -50.82
N VAL G 228 45.20 13.60 -49.96
CA VAL G 228 45.97 13.22 -48.79
C VAL G 228 46.18 11.70 -48.81
N LYS G 229 47.44 11.28 -48.65
CA LYS G 229 47.72 9.87 -48.43
C LYS G 229 47.51 9.58 -46.95
N VAL G 230 46.62 8.65 -46.65
CA VAL G 230 46.31 8.27 -45.27
C VAL G 230 46.84 6.86 -45.08
N ALA G 231 47.74 6.68 -44.12
CA ALA G 231 48.40 5.41 -43.95
C ALA G 231 48.87 5.27 -42.50
N ALA G 232 49.22 4.03 -42.15
CA ALA G 232 49.71 3.68 -40.84
C ALA G 232 51.19 3.31 -40.91
N TYR G 233 51.97 3.81 -39.95
CA TYR G 233 53.40 3.52 -39.85
C TYR G 233 53.72 3.19 -38.38
N PRO G 234 53.45 1.97 -37.95
CA PRO G 234 53.65 1.63 -36.53
C PRO G 234 55.11 1.69 -36.14
N ILE G 235 55.42 2.47 -35.11
CA ILE G 235 56.81 2.66 -34.67
C ILE G 235 57.27 1.43 -33.90
N GLY G 236 58.47 0.96 -34.23
CA GLY G 236 59.10 -0.14 -33.55
C GLY G 236 60.37 0.26 -32.82
N VAL G 237 61.21 -0.73 -32.58
CA VAL G 237 62.48 -0.55 -31.88
C VAL G 237 63.54 -1.34 -32.63
N TYR G 238 64.76 -1.29 -32.12
CA TYR G 238 65.90 -2.07 -32.60
C TYR G 238 66.13 -3.19 -31.60
N PRO G 239 65.41 -4.31 -31.73
CA PRO G 239 65.43 -5.31 -30.64
C PRO G 239 66.80 -5.86 -30.36
N ASP G 240 67.64 -6.00 -31.38
CA ASP G 240 68.97 -6.53 -31.16
C ASP G 240 69.85 -5.55 -30.40
N ALA G 241 69.67 -4.25 -30.63
CA ALA G 241 70.41 -3.26 -29.84
C ALA G 241 69.95 -3.25 -28.38
N ILE G 242 68.64 -3.32 -28.15
CA ILE G 242 68.13 -3.35 -26.78
C ILE G 242 68.67 -4.56 -26.02
N ALA G 243 68.67 -5.73 -26.68
CA ALA G 243 69.14 -6.95 -26.01
C ALA G 243 70.61 -6.84 -25.63
N GLU G 244 71.46 -6.36 -26.54
CA GLU G 244 72.88 -6.23 -26.22
C GLU G 244 73.08 -5.24 -25.07
N ALA G 245 72.34 -4.14 -25.08
CA ALA G 245 72.43 -3.15 -24.02
C ALA G 245 71.98 -3.72 -22.68
N ALA G 246 70.92 -4.55 -22.69
CA ALA G 246 70.45 -5.15 -21.45
C ALA G 246 71.49 -6.10 -20.87
N VAL G 247 72.22 -6.81 -21.74
CA VAL G 247 73.30 -7.67 -21.25
C VAL G 247 74.47 -6.81 -20.79
N GLN G 248 74.78 -5.76 -21.54
CA GLN G 248 75.94 -4.92 -21.22
C GLN G 248 75.78 -4.26 -19.85
N TYR G 249 74.56 -3.95 -19.46
CA TYR G 249 74.28 -3.28 -18.19
C TYR G 249 73.88 -4.25 -17.08
N GLY G 250 73.93 -5.55 -17.32
CA GLY G 250 73.47 -6.54 -16.34
C GLY G 250 74.23 -6.54 -15.03
N GLY G 251 75.40 -5.89 -14.95
CA GLY G 251 76.18 -5.85 -13.73
C GLY G 251 76.27 -4.51 -13.02
N ARG G 252 75.52 -3.50 -13.45
CA ARG G 252 75.60 -2.20 -12.80
C ARG G 252 74.99 -2.27 -11.39
N LYS G 253 75.46 -1.38 -10.51
CA LYS G 253 75.06 -1.39 -9.11
C LYS G 253 73.55 -1.41 -8.89
N PRO G 254 72.74 -0.58 -9.54
CA PRO G 254 71.29 -0.67 -9.32
C PRO G 254 70.72 -2.03 -9.67
N VAL G 255 71.30 -2.71 -10.66
CA VAL G 255 70.80 -4.02 -11.06
C VAL G 255 71.09 -5.05 -9.97
N LYS G 256 72.30 -5.01 -9.40
CA LYS G 256 72.62 -5.92 -8.31
C LYS G 256 71.76 -5.63 -7.08
N MET G 257 71.50 -4.35 -6.78
CA MET G 257 70.68 -3.99 -5.63
CA MET G 257 70.71 -4.07 -5.59
C MET G 257 69.30 -4.65 -5.71
N LEU G 258 68.67 -4.51 -6.88
CA LEU G 258 67.36 -5.12 -7.10
C LEU G 258 67.44 -6.63 -6.94
N ARG G 259 68.42 -7.25 -7.60
CA ARG G 259 68.58 -8.71 -7.50
C ARG G 259 68.74 -9.12 -6.04
N ASP G 260 69.65 -8.47 -5.33
CA ASP G 260 69.89 -8.83 -3.93
C ASP G 260 68.63 -8.60 -3.10
N ALA G 261 67.88 -7.54 -3.40
CA ALA G 261 66.68 -7.25 -2.63
C ALA G 261 65.57 -8.28 -2.90
N LEU G 262 65.46 -8.75 -4.14
CA LEU G 262 64.41 -9.71 -4.48
C LEU G 262 64.60 -11.03 -3.73
N GLY G 263 65.85 -11.49 -3.64
CA GLY G 263 66.15 -12.74 -2.95
C GLY G 263 65.31 -13.94 -3.38
N GLY G 264 65.26 -14.21 -4.68
CA GLY G 264 64.55 -15.37 -5.18
C GLY G 264 63.10 -15.12 -5.55
N ARG G 265 62.50 -14.04 -5.06
CA ARG G 265 61.15 -13.68 -5.45
C ARG G 265 61.09 -13.43 -6.95
N LYS G 266 59.93 -13.70 -7.54
CA LYS G 266 59.70 -13.34 -8.94
C LYS G 266 59.47 -11.84 -9.05
N LEU G 267 59.79 -11.29 -10.22
CA LEU G 267 59.77 -9.84 -10.41
C LEU G 267 58.77 -9.47 -11.49
N VAL G 268 57.81 -8.64 -11.13
CA VAL G 268 56.88 -8.00 -12.06
C VAL G 268 57.32 -6.56 -12.23
N MET G 269 57.54 -6.17 -13.49
CA MET G 269 58.16 -4.90 -13.82
C MET G 269 57.23 -4.01 -14.65
N SER G 270 57.16 -2.72 -14.29
CA SER G 270 56.42 -1.70 -15.04
C SER G 270 57.23 -0.41 -15.08
N VAL G 271 57.21 0.27 -16.23
CA VAL G 271 57.76 1.62 -16.41
C VAL G 271 56.74 2.45 -17.20
N ASP G 272 56.27 3.54 -16.61
CA ASP G 272 55.25 4.41 -17.20
C ASP G 272 55.46 5.82 -16.70
N ARG G 273 55.25 6.81 -17.57
CA ARG G 273 54.97 8.16 -17.09
C ARG G 273 53.71 8.13 -16.23
N LEU G 274 53.68 8.98 -15.20
CA LEU G 274 52.52 9.02 -14.31
C LEU G 274 51.40 9.78 -15.02
N ASP G 275 50.88 9.16 -16.06
CA ASP G 275 49.81 9.71 -16.89
C ASP G 275 48.53 8.92 -16.60
N TYR G 276 47.39 9.61 -16.65
CA TYR G 276 46.14 8.86 -16.48
C TYR G 276 45.87 7.90 -17.63
N SER G 277 46.55 8.03 -18.75
CA SER G 277 46.34 7.09 -19.86
C SER G 277 46.89 5.70 -19.55
N LYS G 278 47.78 5.57 -18.56
CA LYS G 278 48.54 4.34 -18.39
C LYS G 278 47.83 3.31 -17.51
N GLY G 279 46.66 3.63 -16.97
CA GLY G 279 45.92 2.65 -16.19
C GLY G 279 46.66 2.15 -14.95
N LEU G 280 47.38 3.04 -14.27
CA LEU G 280 48.22 2.61 -13.15
C LEU G 280 47.37 2.15 -11.96
N VAL G 281 46.25 2.83 -11.71
CA VAL G 281 45.39 2.44 -10.59
C VAL G 281 44.79 1.06 -10.85
N GLU G 282 44.19 0.89 -12.04
CA GLU G 282 43.64 -0.41 -12.41
C GLU G 282 44.70 -1.48 -12.29
N ARG G 283 45.93 -1.14 -12.69
CA ARG G 283 47.04 -2.07 -12.62
C ARG G 283 47.37 -2.47 -11.18
N PHE G 284 47.45 -1.47 -10.28
CA PHE G 284 47.75 -1.76 -8.86
C PHE G 284 46.67 -2.63 -8.23
N GLN G 285 45.40 -2.26 -8.44
CA GLN G 285 44.29 -3.03 -7.87
C GLN G 285 44.25 -4.45 -8.41
N SER G 286 44.68 -4.64 -9.66
CA SER G 286 44.68 -6.00 -10.21
C SER G 286 45.76 -6.86 -9.59
N PHE G 287 46.92 -6.28 -9.29
CA PHE G 287 47.94 -7.02 -8.56
C PHE G 287 47.44 -7.37 -7.17
N GLU G 288 46.76 -6.42 -6.50
CA GLU G 288 46.14 -6.69 -5.21
C GLU G 288 45.16 -7.86 -5.30
N ARG G 289 44.30 -7.86 -6.33
CA ARG G 289 43.33 -8.94 -6.50
C ARG G 289 44.02 -10.29 -6.69
N MET G 290 45.14 -10.30 -7.40
CA MET G 290 45.84 -11.58 -7.57
C MET G 290 46.36 -12.09 -6.24
N LEU G 291 46.96 -11.20 -5.42
CA LEU G 291 47.48 -11.61 -4.11
C LEU G 291 46.36 -12.10 -3.20
N ALA G 292 45.19 -11.46 -3.25
CA ALA G 292 44.05 -11.91 -2.44
C ALA G 292 43.50 -13.25 -2.92
N GLY G 293 43.48 -13.48 -4.24
CA GLY G 293 42.89 -14.71 -4.74
C GLY G 293 43.81 -15.91 -4.70
N ALA G 294 45.12 -15.67 -4.63
CA ALA G 294 46.13 -16.73 -4.57
C ALA G 294 47.12 -16.35 -3.48
N PRO G 295 46.76 -16.54 -2.21
CA PRO G 295 47.60 -16.04 -1.11
C PRO G 295 49.02 -16.60 -1.10
N ASP G 296 49.27 -17.73 -1.74
CA ASP G 296 50.61 -18.29 -1.78
C ASP G 296 51.60 -17.41 -2.53
N TRP G 297 51.13 -16.49 -3.37
CA TRP G 297 52.08 -15.59 -4.04
C TRP G 297 52.58 -14.51 -3.12
N GLN G 298 51.88 -14.24 -2.02
CA GLN G 298 52.31 -13.23 -1.06
C GLN G 298 53.66 -13.61 -0.48
N GLY G 299 54.60 -12.67 -0.51
CA GLY G 299 55.96 -12.93 -0.09
C GLY G 299 56.84 -13.60 -1.13
N ARG G 300 56.28 -14.02 -2.27
CA ARG G 300 57.06 -14.68 -3.31
C ARG G 300 57.15 -13.89 -4.61
N VAL G 301 56.47 -12.75 -4.71
CA VAL G 301 56.54 -11.94 -5.91
C VAL G 301 56.55 -10.46 -5.49
N SER G 302 57.23 -9.65 -6.29
CA SER G 302 57.28 -8.22 -6.07
C SER G 302 56.96 -7.47 -7.35
N PHE G 303 56.12 -6.46 -7.23
CA PHE G 303 55.74 -5.60 -8.34
C PHE G 303 56.52 -4.31 -8.20
N VAL G 304 57.42 -4.04 -9.14
CA VAL G 304 58.15 -2.78 -9.19
C VAL G 304 57.46 -1.90 -10.22
N GLN G 305 57.01 -0.72 -9.78
CA GLN G 305 56.42 0.26 -10.69
C GLN G 305 57.33 1.49 -10.66
N ILE G 306 58.07 1.69 -11.75
CA ILE G 306 58.84 2.92 -11.94
C ILE G 306 57.96 3.90 -12.69
N ALA G 307 57.69 5.04 -12.08
CA ALA G 307 56.73 6.00 -12.61
C ALA G 307 57.20 7.41 -12.33
N PRO G 308 58.13 7.92 -13.12
CA PRO G 308 58.56 9.30 -12.95
C PRO G 308 57.41 10.25 -13.24
N PRO G 309 57.29 11.33 -12.47
CA PRO G 309 56.16 12.25 -12.66
C PRO G 309 56.21 12.95 -14.01
N THR G 310 55.04 13.41 -14.45
CA THR G 310 54.89 14.05 -15.75
C THR G 310 53.84 15.14 -15.63
N ARG G 311 54.11 16.28 -16.29
CA ARG G 311 53.17 17.39 -16.34
C ARG G 311 52.67 17.76 -14.94
N SER G 312 53.60 17.91 -14.00
CA SER G 312 53.26 18.13 -12.60
C SER G 312 52.46 19.40 -12.37
N ASP G 313 52.57 20.37 -13.26
CA ASP G 313 51.89 21.66 -13.11
C ASP G 313 50.49 21.68 -13.70
N VAL G 314 49.98 20.53 -14.18
CA VAL G 314 48.63 20.41 -14.69
C VAL G 314 47.75 19.72 -13.65
N GLN G 315 46.62 20.36 -13.31
CA GLN G 315 45.79 19.88 -12.20
C GLN G 315 45.26 18.46 -12.43
N THR G 316 44.91 18.11 -13.66
CA THR G 316 44.40 16.76 -13.92
C THR G 316 45.44 15.69 -13.58
N TYR G 317 46.73 15.99 -13.75
CA TYR G 317 47.78 15.03 -13.42
C TYR G 317 48.01 14.94 -11.91
N GLN G 318 47.75 16.01 -11.16
CA GLN G 318 47.87 15.95 -9.71
C GLN G 318 46.83 15.00 -9.11
N ARG G 319 45.62 14.98 -9.66
CA ARG G 319 44.58 14.12 -9.13
C ARG G 319 44.93 12.64 -9.28
N ILE G 320 45.40 12.24 -10.47
CA ILE G 320 45.72 10.83 -10.70
C ILE G 320 46.89 10.39 -9.84
N ARG G 321 47.85 11.28 -9.61
CA ARG G 321 48.98 10.92 -8.76
C ARG G 321 48.53 10.67 -7.32
N GLU G 322 47.68 11.54 -6.77
CA GLU G 322 47.19 11.34 -5.41
C GLU G 322 46.42 10.04 -5.29
N THR G 323 45.58 9.73 -6.29
CA THR G 323 44.83 8.47 -6.24
C THR G 323 45.78 7.29 -6.26
N LEU G 324 46.82 7.36 -7.09
CA LEU G 324 47.76 6.25 -7.18
C LEU G 324 48.52 6.10 -5.87
N GLU G 325 48.97 7.22 -5.29
CA GLU G 325 49.71 7.14 -4.03
C GLU G 325 48.86 6.50 -2.93
N ARG G 326 47.59 6.90 -2.83
CA ARG G 326 46.70 6.30 -1.83
C ARG G 326 46.58 4.81 -2.05
N GLU G 327 46.45 4.39 -3.30
CA GLU G 327 46.32 2.98 -3.61
C GLU G 327 47.60 2.22 -3.27
N ALA G 328 48.77 2.80 -3.56
CA ALA G 328 50.01 2.12 -3.16
C ALA G 328 50.07 1.93 -1.65
N GLY G 329 49.77 2.99 -0.90
CA GLY G 329 49.83 2.87 0.55
C GLY G 329 48.82 1.86 1.09
N ARG G 330 47.60 1.89 0.56
CA ARG G 330 46.55 0.98 1.04
C ARG G 330 46.92 -0.46 0.78
N ILE G 331 47.38 -0.76 -0.43
CA ILE G 331 47.66 -2.14 -0.82
C ILE G 331 48.88 -2.68 -0.06
N ASN G 332 49.94 -1.88 0.05
CA ASN G 332 51.09 -2.29 0.85
C ASN G 332 50.71 -2.46 2.30
N GLY G 333 49.88 -1.57 2.84
CA GLY G 333 49.43 -1.75 4.21
C GLY G 333 48.68 -3.06 4.40
N ARG G 334 47.91 -3.46 3.38
CA ARG G 334 47.12 -4.68 3.53
C ARG G 334 47.99 -5.94 3.50
N PHE G 335 48.98 -6.02 2.61
CA PHE G 335 49.66 -7.30 2.35
C PHE G 335 51.13 -7.33 2.77
N ALA G 336 51.74 -6.20 3.12
CA ALA G 336 53.16 -6.22 3.45
C ALA G 336 53.44 -7.11 4.64
N GLN G 337 54.62 -7.72 4.63
CA GLN G 337 55.18 -8.42 5.77
C GLN G 337 56.46 -7.70 6.18
N LEU G 338 57.00 -8.07 7.33
CA LEU G 338 58.12 -7.32 7.87
C LEU G 338 59.34 -7.34 6.96
N ASP G 339 59.37 -8.23 5.95
CA ASP G 339 60.46 -8.29 4.98
C ASP G 339 59.98 -8.21 3.53
N TRP G 340 58.81 -7.66 3.28
CA TRP G 340 58.26 -7.71 1.92
C TRP G 340 57.37 -6.51 1.65
N THR G 341 57.77 -5.66 0.69
CA THR G 341 56.90 -4.61 0.19
C THR G 341 56.23 -5.10 -1.07
N PRO G 342 54.90 -5.29 -1.08
CA PRO G 342 54.25 -5.89 -2.27
C PRO G 342 54.43 -5.07 -3.55
N ILE G 343 54.16 -3.76 -3.49
CA ILE G 343 54.33 -2.86 -4.63
C ILE G 343 55.45 -1.87 -4.27
N GLN G 344 56.60 -2.00 -4.93
CA GLN G 344 57.69 -1.03 -4.78
C GLN G 344 57.44 0.07 -5.79
N TYR G 345 56.95 1.20 -5.32
CA TYR G 345 56.53 2.33 -6.14
C TYR G 345 57.60 3.42 -6.08
N LEU G 346 58.21 3.73 -7.23
CA LEU G 346 59.35 4.64 -7.29
C LEU G 346 59.10 5.75 -8.30
N ASN G 347 59.21 7.00 -7.84
CA ASN G 347 59.10 8.16 -8.72
C ASN G 347 60.44 8.59 -9.33
N ARG G 348 61.46 7.76 -9.24
CA ARG G 348 62.74 8.07 -9.87
C ARG G 348 62.71 7.77 -11.37
N LYS G 349 63.54 8.48 -12.10
CA LYS G 349 63.83 8.16 -13.50
C LYS G 349 65.14 7.40 -13.54
N TYR G 350 65.22 6.38 -14.39
CA TYR G 350 66.45 5.63 -14.53
C TYR G 350 66.95 5.72 -15.97
N GLU G 351 68.27 5.58 -16.11
CA GLU G 351 68.90 5.48 -17.41
C GLU G 351 68.23 4.38 -18.22
N ARG G 352 67.99 4.66 -19.51
CA ARG G 352 67.22 3.74 -20.34
C ARG G 352 67.87 2.35 -20.39
N ASN G 353 69.19 2.29 -20.44
CA ASN G 353 69.86 0.99 -20.49
C ASN G 353 69.67 0.20 -19.19
N LEU G 354 69.59 0.88 -18.04
CA LEU G 354 69.26 0.18 -16.81
C LEU G 354 67.88 -0.45 -16.89
N LEU G 355 66.90 0.27 -17.46
CA LEU G 355 65.55 -0.27 -17.57
C LEU G 355 65.54 -1.60 -18.30
N MET G 356 66.32 -1.71 -19.39
CA MET G 356 66.40 -2.96 -20.14
C MET G 356 66.95 -4.08 -19.28
N ALA G 357 68.00 -3.79 -18.50
CA ALA G 357 68.54 -4.80 -17.60
C ALA G 357 67.52 -5.19 -16.55
N PHE G 358 66.69 -4.23 -16.09
CA PHE G 358 65.59 -4.58 -15.20
C PHE G 358 64.59 -5.51 -15.90
N PHE G 359 64.22 -5.18 -17.14
CA PHE G 359 63.29 -6.00 -17.90
C PHE G 359 63.79 -7.43 -18.06
N ARG G 360 65.05 -7.59 -18.49
CA ARG G 360 65.58 -8.93 -18.73
C ARG G 360 65.52 -9.77 -17.45
N MET G 361 65.85 -9.16 -16.32
CA MET G 361 65.81 -9.84 -15.03
C MET G 361 64.39 -10.26 -14.64
N SER G 362 63.40 -9.47 -15.03
CA SER G 362 62.04 -9.68 -14.54
C SER G 362 61.42 -10.92 -15.16
N GLN G 363 60.38 -11.43 -14.51
CA GLN G 363 59.60 -12.52 -15.07
C GLN G 363 58.39 -12.04 -15.84
N VAL G 364 57.87 -10.87 -15.52
CA VAL G 364 56.65 -10.39 -16.17
C VAL G 364 56.81 -8.91 -16.51
N GLY G 365 56.41 -8.56 -17.73
CA GLY G 365 56.20 -7.18 -18.11
C GLY G 365 54.72 -6.87 -18.07
N TYR G 366 54.38 -5.79 -17.39
CA TYR G 366 53.01 -5.46 -17.00
C TYR G 366 52.71 -4.08 -17.58
N VAL G 367 52.07 -4.05 -18.76
CA VAL G 367 51.88 -2.84 -19.56
C VAL G 367 50.40 -2.74 -19.91
N THR G 368 49.63 -1.96 -19.15
CA THR G 368 48.17 -1.99 -19.24
C THR G 368 47.54 -0.60 -19.42
N PRO G 369 47.99 0.19 -20.40
CA PRO G 369 47.39 1.51 -20.60
C PRO G 369 45.91 1.43 -20.98
N LEU G 370 45.14 2.42 -20.53
CA LEU G 370 43.75 2.49 -20.95
C LEU G 370 43.64 2.92 -22.42
N ARG G 371 44.58 3.74 -22.89
CA ARG G 371 44.77 4.02 -24.31
C ARG G 371 46.24 4.37 -24.52
N ASP G 372 46.82 3.85 -25.58
CA ASP G 372 48.18 4.25 -25.91
C ASP G 372 48.38 4.15 -27.41
N GLY G 373 48.95 5.21 -27.99
CA GLY G 373 49.21 5.20 -29.42
C GLY G 373 49.97 3.98 -29.86
N MET G 374 51.02 3.63 -29.11
CA MET G 374 51.75 2.41 -29.41
C MET G 374 52.20 1.73 -28.12
N ASN G 375 52.98 2.45 -27.31
CA ASN G 375 53.65 1.99 -26.10
C ASN G 375 54.89 1.20 -26.47
N LEU G 376 56.05 1.87 -26.47
CA LEU G 376 57.31 1.26 -26.83
C LEU G 376 57.90 0.43 -25.70
N VAL G 377 57.51 0.72 -24.46
CA VAL G 377 57.93 -0.08 -23.32
C VAL G 377 57.56 -1.55 -23.52
N ALA G 378 56.34 -1.81 -24.00
CA ALA G 378 55.95 -3.19 -24.28
C ALA G 378 56.91 -3.83 -25.26
N LYS G 379 57.30 -3.09 -26.30
CA LYS G 379 58.23 -3.63 -27.28
C LYS G 379 59.64 -3.72 -26.69
N GLU G 380 60.06 -2.71 -25.93
CA GLU G 380 61.37 -2.77 -25.28
C GLU G 380 61.44 -3.92 -24.28
N TYR G 381 60.34 -4.20 -23.59
CA TYR G 381 60.36 -5.29 -22.62
C TYR G 381 60.65 -6.62 -23.31
N VAL G 382 59.96 -6.90 -24.42
CA VAL G 382 60.21 -8.11 -25.19
C VAL G 382 61.65 -8.15 -25.68
N ALA G 383 62.15 -7.03 -26.21
CA ALA G 383 63.48 -6.99 -26.80
C ALA G 383 64.59 -7.21 -25.78
N SER G 384 64.30 -6.99 -24.49
CA SER G 384 65.31 -7.15 -23.46
C SER G 384 65.52 -8.60 -23.02
N GLN G 385 64.57 -9.50 -23.30
CA GLN G 385 64.55 -10.82 -22.68
C GLN G 385 65.68 -11.72 -23.17
N ASP G 386 66.06 -12.66 -22.32
CA ASP G 386 66.95 -13.75 -22.70
C ASP G 386 66.15 -14.83 -23.43
N PRO G 387 66.48 -15.12 -24.70
CA PRO G 387 65.68 -16.12 -25.44
C PRO G 387 65.70 -17.50 -24.83
N ALA G 388 66.71 -17.82 -24.03
CA ALA G 388 66.77 -19.12 -23.35
C ALA G 388 65.88 -19.16 -22.11
N ASP G 389 65.50 -18.00 -21.58
CA ASP G 389 64.68 -17.92 -20.37
C ASP G 389 63.93 -16.59 -20.39
N PRO G 390 62.96 -16.45 -21.30
CA PRO G 390 62.32 -15.15 -21.50
C PRO G 390 61.11 -14.93 -20.59
N GLY G 391 60.93 -13.65 -20.20
CA GLY G 391 59.80 -13.23 -19.41
C GLY G 391 58.53 -13.14 -20.25
N VAL G 392 57.40 -12.88 -19.57
CA VAL G 392 56.09 -12.85 -20.20
C VAL G 392 55.55 -11.42 -20.21
N LEU G 393 54.97 -11.02 -21.34
CA LEU G 393 54.39 -9.69 -21.50
C LEU G 393 52.87 -9.75 -21.29
N VAL G 394 52.39 -8.99 -20.31
CA VAL G 394 50.96 -8.79 -20.09
C VAL G 394 50.60 -7.41 -20.62
N LEU G 395 49.76 -7.34 -21.66
CA LEU G 395 49.58 -6.12 -22.44
C LEU G 395 48.10 -5.77 -22.65
N SER G 396 47.76 -4.51 -22.40
CA SER G 396 46.41 -4.02 -22.65
C SER G 396 46.09 -3.99 -24.15
N GLU G 397 44.89 -4.45 -24.49
CA GLU G 397 44.44 -4.38 -25.87
C GLU G 397 44.19 -2.95 -26.35
N PHE G 398 44.28 -1.95 -25.47
CA PHE G 398 44.09 -0.57 -25.90
C PHE G 398 45.41 0.14 -26.23
N ALA G 399 46.53 -0.57 -26.17
CA ALA G 399 47.78 -0.08 -26.71
C ALA G 399 47.86 -0.45 -28.19
N GLY G 400 48.37 0.48 -28.99
CA GLY G 400 48.58 0.19 -30.39
C GLY G 400 49.48 -1.01 -30.61
N ALA G 401 50.44 -1.23 -29.70
CA ALA G 401 51.35 -2.36 -29.85
C ALA G 401 50.63 -3.71 -29.76
N ALA G 402 49.43 -3.74 -29.20
CA ALA G 402 48.71 -5.01 -29.10
C ALA G 402 48.43 -5.59 -30.49
N ALA G 403 48.34 -4.73 -31.49
CA ALA G 403 48.07 -5.20 -32.83
C ALA G 403 49.22 -6.01 -33.41
N GLU G 404 50.41 -5.93 -32.82
CA GLU G 404 51.58 -6.64 -33.33
C GLU G 404 52.06 -7.77 -32.44
N LEU G 405 51.91 -7.64 -31.12
CA LEU G 405 52.53 -8.55 -30.15
C LEU G 405 51.57 -9.68 -29.78
N GLY G 406 51.39 -10.61 -30.71
CA GLY G 406 50.46 -11.71 -30.49
C GLY G 406 50.88 -12.68 -29.41
N GLY G 407 52.17 -12.75 -29.10
CA GLY G 407 52.63 -13.59 -28.00
C GLY G 407 52.35 -13.03 -26.62
N ALA G 408 51.94 -11.77 -26.53
CA ALA G 408 51.61 -11.20 -25.24
C ALA G 408 50.31 -11.80 -24.71
N LEU G 409 50.16 -11.76 -23.40
CA LEU G 409 48.88 -12.06 -22.77
C LEU G 409 48.07 -10.77 -22.79
N LEU G 410 47.10 -10.70 -23.70
CA LEU G 410 46.31 -9.49 -23.86
C LEU G 410 45.19 -9.45 -22.84
N VAL G 411 44.98 -8.27 -22.25
CA VAL G 411 43.95 -8.08 -21.24
C VAL G 411 43.14 -6.82 -21.54
N ASN G 412 41.92 -6.83 -21.04
CA ASN G 412 41.11 -5.64 -20.95
C ASN G 412 41.32 -5.05 -19.57
N PRO G 413 41.94 -3.88 -19.44
CA PRO G 413 42.23 -3.33 -18.10
C PRO G 413 41.00 -2.94 -17.29
N TYR G 414 39.82 -2.89 -17.91
CA TYR G 414 38.60 -2.67 -17.14
C TYR G 414 38.08 -3.94 -16.48
N ASP G 415 38.76 -5.08 -16.68
CA ASP G 415 38.39 -6.36 -16.07
C ASP G 415 39.54 -6.75 -15.15
N HIS G 416 39.46 -6.34 -13.88
CA HIS G 416 40.56 -6.55 -12.94
C HIS G 416 40.87 -8.03 -12.74
N ALA G 417 39.84 -8.88 -12.75
CA ALA G 417 40.02 -10.32 -12.58
C ALA G 417 40.79 -10.93 -13.75
N GLN G 418 40.49 -10.50 -14.98
CA GLN G 418 41.29 -10.98 -16.11
C GLN G 418 42.75 -10.54 -16.00
N MET G 419 42.99 -9.29 -15.57
CA MET G 419 44.38 -8.86 -15.39
C MET G 419 45.06 -9.69 -14.30
N ALA G 420 44.36 -9.95 -13.20
CA ALA G 420 44.93 -10.76 -12.13
C ALA G 420 45.20 -12.18 -12.60
N ASP G 421 44.24 -12.79 -13.32
CA ASP G 421 44.47 -14.13 -13.84
C ASP G 421 45.68 -14.15 -14.77
N ALA G 422 45.83 -13.11 -15.59
CA ALA G 422 46.95 -13.07 -16.53
C ALA G 422 48.27 -12.97 -15.79
N LEU G 423 48.35 -12.14 -14.74
CA LEU G 423 49.56 -12.08 -13.92
C LEU G 423 49.87 -13.45 -13.35
N ALA G 424 48.86 -14.10 -12.76
CA ALA G 424 49.07 -15.42 -12.18
C ALA G 424 49.53 -16.41 -13.24
N ARG G 425 48.93 -16.36 -14.42
CA ARG G 425 49.36 -17.26 -15.49
C ARG G 425 50.79 -16.99 -15.92
N ALA G 426 51.14 -15.72 -16.12
CA ALA G 426 52.50 -15.40 -16.54
C ALA G 426 53.52 -15.89 -15.53
N LEU G 427 53.22 -15.76 -14.24
CA LEU G 427 54.17 -16.13 -13.20
C LEU G 427 54.41 -17.62 -13.16
N ALA G 428 53.47 -18.44 -13.66
CA ALA G 428 53.58 -19.89 -13.64
C ALA G 428 53.85 -20.51 -15.01
N MET G 429 54.07 -19.71 -16.04
CA MET G 429 54.08 -20.26 -17.39
C MET G 429 55.34 -21.10 -17.64
N PRO G 430 55.19 -22.33 -18.16
CA PRO G 430 56.36 -23.17 -18.45
C PRO G 430 57.28 -22.56 -19.49
N LEU G 431 58.56 -23.00 -19.45
CA LEU G 431 59.59 -22.43 -20.31
C LEU G 431 59.21 -22.50 -21.78
N ALA G 432 58.65 -23.63 -22.22
CA ALA G 432 58.38 -23.84 -23.64
C ALA G 432 57.39 -22.83 -24.19
N GLU G 433 56.26 -22.64 -23.51
CA GLU G 433 55.28 -21.66 -23.97
C GLU G 433 55.84 -20.24 -23.91
N ARG G 434 56.62 -19.94 -22.88
CA ARG G 434 57.23 -18.62 -22.79
C ARG G 434 58.14 -18.35 -23.98
N GLN G 435 58.91 -19.37 -24.39
CA GLN G 435 59.81 -19.21 -25.53
C GLN G 435 59.05 -19.06 -26.82
N ALA G 436 57.94 -19.79 -26.97
CA ALA G 436 57.13 -19.64 -28.18
C ALA G 436 56.54 -18.24 -28.27
N ARG G 437 56.01 -17.73 -27.16
CA ARG G 437 55.44 -16.39 -27.15
C ARG G 437 56.51 -15.34 -27.42
N HIS G 438 57.68 -15.49 -26.80
CA HIS G 438 58.74 -14.51 -27.00
C HIS G 438 59.24 -14.54 -28.45
N GLU G 439 59.43 -15.74 -29.02
CA GLU G 439 59.91 -15.80 -30.40
C GLU G 439 58.90 -15.21 -31.37
N GLU G 440 57.59 -15.42 -31.12
CA GLU G 440 56.57 -14.82 -31.97
C GLU G 440 56.65 -13.30 -31.92
N ASN G 441 56.76 -12.73 -30.72
CA ASN G 441 56.86 -11.28 -30.58
C ASN G 441 58.19 -10.76 -31.13
N LEU G 442 59.28 -11.50 -30.89
CA LEU G 442 60.60 -11.04 -31.35
C LEU G 442 60.64 -10.93 -32.88
N ALA G 443 60.06 -11.91 -33.58
CA ALA G 443 60.02 -11.85 -35.05
C ALA G 443 59.27 -10.62 -35.53
N GLN G 444 58.17 -10.25 -34.86
CA GLN G 444 57.43 -9.06 -35.27
C GLN G 444 58.29 -7.80 -35.12
N LEU G 445 59.00 -7.68 -34.00
CA LEU G 445 59.85 -6.51 -33.79
C LEU G 445 60.91 -6.42 -34.88
N ARG G 446 61.46 -7.56 -35.29
CA ARG G 446 62.46 -7.56 -36.34
C ARG G 446 61.83 -7.28 -37.70
N ASN G 447 60.65 -7.87 -37.96
CA ASN G 447 59.97 -7.65 -39.23
C ASN G 447 59.47 -6.21 -39.37
N ASN G 448 59.27 -5.51 -38.25
CA ASN G 448 58.89 -4.09 -38.27
C ASN G 448 59.79 -3.32 -37.31
N ASP G 449 61.09 -3.32 -37.56
CA ASP G 449 61.97 -2.58 -36.68
C ASP G 449 61.91 -1.10 -37.03
N LEU G 450 62.61 -0.28 -36.24
CA LEU G 450 62.54 1.16 -36.39
C LEU G 450 62.96 1.62 -37.79
N SER G 451 63.81 0.84 -38.48
CA SER G 451 64.19 1.22 -39.83
C SER G 451 62.96 1.26 -40.74
N VAL G 452 62.00 0.37 -40.52
CA VAL G 452 60.82 0.28 -41.38
C VAL G 452 60.00 1.56 -41.29
N TRP G 453 59.80 2.07 -40.08
CA TRP G 453 59.10 3.34 -39.89
C TRP G 453 59.80 4.46 -40.64
N ARG G 454 61.12 4.56 -40.47
CA ARG G 454 61.88 5.64 -41.07
C ARG G 454 61.86 5.56 -42.60
N ASP G 455 62.19 4.38 -43.14
CA ASP G 455 62.35 4.24 -44.58
C ASP G 455 61.04 4.43 -45.32
N THR G 456 59.95 3.91 -44.77
CA THR G 456 58.66 3.95 -45.45
C THR G 456 58.10 5.36 -45.53
N PHE G 457 58.17 6.13 -44.43
CA PHE G 457 57.65 7.49 -44.47
C PHE G 457 58.48 8.37 -45.40
N VAL G 458 59.81 8.22 -45.35
CA VAL G 458 60.67 8.99 -46.24
C VAL G 458 60.42 8.59 -47.68
N ALA G 459 60.22 7.29 -47.94
CA ALA G 459 59.92 6.84 -49.29
C ALA G 459 58.59 7.42 -49.77
N ASP G 460 57.58 7.41 -48.89
CA ASP G 460 56.30 8.00 -49.24
C ASP G 460 56.42 9.51 -49.46
N LEU G 461 57.27 10.17 -48.65
CA LEU G 461 57.51 11.60 -48.82
C LEU G 461 58.25 11.88 -50.13
N ARG G 462 59.21 11.03 -50.48
CA ARG G 462 59.88 11.14 -51.77
C ARG G 462 58.94 10.85 -52.93
N SER G 463 57.78 10.29 -52.65
CA SER G 463 56.83 9.92 -53.71
C SER G 463 55.83 11.02 -54.01
N VAL G 464 55.58 11.93 -53.08
CA VAL G 464 54.70 13.07 -53.32
C VAL G 464 55.38 14.03 -54.28
N SER H 10 51.14 64.45 25.58
CA SER H 10 51.92 63.40 24.90
C SER H 10 51.16 62.82 23.71
N ARG H 11 51.88 62.54 22.62
CA ARG H 11 51.24 61.97 21.44
C ARG H 11 50.87 60.52 21.68
N LEU H 12 49.75 60.10 21.09
CA LEU H 12 49.38 58.69 21.03
C LEU H 12 49.84 58.10 19.71
N ILE H 13 50.60 57.01 19.77
CA ILE H 13 51.02 56.29 18.57
C ILE H 13 50.19 55.01 18.49
N VAL H 14 49.30 54.93 17.51
CA VAL H 14 48.47 53.74 17.29
C VAL H 14 49.12 52.85 16.25
N VAL H 15 49.30 51.58 16.58
CA VAL H 15 49.93 50.62 15.69
C VAL H 15 48.98 49.45 15.43
N SER H 16 48.63 49.22 14.16
CA SER H 16 47.77 48.10 13.81
C SER H 16 48.11 47.58 12.42
N ASN H 17 47.62 46.37 12.14
CA ASN H 17 47.90 45.65 10.90
C ASN H 17 47.34 46.36 9.67
N LEU H 32 37.59 49.46 12.89
CA LEU H 32 38.54 49.76 13.95
C LEU H 32 38.83 51.25 13.96
N ALA H 33 38.70 51.87 12.79
CA ALA H 33 39.01 53.28 12.61
C ALA H 33 38.22 54.14 13.59
N VAL H 34 36.93 53.85 13.73
CA VAL H 34 36.05 54.63 14.59
C VAL H 34 36.48 54.49 16.05
N GLY H 35 37.13 53.36 16.40
CA GLY H 35 37.58 53.16 17.76
C GLY H 35 38.77 54.02 18.16
N VAL H 36 39.66 54.32 17.22
CA VAL H 36 40.92 54.96 17.57
C VAL H 36 41.00 56.41 17.10
N MET H 37 40.11 56.85 16.20
CA MET H 37 40.27 58.15 15.56
C MET H 37 40.17 59.29 16.57
N ASP H 38 39.18 59.24 17.47
CA ASP H 38 39.00 60.33 18.42
C ASP H 38 40.21 60.50 19.32
N ALA H 39 40.84 59.38 19.71
CA ALA H 39 42.04 59.46 20.55
C ALA H 39 43.22 60.02 19.77
N LEU H 40 43.37 59.61 18.52
CA LEU H 40 44.42 60.19 17.68
C LEU H 40 44.17 61.68 17.48
N LYS H 41 42.92 62.06 17.24
CA LYS H 41 42.59 63.48 17.07
C LYS H 41 42.79 64.25 18.38
N GLN H 42 42.41 63.65 19.51
CA GLN H 42 42.52 64.35 20.79
C GLN H 42 43.97 64.63 21.16
N THR H 43 44.86 63.68 20.89
CA THR H 43 46.25 63.77 21.33
C THR H 43 47.17 64.30 20.24
N GLY H 44 46.65 64.59 19.06
CA GLY H 44 47.51 64.86 17.91
C GLY H 44 48.45 63.71 17.62
N GLY H 45 47.93 62.49 17.66
CA GLY H 45 48.76 61.31 17.65
C GLY H 45 49.14 60.91 16.25
N VAL H 46 49.72 59.72 16.17
CA VAL H 46 50.21 59.17 14.92
C VAL H 46 49.63 57.77 14.77
N TRP H 47 49.20 57.45 13.55
CA TRP H 47 48.75 56.10 13.22
C TRP H 47 49.78 55.48 12.29
N PHE H 48 50.44 54.44 12.78
CA PHE H 48 51.55 53.79 12.10
C PHE H 48 51.17 52.35 11.75
N GLY H 49 51.53 51.91 10.55
CA GLY H 49 51.28 50.55 10.17
C GLY H 49 51.40 50.32 8.67
N TRP H 50 50.87 49.18 8.25
CA TRP H 50 51.02 48.71 6.87
C TRP H 50 49.96 49.34 5.98
N ASN H 51 50.38 49.77 4.78
CA ASN H 51 49.48 50.42 3.83
C ASN H 51 48.74 49.42 2.97
N GLY H 52 48.92 48.13 3.25
CA GLY H 52 48.27 47.07 2.52
C GLY H 52 48.84 46.76 1.15
N GLU H 53 49.73 47.60 0.63
CA GLU H 53 50.28 47.42 -0.71
C GLU H 53 51.59 46.66 -0.65
N ILE H 54 51.79 45.76 -1.61
CA ILE H 54 53.02 44.97 -1.69
C ILE H 54 54.05 45.78 -2.48
N VAL H 55 55.34 45.53 -2.19
CA VAL H 55 56.43 46.22 -2.86
C VAL H 55 57.56 45.23 -3.10
N GLY H 56 58.23 45.36 -4.25
CA GLY H 56 59.30 44.46 -4.62
C GLY H 56 60.57 44.66 -3.82
N THR H 57 60.79 45.87 -3.30
CA THR H 57 61.89 46.16 -2.39
C THR H 57 61.33 46.87 -1.17
N PRO H 58 61.88 46.63 0.03
CA PRO H 58 61.32 47.24 1.23
C PRO H 58 61.40 48.76 1.17
N ASP H 59 60.36 49.41 1.70
CA ASP H 59 60.31 50.86 1.72
C ASP H 59 61.34 51.40 2.72
N ALA H 60 62.05 52.45 2.32
CA ALA H 60 63.09 53.02 3.16
C ALA H 60 62.52 53.69 4.40
N ALA H 61 61.51 54.53 4.22
CA ALA H 61 60.89 55.27 5.30
C ALA H 61 59.38 55.20 5.16
N PRO H 62 58.65 55.45 6.23
CA PRO H 62 57.18 55.44 6.13
C PRO H 62 56.67 56.67 5.40
N ALA H 63 55.52 56.52 4.75
CA ALA H 63 54.86 57.66 4.15
C ALA H 63 54.17 58.45 5.25
N VAL H 64 54.51 59.74 5.38
CA VAL H 64 54.03 60.55 6.49
C VAL H 64 53.12 61.62 5.92
N ARG H 65 51.82 61.51 6.17
CA ARG H 65 50.84 62.51 5.79
C ARG H 65 50.13 63.01 7.04
N ARG H 66 49.96 64.32 7.15
CA ARG H 66 49.30 64.92 8.30
C ARG H 66 47.92 65.37 7.85
N ASP H 67 46.90 64.80 8.47
CA ASP H 67 45.50 65.11 8.15
C ASP H 67 44.89 65.84 9.34
N GLY H 68 45.01 67.17 9.34
CA GLY H 68 44.54 67.94 10.46
C GLY H 68 45.38 67.66 11.68
N ASN H 69 44.78 67.01 12.69
CA ASN H 69 45.48 66.76 13.94
C ASN H 69 46.16 65.39 13.99
N VAL H 70 45.75 64.44 13.15
CA VAL H 70 46.30 63.08 13.18
C VAL H 70 47.34 62.93 12.07
N THR H 71 48.45 62.26 12.38
CA THR H 71 49.51 61.99 11.43
C THR H 71 49.46 60.52 11.02
N TYR H 72 49.58 60.26 9.72
CA TYR H 72 49.52 58.91 9.17
C TYR H 72 50.88 58.49 8.63
N ALA H 73 51.42 57.38 9.16
CA ALA H 73 52.69 56.82 8.74
C ALA H 73 52.44 55.42 8.17
N THR H 74 52.56 55.26 6.85
CA THR H 74 52.24 54.00 6.19
C THR H 74 53.48 53.46 5.48
N LEU H 75 53.50 52.14 5.30
CA LEU H 75 54.65 51.47 4.70
C LEU H 75 54.16 50.26 3.90
N GLY H 76 54.94 49.89 2.87
CA GLY H 76 54.66 48.69 2.12
C GLY H 76 55.38 47.46 2.68
N LEU H 77 54.93 46.29 2.25
CA LEU H 77 55.52 45.01 2.63
C LEU H 77 55.92 44.23 1.38
N THR H 78 56.95 43.40 1.50
CA THR H 78 57.34 42.55 0.39
C THR H 78 56.46 41.31 0.31
N ARG H 79 56.54 40.63 -0.84
CA ARG H 79 55.84 39.36 -0.99
C ARG H 79 56.27 38.35 0.07
N ARG H 80 57.58 38.27 0.34
CA ARG H 80 58.04 37.37 1.39
C ARG H 80 57.55 37.83 2.76
N ASP H 81 57.47 39.16 2.98
CA ASP H 81 56.85 39.65 4.21
C ASP H 81 55.43 39.16 4.33
N TYR H 82 54.62 39.41 3.30
CA TYR H 82 53.22 38.98 3.27
C TYR H 82 53.08 37.48 3.54
N ASP H 83 53.86 36.65 2.83
CA ASP H 83 53.68 35.21 2.91
C ASP H 83 53.96 34.67 4.30
N GLN H 84 55.01 35.16 4.97
CA GLN H 84 55.45 34.55 6.21
C GLN H 84 54.80 35.16 7.43
N TYR H 85 54.61 36.49 7.39
CA TYR H 85 54.06 37.26 8.49
C TYR H 85 52.54 37.21 8.53
N TYR H 86 51.89 37.63 7.44
CA TYR H 86 50.44 37.77 7.40
C TYR H 86 49.77 36.46 6.98
N ARG H 87 50.04 36.02 5.75
CA ARG H 87 49.40 34.78 5.28
C ARG H 87 49.89 33.58 6.09
N GLY H 88 51.16 33.58 6.49
CA GLY H 88 51.74 32.44 7.16
C GLY H 88 51.42 32.35 8.64
N PHE H 89 52.36 32.78 9.49
CA PHE H 89 52.26 32.52 10.92
C PHE H 89 51.00 33.12 11.53
N SER H 90 50.71 34.38 11.18
CA SER H 90 49.53 35.05 11.74
C SER H 90 48.27 34.27 11.42
N ASN H 91 48.02 34.01 10.12
CA ASN H 91 46.73 33.50 9.71
C ASN H 91 46.67 31.99 9.58
N ALA H 92 47.82 31.30 9.53
CA ALA H 92 47.82 29.84 9.46
C ALA H 92 48.26 29.17 10.75
N THR H 93 48.84 29.91 11.69
CA THR H 93 49.20 29.34 12.98
C THR H 93 48.41 30.02 14.10
N LEU H 94 48.58 31.32 14.28
CA LEU H 94 47.92 32.01 15.38
C LEU H 94 46.40 31.99 15.23
N TRP H 95 45.89 32.37 14.07
CA TRP H 95 44.43 32.48 13.91
C TRP H 95 43.72 31.15 14.16
N PRO H 96 44.10 30.01 13.56
CA PRO H 96 43.41 28.75 13.88
C PRO H 96 43.59 28.29 15.32
N VAL H 97 44.79 28.40 15.90
CA VAL H 97 44.97 27.94 17.28
C VAL H 97 44.17 28.81 18.23
N PHE H 98 44.25 30.14 18.06
CA PHE H 98 43.54 31.06 18.94
C PHE H 98 42.03 30.91 18.82
N HIS H 99 41.54 30.24 17.77
CA HIS H 99 40.13 29.92 17.66
C HIS H 99 39.85 28.46 17.97
N TYR H 100 40.75 27.77 18.67
CA TYR H 100 40.57 26.38 19.10
C TYR H 100 40.38 25.43 17.92
N ARG H 101 41.18 25.62 16.87
CA ARG H 101 41.18 24.73 15.70
C ARG H 101 42.60 24.20 15.50
N SER H 102 43.04 23.33 16.41
CA SER H 102 44.39 22.78 16.27
C SER H 102 44.53 21.98 14.99
N ASP H 103 43.41 21.47 14.45
CA ASP H 103 43.42 20.68 13.22
C ASP H 103 43.79 21.49 11.99
N LEU H 104 43.57 22.81 12.02
CA LEU H 104 43.87 23.69 10.90
C LEU H 104 45.19 24.42 11.05
N ALA H 105 45.90 24.22 12.17
CA ALA H 105 47.14 24.92 12.41
C ALA H 105 48.25 24.31 11.55
N ARG H 106 49.09 25.18 10.98
CA ARG H 106 50.24 24.75 10.18
C ARG H 106 51.43 25.62 10.57
N PHE H 107 52.31 25.09 11.41
CA PHE H 107 53.50 25.81 11.83
C PHE H 107 54.64 25.60 10.84
N ASP H 108 55.36 26.68 10.55
CA ASP H 108 56.56 26.60 9.74
C ASP H 108 57.61 27.55 10.32
N ARG H 109 58.83 27.05 10.52
CA ARG H 109 59.87 27.82 11.21
C ARG H 109 60.20 29.09 10.44
N GLN H 110 60.41 28.98 9.13
CA GLN H 110 60.78 30.15 8.34
C GLN H 110 59.66 31.19 8.32
N GLU H 111 58.40 30.75 8.37
CA GLU H 111 57.30 31.71 8.50
C GLU H 111 57.34 32.40 9.85
N TYR H 112 57.64 31.66 10.90
CA TYR H 112 57.73 32.27 12.23
C TYR H 112 58.88 33.28 12.30
N ALA H 113 60.03 32.94 11.71
CA ALA H 113 61.15 33.88 11.70
C ALA H 113 60.79 35.17 10.96
N GLY H 114 60.12 35.05 9.81
CA GLY H 114 59.68 36.24 9.10
C GLY H 114 58.66 37.05 9.88
N TYR H 115 57.80 36.36 10.64
CA TYR H 115 56.89 37.05 11.54
C TYR H 115 57.65 37.93 12.52
N LEU H 116 58.74 37.40 13.07
CA LEU H 116 59.60 38.20 13.94
C LEU H 116 60.32 39.28 13.15
N ARG H 117 60.86 38.95 11.97
CA ARG H 117 61.60 39.93 11.19
C ARG H 117 60.75 41.12 10.80
N VAL H 118 59.51 40.88 10.37
CA VAL H 118 58.64 41.97 9.96
C VAL H 118 58.31 42.87 11.14
N ASN H 119 58.03 42.27 12.30
CA ASN H 119 57.80 43.04 13.52
C ASN H 119 58.98 43.94 13.85
N ALA H 120 60.20 43.41 13.75
CA ALA H 120 61.40 44.18 14.07
C ALA H 120 61.65 45.30 13.08
N MET H 121 61.44 45.06 11.78
CA MET H 121 61.65 46.10 10.79
C MET H 121 60.72 47.28 11.03
N LEU H 122 59.46 46.99 11.35
CA LEU H 122 58.51 48.05 11.65
C LEU H 122 58.90 48.81 12.91
N ALA H 123 59.42 48.09 13.92
CA ALA H 123 59.80 48.74 15.17
C ALA H 123 60.99 49.68 14.98
N ARG H 124 61.98 49.25 14.20
CA ARG H 124 63.10 50.14 13.89
C ARG H 124 62.61 51.36 13.15
N GLN H 125 61.64 51.16 12.26
CA GLN H 125 61.03 52.26 11.52
C GLN H 125 60.22 53.17 12.42
N LEU H 126 59.49 52.61 13.39
CA LEU H 126 58.69 53.43 14.31
C LEU H 126 59.57 54.15 15.34
N ALA H 127 60.59 53.47 15.86
CA ALA H 127 61.42 54.05 16.91
C ALA H 127 62.03 55.38 16.49
N ALA H 128 62.41 55.49 15.21
CA ALA H 128 63.01 56.72 14.71
C ALA H 128 62.02 57.89 14.70
N LEU H 129 60.72 57.61 14.84
CA LEU H 129 59.70 58.65 14.87
C LEU H 129 59.25 59.00 16.28
N LEU H 130 59.70 58.26 17.30
CA LEU H 130 59.13 58.38 18.64
C LEU H 130 59.69 59.59 19.38
N ARG H 131 58.79 60.30 20.04
CA ARG H 131 59.14 61.22 21.10
C ARG H 131 59.25 60.43 22.41
N PRO H 132 59.99 60.97 23.39
CA PRO H 132 60.13 60.22 24.67
C PRO H 132 58.81 60.03 25.41
N ASP H 133 57.83 60.90 25.21
CA ASP H 133 56.59 60.85 25.98
C ASP H 133 55.44 60.20 25.23
N ASP H 134 55.69 59.65 24.03
CA ASP H 134 54.63 59.02 23.25
C ASP H 134 53.99 57.86 24.02
N LEU H 135 52.66 57.72 23.87
CA LEU H 135 51.92 56.57 24.37
C LEU H 135 51.62 55.64 23.19
N ILE H 136 52.02 54.37 23.31
CA ILE H 136 51.95 53.44 22.19
C ILE H 136 50.87 52.38 22.45
N TRP H 137 49.92 52.25 21.53
CA TRP H 137 48.81 51.31 21.63
C TRP H 137 48.86 50.36 20.42
N VAL H 138 49.23 49.09 20.67
CA VAL H 138 49.44 48.07 19.65
C VAL H 138 48.24 47.12 19.61
N HIS H 139 47.80 46.75 18.41
CA HIS H 139 46.55 46.01 18.22
C HIS H 139 46.74 44.68 17.52
N ASP H 140 46.31 43.60 18.18
CA ASP H 140 45.95 42.30 17.61
C ASP H 140 47.11 41.38 17.28
N TYR H 141 46.76 40.14 16.88
CA TYR H 141 47.66 38.99 16.93
C TYR H 141 48.84 39.09 15.97
N HIS H 142 48.75 39.93 14.93
CA HIS H 142 49.90 40.15 14.07
C HIS H 142 51.10 40.75 14.82
N LEU H 143 50.87 41.40 15.95
CA LEU H 143 51.87 42.25 16.56
C LEU H 143 52.21 41.84 17.99
N LEU H 144 52.03 40.57 18.33
CA LEU H 144 52.49 40.09 19.64
C LEU H 144 53.92 40.49 19.96
N PRO H 145 54.89 40.38 19.05
CA PRO H 145 56.28 40.70 19.42
C PRO H 145 56.61 42.19 19.39
N PHE H 146 55.67 43.07 19.08
CA PHE H 146 56.05 44.43 18.74
C PHE H 146 56.67 45.16 19.93
N ALA H 147 56.10 44.98 21.13
CA ALA H 147 56.68 45.60 22.32
C ALA H 147 58.09 45.08 22.58
N HIS H 148 58.30 43.77 22.45
CA HIS H 148 59.63 43.21 22.67
C HIS H 148 60.64 43.85 21.74
N CYS H 149 60.27 44.01 20.47
CA CYS H 149 61.17 44.65 19.51
C CYS H 149 61.47 46.09 19.92
N LEU H 150 60.46 46.82 20.43
CA LEU H 150 60.71 48.18 20.87
C LEU H 150 61.60 48.22 22.11
N ARG H 151 61.37 47.30 23.06
CA ARG H 151 62.19 47.29 24.27
C ARG H 151 63.66 47.04 23.94
N GLU H 152 63.92 46.14 22.99
CA GLU H 152 65.31 45.87 22.61
C GLU H 152 65.95 47.05 21.90
N LEU H 153 65.15 47.97 21.38
CA LEU H 153 65.65 49.22 20.80
C LEU H 153 65.83 50.31 21.85
N GLY H 154 65.56 50.03 23.11
CA GLY H 154 65.70 51.01 24.17
C GLY H 154 64.49 51.86 24.44
N VAL H 155 63.32 51.50 23.89
CA VAL H 155 62.11 52.30 24.07
C VAL H 155 61.56 52.06 25.47
N LYS H 156 61.41 53.14 26.24
CA LYS H 156 60.88 53.06 27.60
C LYS H 156 59.43 53.53 27.71
N ASN H 157 58.86 54.05 26.64
CA ASN H 157 57.49 54.56 26.58
C ASN H 157 56.48 53.53 27.07
N PRO H 158 55.33 53.96 27.57
CA PRO H 158 54.21 53.04 27.80
C PRO H 158 53.73 52.39 26.50
N ILE H 159 53.63 51.07 26.51
CA ILE H 159 53.13 50.28 25.38
C ILE H 159 52.01 49.38 25.90
N GLY H 160 50.82 49.51 25.33
CA GLY H 160 49.70 48.65 25.64
C GLY H 160 49.34 47.77 24.46
N PHE H 161 48.85 46.55 24.75
CA PHE H 161 48.43 45.61 23.72
C PHE H 161 46.96 45.25 23.91
N PHE H 162 46.20 45.20 22.81
CA PHE H 162 44.83 44.70 22.85
C PHE H 162 44.62 43.63 21.79
N LEU H 163 44.17 42.45 22.23
CA LEU H 163 43.90 41.32 21.35
C LEU H 163 42.42 41.29 20.98
N HIS H 164 42.12 41.37 19.67
CA HIS H 164 40.72 41.37 19.24
C HIS H 164 40.11 39.99 19.17
N ILE H 165 40.94 38.95 19.14
CA ILE H 165 40.44 37.59 18.95
C ILE H 165 40.59 36.88 20.29
N PRO H 166 40.01 35.69 20.50
CA PRO H 166 40.14 35.07 21.81
C PRO H 166 41.59 34.71 22.09
N PHE H 167 41.91 34.59 23.38
CA PHE H 167 43.18 34.02 23.79
C PHE H 167 42.95 32.61 24.30
N PRO H 168 43.57 31.61 23.70
CA PRO H 168 43.25 30.23 24.06
C PRO H 168 43.93 29.82 25.35
N SER H 169 43.26 28.91 26.06
CA SER H 169 43.80 28.36 27.30
C SER H 169 45.06 27.56 27.03
N PRO H 170 45.88 27.31 28.05
CA PRO H 170 47.22 26.74 27.81
C PRO H 170 47.22 25.41 27.07
N ASP H 171 46.31 24.50 27.40
CA ASP H 171 46.20 23.25 26.66
C ASP H 171 46.02 23.49 25.16
N MET H 172 45.42 24.62 24.77
CA MET H 172 45.32 24.92 23.35
C MET H 172 46.47 25.79 22.86
N LEU H 173 46.89 26.76 23.68
CA LEU H 173 47.96 27.67 23.26
C LEU H 173 49.23 26.93 22.88
N ARG H 174 49.56 25.86 23.63
CA ARG H 174 50.75 25.06 23.39
C ARG H 174 50.79 24.44 22.00
N VAL H 175 49.68 24.44 21.26
CA VAL H 175 49.75 23.95 19.89
C VAL H 175 50.67 24.83 19.06
N VAL H 176 50.75 26.12 19.38
CA VAL H 176 51.71 27.02 18.75
C VAL H 176 53.09 26.69 19.31
N PRO H 177 54.03 26.18 18.51
CA PRO H 177 55.30 25.67 19.08
C PRO H 177 56.10 26.75 19.81
N PRO H 178 56.21 27.99 19.30
CA PRO H 178 56.97 28.99 20.07
C PRO H 178 56.13 29.70 21.14
N HIS H 179 55.20 28.98 21.76
CA HIS H 179 54.27 29.63 22.69
C HIS H 179 55.01 30.30 23.85
N ASP H 180 56.05 29.66 24.38
CA ASP H 180 56.76 30.24 25.53
C ASP H 180 57.39 31.57 25.16
N GLU H 181 58.08 31.63 24.01
CA GLU H 181 58.66 32.87 23.54
C GLU H 181 57.60 33.94 23.33
N LEU H 182 56.43 33.56 22.81
CA LEU H 182 55.38 34.54 22.55
C LEU H 182 54.81 35.10 23.86
N VAL H 183 54.66 34.27 24.89
CA VAL H 183 54.14 34.78 26.14
C VAL H 183 55.15 35.73 26.78
N LYS H 184 56.44 35.40 26.68
CA LYS H 184 57.49 36.32 27.08
C LYS H 184 57.38 37.65 26.34
N PHE H 185 57.22 37.61 25.02
CA PHE H 185 57.06 38.84 24.26
C PHE H 185 55.88 39.66 24.75
N MET H 186 54.78 39.00 25.11
CA MET H 186 53.62 39.74 25.58
C MET H 186 53.91 40.45 26.90
N CYS H 187 54.86 39.96 27.69
CA CYS H 187 55.20 40.62 28.94
C CYS H 187 56.03 41.89 28.72
N ALA H 188 56.44 42.16 27.49
CA ALA H 188 57.10 43.43 27.18
C ALA H 188 56.13 44.59 27.20
N TYR H 189 54.82 44.34 27.06
CA TYR H 189 53.82 45.37 27.17
C TYR H 189 53.56 45.72 28.63
N ASP H 190 53.34 47.01 28.90
CA ASP H 190 52.87 47.43 30.22
C ASP H 190 51.43 47.01 30.47
N ILE H 191 50.64 46.90 29.40
CA ILE H 191 49.25 46.48 29.50
C ILE H 191 49.02 45.38 28.45
N ALA H 192 48.44 44.27 28.89
CA ALA H 192 47.98 43.20 28.01
C ALA H 192 46.45 43.20 28.11
N GLY H 193 45.79 43.74 27.10
CA GLY H 193 44.34 43.86 27.08
C GLY H 193 43.71 42.76 26.25
N PHE H 194 42.56 42.30 26.71
CA PHE H 194 41.83 41.23 26.07
C PHE H 194 40.36 41.63 25.99
N GLN H 195 39.63 40.89 25.15
CA GLN H 195 38.21 41.13 24.96
C GLN H 195 37.41 40.77 26.21
N THR H 196 37.70 39.61 26.80
CA THR H 196 36.86 39.08 27.86
C THR H 196 37.73 38.65 29.04
N ASP H 197 37.05 38.47 30.18
CA ASP H 197 37.74 37.98 31.37
C ASP H 197 38.32 36.59 31.12
N ALA H 198 37.58 35.72 30.42
CA ALA H 198 38.06 34.38 30.12
C ALA H 198 39.36 34.41 29.34
N ASP H 199 39.48 35.32 28.37
CA ASP H 199 40.73 35.44 27.63
C ASP H 199 41.86 35.86 28.58
N LYS H 200 41.62 36.88 29.41
CA LYS H 200 42.69 37.33 30.30
C LYS H 200 43.05 36.25 31.32
N ARG H 201 42.07 35.50 31.80
CA ARG H 201 42.35 34.40 32.72
C ARG H 201 43.18 33.30 32.04
N ALA H 202 42.92 33.04 30.76
CA ALA H 202 43.72 32.09 30.01
C ALA H 202 45.18 32.52 29.96
N PHE H 203 45.42 33.81 29.71
CA PHE H 203 46.78 34.32 29.75
C PHE H 203 47.39 34.17 31.15
N SER H 204 46.60 34.50 32.18
CA SER H 204 47.07 34.39 33.57
C SER H 204 47.33 32.94 33.94
N ASP H 205 46.49 32.02 33.45
CA ASP H 205 46.66 30.60 33.73
C ASP H 205 47.98 30.09 33.18
N TYR H 206 48.34 30.49 31.96
CA TYR H 206 49.62 30.07 31.39
C TYR H 206 50.78 30.49 32.27
N ILE H 207 50.83 31.77 32.62
CA ILE H 207 51.98 32.29 33.35
C ILE H 207 52.04 31.72 34.77
N GLU H 208 50.89 31.64 35.46
CA GLU H 208 50.89 31.17 36.83
C GLU H 208 51.10 29.66 36.91
N ARG H 209 50.33 28.90 36.13
CA ARG H 209 50.38 27.45 36.32
C ARG H 209 51.66 26.82 35.79
N ARG H 210 52.40 27.52 34.94
CA ARG H 210 53.68 27.03 34.46
C ARG H 210 54.86 27.60 35.26
N GLY H 211 54.60 28.25 36.39
CA GLY H 211 55.68 28.76 37.22
C GLY H 211 56.48 29.88 36.60
N ILE H 212 55.90 30.60 35.65
CA ILE H 212 56.63 31.68 34.98
C ILE H 212 56.56 32.96 35.80
N GLY H 213 55.45 33.18 36.50
CA GLY H 213 55.33 34.38 37.28
C GLY H 213 54.21 34.29 38.30
N THR H 214 54.06 35.40 39.03
CA THR H 214 53.18 35.53 40.18
C THR H 214 52.35 36.80 40.05
N ALA H 215 51.13 36.77 40.58
CA ALA H 215 50.29 37.96 40.66
C ALA H 215 50.34 38.56 42.05
N SER H 216 50.45 39.89 42.11
CA SER H 216 50.37 40.62 43.36
C SER H 216 48.93 41.06 43.60
N ASP H 217 48.65 41.48 44.83
CA ASP H 217 47.28 41.75 45.27
C ASP H 217 46.57 42.79 44.42
N ASP H 218 47.30 43.69 43.76
CA ASP H 218 46.65 44.65 42.91
C ASP H 218 46.22 44.08 41.56
N GLY H 219 46.64 42.85 41.23
CA GLY H 219 46.30 42.21 39.97
C GLY H 219 47.38 42.27 38.91
N MET H 220 48.47 42.97 39.17
CA MET H 220 49.60 42.99 38.25
C MET H 220 50.28 41.63 38.24
N LEU H 221 50.77 41.23 37.07
CA LEU H 221 51.48 39.97 36.93
C LEU H 221 52.98 40.25 36.88
N HIS H 222 53.74 39.49 37.64
CA HIS H 222 55.18 39.63 37.71
C HIS H 222 55.80 38.43 37.02
N ALA H 223 56.39 38.65 35.86
CA ALA H 223 56.93 37.55 35.06
C ALA H 223 58.01 38.08 34.14
N HIS H 224 58.99 37.23 33.86
CA HIS H 224 60.11 37.56 32.99
C HIS H 224 60.77 38.87 33.42
N GLY H 225 60.89 39.07 34.73
CA GLY H 225 61.52 40.27 35.22
C GLY H 225 60.75 41.56 34.99
N ARG H 226 59.47 41.49 34.63
CA ARG H 226 58.64 42.68 34.45
C ARG H 226 57.34 42.56 35.23
N VAL H 227 56.61 43.66 35.28
CA VAL H 227 55.29 43.73 35.89
C VAL H 227 54.30 44.09 34.80
N VAL H 228 53.23 43.31 34.65
CA VAL H 228 52.30 43.48 33.53
C VAL H 228 50.89 43.64 34.08
N LYS H 229 50.20 44.69 33.63
CA LYS H 229 48.78 44.84 33.89
C LYS H 229 48.02 43.98 32.88
N VAL H 230 47.18 43.08 33.39
CA VAL H 230 46.37 42.19 32.57
C VAL H 230 44.92 42.59 32.78
N ALA H 231 44.23 42.94 31.70
CA ALA H 231 42.88 43.44 31.87
C ALA H 231 42.03 43.14 30.65
N ALA H 232 40.73 43.27 30.85
CA ALA H 232 39.71 43.06 29.83
C ALA H 232 39.11 44.39 29.44
N TYR H 233 38.96 44.62 28.13
CA TYR H 233 38.32 45.82 27.59
C TYR H 233 37.39 45.39 26.47
N PRO H 234 36.22 44.84 26.80
CA PRO H 234 35.33 44.31 25.76
C PRO H 234 34.84 45.40 24.83
N ILE H 235 34.99 45.18 23.53
CA ILE H 235 34.65 46.19 22.55
C ILE H 235 33.14 46.25 22.37
N GLY H 236 32.60 47.47 22.40
CA GLY H 236 31.19 47.72 22.20
C GLY H 236 30.92 48.50 20.93
N VAL H 237 29.75 49.13 20.88
CA VAL H 237 29.31 49.89 19.71
C VAL H 237 28.71 51.21 20.18
N TYR H 238 28.25 52.01 19.21
CA TYR H 238 27.51 53.22 19.47
C TYR H 238 26.05 52.93 19.14
N PRO H 239 25.30 52.34 20.07
CA PRO H 239 23.96 51.83 19.71
C PRO H 239 23.01 52.90 19.22
N ASP H 240 23.11 54.12 19.75
CA ASP H 240 22.19 55.17 19.31
C ASP H 240 22.50 55.63 17.89
N ALA H 241 23.78 55.68 17.53
CA ALA H 241 24.15 56.06 16.17
C ALA H 241 23.72 55.01 15.15
N ILE H 242 23.92 53.73 15.49
CA ILE H 242 23.52 52.63 14.61
C ILE H 242 22.01 52.68 14.38
N ALA H 243 21.24 53.00 15.43
CA ALA H 243 19.79 53.04 15.30
C ALA H 243 19.34 54.11 14.30
N GLU H 244 19.92 55.31 14.38
CA GLU H 244 19.56 56.36 13.46
C GLU H 244 19.90 55.97 12.02
N ALA H 245 21.06 55.33 11.83
CA ALA H 245 21.45 54.91 10.49
C ALA H 245 20.49 53.87 9.92
N ALA H 246 20.02 52.95 10.77
CA ALA H 246 19.09 51.92 10.30
C ALA H 246 17.79 52.55 9.82
N VAL H 247 17.35 53.61 10.48
CA VAL H 247 16.18 54.35 10.01
C VAL H 247 16.52 55.20 8.80
N GLN H 248 17.68 55.88 8.84
CA GLN H 248 18.07 56.78 7.76
C GLN H 248 18.25 56.05 6.45
N TYR H 249 18.70 54.80 6.49
CA TYR H 249 18.95 54.03 5.27
C TYR H 249 17.78 53.12 4.92
N GLY H 250 16.67 53.21 5.65
CA GLY H 250 15.54 52.34 5.43
C GLY H 250 14.89 52.50 4.06
N GLY H 251 15.22 53.57 3.34
CA GLY H 251 14.65 53.80 2.03
C GLY H 251 15.59 53.64 0.87
N ARG H 252 16.81 53.14 1.09
CA ARG H 252 17.73 52.89 -0.01
C ARG H 252 17.22 51.76 -0.89
N LYS H 253 17.64 51.78 -2.16
CA LYS H 253 17.19 50.79 -3.13
C LYS H 253 17.47 49.35 -2.69
N PRO H 254 18.66 48.99 -2.21
CA PRO H 254 18.87 47.59 -1.77
C PRO H 254 17.90 47.14 -0.68
N VAL H 255 17.47 48.06 0.19
CA VAL H 255 16.55 47.67 1.27
C VAL H 255 15.15 47.38 0.72
N LYS H 256 14.64 48.25 -0.16
CA LYS H 256 13.31 48.02 -0.73
C LYS H 256 13.27 46.73 -1.54
N MET H 257 14.35 46.41 -2.24
CA MET H 257 14.40 45.17 -2.99
C MET H 257 14.18 43.98 -2.07
N LEU H 258 14.84 43.98 -0.92
CA LEU H 258 14.69 42.87 0.02
C LEU H 258 13.27 42.81 0.55
N ARG H 259 12.72 43.95 0.96
CA ARG H 259 11.36 43.99 1.48
C ARG H 259 10.37 43.42 0.48
N ASP H 260 10.40 43.93 -0.75
CA ASP H 260 9.44 43.50 -1.76
C ASP H 260 9.63 42.03 -2.10
N ALA H 261 10.88 41.56 -2.13
CA ALA H 261 11.13 40.16 -2.46
C ALA H 261 10.61 39.24 -1.38
N LEU H 262 10.73 39.65 -0.12
CA LEU H 262 10.26 38.81 0.98
C LEU H 262 8.74 38.63 0.91
N GLY H 263 8.01 39.70 0.58
CA GLY H 263 6.58 39.66 0.44
C GLY H 263 5.86 39.04 1.63
N GLY H 264 6.14 39.53 2.84
CA GLY H 264 5.47 39.05 4.03
C GLY H 264 6.17 37.91 4.75
N ARG H 265 7.07 37.19 4.07
CA ARG H 265 7.85 36.14 4.73
C ARG H 265 8.71 36.73 5.84
N LYS H 266 8.94 35.93 6.88
CA LYS H 266 9.87 36.36 7.92
C LYS H 266 11.30 36.26 7.42
N LEU H 267 12.17 37.08 7.99
CA LEU H 267 13.53 37.25 7.51
C LEU H 267 14.52 36.90 8.62
N VAL H 268 15.41 35.95 8.32
CA VAL H 268 16.54 35.62 9.17
C VAL H 268 17.79 36.19 8.52
N MET H 269 18.53 37.01 9.26
CA MET H 269 19.66 37.76 8.73
C MET H 269 20.96 37.27 9.38
N SER H 270 22.00 37.10 8.58
CA SER H 270 23.34 36.77 9.03
C SER H 270 24.33 37.59 8.21
N VAL H 271 25.37 38.11 8.86
CA VAL H 271 26.48 38.74 8.14
C VAL H 271 27.78 38.24 8.76
N ASP H 272 28.64 37.63 7.95
CA ASP H 272 29.88 37.03 8.42
C ASP H 272 30.91 37.08 7.31
N ARG H 273 32.15 37.39 7.66
CA ARG H 273 33.24 37.00 6.79
C ARG H 273 33.20 35.49 6.61
N LEU H 274 33.60 35.01 5.43
CA LEU H 274 33.59 33.57 5.15
C LEU H 274 34.82 32.93 5.82
N ASP H 275 34.78 32.93 7.16
CA ASP H 275 35.82 32.37 8.00
C ASP H 275 35.32 31.07 8.60
N TYR H 276 36.21 30.09 8.75
CA TYR H 276 35.79 28.86 9.43
C TYR H 276 35.46 29.09 10.90
N SER H 277 35.85 30.22 11.47
CA SER H 277 35.48 30.47 12.87
C SER H 277 34.00 30.76 13.01
N LYS H 278 33.31 31.11 11.92
CA LYS H 278 31.96 31.65 12.01
C LYS H 278 30.89 30.55 12.00
N GLY H 279 31.26 29.29 11.87
CA GLY H 279 30.31 28.19 11.92
C GLY H 279 29.23 28.22 10.85
N LEU H 280 29.57 28.62 9.63
CA LEU H 280 28.53 28.83 8.61
C LEU H 280 27.87 27.51 8.19
N VAL H 281 28.61 26.41 8.16
CA VAL H 281 28.04 25.12 7.80
C VAL H 281 27.01 24.68 8.82
N GLU H 282 27.36 24.70 10.11
CA GLU H 282 26.40 24.35 11.16
C GLU H 282 25.18 25.27 11.09
N ARG H 283 25.38 26.53 10.77
CA ARG H 283 24.28 27.46 10.67
C ARG H 283 23.31 27.06 9.56
N PHE H 284 23.85 26.75 8.39
CA PHE H 284 23.00 26.35 7.27
C PHE H 284 22.26 25.06 7.58
N GLN H 285 22.98 24.06 8.10
CA GLN H 285 22.38 22.78 8.42
C GLN H 285 21.31 22.89 9.50
N SER H 286 21.46 23.84 10.43
CA SER H 286 20.45 24.03 11.46
C SER H 286 19.17 24.64 10.88
N PHE H 287 19.31 25.57 9.94
CA PHE H 287 18.14 26.11 9.25
C PHE H 287 17.44 25.00 8.46
N GLU H 288 18.22 24.14 7.78
CA GLU H 288 17.63 22.97 7.10
C GLU H 288 16.82 22.11 8.06
N ARG H 289 17.42 21.77 9.20
CA ARG H 289 16.78 20.88 10.15
C ARG H 289 15.51 21.49 10.72
N MET H 290 15.45 22.82 10.82
CA MET H 290 14.21 23.43 11.30
C MET H 290 13.10 23.29 10.27
N LEU H 291 13.40 23.53 9.00
CA LEU H 291 12.41 23.39 7.94
C LEU H 291 11.91 21.95 7.84
N ALA H 292 12.80 20.97 8.02
CA ALA H 292 12.38 19.58 8.00
C ALA H 292 11.50 19.28 9.22
N GLY H 293 11.84 19.85 10.39
CA GLY H 293 11.07 19.55 11.57
C GLY H 293 9.79 20.36 11.71
N ALA H 294 9.70 21.50 11.03
CA ALA H 294 8.51 22.36 11.06
C ALA H 294 8.16 22.74 9.64
N PRO H 295 7.61 21.80 8.86
CA PRO H 295 7.40 22.04 7.42
C PRO H 295 6.49 23.22 7.13
N ASP H 296 5.66 23.64 8.09
CA ASP H 296 4.81 24.81 7.90
C ASP H 296 5.60 26.09 7.73
N TRP H 297 6.88 26.11 8.11
CA TRP H 297 7.71 27.27 7.85
C TRP H 297 8.18 27.34 6.39
N GLN H 298 8.14 26.23 5.67
CA GLN H 298 8.62 26.24 4.29
C GLN H 298 7.78 27.19 3.45
N GLY H 299 8.47 28.10 2.76
CA GLY H 299 7.84 29.15 1.97
C GLY H 299 7.40 30.38 2.75
N ARG H 300 7.46 30.36 4.08
CA ARG H 300 6.99 31.48 4.89
C ARG H 300 8.11 32.19 5.62
N VAL H 301 9.35 31.68 5.54
CA VAL H 301 10.51 32.32 6.15
C VAL H 301 11.68 32.18 5.18
N SER H 302 12.56 33.19 5.17
CA SER H 302 13.75 33.16 4.32
C SER H 302 15.00 33.52 5.13
N PHE H 303 16.07 32.77 4.90
CA PHE H 303 17.34 32.99 5.54
C PHE H 303 18.28 33.69 4.57
N VAL H 304 18.65 34.93 4.88
CA VAL H 304 19.61 35.72 4.11
C VAL H 304 20.96 35.67 4.82
N GLN H 305 21.99 35.16 4.12
CA GLN H 305 23.37 35.11 4.62
C GLN H 305 24.24 35.95 3.71
N ILE H 306 24.69 37.09 4.22
CA ILE H 306 25.69 37.89 3.54
C ILE H 306 27.05 37.43 4.03
N ALA H 307 27.90 36.98 3.10
CA ALA H 307 29.16 36.34 3.44
C ALA H 307 30.23 36.77 2.47
N PRO H 308 30.82 37.95 2.67
CA PRO H 308 31.91 38.41 1.80
C PRO H 308 33.14 37.53 1.99
N PRO H 309 33.85 37.23 0.92
CA PRO H 309 35.03 36.37 1.04
C PRO H 309 36.16 37.04 1.82
N THR H 310 37.01 36.21 2.40
CA THR H 310 38.12 36.69 3.20
C THR H 310 39.23 35.67 3.09
N ARG H 311 40.47 36.16 2.99
CA ARG H 311 41.66 35.30 2.97
C ARG H 311 41.52 34.16 1.96
N SER H 312 41.11 34.52 0.74
CA SER H 312 40.89 33.51 -0.29
C SER H 312 42.16 32.78 -0.69
N ASP H 313 43.33 33.38 -0.46
CA ASP H 313 44.59 32.78 -0.85
C ASP H 313 45.17 31.86 0.24
N VAL H 314 44.42 31.59 1.30
CA VAL H 314 44.79 30.60 2.31
C VAL H 314 43.99 29.34 2.00
N GLN H 315 44.69 28.22 1.81
CA GLN H 315 44.02 26.99 1.36
C GLN H 315 42.92 26.58 2.33
N THR H 316 43.14 26.82 3.63
CA THR H 316 42.15 26.47 4.64
C THR H 316 40.83 27.19 4.43
N TYR H 317 40.87 28.42 3.92
CA TYR H 317 39.65 29.15 3.63
C TYR H 317 38.98 28.65 2.35
N GLN H 318 39.77 28.10 1.43
CA GLN H 318 39.18 27.56 0.21
C GLN H 318 38.33 26.33 0.51
N ARG H 319 38.79 25.49 1.44
CA ARG H 319 38.03 24.29 1.78
C ARG H 319 36.71 24.64 2.44
N ILE H 320 36.70 25.59 3.39
CA ILE H 320 35.47 25.91 4.09
C ILE H 320 34.44 26.50 3.13
N ARG H 321 34.90 27.29 2.15
CA ARG H 321 33.98 27.88 1.19
C ARG H 321 33.36 26.82 0.28
N GLU H 322 34.15 25.86 -0.21
CA GLU H 322 33.56 24.84 -1.08
C GLU H 322 32.49 24.05 -0.34
N THR H 323 32.75 23.73 0.93
CA THR H 323 31.79 23.00 1.76
C THR H 323 30.51 23.81 1.94
N LEU H 324 30.63 25.13 2.16
CA LEU H 324 29.45 25.95 2.35
C LEU H 324 28.64 26.10 1.06
N GLU H 325 29.33 26.26 -0.07
CA GLU H 325 28.63 26.34 -1.35
C GLU H 325 27.84 25.08 -1.62
N ARG H 326 28.45 23.92 -1.35
CA ARG H 326 27.75 22.64 -1.56
C ARG H 326 26.51 22.52 -0.69
N GLU H 327 26.62 22.93 0.58
CA GLU H 327 25.48 22.84 1.50
C GLU H 327 24.35 23.78 1.08
N ALA H 328 24.70 24.98 0.62
CA ALA H 328 23.69 25.90 0.10
C ALA H 328 22.97 25.28 -1.10
N GLY H 329 23.73 24.73 -2.04
CA GLY H 329 23.12 24.11 -3.20
C GLY H 329 22.26 22.92 -2.82
N ARG H 330 22.75 22.08 -1.89
CA ARG H 330 21.99 20.91 -1.46
C ARG H 330 20.71 21.31 -0.76
N ILE H 331 20.80 22.25 0.18
CA ILE H 331 19.65 22.59 1.00
C ILE H 331 18.59 23.29 0.15
N ASN H 332 19.00 24.24 -0.69
CA ASN H 332 18.04 24.89 -1.58
C ASN H 332 17.38 23.89 -2.51
N GLY H 333 18.18 22.98 -3.09
CA GLY H 333 17.61 21.94 -3.94
C GLY H 333 16.59 21.08 -3.24
N ARG H 334 16.78 20.85 -1.94
CA ARG H 334 15.84 20.01 -1.19
C ARG H 334 14.52 20.72 -0.96
N PHE H 335 14.55 22.00 -0.59
CA PHE H 335 13.37 22.67 -0.09
C PHE H 335 12.84 23.79 -0.98
N ALA H 336 13.59 24.22 -2.01
CA ALA H 336 13.12 25.36 -2.79
C ALA H 336 11.79 25.05 -3.44
N GLN H 337 10.98 26.09 -3.58
CA GLN H 337 9.78 26.05 -4.39
C GLN H 337 9.97 27.04 -5.53
N LEU H 338 9.03 27.03 -6.50
CA LEU H 338 9.25 27.83 -7.70
C LEU H 338 9.31 29.33 -7.41
N ASP H 339 8.84 29.76 -6.25
CA ASP H 339 8.91 31.17 -5.90
C ASP H 339 9.64 31.39 -4.58
N TRP H 340 10.51 30.47 -4.19
CA TRP H 340 11.13 30.56 -2.87
C TRP H 340 12.53 29.94 -2.87
N THR H 341 13.53 30.77 -2.61
CA THR H 341 14.89 30.30 -2.36
C THR H 341 15.08 30.23 -0.85
N PRO H 342 15.25 29.04 -0.26
CA PRO H 342 15.33 28.96 1.21
C PRO H 342 16.47 29.76 1.81
N ILE H 343 17.70 29.57 1.34
CA ILE H 343 18.87 30.31 1.82
C ILE H 343 19.38 31.16 0.67
N GLN H 344 19.28 32.48 0.82
CA GLN H 344 19.86 33.43 -0.12
C GLN H 344 21.30 33.70 0.30
N TYR H 345 22.25 33.11 -0.42
CA TYR H 345 23.68 33.17 -0.10
C TYR H 345 24.32 34.19 -1.03
N LEU H 346 24.88 35.24 -0.44
CA LEU H 346 25.41 36.36 -1.21
C LEU H 346 26.85 36.62 -0.81
N ASN H 347 27.75 36.58 -1.78
CA ASN H 347 29.16 36.88 -1.55
C ASN H 347 29.50 38.36 -1.69
N ARG H 348 28.49 39.22 -1.78
CA ARG H 348 28.72 40.66 -1.88
C ARG H 348 28.99 41.29 -0.50
N LYS H 349 29.71 42.40 -0.51
CA LYS H 349 29.84 43.27 0.65
C LYS H 349 28.91 44.47 0.49
N TYR H 350 28.26 44.87 1.57
CA TYR H 350 27.34 46.01 1.57
C TYR H 350 27.82 47.07 2.53
N GLU H 351 27.46 48.33 2.23
CA GLU H 351 27.71 49.42 3.15
C GLU H 351 27.13 49.11 4.51
N ARG H 352 27.91 49.43 5.57
CA ARG H 352 27.52 49.08 6.93
C ARG H 352 26.15 49.66 7.28
N ASN H 353 25.85 50.86 6.76
CA ASN H 353 24.57 51.47 7.06
C ASN H 353 23.42 50.68 6.44
N LEU H 354 23.63 50.09 5.26
CA LEU H 354 22.60 49.24 4.69
C LEU H 354 22.37 48.01 5.57
N LEU H 355 23.46 47.39 6.05
CA LEU H 355 23.34 46.21 6.90
C LEU H 355 22.45 46.49 8.11
N MET H 356 22.60 47.66 8.71
CA MET H 356 21.76 47.98 9.85
C MET H 356 20.29 48.01 9.43
N ALA H 357 19.99 48.61 8.28
CA ALA H 357 18.62 48.61 7.79
C ALA H 357 18.12 47.21 7.50
N PHE H 358 19.00 46.31 7.01
CA PHE H 358 18.61 44.92 6.85
C PHE H 358 18.28 44.29 8.21
N PHE H 359 19.13 44.54 9.21
CA PHE H 359 18.92 44.00 10.54
C PHE H 359 17.57 44.43 11.11
N ARG H 360 17.28 45.73 11.04
CA ARG H 360 16.04 46.25 11.59
C ARG H 360 14.83 45.58 10.94
N MET H 361 14.89 45.36 9.62
CA MET H 361 13.80 44.73 8.91
C MET H 361 13.58 43.29 9.37
N SER H 362 14.64 42.59 9.70
CA SER H 362 14.55 41.16 9.97
C SER H 362 13.88 40.88 11.32
N GLN H 363 13.36 39.66 11.43
CA GLN H 363 12.77 39.18 12.68
C GLN H 363 13.76 38.40 13.55
N VAL H 364 14.81 37.82 12.97
CA VAL H 364 15.77 37.02 13.73
C VAL H 364 17.18 37.40 13.27
N GLY H 365 18.08 37.58 14.22
CA GLY H 365 19.51 37.67 13.95
C GLY H 365 20.21 36.37 14.31
N TYR H 366 21.05 35.91 13.40
CA TYR H 366 21.59 34.55 13.44
C TYR H 366 23.12 34.63 13.42
N VAL H 367 23.72 34.59 14.61
CA VAL H 367 25.14 34.87 14.79
C VAL H 367 25.70 33.73 15.63
N THR H 368 26.29 32.71 14.97
CA THR H 368 26.66 31.46 15.63
C THR H 368 28.12 31.06 15.37
N PRO H 369 29.09 31.93 15.66
CA PRO H 369 30.49 31.54 15.41
C PRO H 369 30.88 30.37 16.30
N LEU H 370 31.78 29.52 15.77
CA LEU H 370 32.33 28.45 16.61
C LEU H 370 33.31 29.01 17.64
N ARG H 371 33.84 30.22 17.38
CA ARG H 371 34.68 30.94 18.32
CA ARG H 371 34.68 30.95 18.32
C ARG H 371 34.94 32.34 17.77
N ASP H 372 34.79 33.37 18.61
CA ASP H 372 34.90 34.76 18.19
C ASP H 372 35.35 35.61 19.37
N GLY H 373 36.35 36.45 19.14
CA GLY H 373 36.83 37.32 20.20
C GLY H 373 35.72 38.12 20.84
N MET H 374 34.87 38.73 20.00
CA MET H 374 33.70 39.45 20.49
C MET H 374 32.51 39.24 19.55
N ASN H 375 32.66 39.65 18.28
CA ASN H 375 31.64 39.69 17.21
C ASN H 375 30.73 40.90 17.34
N LEU H 376 31.02 41.95 16.57
CA LEU H 376 30.24 43.17 16.66
C LEU H 376 28.89 43.06 15.95
N VAL H 377 28.77 42.17 14.95
CA VAL H 377 27.50 41.93 14.27
C VAL H 377 26.40 41.62 15.27
N ALA H 378 26.69 40.78 16.26
CA ALA H 378 25.71 40.51 17.31
C ALA H 378 25.28 41.79 18.02
N LYS H 379 26.24 42.67 18.33
CA LYS H 379 25.88 43.93 18.99
C LYS H 379 25.24 44.90 18.01
N GLU H 380 25.77 44.94 16.77
CA GLU H 380 25.18 45.78 15.73
C GLU H 380 23.76 45.34 15.42
N TYR H 381 23.49 44.03 15.47
CA TYR H 381 22.12 43.57 15.21
C TYR H 381 21.17 44.14 16.24
N VAL H 382 21.55 44.05 17.52
CA VAL H 382 20.71 44.57 18.59
C VAL H 382 20.47 46.06 18.41
N ALA H 383 21.53 46.80 18.10
CA ALA H 383 21.44 48.26 17.99
C ALA H 383 20.57 48.71 16.84
N SER H 384 20.36 47.85 15.83
CA SER H 384 19.56 48.24 14.67
C SER H 384 18.06 48.14 14.92
N GLN H 385 17.63 47.41 15.95
CA GLN H 385 16.23 47.05 16.08
C GLN H 385 15.37 48.26 16.49
N ASP H 386 14.12 48.23 16.04
CA ASP H 386 13.09 49.15 16.51
C ASP H 386 12.45 48.61 17.78
N PRO H 387 12.49 49.34 18.90
CA PRO H 387 11.89 48.81 20.16
C PRO H 387 10.41 48.53 20.10
N ALA H 388 9.68 49.11 19.13
CA ALA H 388 8.26 48.82 18.99
C ALA H 388 7.99 47.45 18.38
N ASP H 389 8.97 46.88 17.66
CA ASP H 389 8.77 45.55 17.07
C ASP H 389 10.15 44.94 16.83
N PRO H 390 10.86 44.56 17.89
CA PRO H 390 12.27 44.15 17.74
C PRO H 390 12.45 42.66 17.45
N GLY H 391 13.50 42.37 16.69
CA GLY H 391 13.87 41.01 16.39
C GLY H 391 14.56 40.32 17.56
N VAL H 392 14.84 39.03 17.36
CA VAL H 392 15.46 38.16 18.37
C VAL H 392 16.85 37.82 17.88
N LEU H 393 17.82 37.84 18.80
CA LEU H 393 19.21 37.49 18.51
C LEU H 393 19.46 36.04 18.93
N VAL H 394 19.85 35.20 17.96
CA VAL H 394 20.31 33.85 18.25
C VAL H 394 21.83 33.89 18.21
N LEU H 395 22.47 33.61 19.35
CA LEU H 395 23.88 33.92 19.52
C LEU H 395 24.63 32.71 20.08
N SER H 396 25.79 32.44 19.50
CA SER H 396 26.66 31.37 19.98
C SER H 396 27.27 31.73 21.35
N GLU H 397 27.27 30.76 22.25
CA GLU H 397 27.92 30.94 23.55
C GLU H 397 29.43 30.99 23.44
N PHE H 398 30.00 30.75 22.25
CA PHE H 398 31.44 30.80 22.03
C PHE H 398 31.92 32.13 21.45
N ALA H 399 31.03 33.10 21.28
CA ALA H 399 31.42 34.46 20.96
C ALA H 399 31.64 35.26 22.24
N GLY H 400 32.66 36.13 22.21
CA GLY H 400 32.90 37.00 23.35
C GLY H 400 31.69 37.83 23.72
N ALA H 401 30.88 38.22 22.74
CA ALA H 401 29.69 39.02 23.01
C ALA H 401 28.68 38.27 23.86
N ALA H 402 28.76 36.93 23.89
CA ALA H 402 27.80 36.15 24.67
C ALA H 402 27.89 36.49 26.15
N ALA H 403 29.06 36.95 26.62
CA ALA H 403 29.24 37.31 28.02
C ALA H 403 28.48 38.58 28.41
N GLU H 404 28.08 39.40 27.45
CA GLU H 404 27.33 40.64 27.74
C GLU H 404 25.89 40.61 27.28
N LEU H 405 25.57 39.91 26.18
CA LEU H 405 24.23 39.96 25.60
C LEU H 405 23.38 38.83 26.19
N GLY H 406 23.02 39.02 27.48
CA GLY H 406 22.24 38.03 28.20
C GLY H 406 20.82 37.89 27.69
N GLY H 407 20.30 38.88 26.98
CA GLY H 407 18.97 38.81 26.39
C GLY H 407 18.85 37.95 25.16
N ALA H 408 19.96 37.48 24.60
CA ALA H 408 19.94 36.62 23.43
C ALA H 408 19.46 35.21 23.78
N LEU H 409 19.00 34.50 22.76
CA LEU H 409 18.80 33.06 22.84
C LEU H 409 20.16 32.41 22.59
N LEU H 410 20.79 31.93 23.66
CA LEU H 410 22.13 31.35 23.56
C LEU H 410 22.04 29.90 23.12
N VAL H 411 22.89 29.53 22.16
CA VAL H 411 22.92 28.17 21.63
C VAL H 411 24.35 27.66 21.53
N ASN H 412 24.47 26.34 21.58
CA ASN H 412 25.71 25.67 21.26
C ASN H 412 25.68 25.26 19.78
N PRO H 413 26.51 25.84 18.92
CA PRO H 413 26.42 25.53 17.49
C PRO H 413 26.75 24.09 17.15
N TYR H 414 27.28 23.32 18.10
CA TYR H 414 27.48 21.90 17.86
C TYR H 414 26.22 21.07 18.09
N ASP H 415 25.13 21.68 18.51
CA ASP H 415 23.87 20.98 18.73
C ASP H 415 22.90 21.55 17.71
N HIS H 416 22.81 20.88 16.53
CA HIS H 416 21.97 21.41 15.46
C HIS H 416 20.51 21.50 15.89
N ALA H 417 20.04 20.51 16.64
CA ALA H 417 18.64 20.52 17.05
C ALA H 417 18.32 21.74 17.90
N GLN H 418 19.21 22.10 18.84
CA GLN H 418 19.00 23.28 19.67
C GLN H 418 18.95 24.55 18.83
N MET H 419 19.85 24.68 17.85
CA MET H 419 19.84 25.87 17.00
C MET H 419 18.54 25.98 16.21
N ALA H 420 18.02 24.86 15.72
CA ALA H 420 16.75 24.89 15.00
C ALA H 420 15.61 25.28 15.94
N ASP H 421 15.60 24.72 17.16
CA ASP H 421 14.57 25.07 18.14
C ASP H 421 14.63 26.55 18.48
N ALA H 422 15.84 27.11 18.62
CA ALA H 422 15.97 28.54 18.93
C ALA H 422 15.48 29.41 17.79
N LEU H 423 15.81 29.05 16.54
CA LEU H 423 15.29 29.79 15.40
C LEU H 423 13.77 29.77 15.38
N ALA H 424 13.19 28.58 15.57
CA ALA H 424 11.73 28.47 15.61
C ALA H 424 11.15 29.30 16.76
N ARG H 425 11.78 29.22 17.94
CA ARG H 425 11.32 30.02 19.07
C ARG H 425 11.42 31.51 18.79
N ALA H 426 12.51 31.92 18.16
CA ALA H 426 12.67 33.34 17.80
C ALA H 426 11.60 33.78 16.82
N LEU H 427 11.25 32.92 15.84
CA LEU H 427 10.29 33.31 14.82
C LEU H 427 8.87 33.47 15.37
N ALA H 428 8.55 32.80 16.46
CA ALA H 428 7.21 32.84 17.04
C ALA H 428 7.16 33.62 18.34
N MET H 429 8.24 34.27 18.73
CA MET H 429 8.31 34.86 20.06
C MET H 429 7.37 36.04 20.17
N PRO H 430 6.51 36.08 21.20
CA PRO H 430 5.58 37.20 21.36
C PRO H 430 6.30 38.53 21.59
N LEU H 431 5.58 39.61 21.26
CA LEU H 431 6.16 40.95 21.33
C LEU H 431 6.70 41.27 22.73
N ALA H 432 5.99 40.85 23.78
CA ALA H 432 6.39 41.24 25.13
C ALA H 432 7.76 40.69 25.49
N GLU H 433 8.00 39.41 25.23
CA GLU H 433 9.31 38.85 25.52
C GLU H 433 10.39 39.42 24.61
N ARG H 434 10.06 39.68 23.35
CA ARG H 434 11.03 40.30 22.45
C ARG H 434 11.45 41.67 22.96
N GLN H 435 10.51 42.44 23.49
CA GLN H 435 10.85 43.74 24.05
C GLN H 435 11.66 43.61 25.33
N ALA H 436 11.34 42.61 26.16
CA ALA H 436 12.10 42.41 27.40
C ALA H 436 13.54 42.05 27.12
N ARG H 437 13.75 41.08 26.21
CA ARG H 437 15.11 40.66 25.87
C ARG H 437 15.89 41.79 25.21
N HIS H 438 15.23 42.54 24.33
CA HIS H 438 15.89 43.62 23.62
C HIS H 438 16.33 44.74 24.56
N GLU H 439 15.46 45.14 25.50
CA GLU H 439 15.82 46.21 26.42
C GLU H 439 16.99 45.83 27.30
N GLU H 440 17.06 44.55 27.68
CA GLU H 440 18.19 44.07 28.48
C GLU H 440 19.50 44.23 27.72
N ASN H 441 19.53 43.79 26.45
CA ASN H 441 20.75 43.89 25.63
C ASN H 441 21.10 45.33 25.28
N LEU H 442 20.09 46.16 24.97
CA LEU H 442 20.36 47.55 24.63
C LEU H 442 21.00 48.27 25.81
N ALA H 443 20.49 48.00 27.02
CA ALA H 443 21.07 48.60 28.21
C ALA H 443 22.54 48.24 28.36
N GLN H 444 22.90 47.00 28.00
CA GLN H 444 24.29 46.57 28.05
C GLN H 444 25.16 47.34 27.06
N LEU H 445 24.68 47.50 25.82
CA LEU H 445 25.48 48.19 24.82
C LEU H 445 25.74 49.63 25.24
N ARG H 446 24.75 50.27 25.84
CA ARG H 446 24.91 51.65 26.31
C ARG H 446 25.84 51.68 27.51
N ASN H 447 25.75 50.68 28.38
CA ASN H 447 26.63 50.59 29.54
C ASN H 447 28.09 50.44 29.13
N ASN H 448 28.36 49.77 28.00
CA ASN H 448 29.72 49.51 27.54
C ASN H 448 29.85 49.88 26.05
N ASP H 449 29.64 51.16 25.75
CA ASP H 449 29.75 51.59 24.36
C ASP H 449 31.22 51.73 23.96
N LEU H 450 31.46 52.00 22.67
CA LEU H 450 32.83 52.02 22.17
C LEU H 450 33.69 53.07 22.89
N SER H 451 33.08 54.13 23.42
CA SER H 451 33.85 55.13 24.17
C SER H 451 34.50 54.51 25.39
N VAL H 452 33.81 53.57 26.05
CA VAL H 452 34.36 52.94 27.25
C VAL H 452 35.63 52.19 26.89
N TRP H 453 35.60 51.45 25.78
CA TRP H 453 36.79 50.76 25.30
C TRP H 453 37.91 51.76 25.05
N ARG H 454 37.60 52.86 24.36
CA ARG H 454 38.61 53.86 24.06
C ARG H 454 39.11 54.53 25.34
N ASP H 455 38.18 55.02 26.17
CA ASP H 455 38.56 55.84 27.33
C ASP H 455 39.34 55.03 28.37
N THR H 456 38.93 53.79 28.62
CA THR H 456 39.58 53.03 29.68
C THR H 456 41.00 52.64 29.29
N PHE H 457 41.20 52.17 28.06
CA PHE H 457 42.56 51.78 27.68
C PHE H 457 43.49 52.99 27.66
N VAL H 458 43.02 54.12 27.11
CA VAL H 458 43.83 55.32 27.08
C VAL H 458 44.14 55.81 28.49
N ALA H 459 43.15 55.77 29.39
CA ALA H 459 43.40 56.17 30.78
C ALA H 459 44.42 55.24 31.43
N ASP H 460 44.27 53.93 31.22
CA ASP H 460 45.23 52.97 31.78
C ASP H 460 46.63 53.20 31.21
N LEU H 461 46.73 53.62 29.95
CA LEU H 461 48.04 53.91 29.38
C LEU H 461 48.68 55.13 30.04
N ARG H 462 47.90 56.20 30.30
CA ARG H 462 48.44 57.40 30.93
C ARG H 462 48.82 57.19 32.38
N SER H 463 48.32 56.13 33.02
CA SER H 463 48.66 55.89 34.40
C SER H 463 50.00 55.19 34.49
N VAL H 464 50.41 54.55 33.40
CA VAL H 464 51.75 53.99 33.33
C VAL H 464 52.79 55.11 33.24
N ALA H 465 52.44 56.23 32.61
CA ALA H 465 53.38 57.34 32.48
C ALA H 465 53.81 57.88 33.85
N ALA H 466 52.95 57.78 34.86
CA ALA H 466 53.30 58.17 36.23
C ALA H 466 54.39 57.25 36.81
#